data_7VNE
#
_entry.id   7VNE
#
_cell.length_a   1.00
_cell.length_b   1.00
_cell.length_c   1.00
_cell.angle_alpha   90.00
_cell.angle_beta   90.00
_cell.angle_gamma   90.00
#
_symmetry.space_group_name_H-M   'P 1'
#
loop_
_entity.id
_entity.type
_entity.pdbx_description
1 polymer 'Spike glycoprotein'
2 polymer n3113.1
3 branched 2-acetamido-2-deoxy-beta-D-glucopyranose-(1-4)-2-acetamido-2-deoxy-beta-D-glucopyranose
4 branched 2-acetamido-2-deoxy-beta-D-glucopyranose-(1-4)-2-acetamido-2-deoxy-beta-D-glucopyranose-(1-4)-2-acetamido-2-deoxy-beta-D-glucopyranose
5 non-polymer 2-acetamido-2-deoxy-beta-D-glucopyranose
#
loop_
_entity_poly.entity_id
_entity_poly.type
_entity_poly.pdbx_seq_one_letter_code
_entity_poly.pdbx_strand_id
1 'polypeptide(L)'
;QCVNLTTRTQLPPAYTNSFTRGVYYPDKVFRSSVLHSTQDLFLPFFSNVTWFHAIHVSGTNGTKRFDNPVLPFNDGVYFA
STEKSNIIRGWIFGTTLDSKTQSLLIVNNATNVVIKVCEFQFCNDPFLGVYYHKNNKSWMESEFRVYSSANNCTFEYVSQ
PFLMDLEGKQGNFKNLREFVFKNIDGYFKIYSKHTPINLVRDLPQGFSALEPLVDLPIGINITRFQTLLALHRSYLTPGD
SSSGWTAGAAAYYVGYLQPRTFLLKYNENGTITDAVDCALDPLSETKCTLKSFTVEKGIYQTSNFRVQPTESIVRFPNIT
NLCPFGEVFNATRFASVYAWNRKRISNCVADYSVLYNSASFSTFKCYGVSPTKLNDLCFTNVYADSFVIRGDEVRQIAPG
QTGKIADYNYKLPDDFTGCVIAWNSNNLDSKVGGNYNYLYRLFRKSNLKPFERDISTEIYQAGSTPCNGVEGFNCYFPLQ
SYGFQPTNGVGYQPYRVVVLSFELLHAPATVCGPKKSTNLVKNKCVNFNFNGLTGTGVLTESNKKFLPFQQFGRDIADTT
DAVRDPQTLEILDITPCSFGGVSVITPGTNTSNQVAVLYQDVNCTEVPVAIHADQLTPTWRVYSTGSNVFQTRAGCLIGA
EHVNNSYECDIPIGAGICASYQTQTNSPGSASSVASQSIIAYTMSLGAENSVAYSNNSIAIPTNFTISVTTEILPVSMTK
TSVDCTMYICGDSTECSNLLLQYGSFCTQLNRALTGIAVEQDKNTQEVFAQVKQIYKTPPIKDFGGFNFSQILPDPSKPS
KRSFIEDLLFNKVTLADAGFIKQYGDCLGDIAARDLICAQKFNGLTVLPPLLTDEMIAQYTSALLAGTITSGWTFGAGAA
LQIPFAMQMAYRFNGIGVTQNVLYENQKLIANQFNSAIGKIQDSLSSTASALGKLQDVVNQNAQALNTLVKQLSSNFGAI
SSVLNDILSRLDPPEAEVQIDRLITGRLQSLQTYVTQQLIRAAEIRASANLAATKMSECVLGQSKRVDFCGKGYHLMSFP
QSAPHGVVFLHVTYVPAQEKNFTTAPAICHDGKAHFPREGVFVSNGTHWFVTQRNFYEPQIITTDNTFVSGNCDVVIGIV
NNTVYDPLQPELDSFKEELDKYFKNHTSPDVDLGDISGINASVVNIQKEIDRLNEVAKNLNESLIDLQELGKYEQGSGYI
PEAPRDGQAYVRKDGEWVFLSTFLSG
;
C,A,B
2 'polypeptide(L)'
;EVQLVESGGGLVQPGGSLRLSCAASDSSFYDYEMSWVRQAPGKAQEWIGSMYPSGRTYINPSLKSLVTISRDNSKNTLYL
QLNSLRAEDTAMYYCVSNWASGSTGDYWGQGTLVTVSS
;
W,U,V
#
loop_
_chem_comp.id
_chem_comp.type
_chem_comp.name
_chem_comp.formula
NAG D-saccharide, beta linking 2-acetamido-2-deoxy-beta-D-glucopyranose 'C8 H15 N O6'
#
# COMPACT_ATOMS: atom_id res chain seq x y z
N GLN A 1 17.64 -53.69 44.79
CA GLN A 1 17.26 -53.38 43.41
C GLN A 1 18.37 -52.67 42.67
N CYS A 2 18.19 -52.55 41.35
CA CYS A 2 19.03 -51.72 40.49
C CYS A 2 20.49 -52.20 40.50
N VAL A 3 20.67 -53.42 39.99
CA VAL A 3 21.98 -54.06 39.94
C VAL A 3 22.95 -53.21 39.14
N ASN A 4 23.99 -52.72 39.80
CA ASN A 4 24.89 -51.69 39.28
C ASN A 4 26.27 -52.29 39.06
N LEU A 5 26.52 -52.78 37.84
CA LEU A 5 27.84 -53.33 37.52
C LEU A 5 28.10 -53.14 36.02
N THR A 6 28.75 -52.04 35.67
CA THR A 6 29.38 -51.91 34.36
C THR A 6 30.89 -51.74 34.48
N THR A 7 31.35 -50.65 35.10
CA THR A 7 32.68 -50.51 35.66
C THR A 7 33.84 -50.80 34.70
N ARG A 8 33.57 -50.97 33.41
CA ARG A 8 34.63 -51.38 32.50
C ARG A 8 34.72 -50.62 31.19
N THR A 9 33.67 -49.97 30.71
CA THR A 9 33.61 -49.50 29.33
C THR A 9 33.46 -47.98 29.27
N GLN A 10 34.21 -47.36 28.37
CA GLN A 10 34.04 -45.96 27.99
C GLN A 10 34.21 -45.79 26.48
N LEU A 11 33.82 -46.80 25.70
CA LEU A 11 34.11 -46.82 24.28
C LEU A 11 33.32 -45.73 23.54
N PRO A 12 33.93 -45.08 22.56
CA PRO A 12 33.21 -44.09 21.76
C PRO A 12 32.27 -44.78 20.78
N PRO A 13 31.26 -44.08 20.27
CA PRO A 13 30.27 -44.73 19.41
C PRO A 13 30.75 -44.85 17.96
N ALA A 14 30.14 -45.81 17.27
CA ALA A 14 30.37 -45.96 15.83
C ALA A 14 29.51 -44.96 15.07
N TYR A 15 30.13 -44.32 14.08
CA TYR A 15 29.45 -43.29 13.30
C TYR A 15 29.28 -43.78 11.87
N THR A 16 28.05 -43.73 11.38
CA THR A 16 27.70 -44.12 10.02
C THR A 16 26.86 -43.01 9.39
N ASN A 17 26.57 -43.16 8.10
CA ASN A 17 25.73 -42.23 7.36
C ASN A 17 24.47 -42.95 6.93
N SER A 18 23.33 -42.59 7.53
CA SER A 18 22.04 -43.14 7.14
C SER A 18 21.68 -42.63 5.75
N PHE A 19 21.59 -43.55 4.79
CA PHE A 19 21.51 -43.16 3.38
C PHE A 19 20.28 -42.31 3.08
N THR A 20 19.08 -42.90 3.16
CA THR A 20 17.83 -42.16 2.95
C THR A 20 16.84 -42.68 3.99
N ARG A 21 16.89 -42.10 5.19
CA ARG A 21 16.07 -42.59 6.29
C ARG A 21 15.66 -41.42 7.16
N GLY A 22 14.41 -41.46 7.59
CA GLY A 22 13.84 -40.41 8.39
C GLY A 22 12.85 -39.51 7.69
N VAL A 23 11.99 -40.05 6.84
CA VAL A 23 11.01 -39.27 6.09
C VAL A 23 9.61 -39.62 6.58
N TYR A 24 8.78 -38.60 6.79
CA TYR A 24 7.51 -38.77 7.45
C TYR A 24 6.44 -37.89 6.81
N TYR A 25 5.22 -38.07 7.30
CA TYR A 25 4.09 -37.28 6.85
C TYR A 25 3.82 -36.19 7.87
N PRO A 26 4.30 -34.96 7.64
CA PRO A 26 4.09 -33.91 8.64
C PRO A 26 2.72 -33.26 8.50
N ASP A 27 1.70 -34.09 8.31
CA ASP A 27 0.34 -33.66 8.08
C ASP A 27 -0.55 -34.88 7.99
N LYS A 28 -1.85 -34.69 7.79
CA LYS A 28 -2.77 -35.79 7.55
C LYS A 28 -3.57 -35.55 6.30
N VAL A 29 -2.90 -35.09 5.24
CA VAL A 29 -3.55 -34.70 4.00
C VAL A 29 -3.08 -35.63 2.89
N PHE A 30 -4.02 -36.17 2.15
CA PHE A 30 -3.68 -36.97 0.98
C PHE A 30 -3.17 -36.06 -0.12
N ARG A 31 -2.22 -36.56 -0.89
CA ARG A 31 -1.68 -35.82 -2.03
C ARG A 31 -1.54 -36.76 -3.20
N SER A 32 -1.97 -36.31 -4.37
CA SER A 32 -1.88 -37.10 -5.58
C SER A 32 -0.44 -37.07 -6.08
N SER A 33 -0.21 -37.40 -7.35
CA SER A 33 1.16 -37.42 -7.87
C SER A 33 1.66 -35.97 -7.91
N VAL A 34 2.10 -35.51 -6.74
CA VAL A 34 2.51 -34.13 -6.51
C VAL A 34 3.92 -34.13 -5.95
N LEU A 35 4.60 -32.99 -6.06
CA LEU A 35 5.85 -32.74 -5.38
C LEU A 35 5.64 -31.59 -4.41
N HIS A 36 5.89 -31.81 -3.13
CA HIS A 36 5.61 -30.83 -2.11
C HIS A 36 6.86 -30.50 -1.31
N SER A 37 6.96 -29.25 -0.88
CA SER A 37 8.08 -28.77 -0.09
C SER A 37 7.60 -28.43 1.31
N THR A 38 8.23 -29.02 2.32
CA THR A 38 7.87 -28.82 3.71
C THR A 38 9.09 -28.38 4.50
N GLN A 39 8.86 -27.57 5.53
CA GLN A 39 9.92 -27.05 6.37
C GLN A 39 9.59 -27.43 7.81
N ASP A 40 9.99 -28.65 8.19
CA ASP A 40 9.72 -29.17 9.52
C ASP A 40 10.99 -29.82 10.04
N LEU A 41 10.89 -30.53 11.15
CA LEU A 41 12.05 -31.17 11.75
C LEU A 41 12.33 -32.49 11.04
N PHE A 42 13.54 -32.64 10.52
CA PHE A 42 13.90 -33.84 9.77
C PHE A 42 15.35 -34.19 10.05
N LEU A 43 15.69 -35.45 9.86
CA LEU A 43 17.08 -35.87 9.95
C LEU A 43 17.80 -35.49 8.67
N PRO A 44 18.89 -34.73 8.74
CA PRO A 44 19.65 -34.42 7.53
C PRO A 44 20.14 -35.70 6.85
N PHE A 45 20.09 -35.71 5.53
CA PHE A 45 20.52 -36.88 4.78
C PHE A 45 22.02 -37.08 4.98
N PHE A 46 22.40 -38.34 5.21
CA PHE A 46 23.80 -38.73 5.40
C PHE A 46 24.41 -38.01 6.61
N SER A 47 23.86 -38.32 7.79
CA SER A 47 24.32 -37.76 9.05
C SER A 47 24.94 -38.83 9.91
N ASN A 48 25.83 -38.41 10.81
CA ASN A 48 26.57 -39.33 11.67
C ASN A 48 25.69 -39.76 12.83
N VAL A 49 25.05 -40.92 12.67
CA VAL A 49 24.27 -41.52 13.75
C VAL A 49 25.20 -42.30 14.67
N THR A 50 25.06 -42.09 15.97
CA THR A 50 25.87 -42.78 16.96
C THR A 50 25.40 -44.22 17.09
N TRP A 51 26.07 -45.14 16.41
CA TRP A 51 25.69 -46.54 16.43
C TRP A 51 26.03 -47.11 17.80
N PHE A 52 25.02 -47.30 18.63
CA PHE A 52 25.18 -47.92 19.94
C PHE A 52 24.94 -49.42 19.86
N HIS A 53 25.60 -50.13 20.76
CA HIS A 53 25.47 -51.58 20.85
C HIS A 53 24.47 -51.91 21.96
N ALA A 54 23.53 -52.80 21.65
CA ALA A 54 22.59 -53.30 22.64
C ALA A 54 23.31 -54.30 23.53
N ILE A 55 22.57 -55.13 24.25
CA ILE A 55 23.17 -56.20 25.02
C ILE A 55 24.12 -56.96 24.11
N HIS A 56 25.41 -57.00 24.49
CA HIS A 56 26.47 -57.40 23.57
C HIS A 56 26.30 -58.85 23.12
N VAL A 57 27.01 -59.16 22.03
CA VAL A 57 27.10 -60.52 21.52
C VAL A 57 28.52 -61.01 21.73
N SER A 58 28.78 -61.63 22.88
CA SER A 58 30.08 -62.20 23.22
C SER A 58 29.81 -63.55 23.86
N GLY A 59 29.73 -64.59 23.03
CA GLY A 59 29.35 -65.90 23.51
C GLY A 59 30.50 -66.82 23.87
N THR A 60 30.83 -66.89 25.16
CA THR A 60 31.71 -67.93 25.68
C THR A 60 30.95 -68.85 26.62
N ASN A 61 30.34 -68.30 27.67
CA ASN A 61 29.30 -68.97 28.44
C ASN A 61 28.38 -67.88 28.98
N GLY A 62 27.32 -67.60 28.23
CA GLY A 62 26.51 -66.43 28.52
C GLY A 62 27.35 -65.17 28.39
N THR A 63 27.33 -64.35 29.44
CA THR A 63 28.20 -63.17 29.56
C THR A 63 28.01 -62.21 28.38
N LYS A 64 26.83 -61.61 28.33
CA LYS A 64 26.53 -60.58 27.35
C LYS A 64 26.63 -59.20 28.01
N ARG A 65 27.41 -58.31 27.41
CA ARG A 65 27.67 -57.01 28.00
C ARG A 65 26.53 -56.03 27.71
N PHE A 66 26.38 -55.04 28.59
CA PHE A 66 25.31 -54.05 28.52
C PHE A 66 25.98 -52.67 28.44
N ASP A 67 26.10 -52.13 27.24
CA ASP A 67 26.83 -50.89 26.99
C ASP A 67 25.96 -49.89 26.23
N ASN A 68 24.73 -49.70 26.69
CA ASN A 68 23.79 -48.72 26.13
C ASN A 68 23.24 -47.85 27.26
N PRO A 69 24.00 -46.83 27.69
CA PRO A 69 23.60 -46.06 28.88
C PRO A 69 22.68 -44.87 28.60
N VAL A 70 22.50 -44.03 29.61
CA VAL A 70 21.73 -42.79 29.54
C VAL A 70 22.12 -41.98 28.32
N LEU A 71 21.13 -41.34 27.67
CA LEU A 71 21.36 -40.54 26.49
C LEU A 71 20.62 -39.21 26.57
N PRO A 72 21.13 -38.18 25.92
CA PRO A 72 20.37 -36.93 25.76
C PRO A 72 19.61 -36.90 24.44
N PHE A 73 18.53 -36.14 24.44
CA PHE A 73 17.64 -36.05 23.27
C PHE A 73 17.12 -34.61 23.19
N ASN A 74 17.72 -33.82 22.29
CA ASN A 74 17.44 -32.38 22.22
C ASN A 74 16.01 -32.06 21.81
N ASP A 75 15.67 -32.35 20.56
CA ASP A 75 14.37 -31.99 19.99
C ASP A 75 13.64 -33.15 19.34
N GLY A 76 14.35 -34.17 18.89
CA GLY A 76 13.75 -35.31 18.23
C GLY A 76 14.82 -36.29 17.83
N VAL A 77 14.54 -37.58 17.99
CA VAL A 77 15.53 -38.61 17.74
C VAL A 77 14.87 -39.77 17.02
N TYR A 78 15.71 -40.65 16.49
CA TYR A 78 15.26 -41.87 15.82
C TYR A 78 15.67 -43.07 16.66
N PHE A 79 14.81 -44.08 16.70
CA PHE A 79 15.18 -45.35 17.32
C PHE A 79 15.01 -46.46 16.29
N ALA A 80 16.02 -46.64 15.46
CA ALA A 80 16.05 -47.75 14.52
C ALA A 80 16.57 -48.98 15.25
N SER A 81 15.68 -49.94 15.51
CA SER A 81 16.02 -51.11 16.31
C SER A 81 15.71 -52.37 15.55
N THR A 82 16.69 -53.28 15.49
CA THR A 82 16.47 -54.59 14.87
C THR A 82 15.65 -55.50 15.77
N GLU A 83 16.21 -55.86 16.92
CA GLU A 83 15.51 -56.58 17.99
C GLU A 83 14.81 -57.84 17.47
N LYS A 84 15.65 -58.81 17.11
CA LYS A 84 15.15 -60.12 16.70
C LYS A 84 14.29 -60.76 17.78
N SER A 85 14.49 -60.37 19.04
CA SER A 85 13.62 -60.74 20.14
C SER A 85 13.29 -59.49 20.96
N ASN A 86 12.18 -59.55 21.69
CA ASN A 86 11.73 -58.42 22.48
C ASN A 86 12.76 -58.09 23.57
N ILE A 87 13.37 -56.91 23.46
CA ILE A 87 14.34 -56.47 24.46
C ILE A 87 14.00 -55.12 25.06
N ILE A 88 13.22 -54.27 24.40
CA ILE A 88 12.84 -52.96 24.92
C ILE A 88 11.33 -52.91 25.08
N ARG A 89 10.87 -52.67 26.31
CA ARG A 89 9.45 -52.44 26.55
C ARG A 89 9.04 -51.04 26.18
N GLY A 90 9.97 -50.09 26.23
CA GLY A 90 9.68 -48.69 25.98
C GLY A 90 10.84 -47.81 26.35
N TRP A 91 10.57 -46.58 26.79
CA TRP A 91 11.64 -45.64 27.09
C TRP A 91 11.24 -44.84 28.31
N ILE A 92 12.15 -43.96 28.75
CA ILE A 92 12.03 -43.29 30.03
C ILE A 92 11.85 -41.80 29.79
N PHE A 93 11.09 -41.44 28.76
CA PHE A 93 10.84 -40.04 28.45
C PHE A 93 10.46 -39.26 29.71
N GLY A 94 11.00 -38.05 29.82
CA GLY A 94 10.71 -37.22 30.97
C GLY A 94 11.52 -35.94 30.95
N THR A 95 11.73 -35.38 32.14
CA THR A 95 12.56 -34.19 32.31
C THR A 95 13.80 -34.49 33.13
N THR A 96 13.62 -35.00 34.35
CA THR A 96 14.73 -35.34 35.23
C THR A 96 14.70 -36.80 35.68
N LEU A 97 13.58 -37.49 35.54
CA LEU A 97 13.48 -38.93 35.80
C LEU A 97 13.77 -39.25 37.26
N ASP A 98 13.10 -38.53 38.15
CA ASP A 98 13.16 -38.81 39.58
C ASP A 98 11.83 -38.39 40.19
N SER A 99 11.79 -38.34 41.51
CA SER A 99 10.57 -37.93 42.19
C SER A 99 10.24 -36.48 41.87
N LYS A 100 8.97 -36.12 42.09
CA LYS A 100 8.41 -34.78 41.90
C LYS A 100 8.26 -34.39 40.44
N THR A 101 8.67 -35.25 39.50
CA THR A 101 8.54 -34.97 38.08
C THR A 101 7.86 -36.13 37.38
N GLN A 102 7.00 -35.82 36.42
CA GLN A 102 6.24 -36.82 35.70
C GLN A 102 7.11 -37.48 34.63
N SER A 103 7.32 -38.78 34.76
CA SER A 103 8.10 -39.55 33.79
C SER A 103 7.15 -40.14 32.76
N LEU A 104 7.33 -39.74 31.50
CA LEU A 104 6.50 -40.27 30.41
C LEU A 104 6.87 -41.73 30.21
N LEU A 105 5.94 -42.63 30.52
CA LEU A 105 6.19 -44.06 30.48
C LEU A 105 5.51 -44.70 29.27
N ILE A 106 6.29 -45.42 28.49
CA ILE A 106 5.78 -46.30 27.44
C ILE A 106 6.31 -47.69 27.75
N VAL A 107 5.41 -48.66 27.82
CA VAL A 107 5.75 -50.05 28.11
C VAL A 107 4.99 -50.93 27.12
N ASN A 108 5.64 -52.00 26.66
CA ASN A 108 5.00 -52.87 25.68
C ASN A 108 3.70 -53.44 26.23
N ASN A 109 3.79 -54.33 27.22
CA ASN A 109 2.64 -55.00 27.80
C ASN A 109 1.71 -55.51 26.69
N ALA A 110 2.23 -56.45 25.91
CA ALA A 110 1.69 -56.70 24.57
C ALA A 110 0.35 -57.42 24.63
N THR A 111 -0.58 -56.86 25.40
CA THR A 111 -2.00 -57.13 25.27
C THR A 111 -2.70 -55.79 25.19
N ASN A 112 -2.13 -54.79 25.89
CA ASN A 112 -2.66 -53.43 25.91
C ASN A 112 -1.56 -52.50 26.39
N VAL A 113 -1.15 -51.56 25.54
CA VAL A 113 -0.03 -50.69 25.84
C VAL A 113 -0.49 -49.57 26.76
N VAL A 114 0.25 -49.35 27.84
CA VAL A 114 -0.13 -48.37 28.86
C VAL A 114 0.86 -47.21 28.83
N ILE A 115 0.32 -45.99 28.94
CA ILE A 115 1.13 -44.78 29.10
C ILE A 115 0.67 -44.09 30.37
N LYS A 116 1.61 -43.88 31.28
CA LYS A 116 1.33 -43.46 32.66
C LYS A 116 2.15 -42.20 32.92
N VAL A 117 1.53 -41.04 32.73
CA VAL A 117 2.24 -39.76 32.80
C VAL A 117 2.06 -39.23 34.23
N CYS A 118 2.94 -39.69 35.12
CA CYS A 118 2.82 -39.36 36.53
C CYS A 118 4.21 -39.36 37.17
N GLU A 119 4.26 -38.88 38.40
CA GLU A 119 5.52 -38.82 39.14
C GLU A 119 5.99 -40.22 39.53
N PHE A 120 7.27 -40.49 39.29
CA PHE A 120 7.84 -41.80 39.56
C PHE A 120 9.22 -41.61 40.19
N GLN A 121 9.85 -42.73 40.53
CA GLN A 121 11.15 -42.75 41.19
C GLN A 121 12.05 -43.81 40.56
N PHE A 122 12.15 -43.78 39.24
CA PHE A 122 12.97 -44.75 38.53
C PHE A 122 14.44 -44.63 38.94
N CYS A 123 15.11 -45.76 38.97
CA CYS A 123 16.54 -45.82 39.22
C CYS A 123 17.27 -46.03 37.89
N ASN A 124 18.58 -46.27 37.98
CA ASN A 124 19.41 -46.34 36.79
C ASN A 124 19.17 -47.61 35.98
N ASP A 125 18.68 -48.68 36.60
CA ASP A 125 18.64 -50.00 35.98
C ASP A 125 17.26 -50.64 36.15
N PRO A 126 16.25 -50.16 35.45
CA PRO A 126 14.95 -50.84 35.48
C PRO A 126 14.88 -51.96 34.44
N PHE A 127 14.53 -53.18 34.86
CA PHE A 127 14.71 -54.29 33.93
C PHE A 127 13.58 -55.29 34.15
N LEU A 128 13.46 -56.26 33.24
CA LEU A 128 12.33 -57.20 33.20
C LEU A 128 12.70 -58.59 33.70
N GLY A 129 11.70 -59.49 33.62
CA GLY A 129 11.85 -60.90 33.89
C GLY A 129 10.61 -61.69 33.51
N VAL A 130 10.77 -62.79 32.76
CA VAL A 130 9.65 -63.59 32.26
C VAL A 130 9.98 -65.06 32.46
N TYR A 131 9.43 -65.66 33.52
CA TYR A 131 9.61 -67.08 33.81
C TYR A 131 8.42 -67.58 34.61
N TYR A 132 8.54 -68.82 35.10
CA TYR A 132 7.49 -69.49 35.84
C TYR A 132 7.32 -68.86 37.24
N HIS A 133 6.21 -69.22 37.89
CA HIS A 133 6.03 -68.98 39.32
C HIS A 133 5.44 -70.20 40.01
N LYS A 134 5.55 -71.38 39.40
CA LYS A 134 5.03 -72.65 39.88
C LYS A 134 3.50 -72.66 39.91
N ASN A 135 2.85 -71.59 39.45
CA ASN A 135 1.39 -71.51 39.38
C ASN A 135 1.00 -71.02 37.99
N ASN A 136 -0.16 -71.52 37.52
CA ASN A 136 -0.76 -71.12 36.26
C ASN A 136 0.03 -71.61 35.04
N LYS A 137 1.17 -72.24 35.27
CA LYS A 137 1.95 -72.93 34.24
C LYS A 137 2.18 -72.07 33.00
N SER A 138 2.89 -70.96 33.20
CA SER A 138 3.25 -70.10 32.07
C SER A 138 4.45 -69.26 32.47
N TRP A 139 4.92 -68.46 31.50
CA TRP A 139 6.03 -67.53 31.71
C TRP A 139 5.41 -66.15 31.86
N MET A 140 5.01 -65.82 33.09
CA MET A 140 4.40 -64.53 33.34
C MET A 140 5.39 -63.39 33.16
N GLU A 141 4.86 -62.18 33.00
CA GLU A 141 5.63 -61.03 32.56
C GLU A 141 5.68 -59.94 33.62
N SER A 142 6.04 -60.31 34.85
CA SER A 142 6.19 -59.35 35.92
C SER A 142 7.19 -58.25 35.55
N GLU A 143 6.84 -57.01 35.89
CA GLU A 143 7.62 -55.82 35.55
C GLU A 143 7.95 -55.04 36.80
N PHE A 144 8.32 -55.74 37.87
CA PHE A 144 8.50 -55.09 39.17
C PHE A 144 9.81 -54.32 39.26
N ARG A 145 10.88 -54.82 38.64
CA ARG A 145 12.15 -54.09 38.68
C ARG A 145 12.13 -52.81 37.86
N VAL A 146 11.10 -52.60 37.04
CA VAL A 146 11.03 -51.39 36.23
C VAL A 146 10.83 -50.16 37.11
N TYR A 147 9.71 -50.11 37.82
CA TYR A 147 9.41 -48.96 38.67
C TYR A 147 9.05 -49.43 40.06
N SER A 148 9.44 -48.64 41.06
CA SER A 148 9.18 -48.96 42.45
C SER A 148 7.85 -48.39 42.91
N SER A 149 7.61 -47.11 42.66
CA SER A 149 6.43 -46.41 43.15
C SER A 149 5.72 -45.73 41.99
N ALA A 150 4.41 -45.94 41.90
CA ALA A 150 3.56 -45.28 40.91
C ALA A 150 2.68 -44.30 41.68
N ASN A 151 3.05 -43.02 41.62
CA ASN A 151 2.43 -41.99 42.46
C ASN A 151 1.71 -40.96 41.59
N ASN A 152 0.66 -40.39 42.17
CA ASN A 152 -0.08 -39.29 41.56
C ASN A 152 -0.62 -39.68 40.18
N CYS A 153 -1.42 -40.74 40.17
CA CYS A 153 -1.90 -41.33 38.93
C CYS A 153 -2.77 -40.34 38.16
N THR A 154 -2.39 -40.02 36.92
CA THR A 154 -3.12 -39.02 36.15
C THR A 154 -3.58 -39.47 34.77
N PHE A 155 -2.80 -40.22 34.00
CA PHE A 155 -3.15 -40.55 32.62
C PHE A 155 -3.14 -42.05 32.40
N GLU A 156 -3.84 -42.46 31.34
CA GLU A 156 -4.04 -43.86 31.03
C GLU A 156 -4.00 -44.03 29.52
N TYR A 157 -3.68 -45.25 29.08
CA TYR A 157 -3.70 -45.57 27.67
C TYR A 157 -3.86 -47.07 27.55
N VAL A 158 -4.76 -47.51 26.67
CA VAL A 158 -5.00 -48.92 26.38
C VAL A 158 -5.28 -49.07 24.89
N SER A 159 -4.42 -49.80 24.18
CA SER A 159 -4.61 -50.05 22.76
C SER A 159 -3.74 -51.24 22.35
N GLN A 160 -3.67 -51.47 21.04
CA GLN A 160 -2.95 -52.61 20.51
C GLN A 160 -1.45 -52.48 20.73
N PRO A 161 -0.70 -53.58 20.71
CA PRO A 161 0.75 -53.47 20.86
C PRO A 161 1.40 -52.92 19.60
N PHE A 162 2.46 -52.12 19.80
CA PHE A 162 3.14 -51.52 18.67
C PHE A 162 3.92 -52.54 17.86
N LEU A 163 4.63 -53.45 18.54
CA LEU A 163 5.56 -54.36 17.90
C LEU A 163 4.94 -55.74 17.75
N MET A 164 5.26 -56.40 16.64
CA MET A 164 4.77 -57.74 16.35
C MET A 164 5.82 -58.50 15.56
N ASP A 165 5.54 -59.77 15.29
CA ASP A 165 6.43 -60.66 14.55
C ASP A 165 5.89 -60.88 13.15
N LEU A 166 6.72 -60.61 12.13
CA LEU A 166 6.27 -60.66 10.75
C LEU A 166 7.26 -61.35 9.81
N GLU A 167 8.37 -61.90 10.32
CA GLU A 167 9.40 -62.48 9.47
C GLU A 167 8.89 -63.66 8.67
N GLY A 168 8.59 -64.76 9.35
CA GLY A 168 8.05 -65.95 8.71
C GLY A 168 8.99 -66.65 7.73
N LYS A 169 10.28 -66.29 7.75
CA LYS A 169 11.23 -66.88 6.83
C LYS A 169 12.57 -67.17 7.49
N GLN A 170 12.56 -67.70 8.71
CA GLN A 170 13.78 -67.98 9.48
C GLN A 170 14.64 -66.72 9.61
N GLY A 171 14.01 -65.63 10.04
CA GLY A 171 14.75 -64.40 10.21
C GLY A 171 15.17 -63.81 8.87
N ASN A 172 16.40 -63.29 8.84
CA ASN A 172 17.03 -62.64 7.70
C ASN A 172 16.33 -61.35 7.29
N PHE A 173 15.36 -60.89 8.09
CA PHE A 173 14.69 -59.61 7.89
C PHE A 173 14.71 -58.73 9.13
N LYS A 174 14.55 -59.32 10.32
CA LYS A 174 14.68 -58.64 11.61
C LYS A 174 13.53 -57.66 11.88
N ASN A 175 12.66 -57.47 10.88
CA ASN A 175 11.49 -56.60 10.98
C ASN A 175 11.84 -55.25 11.62
N LEU A 176 12.70 -54.52 10.92
CA LEU A 176 13.15 -53.22 11.42
C LEU A 176 11.98 -52.28 11.68
N ARG A 177 12.04 -51.61 12.82
CA ARG A 177 11.09 -50.57 13.19
C ARG A 177 11.88 -49.30 13.47
N GLU A 178 11.38 -48.16 12.99
CA GLU A 178 11.97 -46.88 13.34
C GLU A 178 10.90 -46.00 13.93
N PHE A 179 11.29 -45.17 14.90
CA PHE A 179 10.34 -44.37 15.66
C PHE A 179 10.82 -42.94 15.76
N VAL A 180 9.87 -42.01 15.84
CA VAL A 180 10.16 -40.60 16.02
C VAL A 180 9.38 -40.09 17.22
N PHE A 181 10.07 -39.32 18.07
CA PHE A 181 9.53 -38.82 19.33
C PHE A 181 9.56 -37.30 19.28
N LYS A 182 8.47 -36.70 18.77
CA LYS A 182 8.33 -35.26 18.72
C LYS A 182 7.38 -34.81 19.82
N ASN A 183 7.73 -33.72 20.49
CA ASN A 183 6.85 -33.08 21.47
C ASN A 183 6.89 -31.57 21.25
N ILE A 184 5.91 -31.07 20.51
CA ILE A 184 5.77 -29.65 20.21
C ILE A 184 4.36 -29.22 20.58
N ASP A 185 4.25 -28.10 21.29
CA ASP A 185 2.98 -27.63 21.84
C ASP A 185 2.39 -28.65 22.81
N GLY A 186 3.26 -29.43 23.45
CA GLY A 186 2.82 -30.43 24.39
C GLY A 186 2.21 -31.68 23.78
N TYR A 187 2.32 -31.86 22.48
CA TYR A 187 1.73 -33.00 21.79
C TYR A 187 2.82 -33.97 21.38
N PHE A 188 2.67 -35.23 21.78
CA PHE A 188 3.69 -36.25 21.61
C PHE A 188 3.25 -37.21 20.52
N LYS A 189 4.06 -37.35 19.48
CA LYS A 189 3.71 -38.12 18.30
C LYS A 189 4.74 -39.22 18.06
N ILE A 190 4.27 -40.36 17.54
CA ILE A 190 5.13 -41.51 17.26
C ILE A 190 4.84 -42.00 15.84
N TYR A 191 5.89 -42.33 15.10
CA TYR A 191 5.78 -42.86 13.74
C TYR A 191 6.50 -44.20 13.68
N SER A 192 5.95 -45.14 12.91
CA SER A 192 6.50 -46.48 12.87
C SER A 192 6.15 -47.16 11.55
N LYS A 193 6.88 -48.24 11.25
CA LYS A 193 6.60 -49.08 10.09
C LYS A 193 7.46 -50.33 10.20
N HIS A 194 7.00 -51.41 9.56
CA HIS A 194 7.69 -52.70 9.55
C HIS A 194 8.54 -52.80 8.30
N THR A 195 9.84 -52.98 8.47
CA THR A 195 10.77 -53.09 7.35
C THR A 195 11.76 -54.21 7.57
N PRO A 196 12.17 -54.89 6.51
CA PRO A 196 13.12 -55.99 6.64
C PRO A 196 14.57 -55.55 6.44
N ILE A 197 15.48 -56.31 7.05
CA ILE A 197 16.91 -56.03 7.02
C ILE A 197 17.64 -57.26 6.49
N ASN A 198 18.41 -57.08 5.41
CA ASN A 198 19.20 -58.18 4.87
C ASN A 198 20.64 -58.19 5.34
N LEU A 199 21.18 -57.05 5.77
CA LEU A 199 22.54 -57.02 6.29
C LEU A 199 22.58 -57.54 7.71
N VAL A 200 23.79 -57.94 8.13
CA VAL A 200 23.97 -58.47 9.48
C VAL A 200 23.72 -57.40 10.52
N ARG A 201 24.32 -56.23 10.35
CA ARG A 201 24.09 -55.13 11.28
C ARG A 201 23.72 -53.82 10.61
N ASP A 202 24.29 -53.52 9.45
CA ASP A 202 24.16 -52.20 8.85
C ASP A 202 22.79 -52.01 8.20
N LEU A 203 22.44 -50.75 7.95
CA LEU A 203 21.17 -50.26 7.39
C LEU A 203 21.23 -50.22 5.87
N PRO A 204 20.16 -50.62 5.20
CA PRO A 204 20.14 -50.59 3.73
C PRO A 204 19.89 -49.19 3.19
N GLN A 205 19.87 -49.04 1.88
CA GLN A 205 19.67 -47.76 1.22
C GLN A 205 18.22 -47.57 0.76
N GLY A 206 17.32 -48.48 1.14
CA GLY A 206 15.95 -48.38 0.71
C GLY A 206 15.23 -47.19 1.32
N PHE A 207 14.14 -46.80 0.67
CA PHE A 207 13.35 -45.65 1.05
C PHE A 207 11.99 -46.10 1.56
N SER A 208 11.57 -45.55 2.70
CA SER A 208 10.30 -45.94 3.30
C SER A 208 9.78 -44.81 4.15
N ALA A 209 8.52 -44.44 3.92
CA ALA A 209 7.84 -43.42 4.71
C ALA A 209 7.15 -44.06 5.90
N LEU A 210 7.27 -43.43 7.07
CA LEU A 210 6.81 -44.01 8.32
C LEU A 210 5.57 -43.25 8.80
N GLU A 211 4.42 -43.92 8.75
CA GLU A 211 3.14 -43.28 9.01
C GLU A 211 2.98 -42.96 10.50
N PRO A 212 2.11 -42.01 10.84
CA PRO A 212 1.90 -41.68 12.25
C PRO A 212 1.06 -42.73 12.96
N LEU A 213 1.23 -42.79 14.29
CA LEU A 213 0.43 -43.67 15.13
C LEU A 213 -0.42 -42.91 16.14
N VAL A 214 0.19 -42.09 16.99
CA VAL A 214 -0.48 -41.56 18.17
C VAL A 214 -0.15 -40.09 18.33
N ASP A 215 -1.17 -39.30 18.66
CA ASP A 215 -1.02 -37.93 19.14
C ASP A 215 -1.43 -37.92 20.62
N LEU A 216 -0.52 -37.48 21.48
CA LEU A 216 -0.77 -37.48 22.91
C LEU A 216 -0.86 -36.06 23.44
N PRO A 217 -1.97 -35.69 24.07
CA PRO A 217 -2.08 -34.37 24.72
C PRO A 217 -1.51 -34.41 26.14
N ILE A 218 -0.18 -34.41 26.22
CA ILE A 218 0.49 -34.53 27.51
C ILE A 218 0.79 -33.15 28.06
N GLY A 219 1.60 -32.38 27.34
CA GLY A 219 1.94 -31.04 27.78
C GLY A 219 2.93 -31.00 28.92
N ILE A 220 4.17 -31.43 28.67
CA ILE A 220 5.23 -31.35 29.66
C ILE A 220 6.48 -30.82 28.97
N ASN A 221 7.16 -29.87 29.61
CA ASN A 221 8.44 -29.39 29.12
C ASN A 221 9.44 -30.53 29.11
N ILE A 222 10.30 -30.55 28.10
CA ILE A 222 11.20 -31.68 27.85
C ILE A 222 12.64 -31.21 27.92
N THR A 223 13.45 -31.92 28.70
CA THR A 223 14.88 -31.72 28.72
C THR A 223 15.68 -32.95 28.29
N ARG A 224 15.42 -34.11 28.87
CA ARG A 224 16.22 -35.31 28.62
C ARG A 224 15.35 -36.55 28.77
N PHE A 225 15.70 -37.59 28.02
CA PHE A 225 15.02 -38.88 28.10
C PHE A 225 16.02 -39.96 28.51
N GLN A 226 15.52 -41.19 28.60
CA GLN A 226 16.38 -42.36 28.84
C GLN A 226 15.76 -43.58 28.19
N THR A 227 16.59 -44.59 27.96
CA THR A 227 16.21 -45.81 27.27
C THR A 227 15.92 -46.93 28.28
N LEU A 228 15.00 -47.81 27.91
CA LEU A 228 14.68 -48.98 28.72
C LEU A 228 15.23 -50.23 28.06
N LEU A 229 15.14 -51.33 28.80
CA LEU A 229 15.67 -52.62 28.35
C LEU A 229 14.90 -53.73 29.06
N ALA A 230 15.26 -54.98 28.76
CA ALA A 230 14.65 -56.15 29.39
C ALA A 230 15.69 -57.24 29.56
N LEU A 231 16.08 -57.51 30.81
CA LEU A 231 16.95 -58.65 31.12
C LEU A 231 16.19 -59.63 32.02
N HIS A 232 15.48 -60.57 31.39
CA HIS A 232 14.97 -61.67 32.19
C HIS A 232 16.15 -62.47 32.74
N ARG A 233 15.94 -63.10 33.90
CA ARG A 233 16.98 -63.87 34.54
C ARG A 233 17.35 -65.07 33.67
N SER A 234 18.27 -65.90 34.15
CA SER A 234 18.60 -67.13 33.46
C SER A 234 18.38 -68.31 34.41
N TYR A 235 18.49 -69.50 33.84
CA TYR A 235 18.28 -70.75 34.56
C TYR A 235 19.34 -71.71 34.05
N LEU A 236 19.13 -73.02 34.27
CA LEU A 236 20.18 -73.97 33.94
C LEU A 236 20.33 -74.13 32.44
N THR A 237 20.76 -73.05 31.77
CA THR A 237 21.13 -73.06 30.36
C THR A 237 22.48 -72.36 30.21
N PRO A 238 23.55 -72.97 30.71
CA PRO A 238 24.85 -72.30 30.70
C PRO A 238 25.60 -72.48 29.38
N SER A 243 25.66 -64.14 37.81
CA SER A 243 24.72 -65.20 38.11
C SER A 243 23.76 -65.43 36.94
N GLY A 244 22.48 -65.13 37.16
CA GLY A 244 21.49 -65.29 36.12
C GLY A 244 21.12 -64.01 35.41
N TRP A 245 21.78 -63.72 34.30
CA TRP A 245 21.53 -62.50 33.54
C TRP A 245 21.83 -62.78 32.07
N THR A 246 21.93 -61.71 31.27
CA THR A 246 22.42 -61.77 29.89
C THR A 246 21.56 -62.66 29.00
N ALA A 247 20.33 -62.22 28.76
CA ALA A 247 19.44 -62.85 27.79
C ALA A 247 18.98 -61.82 26.77
N GLY A 248 19.18 -62.11 25.50
CA GLY A 248 18.78 -61.23 24.42
C GLY A 248 19.94 -60.42 23.87
N ALA A 249 19.80 -60.00 22.60
CA ALA A 249 20.82 -59.21 21.93
C ALA A 249 20.20 -58.59 20.68
N ALA A 250 20.68 -57.39 20.33
CA ALA A 250 20.17 -56.64 19.18
C ALA A 250 21.18 -55.56 18.82
N ALA A 251 20.75 -54.62 17.98
CA ALA A 251 21.57 -53.47 17.62
C ALA A 251 20.67 -52.24 17.52
N TYR A 252 21.16 -51.10 18.01
CA TYR A 252 20.37 -49.88 18.07
C TYR A 252 21.08 -48.76 17.32
N TYR A 253 20.30 -47.76 16.92
CA TYR A 253 20.84 -46.56 16.30
C TYR A 253 20.11 -45.35 16.89
N VAL A 254 20.86 -44.30 17.18
CA VAL A 254 20.28 -43.05 17.70
C VAL A 254 20.86 -41.89 16.91
N GLY A 255 19.99 -41.03 16.41
CA GLY A 255 20.41 -39.86 15.67
C GLY A 255 19.91 -38.59 16.32
N TYR A 256 19.91 -37.49 15.58
CA TYR A 256 19.42 -36.22 16.10
C TYR A 256 18.67 -35.48 15.00
N LEU A 257 17.58 -34.84 15.37
CA LEU A 257 16.78 -34.09 14.41
C LEU A 257 17.32 -32.67 14.28
N GLN A 258 16.99 -32.04 13.15
CA GLN A 258 17.38 -30.66 12.91
C GLN A 258 16.31 -30.02 12.05
N PRO A 259 16.07 -28.72 12.19
CA PRO A 259 15.08 -28.05 11.33
C PRO A 259 15.58 -27.96 9.90
N ARG A 260 14.97 -28.73 8.99
CA ARG A 260 15.44 -28.79 7.62
C ARG A 260 14.27 -28.73 6.66
N THR A 261 14.57 -28.32 5.43
CA THR A 261 13.57 -28.19 4.37
C THR A 261 13.66 -29.38 3.44
N PHE A 262 12.51 -29.97 3.13
CA PHE A 262 12.44 -31.20 2.35
C PHE A 262 11.53 -31.01 1.14
N LEU A 263 11.85 -31.71 0.06
CA LEU A 263 10.99 -31.81 -1.11
C LEU A 263 10.59 -33.26 -1.27
N LEU A 264 9.31 -33.56 -1.01
CA LEU A 264 8.84 -34.93 -0.91
C LEU A 264 7.99 -35.28 -2.13
N LYS A 265 8.42 -36.30 -2.87
CA LYS A 265 7.59 -36.83 -3.94
C LYS A 265 6.34 -37.48 -3.36
N TYR A 266 5.32 -37.61 -4.20
CA TYR A 266 4.11 -38.32 -3.84
C TYR A 266 3.69 -39.20 -5.00
N ASN A 267 3.41 -40.46 -4.72
CA ASN A 267 2.90 -41.38 -5.71
C ASN A 267 1.46 -40.99 -6.07
N GLU A 268 0.87 -41.70 -7.03
CA GLU A 268 -0.55 -41.47 -7.32
C GLU A 268 -1.45 -41.86 -6.15
N ASN A 269 -0.90 -42.41 -5.08
CA ASN A 269 -1.69 -42.89 -3.96
C ASN A 269 -0.98 -42.61 -2.64
N GLY A 270 -0.30 -41.47 -2.56
CA GLY A 270 0.10 -40.86 -1.31
C GLY A 270 1.41 -41.34 -0.74
N THR A 271 1.94 -42.46 -1.21
CA THR A 271 3.20 -42.95 -0.67
C THR A 271 4.35 -42.08 -1.14
N ILE A 272 5.15 -41.59 -0.20
CA ILE A 272 6.30 -40.77 -0.53
C ILE A 272 7.34 -41.65 -1.20
N THR A 273 7.44 -41.56 -2.52
CA THR A 273 8.36 -42.42 -3.26
C THR A 273 9.81 -41.97 -3.09
N ASP A 274 10.05 -40.66 -3.02
CA ASP A 274 11.40 -40.15 -2.88
C ASP A 274 11.35 -38.78 -2.24
N ALA A 275 12.52 -38.34 -1.75
CA ALA A 275 12.65 -37.03 -1.15
C ALA A 275 14.09 -36.56 -1.32
N VAL A 276 14.29 -35.25 -1.17
CA VAL A 276 15.62 -34.65 -1.29
C VAL A 276 15.82 -33.67 -0.14
N ASP A 277 17.02 -33.70 0.43
CA ASP A 277 17.37 -32.86 1.56
C ASP A 277 18.07 -31.62 1.03
N CYS A 278 17.40 -30.48 1.12
CA CYS A 278 18.01 -29.24 0.70
C CYS A 278 19.13 -28.85 1.67
N ALA A 279 19.99 -27.95 1.23
CA ALA A 279 21.08 -27.38 2.02
C ALA A 279 22.16 -28.40 2.35
N LEU A 280 22.30 -29.46 1.56
CA LEU A 280 23.51 -30.28 1.60
C LEU A 280 24.54 -29.81 0.57
N ASP A 281 24.20 -29.96 -0.69
CA ASP A 281 25.10 -29.77 -1.81
C ASP A 281 24.40 -28.90 -2.84
N PRO A 282 25.14 -28.24 -3.72
CA PRO A 282 24.49 -27.36 -4.70
C PRO A 282 23.42 -28.04 -5.53
N LEU A 283 23.62 -29.31 -5.90
CA LEU A 283 22.63 -29.98 -6.72
C LEU A 283 21.29 -30.10 -6.00
N SER A 284 21.31 -30.40 -4.71
CA SER A 284 20.07 -30.51 -3.96
C SER A 284 19.36 -29.17 -3.89
N GLU A 285 20.10 -28.08 -3.69
CA GLU A 285 19.49 -26.76 -3.66
C GLU A 285 18.89 -26.39 -5.01
N THR A 286 19.53 -26.79 -6.10
CA THR A 286 18.98 -26.55 -7.43
C THR A 286 17.65 -27.24 -7.61
N LYS A 287 17.53 -28.48 -7.13
CA LYS A 287 16.25 -29.17 -7.24
C LYS A 287 15.20 -28.51 -6.37
N CYS A 288 15.59 -28.05 -5.19
CA CYS A 288 14.61 -27.50 -4.24
C CYS A 288 14.03 -26.18 -4.74
N THR A 289 14.83 -25.36 -5.42
CA THR A 289 14.28 -24.11 -5.95
C THR A 289 13.41 -24.36 -7.17
N LEU A 290 13.79 -25.29 -8.05
CA LEU A 290 13.00 -25.58 -9.23
C LEU A 290 11.79 -26.44 -8.93
N LYS A 291 11.77 -27.12 -7.78
CA LYS A 291 10.76 -28.10 -7.44
C LYS A 291 10.66 -29.17 -8.52
N SER A 292 11.77 -29.88 -8.71
CA SER A 292 11.84 -30.92 -9.72
C SER A 292 12.99 -31.86 -9.38
N PHE A 293 12.79 -33.15 -9.64
CA PHE A 293 13.82 -34.16 -9.45
C PHE A 293 14.67 -34.37 -10.69
N THR A 294 14.27 -33.83 -11.83
CA THR A 294 15.05 -33.91 -13.06
C THR A 294 15.31 -32.49 -13.56
N VAL A 295 16.58 -32.13 -13.66
CA VAL A 295 17.00 -30.77 -13.97
C VAL A 295 17.77 -30.78 -15.28
N GLU A 296 17.33 -29.95 -16.22
CA GLU A 296 18.00 -29.88 -17.51
C GLU A 296 19.30 -29.10 -17.39
N LYS A 297 20.10 -29.15 -18.46
CA LYS A 297 21.35 -28.41 -18.50
C LYS A 297 21.08 -26.92 -18.38
N GLY A 298 21.95 -26.22 -17.67
CA GLY A 298 21.84 -24.78 -17.57
C GLY A 298 22.46 -24.29 -16.28
N ILE A 299 22.51 -22.97 -16.15
CA ILE A 299 23.03 -22.32 -14.96
C ILE A 299 21.86 -21.71 -14.20
N TYR A 300 21.68 -22.15 -12.96
CA TYR A 300 20.53 -21.80 -12.14
C TYR A 300 20.99 -21.09 -10.89
N GLN A 301 20.33 -20.00 -10.54
CA GLN A 301 20.64 -19.27 -9.32
C GLN A 301 19.80 -19.82 -8.18
N THR A 302 20.49 -20.30 -7.13
CA THR A 302 19.83 -20.94 -6.01
C THR A 302 19.62 -19.98 -4.84
N SER A 303 20.69 -19.34 -4.37
CA SER A 303 20.59 -18.52 -3.17
C SER A 303 21.74 -17.52 -3.17
N ASN A 304 21.73 -16.64 -2.18
CA ASN A 304 22.80 -15.69 -1.92
C ASN A 304 23.63 -16.17 -0.75
N PHE A 305 24.86 -15.69 -0.69
CA PHE A 305 25.67 -15.89 0.52
C PHE A 305 26.47 -14.65 0.84
N ARG A 306 26.36 -14.23 2.10
CA ARG A 306 26.98 -13.04 2.64
C ARG A 306 28.12 -13.44 3.57
N VAL A 307 29.11 -12.56 3.67
CA VAL A 307 30.20 -12.76 4.62
C VAL A 307 29.71 -12.28 5.98
N GLN A 308 29.45 -13.21 6.89
CA GLN A 308 28.93 -12.85 8.19
C GLN A 308 29.98 -12.06 8.98
N PRO A 309 29.56 -11.08 9.77
CA PRO A 309 30.52 -10.23 10.47
C PRO A 309 31.16 -10.96 11.65
N THR A 310 32.43 -10.69 11.86
CA THR A 310 33.19 -11.23 12.97
C THR A 310 33.01 -10.32 14.19
N GLU A 311 33.90 -10.46 15.18
CA GLU A 311 33.78 -9.74 16.44
C GLU A 311 33.59 -8.25 16.23
N SER A 312 32.60 -7.68 16.92
CA SER A 312 32.24 -6.28 16.79
C SER A 312 33.03 -5.41 17.77
N ILE A 313 33.23 -4.15 17.40
CA ILE A 313 34.00 -3.20 18.19
C ILE A 313 33.19 -1.92 18.36
N VAL A 314 33.58 -1.14 19.36
CA VAL A 314 33.03 0.19 19.60
C VAL A 314 34.18 1.12 19.98
N ARG A 315 34.17 2.33 19.40
CA ARG A 315 35.25 3.29 19.60
C ARG A 315 34.70 4.61 20.11
N PHE A 316 35.34 5.15 21.15
CA PHE A 316 34.90 6.37 21.81
C PHE A 316 36.11 7.22 22.17
N PRO A 317 35.93 8.52 22.34
CA PRO A 317 37.07 9.43 22.42
C PRO A 317 37.75 9.41 23.78
N ASN A 318 38.72 10.33 23.92
CA ASN A 318 39.53 10.55 25.12
C ASN A 318 38.83 11.43 26.15
N ILE A 319 39.64 11.97 27.07
CA ILE A 319 39.29 12.96 28.09
C ILE A 319 38.09 12.52 28.92
N THR A 320 38.05 11.22 29.25
CA THR A 320 37.02 10.70 30.14
C THR A 320 37.37 11.10 31.58
N ASN A 321 36.78 12.19 32.05
CA ASN A 321 37.06 12.72 33.38
C ASN A 321 36.32 11.97 34.48
N CYS A 323 35.63 15.49 36.32
CA CYS A 323 35.62 16.41 37.45
C CYS A 323 36.00 15.68 38.74
N PRO A 324 36.57 16.42 39.70
CA PRO A 324 37.05 15.77 40.94
C PRO A 324 35.94 15.46 41.94
N PHE A 325 35.26 14.35 41.70
CA PHE A 325 34.25 13.87 42.64
C PHE A 325 34.85 13.50 43.98
N GLY A 326 36.16 13.25 44.04
CA GLY A 326 36.80 12.99 45.32
C GLY A 326 36.72 14.17 46.26
N GLU A 327 36.76 15.40 45.72
CA GLU A 327 36.67 16.60 46.54
C GLU A 327 35.34 16.71 47.28
N VAL A 328 34.33 15.95 46.88
CA VAL A 328 33.05 15.93 47.58
C VAL A 328 33.07 14.94 48.74
N PHE A 329 33.57 13.73 48.47
CA PHE A 329 33.53 12.65 49.45
C PHE A 329 34.79 12.60 50.32
N ASN A 330 35.94 12.99 49.79
CA ASN A 330 37.17 13.05 50.56
C ASN A 330 37.35 14.37 51.30
N ALA A 331 36.26 15.05 51.60
CA ALA A 331 36.29 16.16 52.55
C ALA A 331 36.60 15.61 53.94
N THR A 332 37.47 16.32 54.68
CA THR A 332 37.91 15.80 55.98
C THR A 332 36.76 15.73 56.97
N ARG A 333 35.94 16.77 57.03
CA ARG A 333 34.81 16.80 57.94
C ARG A 333 33.57 17.26 57.19
N PHE A 334 32.41 16.74 57.62
CA PHE A 334 31.13 17.12 57.07
C PHE A 334 30.46 18.16 57.97
N ALA A 335 29.52 18.89 57.40
CA ALA A 335 28.90 20.01 58.07
C ALA A 335 27.69 19.57 58.88
N SER A 336 27.07 20.53 59.57
CA SER A 336 25.91 20.25 60.40
C SER A 336 24.72 19.87 59.51
N VAL A 337 23.80 19.10 60.09
CA VAL A 337 22.68 18.54 59.34
C VAL A 337 21.63 19.59 59.01
N TYR A 338 21.83 20.84 59.45
CA TYR A 338 21.00 21.96 59.04
C TYR A 338 21.68 22.82 57.98
N ALA A 339 22.79 22.37 57.43
CA ALA A 339 23.57 23.11 56.44
C ALA A 339 23.93 22.21 55.26
N TRP A 340 22.93 21.51 54.74
CA TRP A 340 23.16 20.58 53.64
C TRP A 340 23.71 21.30 52.41
N ASN A 341 24.74 20.72 51.82
CA ASN A 341 25.47 21.34 50.73
C ASN A 341 25.12 20.67 49.41
N ARG A 342 24.91 21.49 48.38
CA ARG A 342 24.72 21.01 47.01
C ARG A 342 25.97 21.39 46.23
N LYS A 343 27.01 20.57 46.34
CA LYS A 343 28.23 20.78 45.56
C LYS A 343 27.91 20.37 44.12
N ARG A 344 27.42 21.34 43.35
CA ARG A 344 26.92 21.07 42.01
C ARG A 344 28.03 20.55 41.12
N ILE A 345 27.72 19.53 40.34
CA ILE A 345 28.64 18.97 39.36
C ILE A 345 27.90 18.87 38.03
N SER A 346 28.44 19.53 37.00
CA SER A 346 27.86 19.47 35.67
C SER A 346 28.98 19.65 34.64
N ASN A 347 28.74 19.11 33.44
CA ASN A 347 29.73 19.05 32.37
C ASN A 347 30.96 18.26 32.84
N CYS A 348 30.70 17.02 33.25
CA CYS A 348 31.70 16.17 33.88
C CYS A 348 31.52 14.74 33.41
N VAL A 349 32.39 13.87 33.90
CA VAL A 349 32.32 12.43 33.63
C VAL A 349 32.56 11.70 34.95
N ALA A 350 31.66 10.78 35.29
CA ALA A 350 31.68 10.11 36.58
C ALA A 350 32.40 8.77 36.48
N ASP A 351 33.32 8.53 37.41
CA ASP A 351 33.98 7.24 37.54
C ASP A 351 33.17 6.34 38.49
N TYR A 352 31.88 6.21 38.17
CA TYR A 352 30.97 5.49 39.06
C TYR A 352 31.32 4.02 39.19
N SER A 353 32.01 3.44 38.21
CA SER A 353 32.48 2.06 38.38
C SER A 353 33.45 1.97 39.54
N VAL A 354 34.36 2.94 39.66
CA VAL A 354 35.26 2.97 40.82
C VAL A 354 34.48 3.33 42.07
N LEU A 355 33.58 4.31 41.97
CA LEU A 355 32.83 4.77 43.14
C LEU A 355 31.80 3.75 43.62
N TYR A 356 31.39 2.81 42.76
CA TYR A 356 30.57 1.70 43.21
C TYR A 356 31.39 0.51 43.71
N ASN A 357 32.71 0.58 43.59
CA ASN A 357 33.59 -0.50 44.04
C ASN A 357 34.65 0.00 45.02
N SER A 358 34.58 1.26 45.42
CA SER A 358 35.63 1.86 46.23
C SER A 358 35.54 1.40 47.69
N ALA A 359 34.45 1.73 48.36
CA ALA A 359 34.24 1.37 49.75
C ALA A 359 32.82 0.89 49.94
N SER A 360 32.54 0.34 51.12
CA SER A 360 31.24 -0.27 51.40
C SER A 360 30.23 0.81 51.73
N PHE A 361 29.05 0.71 51.13
CA PHE A 361 27.93 1.56 51.45
C PHE A 361 26.95 0.76 52.30
N SER A 362 26.38 1.40 53.32
CA SER A 362 25.55 0.68 54.27
C SER A 362 24.34 0.06 53.58
N THR A 363 23.69 0.81 52.70
CA THR A 363 22.56 0.32 51.93
C THR A 363 22.74 0.75 50.48
N PHE A 364 22.63 -0.21 49.57
CA PHE A 364 22.63 0.10 48.13
C PHE A 364 21.19 0.32 47.67
N LYS A 365 20.53 1.23 48.37
CA LYS A 365 19.11 1.54 48.16
C LYS A 365 18.98 2.69 47.17
N CYS A 366 18.27 2.43 46.09
CA CYS A 366 17.95 3.45 45.10
C CYS A 366 16.47 3.32 44.76
N TYR A 367 15.75 4.44 44.77
CA TYR A 367 14.33 4.45 44.46
C TYR A 367 14.16 4.73 42.97
N GLY A 368 14.04 3.66 42.18
CA GLY A 368 13.87 3.77 40.75
C GLY A 368 15.16 3.89 39.96
N VAL A 369 16.32 3.76 40.60
CA VAL A 369 17.61 3.91 39.94
C VAL A 369 18.37 2.60 40.05
N SER A 370 18.95 2.16 38.95
CA SER A 370 19.77 0.96 38.94
C SER A 370 21.23 1.35 39.15
N PRO A 371 21.92 0.81 40.15
CA PRO A 371 23.32 1.18 40.39
C PRO A 371 24.28 0.67 39.32
N THR A 372 23.89 -0.33 38.55
CA THR A 372 24.76 -0.88 37.52
C THR A 372 24.58 -0.21 36.16
N LYS A 373 23.63 0.71 36.03
CA LYS A 373 23.38 1.42 34.78
C LYS A 373 23.65 2.92 34.90
N LEU A 374 24.29 3.36 35.98
CA LEU A 374 24.70 4.76 36.06
C LEU A 374 25.79 5.11 35.06
N ASN A 375 26.52 4.11 34.57
CA ASN A 375 27.52 4.33 33.54
C ASN A 375 26.93 4.36 32.14
N ASP A 376 25.63 4.08 32.00
CA ASP A 376 24.96 4.02 30.71
C ASP A 376 23.88 5.06 30.53
N LEU A 377 23.16 5.41 31.60
CA LEU A 377 22.11 6.40 31.49
C LEU A 377 22.68 7.81 31.53
N CYS A 378 22.02 8.72 30.81
CA CYS A 378 22.47 10.09 30.68
C CYS A 378 21.76 10.98 31.69
N PHE A 379 22.54 11.69 32.50
CA PHE A 379 22.00 12.66 33.45
C PHE A 379 22.82 13.94 33.36
N THR A 380 22.16 15.06 33.61
CA THR A 380 22.76 16.37 33.34
C THR A 380 23.46 16.94 34.58
N ASN A 381 22.71 17.15 35.66
CA ASN A 381 23.24 17.83 36.84
C ASN A 381 23.19 16.91 38.04
N VAL A 382 24.20 17.02 38.90
CA VAL A 382 24.34 16.18 40.08
C VAL A 382 24.49 17.07 41.30
N TYR A 383 23.63 16.84 42.30
CA TYR A 383 23.70 17.53 43.58
C TYR A 383 24.00 16.51 44.67
N ALA A 384 25.09 16.74 45.41
CA ALA A 384 25.60 15.78 46.37
C ALA A 384 25.11 16.16 47.77
N ASP A 385 24.04 15.51 48.21
CA ASP A 385 23.48 15.71 49.54
C ASP A 385 23.97 14.56 50.42
N SER A 386 25.06 14.80 51.15
CA SER A 386 25.74 13.77 51.93
C SER A 386 25.98 14.29 53.34
N PHE A 387 25.12 13.91 54.28
CA PHE A 387 25.23 14.43 55.64
C PHE A 387 24.93 13.32 56.65
N VAL A 388 25.41 13.54 57.88
CA VAL A 388 25.48 12.51 58.90
C VAL A 388 24.12 12.37 59.58
N ILE A 389 23.70 11.12 59.81
CA ILE A 389 22.46 10.82 60.49
C ILE A 389 22.74 9.70 61.50
N ARG A 390 21.88 9.59 62.50
CA ARG A 390 22.00 8.50 63.45
C ARG A 390 21.50 7.20 62.85
N GLY A 391 21.91 6.08 63.45
CA GLY A 391 21.53 4.79 62.92
C GLY A 391 20.03 4.56 62.94
N ASP A 392 19.40 4.86 64.07
CA ASP A 392 17.95 4.73 64.17
C ASP A 392 17.23 5.82 63.40
N GLU A 393 17.93 6.88 63.02
CA GLU A 393 17.33 8.01 62.31
C GLU A 393 17.50 7.92 60.80
N VAL A 394 18.07 6.84 60.28
CA VAL A 394 18.16 6.66 58.84
C VAL A 394 16.77 6.55 58.22
N ARG A 395 15.86 5.83 58.89
CA ARG A 395 14.49 5.72 58.41
C ARG A 395 13.73 7.02 58.52
N GLN A 396 14.23 8.00 59.28
CA GLN A 396 13.61 9.32 59.27
C GLN A 396 13.98 10.11 58.01
N ILE A 397 15.05 9.72 57.32
CA ILE A 397 15.29 10.18 55.95
C ILE A 397 14.63 9.14 55.05
N ALA A 398 13.33 9.33 54.84
CA ALA A 398 12.48 8.40 54.09
C ALA A 398 11.12 9.06 53.87
N PRO A 399 10.38 8.67 52.85
CA PRO A 399 9.12 9.35 52.55
C PRO A 399 7.99 8.91 53.47
N GLY A 400 7.04 9.84 53.67
CA GLY A 400 5.79 9.54 54.34
C GLY A 400 5.85 9.46 55.85
N GLN A 401 6.97 9.81 56.47
CA GLN A 401 7.09 9.78 57.92
C GLN A 401 7.28 11.19 58.46
N THR A 402 6.79 11.40 59.68
CA THR A 402 6.94 12.66 60.39
C THR A 402 7.75 12.44 61.66
N GLY A 403 8.57 13.43 61.99
CA GLY A 403 9.43 13.33 63.15
C GLY A 403 10.35 14.55 63.22
N LYS A 404 11.29 14.47 64.17
CA LYS A 404 12.19 15.59 64.42
C LYS A 404 13.13 15.87 63.27
N ILE A 405 13.21 14.97 62.29
CA ILE A 405 14.15 15.09 61.17
C ILE A 405 13.42 15.21 59.84
N ALA A 406 12.45 14.33 59.59
CA ALA A 406 11.76 14.30 58.31
C ALA A 406 10.97 15.58 58.03
N ASP A 407 10.59 16.32 59.06
CA ASP A 407 9.86 17.57 58.87
C ASP A 407 10.56 18.79 59.44
N TYR A 408 11.56 18.62 60.30
CA TYR A 408 12.14 19.75 61.03
C TYR A 408 13.65 19.89 60.87
N ASN A 409 14.29 19.10 60.02
CA ASN A 409 15.66 19.39 59.65
C ASN A 409 15.75 19.72 58.16
N TYR A 410 15.34 18.75 57.34
CA TYR A 410 15.39 18.86 55.88
C TYR A 410 14.34 17.89 55.34
N LYS A 411 13.18 18.41 54.95
CA LYS A 411 12.13 17.56 54.44
C LYS A 411 12.52 16.97 53.08
N LEU A 412 12.05 15.75 52.84
CA LEU A 412 12.17 15.06 51.57
C LEU A 412 10.80 14.57 51.15
N PRO A 413 10.53 14.51 49.84
CA PRO A 413 9.17 14.25 49.37
C PRO A 413 8.77 12.80 49.58
N ASP A 414 7.56 12.48 49.12
CA ASP A 414 6.99 11.14 49.20
C ASP A 414 7.27 10.31 47.96
N ASP A 415 8.03 10.84 47.00
CA ASP A 415 8.16 10.29 45.65
C ASP A 415 9.63 10.19 45.25
N PHE A 416 10.45 9.60 46.12
CA PHE A 416 11.90 9.59 45.93
C PHE A 416 12.31 9.12 44.54
N THR A 417 13.20 9.90 43.92
CA THR A 417 13.90 9.54 42.71
C THR A 417 15.39 9.67 43.00
N GLY A 418 16.14 8.59 42.83
CA GLY A 418 17.56 8.65 43.11
C GLY A 418 18.09 7.46 43.87
N CYS A 419 18.97 7.72 44.84
CA CYS A 419 19.65 6.66 45.56
C CYS A 419 19.82 7.05 47.03
N VAL A 420 20.03 6.04 47.86
CA VAL A 420 20.43 6.22 49.25
C VAL A 420 21.82 5.59 49.41
N ILE A 421 22.80 6.41 49.78
CA ILE A 421 24.18 5.99 49.92
C ILE A 421 24.67 6.40 51.30
N ALA A 422 25.42 5.53 51.96
CA ALA A 422 25.96 5.88 53.28
C ALA A 422 27.27 5.13 53.50
N TRP A 423 28.38 5.87 53.45
CA TRP A 423 29.66 5.33 53.86
C TRP A 423 29.65 4.99 55.34
N ASN A 424 30.45 4.00 55.71
CA ASN A 424 30.58 3.63 57.12
C ASN A 424 31.30 4.75 57.86
N SER A 425 30.56 5.49 58.68
CA SER A 425 31.11 6.61 59.44
C SER A 425 31.64 6.20 60.80
N ASN A 426 31.67 4.89 61.10
CA ASN A 426 32.25 4.44 62.36
C ASN A 426 33.72 4.80 62.45
N ASN A 427 34.45 4.60 61.36
CA ASN A 427 35.87 4.94 61.31
C ASN A 427 36.13 6.31 60.71
N LEU A 428 35.09 7.10 60.44
CA LEU A 428 35.23 8.46 59.94
C LEU A 428 34.61 9.51 60.82
N ASP A 429 33.42 9.27 61.37
CA ASP A 429 32.68 10.26 62.13
C ASP A 429 32.38 9.79 63.54
N SER A 430 33.36 9.20 64.21
CA SER A 430 33.26 8.82 65.61
C SER A 430 34.50 9.33 66.33
N LYS A 431 34.30 10.07 67.42
CA LYS A 431 35.40 10.68 68.16
C LYS A 431 35.17 10.50 69.65
N VAL A 432 36.28 10.54 70.39
CA VAL A 432 36.23 10.38 71.84
C VAL A 432 35.57 11.60 72.47
N GLY A 433 34.70 11.35 73.45
CA GLY A 433 34.02 12.42 74.16
C GLY A 433 32.68 12.82 73.57
N GLY A 434 32.36 12.37 72.37
CA GLY A 434 31.09 12.69 71.75
C GLY A 434 31.24 13.67 70.59
N ASN A 435 30.52 13.39 69.51
CA ASN A 435 30.46 14.31 68.37
C ASN A 435 29.35 15.32 68.60
N TYR A 436 29.54 16.11 69.65
CA TYR A 436 28.59 17.14 70.05
C TYR A 436 28.58 18.35 69.11
N ASN A 437 29.48 18.41 68.14
CA ASN A 437 29.40 19.46 67.14
C ASN A 437 28.13 19.35 66.31
N TYR A 438 27.77 18.14 65.89
CA TYR A 438 26.52 17.94 65.17
C TYR A 438 25.34 18.17 66.11
N LEU A 439 24.33 18.88 65.60
CA LEU A 439 23.22 19.35 66.42
C LEU A 439 21.90 19.08 65.71
N TYR A 440 20.89 18.67 66.48
CA TYR A 440 19.55 18.42 65.97
C TYR A 440 18.53 19.12 66.86
N ARG A 441 17.41 19.51 66.25
CA ARG A 441 16.29 20.10 66.96
C ARG A 441 15.21 19.06 67.22
N LEU A 442 14.08 19.52 67.75
CA LEU A 442 12.97 18.64 68.14
C LEU A 442 11.70 18.90 67.34
N PHE A 443 11.41 20.16 67.00
CA PHE A 443 10.22 20.51 66.26
C PHE A 443 10.48 21.82 65.51
N ARG A 444 9.52 22.19 64.67
CA ARG A 444 9.52 23.50 64.00
C ARG A 444 8.09 24.01 63.98
N LYS A 445 7.86 25.08 63.22
CA LYS A 445 6.52 25.65 63.13
C LYS A 445 5.55 24.65 62.50
N SER A 446 5.92 24.07 61.36
CA SER A 446 5.06 23.14 60.64
C SER A 446 5.95 22.32 59.71
N ASN A 447 5.32 21.55 58.82
CA ASN A 447 6.06 20.74 57.87
C ASN A 447 6.80 21.63 56.87
N LEU A 448 7.93 21.12 56.40
CA LEU A 448 8.78 21.82 55.45
C LEU A 448 8.37 21.45 54.02
N LYS A 449 9.22 21.76 53.05
CA LYS A 449 9.10 21.32 51.68
C LYS A 449 10.39 20.61 51.28
N PRO A 450 10.34 19.76 50.27
CA PRO A 450 11.53 18.95 49.92
C PRO A 450 12.75 19.82 49.66
N PHE A 451 13.86 19.47 50.33
CA PHE A 451 15.16 20.11 50.13
C PHE A 451 15.09 21.62 50.40
N GLU A 452 14.79 21.96 51.65
CA GLU A 452 14.84 23.34 52.12
C GLU A 452 15.91 23.49 53.19
N ARG A 453 16.61 24.63 53.16
CA ARG A 453 17.75 24.90 54.02
C ARG A 453 17.30 25.75 55.20
N ASP A 454 17.70 25.35 56.41
CA ASP A 454 17.45 26.14 57.62
C ASP A 454 18.70 26.06 58.51
N ILE A 455 19.61 27.00 58.30
CA ILE A 455 20.80 27.09 59.14
C ILE A 455 20.53 27.89 60.40
N SER A 456 19.42 28.63 60.45
CA SER A 456 19.06 29.36 61.65
C SER A 456 18.70 28.41 62.77
N THR A 457 19.10 28.76 63.99
CA THR A 457 18.83 27.96 65.19
C THR A 457 17.73 28.57 66.03
N GLU A 458 16.69 29.10 65.38
CA GLU A 458 15.68 29.91 66.08
C GLU A 458 14.94 29.11 67.13
N ILE A 459 14.55 29.79 68.20
CA ILE A 459 13.81 29.18 69.29
C ILE A 459 12.34 29.13 68.94
N TYR A 460 11.75 27.94 69.00
CA TYR A 460 10.35 27.73 68.68
C TYR A 460 9.51 27.73 69.95
N GLN A 461 8.21 27.99 69.77
CA GLN A 461 7.28 28.06 70.88
C GLN A 461 6.73 26.67 71.16
N ALA A 462 7.24 26.03 72.22
CA ALA A 462 6.71 24.73 72.61
C ALA A 462 5.25 24.81 73.02
N GLY A 463 4.90 25.84 73.79
CA GLY A 463 3.53 26.05 74.20
C GLY A 463 2.84 27.11 73.38
N SER A 464 2.04 27.96 74.02
CA SER A 464 1.33 29.03 73.31
C SER A 464 1.51 30.40 73.96
N THR A 465 2.37 30.53 74.95
CA THR A 465 2.59 31.82 75.58
C THR A 465 3.26 32.77 74.58
N PRO A 466 3.00 34.08 74.70
CA PRO A 466 3.61 35.04 73.78
C PRO A 466 5.04 35.35 74.19
N CYS A 467 6.00 34.87 73.40
CA CYS A 467 7.38 35.27 73.64
C CYS A 467 7.56 36.77 73.44
N ASN A 468 6.81 37.34 72.49
CA ASN A 468 6.93 38.76 72.13
C ASN A 468 8.37 39.13 71.80
N GLY A 469 9.05 38.24 71.07
CA GLY A 469 10.44 38.43 70.75
C GLY A 469 11.39 38.16 71.90
N VAL A 470 10.87 37.76 73.07
CA VAL A 470 11.67 37.54 74.26
C VAL A 470 11.58 36.07 74.63
N GLU A 471 12.73 35.39 74.62
CA GLU A 471 12.78 33.99 75.00
C GLU A 471 12.43 33.83 76.47
N GLY A 472 11.78 32.71 76.78
CA GLY A 472 11.40 32.47 78.16
C GLY A 472 10.44 31.31 78.32
N PHE A 473 9.35 31.54 79.06
CA PHE A 473 8.41 30.47 79.36
C PHE A 473 7.73 30.00 78.08
N ASN A 474 7.75 28.68 77.87
CA ASN A 474 7.22 28.04 76.66
C ASN A 474 7.88 28.57 75.39
N CYS A 475 9.12 29.04 75.51
CA CYS A 475 9.93 29.46 74.37
C CYS A 475 11.32 28.87 74.65
N TYR A 476 11.54 27.63 74.23
CA TYR A 476 12.71 26.85 74.63
C TYR A 476 13.66 26.62 73.47
N PHE A 477 14.90 26.33 73.80
CA PHE A 477 15.91 25.98 72.79
C PHE A 477 15.61 24.61 72.20
N PRO A 478 15.52 24.48 70.87
CA PRO A 478 15.27 23.16 70.28
C PRO A 478 16.53 22.35 70.01
N LEU A 479 17.68 23.02 69.87
CA LEU A 479 18.91 22.33 69.53
C LEU A 479 19.44 21.52 70.70
N GLN A 480 20.07 20.39 70.39
CA GLN A 480 20.70 19.53 71.38
C GLN A 480 21.93 18.89 70.78
N SER A 481 22.88 18.51 71.63
CA SER A 481 24.17 18.01 71.19
C SER A 481 24.12 16.50 71.02
N TYR A 482 25.27 15.89 70.72
CA TYR A 482 25.37 14.46 70.48
C TYR A 482 26.53 13.85 71.25
N GLY A 483 26.31 12.66 71.78
CA GLY A 483 27.38 11.90 72.40
C GLY A 483 27.70 10.63 71.64
N PHE A 484 28.86 10.60 70.98
CA PHE A 484 29.32 9.42 70.27
C PHE A 484 30.56 8.87 70.97
N GLN A 485 30.53 7.59 71.28
CA GLN A 485 31.55 6.92 72.08
C GLN A 485 31.99 5.66 71.39
N PRO A 486 33.22 5.20 71.64
CA PRO A 486 33.67 3.92 71.06
C PRO A 486 32.94 2.70 71.62
N THR A 487 32.14 2.85 72.67
CA THR A 487 31.37 1.76 73.23
C THR A 487 29.91 1.76 72.77
N ASN A 488 29.55 2.65 71.84
CA ASN A 488 28.18 2.70 71.37
C ASN A 488 27.83 1.45 70.57
N GLY A 489 26.57 1.04 70.69
CA GLY A 489 26.08 -0.16 70.04
C GLY A 489 25.56 0.09 68.64
N VAL A 490 24.92 -0.93 68.08
CA VAL A 490 24.42 -0.87 66.71
C VAL A 490 23.33 0.20 66.59
N GLY A 491 22.54 0.41 67.64
CA GLY A 491 21.44 1.35 67.62
C GLY A 491 21.81 2.81 67.78
N TYR A 492 23.09 3.13 67.94
CA TYR A 492 23.53 4.52 68.05
C TYR A 492 24.64 4.88 67.07
N GLN A 493 25.09 3.94 66.24
CA GLN A 493 26.19 4.23 65.33
C GLN A 493 25.73 5.23 64.26
N PRO A 494 26.63 6.12 63.82
CA PRO A 494 26.22 7.17 62.87
C PRO A 494 26.22 6.67 61.43
N TYR A 495 25.50 7.42 60.59
CA TYR A 495 25.39 7.10 59.18
C TYR A 495 25.55 8.37 58.35
N ARG A 496 26.35 8.29 57.29
CA ARG A 496 26.57 9.41 56.37
C ARG A 496 25.70 9.21 55.14
N VAL A 497 24.40 9.48 55.30
CA VAL A 497 23.47 9.30 54.19
C VAL A 497 23.83 10.27 53.07
N VAL A 498 24.05 9.73 51.87
CA VAL A 498 24.40 10.51 50.68
C VAL A 498 23.23 10.41 49.71
N VAL A 499 22.67 11.54 49.34
CA VAL A 499 21.60 11.61 48.35
C VAL A 499 22.16 12.30 47.12
N LEU A 500 22.33 11.55 46.04
CA LEU A 500 22.88 12.06 44.80
C LEU A 500 21.72 12.21 43.80
N SER A 501 21.33 13.45 43.54
CA SER A 501 20.23 13.73 42.62
C SER A 501 20.79 14.02 41.23
N PHE A 502 20.25 13.34 40.23
CA PHE A 502 20.67 13.50 38.85
C PHE A 502 19.54 14.17 38.07
N GLU A 503 19.82 15.35 37.51
CA GLU A 503 18.77 16.11 36.83
C GLU A 503 18.50 15.60 35.43
N LEU A 504 17.25 15.77 35.01
CA LEU A 504 16.81 15.49 33.65
C LEU A 504 15.91 16.63 33.17
N LEU A 505 16.32 17.86 33.44
CA LEU A 505 15.57 19.04 33.04
C LEU A 505 15.74 19.26 31.53
N HIS A 506 15.23 20.40 31.04
CA HIS A 506 15.28 20.70 29.61
C HIS A 506 16.65 21.24 29.21
N ALA A 507 17.68 20.52 29.66
CA ALA A 507 19.07 20.81 29.35
C ALA A 507 19.74 19.53 28.91
N PRO A 508 20.65 19.60 27.94
CA PRO A 508 21.27 18.38 27.41
C PRO A 508 22.15 17.71 28.46
N ALA A 509 22.40 16.42 28.23
CA ALA A 509 23.25 15.65 29.13
C ALA A 509 24.63 16.27 29.23
N THR A 510 25.16 16.31 30.45
CA THR A 510 26.47 16.91 30.68
C THR A 510 27.41 15.94 31.38
N VAL A 511 26.85 15.01 32.15
CA VAL A 511 27.63 14.04 32.92
C VAL A 511 27.24 12.63 32.46
N CYS A 512 28.22 11.89 31.96
CA CYS A 512 27.96 10.55 31.44
C CYS A 512 29.21 9.69 31.59
N GLY A 513 29.01 8.37 31.58
CA GLY A 513 30.08 7.42 31.66
C GLY A 513 30.39 6.81 30.31
N PRO A 514 31.62 6.36 30.11
CA PRO A 514 32.06 5.89 28.80
C PRO A 514 31.75 4.41 28.57
N LYS A 515 32.07 3.96 27.36
CA LYS A 515 31.99 2.55 26.97
C LYS A 515 33.37 2.16 26.43
N LYS A 516 34.26 1.77 27.35
CA LYS A 516 35.65 1.51 27.02
C LYS A 516 36.06 0.16 27.60
N SER A 517 36.93 -0.56 26.88
CA SER A 517 37.49 -0.12 25.60
C SER A 517 37.67 -1.29 24.64
N THR A 518 37.81 -0.98 23.36
CA THR A 518 38.07 -1.98 22.33
C THR A 518 39.13 -1.46 21.38
N ASN A 519 39.75 -2.38 20.65
CA ASN A 519 40.73 -2.03 19.62
C ASN A 519 40.08 -2.06 18.25
N LEU A 520 40.54 -1.18 17.37
CA LEU A 520 40.10 -1.20 15.98
C LEU A 520 40.73 -2.38 15.27
N VAL A 521 39.94 -3.03 14.42
CA VAL A 521 40.42 -4.15 13.61
C VAL A 521 40.16 -3.80 12.16
N LYS A 522 41.20 -3.91 11.33
CA LYS A 522 41.10 -3.57 9.93
C LYS A 522 40.99 -4.83 9.08
N ASN A 523 40.52 -4.64 7.85
CA ASN A 523 40.51 -5.69 6.83
C ASN A 523 39.73 -6.92 7.30
N LYS A 524 38.60 -6.69 7.96
CA LYS A 524 37.77 -7.79 8.42
C LYS A 524 36.38 -7.26 8.69
N CYS A 525 35.36 -8.08 8.41
CA CYS A 525 33.99 -7.71 8.73
C CYS A 525 33.83 -7.52 10.22
N VAL A 526 33.64 -6.27 10.62
CA VAL A 526 33.43 -5.89 12.02
C VAL A 526 32.16 -5.05 12.08
N ASN A 527 31.33 -5.32 13.09
CA ASN A 527 30.18 -4.46 13.36
C ASN A 527 30.66 -3.28 14.21
N PHE A 528 31.26 -2.32 13.54
CA PHE A 528 31.86 -1.17 14.22
C PHE A 528 30.80 -0.25 14.80
N ASN A 529 31.19 0.48 15.83
CA ASN A 529 30.37 1.53 16.43
C ASN A 529 31.28 2.73 16.66
N PHE A 530 31.04 3.81 15.92
CA PHE A 530 31.89 5.00 15.97
C PHE A 530 31.04 6.16 16.46
N ASN A 531 31.06 6.38 17.78
CA ASN A 531 30.48 7.57 18.39
C ASN A 531 29.03 7.76 17.96
N GLY A 532 28.28 6.67 17.93
CA GLY A 532 26.90 6.69 17.50
C GLY A 532 26.66 6.29 16.06
N LEU A 533 27.72 6.14 15.26
CA LEU A 533 27.61 5.61 13.91
C LEU A 533 27.75 4.10 13.98
N THR A 534 26.70 3.39 13.62
CA THR A 534 26.66 1.94 13.71
C THR A 534 26.52 1.35 12.31
N GLY A 535 27.43 0.45 11.94
CA GLY A 535 27.38 -0.14 10.62
C GLY A 535 28.23 -1.39 10.56
N THR A 536 28.03 -2.14 9.48
CA THR A 536 28.74 -3.39 9.22
C THR A 536 29.55 -3.23 7.94
N GLY A 537 30.85 -3.50 8.03
CA GLY A 537 31.70 -3.35 6.88
C GLY A 537 33.14 -3.63 7.20
N VAL A 538 33.97 -3.48 6.17
CA VAL A 538 35.40 -3.75 6.26
C VAL A 538 36.13 -2.41 6.32
N LEU A 539 37.00 -2.25 7.31
CA LEU A 539 37.72 -1.01 7.53
C LEU A 539 39.08 -1.08 6.84
N THR A 540 39.44 -0.01 6.12
CA THR A 540 40.71 0.06 5.41
C THR A 540 41.38 1.40 5.70
N GLU A 541 42.69 1.44 5.46
CA GLU A 541 43.43 2.68 5.60
C GLU A 541 43.09 3.61 4.44
N SER A 542 42.52 4.77 4.76
CA SER A 542 41.97 5.64 3.75
C SER A 542 43.03 6.56 3.15
N ASN A 543 42.61 7.30 2.12
CA ASN A 543 43.45 8.30 1.48
C ASN A 543 42.77 9.68 1.46
N LYS A 544 41.61 9.80 2.09
CA LYS A 544 40.85 11.04 2.02
C LYS A 544 41.49 12.10 2.91
N LYS A 545 40.92 13.30 2.88
CA LYS A 545 41.47 14.47 3.55
C LYS A 545 40.36 15.20 4.30
N PHE A 546 40.12 14.77 5.54
CA PHE A 546 39.06 15.37 6.36
C PHE A 546 39.51 16.72 6.88
N LEU A 547 38.63 17.71 6.75
CA LEU A 547 38.85 18.97 7.44
C LEU A 547 38.74 18.75 8.94
N PRO A 548 39.56 19.41 9.74
CA PRO A 548 39.69 18.99 11.14
C PRO A 548 38.52 19.42 12.01
N PHE A 549 37.31 19.33 11.45
CA PHE A 549 36.10 19.42 12.24
C PHE A 549 35.03 18.46 11.75
N GLN A 550 35.33 17.62 10.76
CA GLN A 550 34.37 16.69 10.18
C GLN A 550 34.65 15.29 10.71
N GLN A 551 33.58 14.55 11.02
CA GLN A 551 33.70 13.24 11.65
C GLN A 551 33.62 12.11 10.64
N PHE A 552 32.60 12.11 9.79
CA PHE A 552 32.36 11.00 8.87
C PHE A 552 32.02 11.55 7.49
N GLY A 553 32.24 10.72 6.47
CA GLY A 553 32.00 11.10 5.09
C GLY A 553 30.84 10.35 4.49
N ARG A 554 30.18 10.97 3.52
CA ARG A 554 29.08 10.37 2.78
C ARG A 554 29.18 10.83 1.34
N ASP A 555 29.52 9.94 0.42
CA ASP A 555 29.86 10.39 -0.93
C ASP A 555 28.61 10.62 -1.77
N ILE A 556 27.83 9.57 -2.03
CA ILE A 556 26.67 9.68 -2.91
C ILE A 556 25.52 8.90 -2.29
N ALA A 557 24.32 9.49 -2.36
CA ALA A 557 23.09 8.89 -1.85
C ALA A 557 23.17 8.64 -0.36
N ASP A 558 23.98 9.44 0.34
CA ASP A 558 24.07 9.40 1.80
C ASP A 558 24.44 8.02 2.33
N THR A 559 25.40 7.36 1.71
CA THR A 559 25.97 6.13 2.23
C THR A 559 27.32 6.45 2.85
N THR A 560 27.47 6.17 4.14
CA THR A 560 28.69 6.54 4.86
C THR A 560 29.88 5.79 4.28
N ASP A 561 31.00 6.49 4.10
CA ASP A 561 32.17 5.89 3.49
C ASP A 561 33.39 5.91 4.39
N ALA A 562 33.69 7.04 5.01
CA ALA A 562 34.90 7.18 5.81
C ALA A 562 34.55 7.81 7.15
N VAL A 563 34.87 7.10 8.23
CA VAL A 563 34.58 7.55 9.58
C VAL A 563 35.90 7.66 10.33
N ARG A 564 36.15 8.82 10.91
CA ARG A 564 37.38 9.09 11.63
C ARG A 564 37.21 8.69 13.09
N ASP A 565 38.02 7.73 13.54
CA ASP A 565 37.92 7.27 14.91
C ASP A 565 38.38 8.37 15.85
N PRO A 566 37.67 8.58 16.96
CA PRO A 566 37.98 9.75 17.80
C PRO A 566 39.11 9.50 18.77
N GLN A 567 40.16 8.80 18.33
CA GLN A 567 41.32 8.57 19.19
C GLN A 567 42.66 8.71 18.48
N THR A 568 42.73 8.56 17.17
CA THR A 568 43.97 8.82 16.43
C THR A 568 43.73 9.72 15.22
N LEU A 569 42.57 10.37 15.16
CA LEU A 569 42.23 11.34 14.11
C LEU A 569 42.52 10.81 12.70
N GLU A 570 42.55 9.50 12.53
CA GLU A 570 42.81 8.89 11.23
C GLU A 570 41.50 8.51 10.55
N ILE A 571 41.43 8.77 9.26
CA ILE A 571 40.24 8.48 8.47
C ILE A 571 40.31 7.03 8.01
N LEU A 572 39.24 6.28 8.25
CA LEU A 572 39.17 4.86 7.90
C LEU A 572 38.02 4.65 6.94
N ASP A 573 38.31 4.11 5.75
CA ASP A 573 37.26 3.82 4.80
C ASP A 573 36.40 2.66 5.27
N ILE A 574 35.20 2.59 4.73
CA ILE A 574 34.26 1.52 5.06
C ILE A 574 33.71 0.98 3.75
N THR A 575 33.91 -0.31 3.52
CA THR A 575 33.33 -1.00 2.38
C THR A 575 32.51 -2.18 2.87
N PRO A 576 31.33 -2.43 2.29
CA PRO A 576 30.46 -3.46 2.85
C PRO A 576 31.02 -4.85 2.64
N CYS A 577 30.59 -5.77 3.52
CA CYS A 577 31.03 -7.15 3.37
C CYS A 577 30.53 -7.72 2.05
N SER A 578 31.39 -8.46 1.37
CA SER A 578 31.07 -8.94 0.04
C SER A 578 29.87 -9.87 0.08
N PHE A 579 29.01 -9.74 -0.93
CA PHE A 579 27.87 -10.61 -1.10
C PHE A 579 27.74 -10.91 -2.59
N GLY A 580 26.61 -11.48 -2.97
CA GLY A 580 26.33 -11.79 -4.36
C GLY A 580 25.64 -13.13 -4.46
N GLY A 581 24.96 -13.32 -5.59
CA GLY A 581 24.24 -14.56 -5.78
C GLY A 581 25.17 -15.73 -5.97
N VAL A 582 24.60 -16.93 -5.91
CA VAL A 582 25.33 -18.16 -6.12
C VAL A 582 24.58 -18.95 -7.20
N SER A 583 25.26 -19.23 -8.30
CA SER A 583 24.67 -19.92 -9.43
C SER A 583 25.26 -21.31 -9.53
N VAL A 584 24.40 -22.31 -9.72
CA VAL A 584 24.80 -23.71 -9.79
C VAL A 584 24.79 -24.14 -11.24
N ILE A 585 25.94 -24.58 -11.73
CA ILE A 585 26.11 -24.97 -13.13
C ILE A 585 25.94 -26.47 -13.23
N THR A 586 24.97 -26.92 -14.02
CA THR A 586 24.73 -28.34 -14.09
C THR A 586 24.78 -28.82 -15.53
N PRO A 587 25.27 -30.04 -15.77
CA PRO A 587 25.17 -30.65 -17.11
C PRO A 587 23.94 -31.50 -17.32
N GLY A 588 22.94 -31.39 -16.45
CA GLY A 588 21.74 -32.19 -16.57
C GLY A 588 21.84 -33.47 -15.78
N THR A 589 20.82 -33.79 -14.99
CA THR A 589 20.88 -34.98 -14.16
C THR A 589 21.00 -36.26 -14.99
N ASN A 590 20.61 -36.23 -16.26
CA ASN A 590 20.72 -37.42 -17.09
C ASN A 590 22.18 -37.73 -17.42
N THR A 591 22.94 -36.72 -17.85
CA THR A 591 24.31 -36.99 -18.26
C THR A 591 25.21 -37.32 -17.08
N SER A 592 25.13 -36.52 -16.02
CA SER A 592 26.03 -36.69 -14.87
C SER A 592 25.43 -35.97 -13.67
N ASN A 593 26.21 -35.92 -12.60
CA ASN A 593 25.81 -35.24 -11.37
C ASN A 593 26.84 -34.27 -10.84
N GLN A 594 28.02 -34.18 -11.47
CA GLN A 594 28.97 -33.17 -11.08
C GLN A 594 28.37 -31.79 -11.31
N VAL A 595 28.69 -30.86 -10.42
CA VAL A 595 28.21 -29.49 -10.53
C VAL A 595 29.34 -28.54 -10.18
N ALA A 596 29.41 -27.43 -10.91
CA ALA A 596 30.26 -26.31 -10.55
C ALA A 596 29.40 -25.27 -9.85
N VAL A 597 30.05 -24.34 -9.15
CA VAL A 597 29.36 -23.28 -8.44
C VAL A 597 30.06 -21.97 -8.74
N LEU A 598 29.29 -20.93 -9.05
CA LEU A 598 29.81 -19.60 -9.33
C LEU A 598 29.27 -18.60 -8.34
N TYR A 599 30.15 -17.76 -7.82
CA TYR A 599 29.81 -16.73 -6.86
C TYR A 599 29.87 -15.37 -7.55
N GLN A 600 28.74 -14.66 -7.54
CA GLN A 600 28.58 -13.46 -8.37
C GLN A 600 29.50 -12.35 -7.89
N ASP A 601 30.56 -12.09 -8.64
CA ASP A 601 31.46 -10.97 -8.38
C ASP A 601 31.97 -10.98 -6.95
N VAL A 602 32.37 -12.16 -6.49
CA VAL A 602 33.00 -12.35 -5.19
C VAL A 602 34.44 -12.79 -5.43
N ASN A 603 35.37 -12.06 -4.84
CA ASN A 603 36.79 -12.36 -5.06
C ASN A 603 37.13 -13.69 -4.39
N CYS A 604 37.87 -14.54 -5.12
CA CYS A 604 38.06 -15.92 -4.70
C CYS A 604 38.75 -16.02 -3.35
N THR A 605 39.59 -15.05 -3.02
CA THR A 605 40.27 -15.06 -1.72
C THR A 605 39.32 -14.81 -0.57
N GLU A 606 38.08 -14.44 -0.84
CA GLU A 606 37.09 -14.19 0.20
C GLU A 606 36.13 -15.35 0.40
N VAL A 607 36.37 -16.49 -0.24
CA VAL A 607 35.51 -17.65 -0.06
C VAL A 607 36.26 -18.73 0.71
N ASN A 628 40.65 -26.29 -8.22
CA ASN A 628 39.61 -26.02 -9.20
C ASN A 628 38.94 -24.68 -8.97
N VAL A 629 39.66 -23.71 -8.43
CA VAL A 629 39.12 -22.39 -8.17
C VAL A 629 39.66 -21.46 -9.26
N PHE A 630 38.78 -21.07 -10.18
CA PHE A 630 39.12 -20.22 -11.30
C PHE A 630 38.45 -18.87 -11.11
N GLN A 631 39.24 -17.81 -11.16
CA GLN A 631 38.73 -16.45 -10.94
C GLN A 631 38.39 -15.84 -12.28
N THR A 632 37.12 -15.92 -12.66
CA THR A 632 36.66 -15.30 -13.88
C THR A 632 36.41 -13.81 -13.64
N ARG A 633 36.18 -13.08 -14.73
CA ARG A 633 35.76 -11.70 -14.58
C ARG A 633 34.36 -11.58 -14.03
N ALA A 634 33.58 -12.66 -14.05
CA ALA A 634 32.20 -12.66 -13.59
C ALA A 634 32.07 -13.20 -12.16
N GLY A 635 33.18 -13.51 -11.50
CA GLY A 635 33.12 -14.01 -10.15
C GLY A 635 34.12 -15.10 -9.87
N CYS A 636 33.81 -15.98 -8.93
CA CYS A 636 34.66 -17.11 -8.57
C CYS A 636 33.98 -18.39 -9.01
N LEU A 637 34.67 -19.17 -9.84
CA LEU A 637 34.14 -20.42 -10.36
C LEU A 637 34.84 -21.56 -9.65
N ILE A 638 34.06 -22.40 -8.97
CA ILE A 638 34.58 -23.48 -8.15
C ILE A 638 34.12 -24.80 -8.73
N GLY A 639 35.07 -25.68 -9.02
CA GLY A 639 34.77 -26.99 -9.56
C GLY A 639 34.96 -27.14 -11.05
N ALA A 640 35.35 -26.09 -11.75
CA ALA A 640 35.53 -26.13 -13.20
C ALA A 640 36.99 -25.88 -13.52
N GLU A 641 37.58 -26.78 -14.32
CA GLU A 641 38.99 -26.70 -14.67
C GLU A 641 39.14 -25.83 -15.90
N HIS A 642 39.78 -24.67 -15.74
CA HIS A 642 39.96 -23.72 -16.83
C HIS A 642 40.96 -24.29 -17.82
N VAL A 643 40.51 -24.51 -19.04
CA VAL A 643 41.36 -25.05 -20.09
C VAL A 643 41.78 -23.91 -21.01
N ASN A 644 42.77 -24.20 -21.86
CA ASN A 644 43.34 -23.21 -22.76
C ASN A 644 42.88 -23.41 -24.20
N ASN A 645 41.63 -23.80 -24.39
CA ASN A 645 41.04 -23.97 -25.70
C ASN A 645 39.90 -22.97 -25.88
N SER A 646 39.10 -23.19 -26.92
CA SER A 646 37.96 -22.32 -27.20
C SER A 646 36.95 -23.13 -27.99
N TYR A 647 35.74 -23.25 -27.47
CA TYR A 647 34.68 -24.01 -28.09
C TYR A 647 33.39 -23.19 -28.02
N GLU A 648 32.48 -23.45 -28.95
CA GLU A 648 31.16 -22.80 -28.94
C GLU A 648 30.23 -23.66 -28.08
N CYS A 649 29.78 -23.14 -26.95
CA CYS A 649 29.27 -24.02 -25.91
C CYS A 649 27.91 -23.59 -25.38
N ASP A 650 27.50 -24.31 -24.32
CA ASP A 650 26.12 -24.41 -23.89
C ASP A 650 25.77 -23.51 -22.72
N ILE A 651 26.59 -23.48 -21.68
CA ILE A 651 26.25 -22.79 -20.44
C ILE A 651 27.01 -21.46 -20.45
N PRO A 652 26.33 -20.33 -20.56
CA PRO A 652 27.03 -19.04 -20.56
C PRO A 652 27.17 -18.48 -19.16
N ILE A 653 28.35 -17.95 -18.87
CA ILE A 653 28.70 -17.47 -17.53
C ILE A 653 28.82 -15.95 -17.49
N GLY A 654 29.56 -15.37 -18.42
CA GLY A 654 29.72 -13.93 -18.49
C GLY A 654 31.14 -13.54 -18.82
N ALA A 655 31.28 -12.31 -19.32
CA ALA A 655 32.58 -11.78 -19.71
C ALA A 655 33.26 -12.64 -20.75
N GLY A 656 32.48 -13.31 -21.60
CA GLY A 656 33.05 -14.13 -22.64
C GLY A 656 33.53 -15.49 -22.19
N ILE A 657 32.93 -16.05 -21.15
CA ILE A 657 33.34 -17.35 -20.60
C ILE A 657 32.13 -18.25 -20.55
N CYS A 658 32.30 -19.48 -21.00
CA CYS A 658 31.23 -20.47 -21.00
C CYS A 658 31.78 -21.80 -20.50
N ALA A 659 30.88 -22.63 -19.98
CA ALA A 659 31.28 -23.90 -19.40
C ALA A 659 30.47 -25.03 -20.02
N SER A 660 31.07 -26.22 -20.05
CA SER A 660 30.43 -27.38 -20.65
C SER A 660 31.01 -28.64 -20.03
N TYR A 661 30.34 -29.76 -20.30
CA TYR A 661 30.67 -31.05 -19.69
C TYR A 661 31.34 -31.94 -20.74
N GLN A 662 32.66 -31.81 -20.85
CA GLN A 662 33.42 -32.66 -21.75
C GLN A 662 34.91 -32.60 -21.40
N GLN A 677 34.03 -36.01 -19.02
CA GLN A 677 33.83 -36.56 -17.69
C GLN A 677 34.02 -35.50 -16.60
N SER A 678 33.98 -34.23 -16.98
CA SER A 678 34.18 -33.14 -16.03
C SER A 678 33.58 -31.87 -16.62
N ILE A 679 33.43 -30.87 -15.76
CA ILE A 679 32.92 -29.56 -16.14
C ILE A 679 34.11 -28.60 -16.25
N ILE A 680 34.26 -27.96 -17.40
CA ILE A 680 35.41 -27.10 -17.68
C ILE A 680 34.95 -25.80 -18.34
N ALA A 681 35.80 -24.78 -18.23
CA ALA A 681 35.49 -23.44 -18.70
C ALA A 681 36.40 -23.04 -19.85
N TYR A 682 35.94 -22.08 -20.65
CA TYR A 682 36.59 -21.66 -21.89
C TYR A 682 36.58 -20.15 -21.99
N THR A 683 37.04 -19.67 -23.15
CA THR A 683 36.68 -18.37 -23.69
C THR A 683 36.03 -18.63 -25.03
N MET A 684 34.85 -18.07 -25.24
CA MET A 684 34.05 -18.42 -26.41
C MET A 684 34.83 -18.17 -27.68
N SER A 685 34.67 -19.07 -28.65
CA SER A 685 35.23 -18.88 -29.97
C SER A 685 34.11 -18.47 -30.91
N LEU A 686 34.34 -17.41 -31.67
CA LEU A 686 33.31 -16.85 -32.52
C LEU A 686 33.17 -17.57 -33.84
N GLY A 687 34.03 -18.52 -34.14
CA GLY A 687 33.85 -19.33 -35.33
C GLY A 687 35.16 -19.50 -36.06
N ALA A 688 35.06 -20.04 -37.27
CA ALA A 688 36.22 -20.31 -38.09
C ALA A 688 36.85 -19.02 -38.56
N GLU A 689 38.09 -19.12 -39.03
CA GLU A 689 38.85 -18.00 -39.56
C GLU A 689 38.93 -18.12 -41.07
N ASN A 690 38.45 -17.10 -41.78
CA ASN A 690 38.50 -17.07 -43.23
C ASN A 690 39.28 -15.86 -43.69
N SER A 691 40.21 -16.07 -44.59
CA SER A 691 40.89 -14.99 -45.31
C SER A 691 40.49 -15.17 -46.76
N VAL A 692 39.46 -14.46 -47.18
CA VAL A 692 38.93 -14.62 -48.53
C VAL A 692 40.03 -14.29 -49.53
N ALA A 693 40.19 -15.15 -50.53
CA ALA A 693 41.28 -15.01 -51.47
C ALA A 693 41.02 -13.82 -52.38
N TYR A 694 41.07 -12.62 -51.82
CA TYR A 694 40.73 -11.43 -52.58
C TYR A 694 41.89 -11.02 -53.47
N SER A 695 41.62 -10.93 -54.77
CA SER A 695 42.56 -10.38 -55.73
C SER A 695 41.80 -9.41 -56.61
N ASN A 696 42.51 -8.41 -57.12
CA ASN A 696 41.82 -7.34 -57.83
C ASN A 696 41.44 -7.71 -59.25
N ASN A 697 41.69 -8.94 -59.70
CA ASN A 697 41.25 -9.37 -61.02
C ASN A 697 40.81 -10.83 -60.98
N SER A 698 40.05 -11.22 -59.96
CA SER A 698 39.59 -12.61 -59.89
C SER A 698 38.19 -12.62 -59.30
N ILE A 699 37.37 -13.55 -59.78
CA ILE A 699 35.99 -13.72 -59.34
C ILE A 699 35.81 -15.20 -59.02
N ALA A 700 34.79 -15.48 -58.21
CA ALA A 700 34.43 -16.86 -57.87
C ALA A 700 32.95 -17.04 -58.14
N ILE A 701 32.61 -17.85 -59.12
CA ILE A 701 31.25 -17.97 -59.62
C ILE A 701 30.75 -19.37 -59.33
N PRO A 702 29.57 -19.54 -58.75
CA PRO A 702 29.07 -20.88 -58.47
C PRO A 702 28.73 -21.63 -59.75
N THR A 703 28.79 -22.96 -59.67
CA THR A 703 28.47 -23.82 -60.80
C THR A 703 27.31 -24.76 -60.51
N ASN A 704 26.69 -24.68 -59.33
CA ASN A 704 25.63 -25.59 -58.92
C ASN A 704 24.79 -24.86 -57.87
N PHE A 705 23.78 -25.54 -57.33
CA PHE A 705 22.90 -24.92 -56.35
C PHE A 705 22.34 -25.98 -55.42
N THR A 706 21.69 -25.52 -54.36
CA THR A 706 20.98 -26.40 -53.45
C THR A 706 19.64 -25.79 -53.09
N ILE A 707 18.64 -26.64 -52.86
CA ILE A 707 17.36 -26.22 -52.32
C ILE A 707 17.44 -26.38 -50.81
N SER A 708 17.19 -25.31 -50.08
CA SER A 708 17.20 -25.37 -48.63
C SER A 708 15.82 -24.99 -48.13
N VAL A 709 15.25 -25.85 -47.29
CA VAL A 709 13.96 -25.60 -46.66
C VAL A 709 14.17 -25.56 -45.15
N THR A 710 13.76 -24.46 -44.53
CA THR A 710 13.94 -24.25 -43.11
C THR A 710 12.65 -23.73 -42.50
N THR A 711 12.58 -23.79 -41.16
CA THR A 711 11.38 -23.41 -40.43
C THR A 711 11.55 -22.04 -39.78
N GLU A 712 10.45 -21.55 -39.20
CA GLU A 712 10.47 -20.34 -38.39
C GLU A 712 9.22 -20.33 -37.53
N ILE A 713 9.40 -20.43 -36.22
CA ILE A 713 8.30 -20.52 -35.27
C ILE A 713 7.99 -19.12 -34.76
N LEU A 714 6.72 -18.75 -34.77
CA LEU A 714 6.31 -17.44 -34.29
C LEU A 714 5.03 -17.54 -33.47
N PRO A 715 5.05 -17.16 -32.20
CA PRO A 715 3.81 -17.16 -31.43
C PRO A 715 2.86 -16.07 -31.91
N VAL A 716 1.57 -16.40 -31.94
CA VAL A 716 0.58 -15.48 -32.50
C VAL A 716 -0.42 -15.04 -31.45
N SER A 717 -0.74 -15.91 -30.49
CA SER A 717 -1.70 -15.55 -29.47
C SER A 717 -1.42 -16.33 -28.20
N MET A 718 -1.94 -15.85 -27.09
CA MET A 718 -1.81 -16.53 -25.81
C MET A 718 -3.20 -16.81 -25.25
N THR A 719 -3.21 -17.61 -24.19
CA THR A 719 -4.48 -18.12 -23.67
C THR A 719 -5.32 -17.00 -23.08
N LYS A 720 -6.61 -17.00 -23.43
CA LYS A 720 -7.54 -16.04 -22.89
C LYS A 720 -7.76 -16.29 -21.41
N THR A 721 -8.04 -15.22 -20.67
CA THR A 721 -8.30 -15.34 -19.25
C THR A 721 -9.20 -14.20 -18.81
N SER A 722 -10.20 -14.54 -18.01
CA SER A 722 -11.04 -13.55 -17.33
C SER A 722 -11.08 -13.92 -15.87
N VAL A 723 -10.86 -12.93 -15.00
CA VAL A 723 -10.82 -13.14 -13.56
C VAL A 723 -11.82 -12.22 -12.90
N ASP A 724 -12.69 -12.79 -12.07
CA ASP A 724 -13.69 -12.03 -11.32
C ASP A 724 -13.06 -11.46 -10.08
N CYS A 725 -13.15 -10.14 -9.91
CA CYS A 725 -12.49 -9.50 -8.78
C CYS A 725 -13.14 -9.88 -7.46
N THR A 726 -14.47 -9.80 -7.38
CA THR A 726 -15.14 -10.04 -6.11
C THR A 726 -15.05 -11.49 -5.66
N MET A 727 -15.15 -12.45 -6.58
CA MET A 727 -14.95 -13.84 -6.18
C MET A 727 -13.51 -14.12 -5.81
N TYR A 728 -12.56 -13.32 -6.29
CA TYR A 728 -11.18 -13.46 -5.87
C TYR A 728 -10.92 -12.85 -4.50
N ILE A 729 -11.16 -11.55 -4.36
CA ILE A 729 -10.79 -10.85 -3.14
C ILE A 729 -11.59 -11.39 -1.95
N CYS A 730 -12.91 -11.45 -2.09
CA CYS A 730 -13.79 -11.80 -0.97
C CYS A 730 -14.20 -13.27 -1.04
N GLY A 731 -14.81 -13.69 -2.14
CA GLY A 731 -15.25 -15.05 -2.26
C GLY A 731 -16.45 -15.39 -1.41
N ASP A 732 -17.60 -14.79 -1.73
CA ASP A 732 -18.89 -15.12 -1.10
C ASP A 732 -18.85 -14.80 0.39
N SER A 733 -18.76 -13.50 0.70
CA SER A 733 -18.91 -13.02 2.07
C SER A 733 -19.35 -11.56 1.99
N THR A 734 -20.65 -11.33 2.17
CA THR A 734 -21.20 -9.99 2.05
C THR A 734 -20.62 -9.04 3.07
N GLU A 735 -20.25 -9.54 4.25
CA GLU A 735 -19.61 -8.68 5.25
C GLU A 735 -18.22 -8.25 4.82
N CYS A 736 -17.63 -8.90 3.83
CA CYS A 736 -16.38 -8.45 3.24
C CYS A 736 -16.56 -7.81 1.88
N SER A 737 -17.55 -8.24 1.10
CA SER A 737 -17.81 -7.61 -0.19
C SER A 737 -18.24 -6.16 -0.02
N ASN A 738 -19.08 -5.89 0.98
CA ASN A 738 -19.49 -4.52 1.25
C ASN A 738 -18.35 -3.67 1.77
N LEU A 739 -17.28 -4.29 2.26
CA LEU A 739 -16.08 -3.57 2.62
C LEU A 739 -15.25 -3.19 1.41
N LEU A 740 -15.50 -3.79 0.26
CA LEU A 740 -14.72 -3.54 -0.94
C LEU A 740 -15.27 -2.39 -1.78
N LEU A 741 -16.54 -2.04 -1.63
CA LEU A 741 -17.10 -0.91 -2.37
C LEU A 741 -16.47 0.41 -1.95
N GLN A 742 -15.76 0.43 -0.82
CA GLN A 742 -15.09 1.64 -0.39
C GLN A 742 -13.85 1.92 -1.23
N TYR A 743 -13.29 0.91 -1.89
CA TYR A 743 -12.11 1.11 -2.72
C TYR A 743 -12.46 1.57 -4.12
N GLY A 744 -13.64 2.14 -4.30
CA GLY A 744 -14.02 2.69 -5.59
C GLY A 744 -14.24 1.63 -6.64
N SER A 745 -13.63 1.81 -7.81
CA SER A 745 -13.86 0.95 -8.96
C SER A 745 -12.58 0.28 -9.41
N PHE A 746 -11.71 -0.09 -8.47
CA PHE A 746 -10.57 -0.92 -8.83
C PHE A 746 -11.01 -2.27 -9.38
N CYS A 747 -12.17 -2.75 -8.95
CA CYS A 747 -12.67 -4.02 -9.44
C CYS A 747 -13.13 -3.95 -10.89
N THR A 748 -13.39 -2.75 -11.40
CA THR A 748 -13.86 -2.60 -12.77
C THR A 748 -12.75 -2.26 -13.73
N GLN A 749 -11.66 -1.66 -13.26
CA GLN A 749 -10.51 -1.45 -14.12
C GLN A 749 -9.90 -2.78 -14.55
N LEU A 750 -9.76 -3.72 -13.60
CA LEU A 750 -9.12 -4.98 -13.92
C LEU A 750 -9.93 -5.77 -14.93
N ASN A 751 -11.24 -5.81 -14.79
CA ASN A 751 -12.08 -6.52 -15.75
C ASN A 751 -11.98 -5.88 -17.13
N ARG A 752 -11.95 -4.56 -17.19
CA ARG A 752 -11.88 -3.88 -18.48
C ARG A 752 -10.56 -4.16 -19.18
N ALA A 753 -9.46 -4.23 -18.43
CA ALA A 753 -8.17 -4.51 -19.05
C ALA A 753 -8.11 -5.94 -19.58
N LEU A 754 -8.50 -6.91 -18.76
CA LEU A 754 -8.39 -8.31 -19.16
C LEU A 754 -9.32 -8.63 -20.32
N THR A 755 -10.51 -8.02 -20.34
CA THR A 755 -11.38 -8.17 -21.49
C THR A 755 -10.80 -7.45 -22.71
N GLY A 756 -10.07 -6.36 -22.48
CA GLY A 756 -9.46 -5.67 -23.59
C GLY A 756 -8.41 -6.52 -24.29
N ILE A 757 -7.55 -7.18 -23.53
CA ILE A 757 -6.48 -7.99 -24.12
C ILE A 757 -6.91 -9.43 -24.35
N ALA A 758 -8.17 -9.75 -24.13
CA ALA A 758 -8.72 -11.01 -24.58
C ALA A 758 -9.42 -10.92 -25.92
N VAL A 759 -9.85 -9.72 -26.31
CA VAL A 759 -10.34 -9.50 -27.66
C VAL A 759 -9.20 -9.52 -28.66
N GLU A 760 -8.03 -8.97 -28.27
CA GLU A 760 -6.91 -8.92 -29.20
C GLU A 760 -6.52 -10.31 -29.66
N GLN A 761 -6.55 -11.30 -28.76
CA GLN A 761 -6.12 -12.63 -29.14
C GLN A 761 -6.98 -13.19 -30.28
N ASP A 762 -8.18 -12.64 -30.46
CA ASP A 762 -8.98 -12.93 -31.64
C ASP A 762 -8.64 -12.01 -32.82
N LYS A 763 -7.91 -10.93 -32.57
CA LYS A 763 -7.42 -10.09 -33.66
C LYS A 763 -6.06 -10.53 -34.15
N ASN A 764 -5.25 -11.11 -33.27
CA ASN A 764 -3.96 -11.63 -33.69
C ASN A 764 -4.12 -12.80 -34.65
N THR A 765 -5.01 -13.74 -34.33
CA THR A 765 -5.23 -14.87 -35.22
C THR A 765 -6.01 -14.46 -36.46
N GLN A 766 -6.92 -13.49 -36.30
CA GLN A 766 -7.70 -12.99 -37.42
C GLN A 766 -6.81 -12.35 -38.47
N GLU A 767 -5.79 -11.61 -38.03
CA GLU A 767 -4.93 -10.89 -38.97
C GLU A 767 -3.97 -11.82 -39.69
N VAL A 768 -3.49 -12.86 -39.01
CA VAL A 768 -2.45 -13.71 -39.58
C VAL A 768 -3.03 -14.58 -40.69
N PHE A 769 -4.00 -15.42 -40.34
CA PHE A 769 -4.48 -16.46 -41.24
C PHE A 769 -5.55 -15.94 -42.20
N ALA A 770 -6.49 -15.13 -41.74
CA ALA A 770 -7.60 -14.71 -42.58
C ALA A 770 -7.13 -13.62 -43.52
N GLN A 771 -6.59 -14.03 -44.67
CA GLN A 771 -6.13 -13.11 -45.68
C GLN A 771 -6.58 -13.47 -47.09
N VAL A 772 -7.38 -14.51 -47.24
CA VAL A 772 -7.94 -14.89 -48.53
C VAL A 772 -9.45 -14.80 -48.43
N LYS A 773 -10.06 -14.17 -49.43
CA LYS A 773 -11.51 -14.07 -49.45
C LYS A 773 -12.18 -15.40 -49.73
N GLN A 774 -11.49 -16.33 -50.39
CA GLN A 774 -12.08 -17.58 -50.81
C GLN A 774 -11.21 -18.75 -50.37
N ILE A 775 -11.85 -19.90 -50.19
CA ILE A 775 -11.17 -21.11 -49.76
C ILE A 775 -10.82 -21.91 -51.00
N TYR A 776 -9.54 -21.94 -51.36
CA TYR A 776 -9.13 -22.68 -52.54
C TYR A 776 -8.88 -24.14 -52.19
N LYS A 777 -8.88 -24.98 -53.22
CA LYS A 777 -8.68 -26.41 -53.06
C LYS A 777 -7.73 -26.92 -54.12
N THR A 778 -6.81 -27.80 -53.73
CA THR A 778 -5.95 -28.44 -54.70
C THR A 778 -6.77 -29.36 -55.60
N PRO A 779 -6.40 -29.49 -56.86
CA PRO A 779 -7.16 -30.37 -57.75
C PRO A 779 -6.97 -31.82 -57.35
N PRO A 780 -7.94 -32.68 -57.64
CA PRO A 780 -7.81 -34.09 -57.23
C PRO A 780 -6.65 -34.80 -57.89
N ILE A 781 -6.14 -34.29 -59.01
CA ILE A 781 -4.95 -34.83 -59.64
C ILE A 781 -3.76 -33.95 -59.26
N LYS A 782 -2.69 -34.60 -58.79
CA LYS A 782 -1.50 -33.91 -58.32
C LYS A 782 -0.39 -34.12 -59.34
N ASP A 783 -0.20 -33.12 -60.21
CA ASP A 783 0.82 -33.16 -61.25
C ASP A 783 1.55 -31.82 -61.22
N PHE A 784 2.57 -31.72 -60.36
CA PHE A 784 3.29 -30.47 -60.16
C PHE A 784 4.71 -30.53 -60.68
N GLY A 785 4.98 -31.34 -61.70
CA GLY A 785 6.30 -31.37 -62.29
C GLY A 785 7.33 -32.14 -61.51
N GLY A 786 6.94 -32.89 -60.50
CA GLY A 786 7.85 -33.68 -59.69
C GLY A 786 7.83 -33.33 -58.22
N PHE A 787 7.51 -32.10 -57.87
CA PHE A 787 7.44 -31.71 -56.47
C PHE A 787 6.30 -32.46 -55.80
N ASN A 788 6.56 -32.96 -54.59
CA ASN A 788 5.57 -33.82 -53.98
C ASN A 788 4.45 -33.06 -53.28
N PHE A 789 4.78 -32.29 -52.24
CA PHE A 789 3.87 -31.50 -51.42
C PHE A 789 2.92 -32.36 -50.60
N SER A 790 3.13 -33.67 -50.50
CA SER A 790 2.18 -34.51 -49.78
C SER A 790 2.29 -34.33 -48.27
N GLN A 791 3.49 -34.01 -47.77
CA GLN A 791 3.67 -33.88 -46.32
C GLN A 791 2.91 -32.70 -45.74
N ILE A 792 2.56 -31.72 -46.57
CA ILE A 792 2.00 -30.47 -46.07
C ILE A 792 0.54 -30.27 -46.46
N LEU A 793 0.01 -31.03 -47.39
CA LEU A 793 -1.38 -30.92 -47.78
C LEU A 793 -2.28 -31.75 -46.86
N PRO A 794 -3.54 -31.36 -46.70
CA PRO A 794 -4.44 -32.12 -45.84
C PRO A 794 -4.72 -33.50 -46.42
N ASP A 795 -5.14 -34.40 -45.53
CA ASP A 795 -5.25 -35.80 -45.93
C ASP A 795 -6.67 -36.33 -45.79
N PRO A 796 -7.06 -37.30 -46.63
CA PRO A 796 -8.34 -38.00 -46.45
C PRO A 796 -8.19 -39.09 -45.39
N SER A 797 -8.26 -38.66 -44.15
CA SER A 797 -7.95 -39.48 -42.98
C SER A 797 -8.68 -38.87 -41.79
N LYS A 798 -8.18 -39.17 -40.58
CA LYS A 798 -8.75 -38.70 -39.31
C LYS A 798 -9.20 -37.25 -39.38
N PRO A 799 -10.30 -36.90 -38.69
CA PRO A 799 -10.82 -35.53 -38.78
C PRO A 799 -9.85 -34.50 -38.22
N SER A 800 -10.23 -33.22 -38.25
CA SER A 800 -9.28 -32.13 -38.04
C SER A 800 -8.16 -32.23 -39.08
N LYS A 801 -8.56 -31.96 -40.32
CA LYS A 801 -7.77 -32.39 -41.47
C LYS A 801 -6.45 -31.63 -41.54
N ARG A 802 -5.55 -31.94 -40.61
CA ARG A 802 -4.22 -31.36 -40.62
C ARG A 802 -3.25 -32.27 -41.36
N SER A 803 -2.19 -31.67 -41.87
CA SER A 803 -1.21 -32.40 -42.66
C SER A 803 -0.39 -33.33 -41.78
N PHE A 804 0.52 -34.06 -42.40
CA PHE A 804 1.43 -34.91 -41.65
C PHE A 804 2.37 -34.10 -40.77
N ILE A 805 2.62 -32.84 -41.11
CA ILE A 805 3.53 -32.01 -40.32
C ILE A 805 2.79 -31.25 -39.23
N GLU A 806 1.59 -30.74 -39.51
CA GLU A 806 0.86 -30.01 -38.47
C GLU A 806 0.54 -30.90 -37.29
N ASP A 807 0.36 -32.20 -37.51
CA ASP A 807 0.13 -33.12 -36.40
C ASP A 807 1.35 -33.22 -35.51
N LEU A 808 2.55 -33.23 -36.10
CA LEU A 808 3.76 -33.25 -35.29
C LEU A 808 3.85 -32.01 -34.41
N LEU A 809 3.41 -30.87 -34.92
CA LEU A 809 3.41 -29.65 -34.12
C LEU A 809 2.31 -29.66 -33.08
N PHE A 810 1.18 -30.31 -33.37
CA PHE A 810 0.10 -30.42 -32.40
C PHE A 810 0.32 -31.50 -31.36
N ASN A 811 1.39 -32.28 -31.49
CA ASN A 811 1.73 -33.31 -30.52
C ASN A 811 3.01 -33.00 -29.76
N LYS A 812 3.76 -31.97 -30.15
CA LYS A 812 5.01 -31.63 -29.48
C LYS A 812 4.87 -30.50 -28.47
N VAL A 813 3.71 -29.87 -28.36
CA VAL A 813 3.55 -28.77 -27.43
C VAL A 813 2.53 -29.13 -26.37
N THR A 814 1.56 -29.97 -26.73
CA THR A 814 0.49 -30.33 -25.80
C THR A 814 1.08 -31.10 -24.62
N LEU A 815 1.19 -30.43 -23.48
CA LEU A 815 1.72 -31.05 -22.28
C LEU A 815 0.79 -30.80 -21.09
N GLN A 840 -10.73 -24.70 -17.33
CA GLN A 840 -10.83 -24.88 -15.88
C GLN A 840 -11.51 -23.68 -15.23
N LYS A 841 -12.23 -23.93 -14.15
CA LYS A 841 -12.91 -22.89 -13.38
C LYS A 841 -12.77 -23.26 -11.91
N PHE A 842 -11.83 -22.62 -11.21
CA PHE A 842 -11.54 -23.00 -9.84
C PHE A 842 -11.88 -21.90 -8.83
N ASN A 843 -11.38 -20.68 -9.02
CA ASN A 843 -11.64 -19.66 -8.00
C ASN A 843 -11.69 -18.29 -8.68
N GLY A 844 -12.88 -17.93 -9.16
CA GLY A 844 -13.08 -16.63 -9.77
C GLY A 844 -12.47 -16.51 -11.15
N LEU A 845 -11.56 -17.42 -11.49
CA LEU A 845 -10.81 -17.37 -12.74
C LEU A 845 -11.38 -18.35 -13.74
N THR A 846 -11.55 -17.89 -14.98
CA THR A 846 -12.03 -18.72 -16.07
C THR A 846 -11.15 -18.51 -17.29
N VAL A 847 -11.11 -19.50 -18.16
CA VAL A 847 -10.36 -19.43 -19.41
C VAL A 847 -11.36 -19.55 -20.55
N LEU A 848 -11.49 -18.49 -21.32
CA LEU A 848 -12.41 -18.44 -22.44
C LEU A 848 -11.84 -19.22 -23.63
N PRO A 849 -12.69 -19.74 -24.51
CA PRO A 849 -12.20 -20.45 -25.68
C PRO A 849 -11.91 -19.49 -26.81
N PRO A 850 -10.97 -19.80 -27.69
CA PRO A 850 -10.71 -18.91 -28.81
C PRO A 850 -11.86 -18.97 -29.80
N LEU A 851 -12.06 -17.85 -30.50
CA LEU A 851 -13.15 -17.79 -31.48
C LEU A 851 -12.95 -18.78 -32.61
N LEU A 852 -11.73 -18.87 -33.14
CA LEU A 852 -11.45 -19.75 -34.26
C LEU A 852 -10.93 -21.07 -33.72
N THR A 853 -11.71 -22.14 -33.93
CA THR A 853 -11.28 -23.45 -33.48
C THR A 853 -10.06 -23.92 -34.28
N ASP A 854 -9.30 -24.82 -33.66
CA ASP A 854 -8.05 -25.27 -34.28
C ASP A 854 -8.30 -26.03 -35.58
N GLU A 855 -9.48 -26.62 -35.75
CA GLU A 855 -9.80 -27.25 -37.02
C GLU A 855 -10.38 -26.26 -38.01
N MET A 856 -10.48 -25.00 -37.62
CA MET A 856 -10.93 -23.93 -38.48
C MET A 856 -9.81 -22.97 -38.86
N ILE A 857 -8.79 -22.84 -38.01
CA ILE A 857 -7.54 -22.23 -38.42
C ILE A 857 -6.80 -23.12 -39.40
N ALA A 858 -6.77 -24.42 -39.12
CA ALA A 858 -6.10 -25.37 -40.01
C ALA A 858 -6.78 -25.45 -41.36
N GLN A 859 -8.00 -24.95 -41.48
CA GLN A 859 -8.64 -24.85 -42.79
C GLN A 859 -8.15 -23.63 -43.55
N TYR A 860 -7.73 -22.58 -42.86
CA TYR A 860 -7.17 -21.42 -43.53
C TYR A 860 -5.81 -21.73 -44.15
N THR A 861 -4.91 -22.35 -43.38
CA THR A 861 -3.59 -22.64 -43.90
C THR A 861 -3.62 -23.62 -45.06
N SER A 862 -4.70 -24.37 -45.20
CA SER A 862 -4.87 -25.23 -46.36
C SER A 862 -5.42 -24.50 -47.56
N ALA A 863 -5.91 -23.28 -47.39
CA ALA A 863 -6.34 -22.43 -48.49
C ALA A 863 -5.25 -21.50 -48.96
N LEU A 864 -4.43 -21.00 -48.04
CA LEU A 864 -3.23 -20.28 -48.43
C LEU A 864 -2.29 -21.18 -49.21
N LEU A 865 -2.14 -22.42 -48.77
CA LEU A 865 -1.16 -23.31 -49.39
C LEU A 865 -1.68 -23.85 -50.72
N ALA A 866 -2.99 -24.11 -50.81
CA ALA A 866 -3.57 -24.60 -52.06
C ALA A 866 -3.69 -23.50 -53.08
N GLY A 867 -3.47 -22.25 -52.72
CA GLY A 867 -3.51 -21.16 -53.66
C GLY A 867 -2.14 -20.78 -54.15
N THR A 868 -1.12 -20.95 -53.30
CA THR A 868 0.24 -20.59 -53.69
C THR A 868 0.87 -21.63 -54.61
N ILE A 869 0.46 -22.90 -54.52
CA ILE A 869 1.00 -23.90 -55.44
C ILE A 869 0.21 -23.97 -56.73
N THR A 870 -1.01 -23.44 -56.75
CA THR A 870 -1.83 -23.48 -57.94
C THR A 870 -1.73 -22.19 -58.75
N SER A 871 -1.79 -21.05 -58.07
CA SER A 871 -1.87 -19.78 -58.78
C SER A 871 -0.62 -18.92 -58.64
N GLY A 872 0.19 -19.19 -57.63
CA GLY A 872 1.43 -18.45 -57.44
C GLY A 872 1.28 -17.30 -56.48
N TRP A 873 1.70 -16.11 -56.88
CA TRP A 873 1.42 -14.91 -56.12
C TRP A 873 0.25 -14.11 -56.66
N THR A 874 -0.43 -14.63 -57.68
CA THR A 874 -1.50 -13.85 -58.30
C THR A 874 -2.71 -13.74 -57.40
N PHE A 875 -2.99 -14.73 -56.57
CA PHE A 875 -4.22 -14.67 -55.78
C PHE A 875 -4.13 -13.65 -54.66
N GLY A 876 -2.93 -13.21 -54.32
CA GLY A 876 -2.78 -12.15 -53.34
C GLY A 876 -2.99 -10.76 -53.87
N ALA A 877 -3.19 -10.62 -55.18
CA ALA A 877 -3.38 -9.33 -55.81
C ALA A 877 -4.77 -9.17 -56.41
N GLY A 878 -5.71 -10.02 -56.03
CA GLY A 878 -7.03 -10.00 -56.64
C GLY A 878 -7.50 -11.38 -57.07
N ALA A 879 -7.65 -11.57 -58.38
CA ALA A 879 -8.13 -12.84 -58.89
C ALA A 879 -7.06 -13.92 -58.74
N ALA A 880 -7.50 -15.16 -58.79
CA ALA A 880 -6.60 -16.31 -58.72
C ALA A 880 -6.33 -16.80 -60.14
N LEU A 881 -5.10 -16.65 -60.60
CA LEU A 881 -4.74 -16.96 -61.98
C LEU A 881 -3.90 -18.22 -61.97
N GLN A 882 -4.43 -19.27 -62.58
CA GLN A 882 -3.79 -20.57 -62.66
C GLN A 882 -2.46 -20.48 -63.42
N ILE A 883 -1.55 -21.38 -63.07
CA ILE A 883 -0.19 -21.39 -63.62
C ILE A 883 0.41 -22.77 -63.38
N PRO A 884 0.97 -23.43 -64.39
CA PRO A 884 1.61 -24.71 -64.16
C PRO A 884 2.80 -24.56 -63.22
N PHE A 885 2.87 -25.43 -62.21
CA PHE A 885 3.87 -25.24 -61.16
C PHE A 885 5.29 -25.32 -61.69
N ALA A 886 5.50 -26.01 -62.80
CA ALA A 886 6.83 -26.01 -63.38
C ALA A 886 7.22 -24.64 -63.92
N MET A 887 6.25 -23.74 -64.10
CA MET A 887 6.51 -22.41 -64.63
C MET A 887 6.44 -21.32 -63.58
N GLN A 888 6.02 -21.63 -62.35
CA GLN A 888 6.26 -20.72 -61.24
C GLN A 888 7.76 -20.62 -60.95
N MET A 889 8.40 -21.77 -60.80
CA MET A 889 9.83 -21.78 -60.53
C MET A 889 10.63 -21.07 -61.60
N ALA A 890 10.21 -21.14 -62.87
CA ALA A 890 10.87 -20.30 -63.86
C ALA A 890 10.63 -18.83 -63.60
N TYR A 891 9.40 -18.48 -63.20
CA TYR A 891 9.10 -17.11 -62.81
C TYR A 891 9.92 -16.69 -61.60
N ARG A 892 10.02 -17.59 -60.61
CA ARG A 892 10.69 -17.28 -59.35
C ARG A 892 12.19 -17.37 -59.44
N PHE A 893 12.74 -17.82 -60.56
CA PHE A 893 14.17 -17.68 -60.78
C PHE A 893 14.50 -16.28 -61.27
N ASN A 894 13.70 -15.75 -62.20
CA ASN A 894 14.00 -14.44 -62.73
C ASN A 894 13.95 -13.37 -61.66
N GLY A 895 13.32 -13.64 -60.52
CA GLY A 895 13.42 -12.74 -59.39
C GLY A 895 14.72 -12.82 -58.64
N ILE A 896 15.43 -13.94 -58.75
CA ILE A 896 16.71 -14.10 -58.05
C ILE A 896 17.86 -13.53 -58.87
N GLY A 897 17.86 -13.77 -60.17
CA GLY A 897 18.95 -13.33 -61.01
C GLY A 897 19.51 -14.47 -61.82
N VAL A 898 18.77 -15.56 -61.86
CA VAL A 898 19.14 -16.75 -62.61
C VAL A 898 18.16 -16.90 -63.77
N THR A 899 18.69 -17.09 -64.97
CA THR A 899 17.83 -17.23 -66.13
C THR A 899 16.96 -18.48 -66.00
N GLN A 900 15.80 -18.44 -66.64
CA GLN A 900 14.81 -19.49 -66.43
C GLN A 900 15.14 -20.80 -67.14
N ASN A 901 16.13 -20.81 -68.04
CA ASN A 901 16.51 -22.09 -68.62
C ASN A 901 17.20 -22.98 -67.61
N VAL A 902 17.79 -22.40 -66.56
CA VAL A 902 18.48 -23.19 -65.55
C VAL A 902 17.51 -24.15 -64.86
N LEU A 903 16.27 -23.71 -64.65
CA LEU A 903 15.26 -24.60 -64.09
C LEU A 903 14.98 -25.78 -65.01
N TYR A 904 14.60 -25.49 -66.26
CA TYR A 904 14.11 -26.55 -67.13
C TYR A 904 15.19 -27.57 -67.43
N GLU A 905 16.44 -27.14 -67.58
CA GLU A 905 17.53 -28.09 -67.73
C GLU A 905 17.75 -28.92 -66.48
N ASN A 906 17.15 -28.53 -65.35
CA ASN A 906 17.42 -29.19 -64.07
C ASN A 906 16.16 -29.41 -63.25
N GLN A 907 15.04 -29.78 -63.88
CA GLN A 907 13.84 -30.06 -63.09
C GLN A 907 14.02 -31.28 -62.22
N LYS A 908 14.60 -32.34 -62.76
CA LYS A 908 14.73 -33.57 -62.00
C LYS A 908 15.59 -33.37 -60.77
N LEU A 909 16.67 -32.60 -60.90
CA LEU A 909 17.53 -32.33 -59.76
C LEU A 909 16.84 -31.42 -58.76
N ILE A 910 16.11 -30.41 -59.23
CA ILE A 910 15.47 -29.46 -58.33
C ILE A 910 14.31 -30.11 -57.60
N ALA A 911 13.49 -30.88 -58.30
CA ALA A 911 12.39 -31.57 -57.65
C ALA A 911 12.89 -32.55 -56.61
N ASN A 912 13.97 -33.28 -56.92
CA ASN A 912 14.51 -34.25 -55.98
C ASN A 912 15.10 -33.56 -54.76
N GLN A 913 15.79 -32.44 -54.96
CA GLN A 913 16.34 -31.71 -53.83
C GLN A 913 15.25 -31.13 -52.94
N PHE A 914 14.17 -30.65 -53.54
CA PHE A 914 13.06 -30.13 -52.75
C PHE A 914 12.42 -31.21 -51.91
N ASN A 915 12.16 -32.39 -52.48
CA ASN A 915 11.42 -33.43 -51.77
C ASN A 915 12.19 -33.90 -50.54
N SER A 916 13.50 -34.12 -50.68
CA SER A 916 14.28 -34.62 -49.56
C SER A 916 14.47 -33.55 -48.49
N ALA A 917 14.53 -32.28 -48.88
CA ALA A 917 14.67 -31.21 -47.90
C ALA A 917 13.44 -31.11 -47.01
N ILE A 918 12.26 -31.35 -47.57
CA ILE A 918 11.06 -31.50 -46.73
C ILE A 918 11.16 -32.77 -45.89
N GLY A 919 11.73 -33.84 -46.46
CA GLY A 919 11.90 -35.05 -45.69
C GLY A 919 12.75 -34.87 -44.46
N LYS A 920 13.58 -33.84 -44.42
CA LYS A 920 14.43 -33.58 -43.26
C LYS A 920 13.77 -32.69 -42.22
N ILE A 921 12.57 -32.17 -42.47
CA ILE A 921 11.90 -31.37 -41.47
C ILE A 921 11.15 -32.25 -40.48
N GLN A 922 10.32 -33.16 -40.99
CA GLN A 922 9.63 -34.10 -40.10
C GLN A 922 10.62 -34.96 -39.34
N ASP A 923 11.76 -35.27 -39.96
CA ASP A 923 12.83 -35.93 -39.22
C ASP A 923 13.36 -35.03 -38.10
N SER A 924 13.52 -33.75 -38.39
CA SER A 924 13.99 -32.80 -37.39
C SER A 924 12.90 -32.29 -36.47
N LEU A 925 11.73 -32.95 -36.46
CA LEU A 925 10.68 -32.62 -35.51
C LEU A 925 10.32 -33.79 -34.62
N SER A 926 10.01 -34.95 -35.20
CA SER A 926 9.71 -36.13 -34.39
C SER A 926 10.94 -36.70 -33.71
N SER A 927 12.13 -36.20 -34.04
CA SER A 927 13.36 -36.69 -33.42
C SER A 927 14.15 -35.62 -32.70
N THR A 928 13.78 -34.35 -32.83
CA THR A 928 14.54 -33.27 -32.20
C THR A 928 14.29 -33.22 -30.69
N ALA A 929 15.25 -32.65 -29.97
CA ALA A 929 15.08 -32.42 -28.54
C ALA A 929 14.14 -31.25 -28.28
N SER A 930 14.30 -30.16 -29.03
CA SER A 930 13.48 -28.97 -28.81
C SER A 930 13.54 -28.10 -30.06
N ALA A 931 12.38 -27.78 -30.62
CA ALA A 931 12.31 -26.85 -31.75
C ALA A 931 11.28 -25.77 -31.48
N LEU A 932 10.17 -26.14 -30.83
CA LEU A 932 9.07 -25.23 -30.56
C LEU A 932 9.20 -24.58 -29.20
N GLY A 933 10.41 -24.32 -28.74
CA GLY A 933 10.60 -23.71 -27.44
C GLY A 933 10.00 -22.32 -27.36
N LYS A 934 9.89 -21.63 -28.50
CA LYS A 934 9.28 -20.31 -28.49
C LYS A 934 7.81 -20.38 -28.14
N LEU A 935 7.09 -21.35 -28.69
CA LEU A 935 5.67 -21.51 -28.35
C LEU A 935 5.51 -22.12 -26.96
N GLN A 936 6.49 -22.88 -26.50
CA GLN A 936 6.40 -23.47 -25.17
C GLN A 936 6.56 -22.43 -24.09
N ASP A 937 7.46 -21.46 -24.28
CA ASP A 937 7.67 -20.45 -23.25
C ASP A 937 6.42 -19.62 -23.01
N VAL A 938 5.57 -19.46 -24.02
CA VAL A 938 4.33 -18.73 -23.85
C VAL A 938 3.42 -19.47 -22.88
N VAL A 939 3.30 -20.78 -23.05
CA VAL A 939 2.46 -21.57 -22.14
C VAL A 939 3.10 -21.65 -20.77
N ASN A 940 4.42 -21.81 -20.71
CA ASN A 940 5.12 -21.95 -19.44
C ASN A 940 5.14 -20.68 -18.63
N GLN A 941 4.81 -19.53 -19.21
CA GLN A 941 4.73 -18.28 -18.46
C GLN A 941 3.30 -17.95 -18.04
N ASN A 942 2.31 -18.27 -18.88
CA ASN A 942 0.94 -17.96 -18.52
C ASN A 942 0.41 -18.88 -17.44
N ALA A 943 0.71 -20.18 -17.53
CA ALA A 943 0.30 -21.11 -16.49
C ALA A 943 1.12 -20.95 -15.23
N GLN A 944 2.21 -20.19 -15.29
CA GLN A 944 3.03 -19.94 -14.11
C GLN A 944 2.56 -18.69 -13.37
N ALA A 945 2.10 -17.68 -14.10
CA ALA A 945 1.54 -16.50 -13.45
C ALA A 945 0.26 -16.83 -12.71
N LEU A 946 -0.61 -17.66 -13.32
CA LEU A 946 -1.85 -18.03 -12.65
C LEU A 946 -1.58 -18.80 -11.37
N ASN A 947 -0.62 -19.71 -11.40
CA ASN A 947 -0.33 -20.51 -10.21
C ASN A 947 0.17 -19.63 -9.07
N THR A 948 0.97 -18.62 -9.38
CA THR A 948 1.40 -17.70 -8.34
C THR A 948 0.28 -16.77 -7.92
N LEU A 949 -0.72 -16.55 -8.79
CA LEU A 949 -1.87 -15.76 -8.38
C LEU A 949 -2.71 -16.52 -7.37
N VAL A 950 -2.91 -17.81 -7.59
CA VAL A 950 -3.70 -18.63 -6.66
C VAL A 950 -2.93 -18.87 -5.38
N LYS A 951 -1.62 -19.12 -5.48
CA LYS A 951 -0.82 -19.34 -4.29
C LYS A 951 -0.73 -18.10 -3.40
N GLN A 952 -1.14 -16.94 -3.91
CA GLN A 952 -1.17 -15.74 -3.09
C GLN A 952 -2.42 -15.62 -2.25
N LEU A 953 -3.39 -16.51 -2.42
CA LEU A 953 -4.58 -16.50 -1.58
C LEU A 953 -4.38 -17.18 -0.25
N SER A 954 -3.24 -17.83 -0.04
CA SER A 954 -2.97 -18.60 1.17
C SER A 954 -1.87 -17.95 2.00
N SER A 955 -1.88 -16.62 2.07
CA SER A 955 -0.90 -15.88 2.85
C SER A 955 -1.62 -14.97 3.84
N ASN A 956 -1.06 -14.87 5.05
CA ASN A 956 -1.69 -14.08 6.09
C ASN A 956 -1.77 -12.61 5.71
N PHE A 957 -0.72 -12.09 5.08
CA PHE A 957 -0.58 -10.67 4.77
C PHE A 957 -0.58 -9.82 6.03
N GLY A 958 -0.40 -10.43 7.19
CA GLY A 958 -0.41 -9.72 8.44
C GLY A 958 -1.70 -9.79 9.23
N ALA A 959 -2.62 -10.68 8.88
CA ALA A 959 -3.82 -10.93 9.67
C ALA A 959 -3.61 -12.17 10.54
N ILE A 960 -4.68 -12.60 11.22
CA ILE A 960 -4.57 -13.81 12.03
C ILE A 960 -4.37 -15.02 11.15
N SER A 961 -5.20 -15.18 10.12
CA SER A 961 -5.19 -16.38 9.31
C SER A 961 -5.44 -16.02 7.86
N SER A 962 -4.99 -16.89 6.97
CA SER A 962 -5.11 -16.67 5.54
C SER A 962 -6.48 -17.04 4.99
N VAL A 963 -7.33 -17.66 5.79
CA VAL A 963 -8.67 -18.06 5.36
C VAL A 963 -9.67 -17.03 5.89
N LEU A 964 -10.55 -16.58 5.00
CA LEU A 964 -11.44 -15.48 5.32
C LEU A 964 -12.61 -15.91 6.19
N ASN A 965 -12.91 -17.21 6.24
CA ASN A 965 -14.01 -17.72 7.04
C ASN A 965 -13.61 -18.02 8.48
N ASP A 966 -12.38 -17.74 8.87
CA ASP A 966 -11.96 -17.92 10.25
C ASP A 966 -11.94 -16.61 11.03
N ILE A 967 -11.49 -15.51 10.43
CA ILE A 967 -11.55 -14.22 11.10
C ILE A 967 -13.00 -13.86 11.38
N LEU A 968 -13.87 -14.08 10.40
CA LEU A 968 -15.29 -13.79 10.58
C LEU A 968 -15.92 -14.69 11.64
N SER A 969 -15.34 -15.84 11.92
CA SER A 969 -15.91 -16.80 12.85
C SER A 969 -15.39 -16.67 14.27
N ARG A 970 -14.40 -15.79 14.51
CA ARG A 970 -13.84 -15.70 15.86
C ARG A 970 -13.56 -14.27 16.30
N LEU A 971 -14.02 -13.26 15.59
CA LEU A 971 -13.96 -11.89 16.09
C LEU A 971 -15.28 -11.18 15.88
N ASP A 972 -15.53 -10.20 16.75
CA ASP A 972 -16.67 -9.32 16.62
C ASP A 972 -16.48 -8.39 15.44
N PRO A 973 -17.56 -7.81 14.91
CA PRO A 973 -17.43 -6.94 13.74
C PRO A 973 -16.52 -5.74 13.94
N PRO A 974 -16.61 -4.96 15.03
CA PRO A 974 -15.85 -3.70 15.04
C PRO A 974 -14.35 -3.90 15.12
N GLU A 975 -13.88 -5.12 15.40
CA GLU A 975 -12.45 -5.43 15.35
C GLU A 975 -12.07 -6.35 14.21
N ALA A 976 -13.01 -7.12 13.66
CA ALA A 976 -12.70 -7.92 12.48
C ALA A 976 -12.59 -7.05 11.23
N GLU A 977 -13.32 -5.93 11.20
CA GLU A 977 -13.20 -5.00 10.07
C GLU A 977 -11.77 -4.52 9.89
N VAL A 978 -10.98 -4.49 10.98
CA VAL A 978 -9.60 -4.10 10.87
C VAL A 978 -8.78 -5.18 10.17
N GLN A 979 -9.01 -6.44 10.52
CA GLN A 979 -8.21 -7.51 9.94
C GLN A 979 -8.58 -7.79 8.50
N ILE A 980 -9.85 -7.55 8.12
CA ILE A 980 -10.27 -7.82 6.76
C ILE A 980 -9.55 -6.89 5.78
N ASP A 981 -9.45 -5.61 6.12
CA ASP A 981 -8.76 -4.66 5.26
C ASP A 981 -7.29 -5.00 5.08
N ARG A 982 -6.72 -5.83 5.96
CA ARG A 982 -5.34 -6.25 5.75
C ARG A 982 -5.24 -7.30 4.65
N LEU A 983 -6.26 -8.15 4.51
CA LEU A 983 -6.28 -9.11 3.42
C LEU A 983 -6.66 -8.47 2.10
N ILE A 984 -7.53 -7.47 2.12
CA ILE A 984 -7.96 -6.83 0.88
C ILE A 984 -6.82 -6.06 0.25
N THR A 985 -6.11 -5.26 1.03
CA THR A 985 -4.99 -4.50 0.48
C THR A 985 -3.85 -5.39 0.04
N GLY A 986 -3.87 -6.66 0.40
CA GLY A 986 -2.84 -7.58 -0.05
C GLY A 986 -3.31 -8.38 -1.24
N ARG A 987 -4.55 -8.85 -1.20
CA ARG A 987 -5.09 -9.59 -2.32
C ARG A 987 -5.33 -8.66 -3.51
N LEU A 988 -5.77 -7.43 -3.26
CA LEU A 988 -5.98 -6.49 -4.35
C LEU A 988 -4.66 -6.13 -5.02
N GLN A 989 -3.62 -5.89 -4.22
CA GLN A 989 -2.32 -5.56 -4.79
C GLN A 989 -1.74 -6.74 -5.56
N SER A 990 -1.96 -7.95 -5.07
CA SER A 990 -1.48 -9.13 -5.78
C SER A 990 -2.21 -9.31 -7.11
N LEU A 991 -3.52 -9.03 -7.12
CA LEU A 991 -4.29 -9.14 -8.35
C LEU A 991 -3.87 -8.07 -9.35
N GLN A 992 -3.58 -6.86 -8.88
CA GLN A 992 -3.16 -5.79 -9.78
C GLN A 992 -1.79 -6.03 -10.36
N THR A 993 -1.04 -7.00 -9.84
CA THR A 993 0.26 -7.32 -10.42
C THR A 993 0.11 -8.17 -11.68
N TYR A 994 -0.84 -9.10 -11.69
CA TYR A 994 -0.97 -9.95 -12.86
C TYR A 994 -1.66 -9.23 -14.01
N VAL A 995 -2.60 -8.34 -13.73
CA VAL A 995 -3.16 -7.52 -14.81
C VAL A 995 -2.06 -6.69 -15.45
N THR A 996 -1.21 -6.06 -14.64
CA THR A 996 -0.13 -5.26 -15.19
C THR A 996 0.87 -6.12 -15.96
N GLN A 997 1.20 -7.29 -15.43
CA GLN A 997 2.18 -8.13 -16.12
C GLN A 997 1.56 -8.82 -17.34
N GLN A 998 0.27 -9.13 -17.29
CA GLN A 998 -0.39 -9.64 -18.49
C GLN A 998 -0.41 -8.61 -19.60
N LEU A 999 -0.54 -7.33 -19.25
CA LEU A 999 -0.59 -6.29 -20.26
C LEU A 999 0.74 -6.19 -21.00
N ILE A 1000 1.85 -6.31 -20.29
CA ILE A 1000 3.16 -6.26 -20.94
C ILE A 1000 3.39 -7.50 -21.79
N ARG A 1001 2.95 -8.66 -21.32
CA ARG A 1001 3.07 -9.88 -22.13
C ARG A 1001 2.24 -9.79 -23.39
N ALA A 1002 1.07 -9.16 -23.32
CA ALA A 1002 0.24 -8.99 -24.51
C ALA A 1002 0.93 -8.14 -25.55
N ALA A 1003 1.64 -7.09 -25.13
CA ALA A 1003 2.37 -6.28 -26.09
C ALA A 1003 3.48 -7.07 -26.75
N GLU A 1004 4.01 -8.08 -26.05
CA GLU A 1004 5.01 -8.96 -26.66
C GLU A 1004 4.40 -9.80 -27.76
N ILE A 1005 3.23 -10.38 -27.52
CA ILE A 1005 2.61 -11.24 -28.51
C ILE A 1005 2.10 -10.42 -29.69
N ARG A 1006 1.45 -9.30 -29.42
CA ARG A 1006 0.96 -8.46 -30.51
C ARG A 1006 2.09 -7.93 -31.38
N ALA A 1007 3.30 -7.87 -30.85
CA ALA A 1007 4.44 -7.44 -31.65
C ALA A 1007 4.91 -8.53 -32.60
N SER A 1008 4.81 -9.80 -32.18
CA SER A 1008 5.13 -10.92 -33.04
C SER A 1008 3.91 -11.49 -33.75
N ALA A 1009 2.71 -11.07 -33.40
CA ALA A 1009 1.55 -11.38 -34.18
C ALA A 1009 1.35 -10.40 -35.32
N ASN A 1010 2.07 -9.29 -35.29
CA ASN A 1010 2.18 -8.37 -36.42
C ASN A 1010 3.33 -8.73 -37.33
N LEU A 1011 4.39 -9.31 -36.80
CA LEU A 1011 5.46 -9.83 -37.64
C LEU A 1011 5.01 -11.07 -38.40
N ALA A 1012 4.31 -11.98 -37.74
CA ALA A 1012 3.78 -13.14 -38.43
C ALA A 1012 2.77 -12.76 -39.48
N ALA A 1013 2.15 -11.59 -39.38
CA ALA A 1013 1.17 -11.17 -40.37
C ALA A 1013 1.83 -10.69 -41.64
N THR A 1014 2.94 -9.94 -41.53
CA THR A 1014 3.63 -9.48 -42.72
C THR A 1014 4.37 -10.62 -43.40
N LYS A 1015 4.97 -11.52 -42.63
CA LYS A 1015 5.65 -12.65 -43.23
C LYS A 1015 4.68 -13.54 -43.99
N MET A 1016 3.41 -13.55 -43.59
CA MET A 1016 2.44 -14.29 -44.38
C MET A 1016 2.00 -13.52 -45.62
N SER A 1017 2.22 -12.21 -45.64
CA SER A 1017 1.85 -11.43 -46.80
C SER A 1017 2.99 -11.26 -47.79
N GLU A 1018 4.24 -11.27 -47.33
CA GLU A 1018 5.37 -11.03 -48.22
C GLU A 1018 6.11 -12.32 -48.57
N CYS A 1019 6.34 -13.19 -47.59
CA CYS A 1019 7.00 -14.45 -47.90
C CYS A 1019 6.05 -15.41 -48.60
N VAL A 1020 4.80 -15.51 -48.15
CA VAL A 1020 3.89 -16.53 -48.68
C VAL A 1020 3.14 -16.04 -49.90
N LEU A 1021 2.48 -14.89 -49.82
CA LEU A 1021 1.71 -14.37 -50.94
C LEU A 1021 2.58 -13.65 -51.96
N GLY A 1022 3.87 -13.93 -51.99
CA GLY A 1022 4.75 -13.24 -52.92
C GLY A 1022 6.17 -13.69 -52.70
N GLN A 1023 7.09 -13.05 -53.41
CA GLN A 1023 8.51 -13.34 -53.29
C GLN A 1023 9.20 -12.06 -52.87
N SER A 1024 9.96 -12.11 -51.77
CA SER A 1024 10.54 -10.92 -51.19
C SER A 1024 12.01 -10.82 -51.53
N LYS A 1025 12.47 -9.60 -51.77
CA LYS A 1025 13.89 -9.33 -51.99
C LYS A 1025 14.59 -8.90 -50.72
N ARG A 1026 13.87 -8.74 -49.61
CA ARG A 1026 14.50 -8.34 -48.36
C ARG A 1026 15.42 -9.45 -47.88
N VAL A 1027 16.65 -9.11 -47.57
CA VAL A 1027 17.65 -10.10 -47.21
C VAL A 1027 17.33 -10.69 -45.85
N ASP A 1028 17.49 -12.00 -45.72
CA ASP A 1028 17.39 -12.71 -44.45
C ASP A 1028 16.02 -12.60 -43.81
N PHE A 1029 15.05 -12.01 -44.50
CA PHE A 1029 13.69 -11.96 -43.97
C PHE A 1029 13.04 -13.33 -44.05
N CYS A 1030 12.95 -13.88 -45.24
CA CYS A 1030 12.32 -15.18 -45.45
C CYS A 1030 13.40 -16.26 -45.60
N GLY A 1031 14.15 -16.47 -44.52
CA GLY A 1031 15.17 -17.49 -44.46
C GLY A 1031 16.52 -17.04 -44.95
N LYS A 1032 17.50 -17.95 -44.84
CA LYS A 1032 18.86 -17.70 -45.29
C LYS A 1032 19.00 -18.15 -46.74
N GLY A 1033 19.42 -17.25 -47.61
CA GLY A 1033 19.53 -17.55 -49.02
C GLY A 1033 18.66 -16.63 -49.84
N TYR A 1034 18.49 -16.94 -51.12
CA TYR A 1034 17.61 -16.18 -51.99
C TYR A 1034 16.23 -16.81 -51.98
N HIS A 1035 15.23 -16.03 -51.58
CA HIS A 1035 13.90 -16.58 -51.33
C HIS A 1035 13.26 -17.10 -52.62
N LEU A 1036 12.56 -18.23 -52.50
CA LEU A 1036 11.79 -18.79 -53.61
C LEU A 1036 10.30 -18.85 -53.30
N MET A 1037 9.90 -19.62 -52.29
CA MET A 1037 8.56 -19.50 -51.74
C MET A 1037 8.56 -20.03 -50.32
N SER A 1038 7.43 -19.81 -49.64
CA SER A 1038 7.25 -20.24 -48.26
C SER A 1038 5.87 -20.88 -48.13
N PHE A 1039 5.75 -21.81 -47.20
CA PHE A 1039 4.50 -22.51 -46.96
C PHE A 1039 4.13 -22.39 -45.49
N PRO A 1040 2.88 -22.08 -45.16
CA PRO A 1040 2.51 -21.94 -43.75
C PRO A 1040 1.95 -23.23 -43.18
N GLN A 1041 2.23 -23.47 -41.91
CA GLN A 1041 1.62 -24.54 -41.16
C GLN A 1041 1.08 -23.99 -39.85
N SER A 1042 -0.02 -24.54 -39.39
CA SER A 1042 -0.56 -24.11 -38.12
C SER A 1042 0.26 -24.70 -36.98
N ALA A 1043 0.01 -24.18 -35.78
CA ALA A 1043 0.69 -24.60 -34.57
C ALA A 1043 -0.27 -24.32 -33.41
N PRO A 1044 -0.03 -24.91 -32.23
CA PRO A 1044 -1.02 -24.76 -31.17
C PRO A 1044 -1.38 -23.32 -30.83
N HIS A 1045 -0.40 -22.44 -30.68
CA HIS A 1045 -0.68 -21.03 -30.47
C HIS A 1045 0.26 -20.16 -31.28
N GLY A 1046 0.49 -20.53 -32.53
CA GLY A 1046 1.40 -19.81 -33.36
C GLY A 1046 1.34 -20.30 -34.78
N VAL A 1047 2.32 -19.89 -35.58
CA VAL A 1047 2.39 -20.28 -36.98
C VAL A 1047 3.82 -20.71 -37.28
N VAL A 1048 3.96 -21.57 -38.29
CA VAL A 1048 5.25 -22.12 -38.71
C VAL A 1048 5.39 -21.91 -40.20
N PHE A 1049 6.53 -21.37 -40.63
CA PHE A 1049 6.81 -21.12 -42.03
C PHE A 1049 7.89 -22.05 -42.52
N LEU A 1050 7.79 -22.49 -43.76
CA LEU A 1050 8.80 -23.34 -44.38
C LEU A 1050 9.39 -22.56 -45.55
N HIS A 1051 10.51 -21.90 -45.33
CA HIS A 1051 11.09 -21.03 -46.34
C HIS A 1051 11.97 -21.82 -47.29
N VAL A 1052 11.68 -21.73 -48.58
CA VAL A 1052 12.45 -22.40 -49.62
C VAL A 1052 13.37 -21.38 -50.26
N THR A 1053 14.68 -21.65 -50.30
CA THR A 1053 15.66 -20.65 -50.68
C THR A 1053 16.71 -21.23 -51.61
N TYR A 1054 17.68 -20.41 -52.00
CA TYR A 1054 18.93 -20.85 -52.62
C TYR A 1054 20.18 -20.70 -51.77
N VAL A 1055 21.03 -21.70 -51.90
CA VAL A 1055 22.43 -21.62 -51.51
C VAL A 1055 23.25 -22.06 -52.72
N PRO A 1056 23.79 -21.11 -53.49
CA PRO A 1056 24.68 -21.49 -54.58
C PRO A 1056 25.90 -22.23 -54.05
N ALA A 1057 26.33 -23.24 -54.78
CA ALA A 1057 27.34 -24.17 -54.27
C ALA A 1057 28.34 -24.53 -55.36
N GLN A 1058 29.49 -25.06 -54.91
CA GLN A 1058 30.56 -25.54 -55.78
C GLN A 1058 31.05 -24.43 -56.70
N GLU A 1059 31.62 -23.40 -56.10
CA GLU A 1059 32.12 -22.27 -56.86
C GLU A 1059 33.53 -22.55 -57.36
N LYS A 1060 33.81 -22.08 -58.56
CA LYS A 1060 35.14 -22.17 -59.16
C LYS A 1060 35.57 -20.77 -59.56
N ASN A 1061 36.79 -20.38 -59.18
CA ASN A 1061 37.21 -19.01 -59.39
C ASN A 1061 37.93 -18.84 -60.74
N PHE A 1062 37.71 -17.67 -61.35
CA PHE A 1062 38.29 -17.33 -62.63
C PHE A 1062 39.00 -15.98 -62.51
N THR A 1063 39.41 -15.43 -63.64
CA THR A 1063 39.91 -14.07 -63.73
C THR A 1063 38.96 -13.25 -64.57
N THR A 1064 38.77 -12.00 -64.19
CA THR A 1064 37.79 -11.14 -64.84
C THR A 1064 38.44 -9.89 -65.42
N ALA A 1065 37.57 -9.02 -65.90
CA ALA A 1065 37.93 -7.77 -66.53
C ALA A 1065 36.67 -6.93 -66.50
N PRO A 1066 36.77 -5.61 -66.26
CA PRO A 1066 35.54 -4.81 -66.27
C PRO A 1066 34.99 -4.62 -67.66
N ALA A 1067 35.84 -4.39 -68.66
CA ALA A 1067 35.38 -4.09 -70.00
C ALA A 1067 36.31 -4.74 -71.01
N ILE A 1068 35.97 -4.64 -72.29
CA ILE A 1068 36.75 -5.21 -73.36
C ILE A 1068 36.89 -4.18 -74.47
N CYS A 1069 38.13 -3.93 -74.89
CA CYS A 1069 38.44 -3.01 -75.99
C CYS A 1069 38.60 -3.82 -77.27
N HIS A 1070 37.60 -3.76 -78.14
CA HIS A 1070 37.69 -4.29 -79.49
C HIS A 1070 37.41 -3.17 -80.48
N ASP A 1071 38.24 -3.08 -81.50
CA ASP A 1071 38.09 -2.07 -82.55
C ASP A 1071 38.09 -0.67 -81.96
N GLY A 1072 38.89 -0.46 -80.92
CA GLY A 1072 39.07 0.88 -80.38
C GLY A 1072 37.91 1.45 -79.62
N LYS A 1073 37.03 0.62 -79.07
CA LYS A 1073 35.91 1.08 -78.25
C LYS A 1073 35.68 0.09 -77.12
N ALA A 1074 35.19 0.61 -76.00
CA ALA A 1074 34.99 -0.23 -74.81
C ALA A 1074 33.65 -0.95 -74.86
N HIS A 1075 33.65 -2.20 -74.42
CA HIS A 1075 32.45 -3.03 -74.43
C HIS A 1075 32.15 -3.49 -73.01
N PHE A 1076 30.92 -3.29 -72.58
CA PHE A 1076 30.47 -3.69 -71.26
C PHE A 1076 29.39 -4.75 -71.38
N PRO A 1077 29.26 -5.65 -70.41
CA PRO A 1077 28.24 -6.70 -70.52
C PRO A 1077 26.86 -6.15 -70.18
N ARG A 1078 25.87 -6.58 -70.95
CA ARG A 1078 24.51 -6.13 -70.68
C ARG A 1078 24.05 -6.58 -69.30
N GLU A 1079 24.22 -7.86 -69.01
CA GLU A 1079 23.85 -8.40 -67.71
C GLU A 1079 24.70 -9.65 -67.48
N GLY A 1080 25.67 -9.53 -66.61
CA GLY A 1080 26.62 -10.59 -66.39
C GLY A 1080 28.01 -10.02 -66.34
N VAL A 1081 29.01 -10.91 -66.35
CA VAL A 1081 30.40 -10.51 -66.17
C VAL A 1081 31.28 -11.18 -67.21
N PHE A 1082 32.43 -10.57 -67.46
CA PHE A 1082 33.43 -11.16 -68.33
C PHE A 1082 34.31 -12.08 -67.51
N VAL A 1083 34.44 -13.32 -67.96
CA VAL A 1083 35.13 -14.37 -67.22
C VAL A 1083 36.10 -15.07 -68.15
N SER A 1084 37.32 -15.32 -67.67
CA SER A 1084 38.36 -15.98 -68.44
C SER A 1084 38.71 -17.32 -67.83
N ASN A 1085 38.76 -18.36 -68.65
CA ASN A 1085 39.21 -19.67 -68.23
C ASN A 1085 40.73 -19.78 -68.21
N GLY A 1086 41.44 -18.78 -68.70
CA GLY A 1086 42.89 -18.84 -68.81
C GLY A 1086 43.36 -18.37 -70.17
N THR A 1087 42.61 -18.72 -71.21
CA THR A 1087 42.93 -18.34 -72.59
C THR A 1087 41.81 -17.59 -73.27
N HIS A 1088 40.57 -17.96 -73.02
CA HIS A 1088 39.41 -17.39 -73.71
C HIS A 1088 38.55 -16.63 -72.73
N TRP A 1089 37.69 -15.77 -73.27
CA TRP A 1089 36.82 -14.92 -72.48
C TRP A 1089 35.37 -15.22 -72.81
N PHE A 1090 34.53 -15.26 -71.78
CA PHE A 1090 33.11 -15.55 -71.95
C PHE A 1090 32.31 -14.56 -71.12
N VAL A 1091 30.98 -14.63 -71.26
CA VAL A 1091 30.06 -13.83 -70.49
C VAL A 1091 29.11 -14.78 -69.78
N THR A 1092 29.04 -14.67 -68.45
CA THR A 1092 28.24 -15.58 -67.64
C THR A 1092 27.25 -14.77 -66.81
N GLN A 1093 26.24 -15.45 -66.30
CA GLN A 1093 25.43 -14.86 -65.25
C GLN A 1093 26.27 -14.76 -63.97
N ARG A 1094 25.92 -13.81 -63.13
CA ARG A 1094 26.67 -13.62 -61.90
C ARG A 1094 26.37 -14.66 -60.84
N ASN A 1095 25.35 -15.49 -61.05
CA ASN A 1095 24.90 -16.43 -60.03
C ASN A 1095 24.90 -17.87 -60.48
N PHE A 1096 25.39 -18.16 -61.67
CA PHE A 1096 25.44 -19.52 -62.17
C PHE A 1096 26.37 -19.53 -63.36
N TYR A 1097 27.27 -20.51 -63.42
CA TYR A 1097 28.27 -20.52 -64.48
C TYR A 1097 27.67 -21.11 -65.74
N GLU A 1098 27.40 -20.26 -66.73
CA GLU A 1098 26.96 -20.67 -68.06
C GLU A 1098 27.66 -19.79 -69.08
N PRO A 1099 28.82 -20.22 -69.57
CA PRO A 1099 29.63 -19.32 -70.41
C PRO A 1099 29.05 -19.17 -71.80
N GLN A 1100 29.18 -17.97 -72.35
CA GLN A 1100 28.68 -17.67 -73.68
C GLN A 1100 29.72 -16.88 -74.45
N ILE A 1101 29.67 -17.00 -75.77
CA ILE A 1101 30.57 -16.24 -76.63
C ILE A 1101 30.23 -14.76 -76.54
N ILE A 1102 31.25 -13.91 -76.54
CA ILE A 1102 31.05 -12.48 -76.46
C ILE A 1102 30.66 -11.98 -77.84
N THR A 1103 29.42 -11.52 -77.98
CA THR A 1103 28.92 -10.96 -79.23
C THR A 1103 28.52 -9.51 -79.00
N THR A 1104 27.91 -8.90 -80.01
CA THR A 1104 27.28 -7.60 -79.85
C THR A 1104 25.84 -7.69 -79.40
N ASP A 1105 25.31 -8.90 -79.22
CA ASP A 1105 23.96 -9.08 -78.72
C ASP A 1105 23.90 -9.16 -77.20
N ASN A 1106 25.04 -9.27 -76.52
CA ASN A 1106 25.07 -9.32 -75.07
C ASN A 1106 26.09 -8.35 -74.48
N THR A 1107 26.57 -7.39 -75.26
CA THR A 1107 27.39 -6.30 -74.76
C THR A 1107 26.87 -4.98 -75.33
N PHE A 1108 27.10 -3.90 -74.61
CA PHE A 1108 26.77 -2.57 -75.11
C PHE A 1108 28.01 -1.71 -75.07
N VAL A 1109 28.25 -0.97 -76.13
CA VAL A 1109 29.47 -0.18 -76.29
C VAL A 1109 29.28 1.17 -75.63
N SER A 1110 30.35 1.71 -75.06
CA SER A 1110 30.30 3.03 -74.45
C SER A 1110 31.72 3.61 -74.44
N GLY A 1111 31.99 4.52 -75.36
CA GLY A 1111 33.23 5.27 -75.34
C GLY A 1111 34.41 4.49 -75.89
N ASN A 1112 35.58 5.10 -75.73
CA ASN A 1112 36.83 4.52 -76.20
C ASN A 1112 37.59 3.89 -75.05
N CYS A 1113 38.40 2.89 -75.37
CA CYS A 1113 39.07 2.10 -74.35
C CYS A 1113 40.30 2.83 -73.82
N ASP A 1114 40.04 3.94 -73.15
CA ASP A 1114 41.09 4.74 -72.53
C ASP A 1114 40.77 5.22 -71.13
N VAL A 1115 39.50 5.36 -70.77
CA VAL A 1115 39.14 5.87 -69.46
C VAL A 1115 39.02 4.74 -68.44
N VAL A 1116 38.53 3.58 -68.88
CA VAL A 1116 38.41 2.43 -68.00
C VAL A 1116 39.80 1.94 -67.62
N ILE A 1117 39.98 1.61 -66.34
CA ILE A 1117 41.21 1.00 -65.87
C ILE A 1117 40.94 -0.46 -65.56
N GLY A 1118 41.76 -1.34 -66.13
CA GLY A 1118 41.53 -2.76 -66.06
C GLY A 1118 40.97 -3.38 -67.32
N ILE A 1119 40.74 -2.60 -68.37
CA ILE A 1119 40.18 -3.14 -69.59
C ILE A 1119 41.18 -4.08 -70.26
N VAL A 1120 40.66 -5.06 -70.99
CA VAL A 1120 41.50 -6.03 -71.68
C VAL A 1120 41.19 -6.02 -73.17
N ASN A 1121 41.91 -6.85 -73.93
CA ASN A 1121 41.79 -6.90 -75.38
C ASN A 1121 41.16 -8.22 -75.78
N ASN A 1122 40.12 -8.15 -76.61
CA ASN A 1122 39.51 -9.36 -77.14
C ASN A 1122 38.65 -8.98 -78.34
N THR A 1123 38.27 -9.99 -79.11
CA THR A 1123 37.47 -9.80 -80.31
C THR A 1123 36.00 -10.06 -79.97
N VAL A 1124 35.14 -9.12 -80.34
CA VAL A 1124 33.71 -9.25 -80.13
C VAL A 1124 33.09 -9.82 -81.40
N TYR A 1125 32.56 -11.03 -81.30
CA TYR A 1125 32.05 -11.75 -82.46
C TYR A 1125 30.78 -11.09 -82.96
N ASP A 1126 30.89 -10.30 -84.02
CA ASP A 1126 29.72 -9.71 -84.63
C ASP A 1126 29.00 -10.76 -85.47
N PRO A 1127 27.71 -11.02 -85.23
CA PRO A 1127 27.02 -12.07 -85.99
C PRO A 1127 26.50 -11.63 -87.35
N LEU A 1128 26.48 -10.34 -87.64
CA LEU A 1128 25.98 -9.90 -88.95
C LEU A 1128 26.99 -10.15 -90.07
N GLN A 1129 28.29 -10.01 -89.79
CA GLN A 1129 29.29 -10.18 -90.83
C GLN A 1129 29.26 -11.56 -91.48
N PRO A 1130 29.25 -12.68 -90.74
CA PRO A 1130 29.25 -13.99 -91.42
C PRO A 1130 28.06 -14.22 -92.33
N GLU A 1131 26.88 -13.68 -91.99
CA GLU A 1131 25.77 -13.75 -92.93
C GLU A 1131 26.08 -12.99 -94.21
N LEU A 1132 26.64 -11.78 -94.08
CA LEU A 1132 26.98 -10.98 -95.25
C LEU A 1132 28.15 -11.58 -96.01
N ASP A 1133 29.08 -12.20 -95.28
CA ASP A 1133 30.28 -12.75 -95.90
C ASP A 1133 30.11 -14.24 -96.19
N VAL B 2 47.12 42.66 53.27
CA VAL B 2 46.54 42.12 54.49
C VAL B 2 45.15 42.70 54.71
N GLN B 3 44.16 41.82 54.87
CA GLN B 3 42.78 42.23 55.09
C GLN B 3 42.19 41.69 56.38
N LEU B 4 42.79 40.67 56.99
CA LEU B 4 42.33 40.14 58.27
C LEU B 4 43.54 39.96 59.17
N VAL B 5 43.41 40.36 60.43
CA VAL B 5 44.48 40.25 61.41
C VAL B 5 43.90 39.75 62.73
N GLU B 6 44.79 39.41 63.65
CA GLU B 6 44.44 39.00 65.00
C GLU B 6 45.25 39.80 66.00
N SER B 7 44.66 40.11 67.14
CA SER B 7 45.34 40.88 68.17
C SER B 7 45.00 40.31 69.54
N GLY B 8 45.93 40.49 70.47
CA GLY B 8 45.78 39.97 71.82
C GLY B 8 46.36 38.58 71.99
N GLY B 9 46.36 38.13 73.24
CA GLY B 9 46.85 36.80 73.60
C GLY B 9 48.27 36.83 74.11
N GLY B 10 48.70 35.67 74.59
CA GLY B 10 50.04 35.52 75.13
C GLY B 10 50.05 34.45 76.21
N LEU B 11 51.00 34.61 77.13
CA LEU B 11 51.15 33.67 78.23
C LEU B 11 49.94 33.69 79.15
N VAL B 12 49.53 32.52 79.61
CA VAL B 12 48.33 32.34 80.42
C VAL B 12 48.78 31.80 81.77
N GLN B 13 48.87 32.68 82.77
CA GLN B 13 49.00 32.25 84.14
C GLN B 13 47.73 31.49 84.56
N PRO B 14 47.84 30.27 85.07
CA PRO B 14 46.65 29.54 85.51
C PRO B 14 45.79 30.35 86.47
N GLY B 15 44.57 30.67 86.04
CA GLY B 15 43.66 31.48 86.81
C GLY B 15 43.61 32.94 86.44
N GLY B 16 44.34 33.36 85.41
CA GLY B 16 44.34 34.74 84.98
C GLY B 16 43.46 34.98 83.76
N SER B 17 43.25 36.26 83.47
CA SER B 17 42.41 36.68 82.36
C SER B 17 43.26 37.10 81.17
N LEU B 18 42.65 37.03 79.99
CA LEU B 18 43.35 37.33 78.75
C LEU B 18 42.37 37.92 77.74
N ARG B 19 42.92 38.54 76.70
CA ARG B 19 42.14 39.15 75.64
C ARG B 19 42.65 38.66 74.29
N LEU B 20 41.72 38.42 73.37
CA LEU B 20 42.08 37.98 72.02
C LEU B 20 41.09 38.59 71.02
N SER B 21 41.49 38.60 69.75
CA SER B 21 40.70 39.28 68.74
C SER B 21 41.00 38.72 67.36
N CYS B 22 40.08 38.98 66.43
CA CYS B 22 40.27 38.77 65.00
C CYS B 22 39.61 39.91 64.26
N ALA B 23 40.04 40.16 63.03
CA ALA B 23 39.54 41.27 62.24
C ALA B 23 39.06 40.80 60.88
N ALA B 24 38.44 41.71 60.15
CA ALA B 24 38.00 41.48 58.77
C ALA B 24 38.27 42.74 57.96
N SER B 25 37.86 42.73 56.70
CA SER B 25 38.14 43.83 55.79
C SER B 25 36.95 44.78 55.63
N ASP B 26 35.79 44.26 55.24
CA ASP B 26 34.63 45.09 54.96
C ASP B 26 33.40 44.54 55.66
N SER B 27 32.34 45.35 55.70
CA SER B 27 31.09 44.93 56.30
C SER B 27 30.49 43.75 55.56
N SER B 28 30.64 43.70 54.24
CA SER B 28 30.17 42.54 53.48
C SER B 28 30.96 41.28 53.80
N PHE B 29 32.20 41.43 54.29
CA PHE B 29 32.98 40.25 54.67
C PHE B 29 32.38 39.56 55.88
N TYR B 30 31.91 40.33 56.86
CA TYR B 30 31.24 39.73 58.01
C TYR B 30 29.92 39.10 57.62
N ASP B 31 29.28 39.59 56.55
CA ASP B 31 28.02 39.03 56.09
C ASP B 31 28.30 37.68 55.45
N TYR B 32 27.60 36.64 55.91
CA TYR B 32 26.58 36.78 56.93
C TYR B 32 27.02 36.19 58.26
N GLU B 33 27.98 35.28 58.21
CA GLU B 33 28.43 34.51 59.37
C GLU B 33 29.91 34.75 59.63
N MET B 34 30.25 34.96 60.90
CA MET B 34 31.66 35.02 61.32
C MET B 34 31.74 34.32 62.67
N SER B 35 32.25 33.10 62.67
CA SER B 35 32.26 32.26 63.86
C SER B 35 33.68 32.05 64.36
N TRP B 36 33.84 32.16 65.68
CA TRP B 36 35.10 31.86 66.33
C TRP B 36 35.43 30.37 66.20
N VAL B 37 36.72 30.06 66.23
CA VAL B 37 37.18 28.68 66.16
C VAL B 37 38.57 28.61 66.79
N ARG B 38 38.84 27.52 67.49
CA ARG B 38 40.21 27.23 67.91
C ARG B 38 40.70 25.96 67.23
N GLN B 39 41.99 25.72 67.38
CA GLN B 39 42.60 24.44 67.06
C GLN B 39 43.50 24.07 68.22
N ALA B 40 44.12 22.90 68.15
CA ALA B 40 44.95 22.48 69.26
C ALA B 40 45.89 21.36 68.84
N PRO B 41 47.17 21.43 69.19
CA PRO B 41 48.06 20.29 68.97
C PRO B 41 47.75 19.17 69.96
N GLY B 42 47.34 18.03 69.44
CA GLY B 42 46.94 16.91 70.28
C GLY B 42 45.45 16.89 70.54
N LYS B 43 44.94 17.92 71.21
CA LYS B 43 43.50 18.06 71.39
C LYS B 43 42.84 18.37 70.06
N ALA B 44 41.63 17.84 69.87
CA ALA B 44 40.94 18.01 68.61
C ALA B 44 40.58 19.48 68.39
N GLN B 45 40.53 19.87 67.11
CA GLN B 45 40.08 21.22 66.76
C GLN B 45 38.62 21.38 67.13
N GLU B 46 38.27 22.57 67.63
CA GLU B 46 36.89 22.85 67.99
C GLU B 46 36.61 24.32 67.73
N TRP B 47 35.35 24.63 67.43
CA TRP B 47 34.93 26.00 67.15
C TRP B 47 34.53 26.70 68.44
N ILE B 48 35.04 27.92 68.62
CA ILE B 48 34.90 28.61 69.90
C ILE B 48 33.49 29.18 70.05
N GLY B 49 33.13 30.10 69.16
CA GLY B 49 31.86 30.81 69.26
C GLY B 49 31.33 31.07 67.88
N SER B 50 30.02 31.28 67.80
CA SER B 50 29.36 31.55 66.54
C SER B 50 28.29 32.60 66.75
N MET B 51 28.20 33.54 65.80
CA MET B 51 27.16 34.55 65.79
C MET B 51 26.39 34.42 64.47
N TYR B 52 25.19 33.89 64.56
CA TYR B 52 24.37 33.62 63.39
C TYR B 52 23.71 34.91 62.89
N PRO B 53 23.44 35.01 61.58
CA PRO B 53 22.94 36.27 61.04
C PRO B 53 21.46 36.54 61.34
N SER B 54 20.77 35.61 61.99
CA SER B 54 19.35 35.78 62.29
C SER B 54 19.12 36.53 63.60
N GLY B 55 20.18 36.93 64.30
CA GLY B 55 20.07 37.65 65.55
C GLY B 55 20.13 36.78 66.78
N ARG B 56 19.93 35.47 66.64
CA ARG B 56 20.01 34.56 67.76
C ARG B 56 21.36 33.85 67.77
N THR B 57 22.04 33.89 68.91
CA THR B 57 23.35 33.29 69.08
C THR B 57 23.22 32.06 69.96
N TYR B 58 23.63 30.91 69.43
CA TYR B 58 23.56 29.65 70.16
C TYR B 58 24.93 28.98 70.07
N ILE B 59 25.70 29.08 71.15
CA ILE B 59 27.00 28.43 71.19
C ILE B 59 26.81 26.94 71.46
N ASN B 60 27.88 26.18 71.25
CA ASN B 60 27.81 24.73 71.40
C ASN B 60 27.43 24.39 72.85
N PRO B 61 26.53 23.43 73.07
CA PRO B 61 26.12 23.09 74.44
C PRO B 61 27.27 22.76 75.36
N SER B 62 28.37 22.25 74.79
CA SER B 62 29.57 21.98 75.56
C SER B 62 30.50 23.18 75.68
N LEU B 63 30.36 24.16 74.80
CA LEU B 63 31.21 25.34 74.80
C LEU B 63 30.43 26.65 74.96
N LYS B 64 29.17 26.58 75.41
CA LYS B 64 28.37 27.78 75.58
C LYS B 64 28.48 28.40 76.97
N SER B 65 29.09 27.70 77.92
CA SER B 65 29.21 28.19 79.29
C SER B 65 30.63 28.51 79.70
N LEU B 66 31.53 28.70 78.74
CA LEU B 66 32.93 28.96 79.05
C LEU B 66 33.50 30.18 78.33
N VAL B 67 32.94 30.61 77.20
CA VAL B 67 33.50 31.68 76.40
C VAL B 67 32.44 32.75 76.20
N THR B 68 32.86 34.01 76.36
CA THR B 68 32.04 35.17 76.04
C THR B 68 32.49 35.74 74.69
N ILE B 69 31.52 36.02 73.82
CA ILE B 69 31.79 36.45 72.46
C ILE B 69 31.07 37.77 72.19
N SER B 70 31.78 38.73 71.60
CA SER B 70 31.20 40.01 71.23
C SER B 70 31.93 40.53 69.99
N ARG B 71 31.26 41.44 69.27
CA ARG B 71 31.79 41.96 68.01
C ARG B 71 31.88 43.48 68.06
N ASP B 72 33.00 44.02 67.56
CA ASP B 72 33.20 45.46 67.43
C ASP B 72 33.68 45.76 66.03
N ASN B 73 32.89 46.49 65.25
CA ASN B 73 33.17 46.73 63.85
C ASN B 73 34.00 48.00 63.60
N SER B 74 34.33 48.76 64.64
CA SER B 74 35.16 49.95 64.44
C SER B 74 36.53 49.56 63.92
N LYS B 75 37.18 48.61 64.58
CA LYS B 75 38.41 48.00 64.09
C LYS B 75 38.15 46.70 63.35
N ASN B 76 36.89 46.30 63.23
CA ASN B 76 36.47 44.95 62.84
C ASN B 76 36.99 43.90 63.83
N THR B 77 37.38 44.33 65.03
CA THR B 77 37.93 43.45 66.05
C THR B 77 36.82 42.58 66.65
N LEU B 78 37.21 41.59 67.45
CA LEU B 78 36.27 40.58 67.92
C LEU B 78 36.80 40.06 69.26
N TYR B 79 36.23 40.54 70.35
CA TYR B 79 36.76 40.21 71.67
C TYR B 79 36.67 38.73 71.97
N LEU B 80 37.76 38.18 72.52
CA LEU B 80 37.83 36.80 72.97
C LEU B 80 38.69 36.75 74.22
N GLN B 81 38.29 35.94 75.20
CA GLN B 81 38.97 35.88 76.48
C GLN B 81 39.20 34.42 76.86
N LEU B 82 40.33 34.18 77.53
CA LEU B 82 40.71 32.86 78.01
C LEU B 82 40.84 32.88 79.52
N ASN B 83 40.27 31.88 80.19
CA ASN B 83 40.22 31.85 81.64
C ASN B 83 40.57 30.45 82.13
N SER B 84 41.54 30.37 83.03
CA SER B 84 41.85 29.17 83.80
C SER B 84 42.17 27.98 82.90
N LEU B 85 43.25 28.12 82.14
CA LEU B 85 43.76 27.01 81.35
C LEU B 85 44.70 26.14 82.19
N ARG B 86 44.55 24.83 82.05
CA ARG B 86 45.36 23.86 82.76
C ARG B 86 46.36 23.22 81.81
N ALA B 87 47.15 22.28 82.34
CA ALA B 87 48.21 21.66 81.55
C ALA B 87 47.69 20.75 80.45
N GLU B 88 46.40 20.44 80.44
CA GLU B 88 45.81 19.51 79.48
C GLU B 88 45.11 20.21 78.33
N ASP B 89 45.29 21.53 78.16
CA ASP B 89 44.51 22.27 77.19
C ASP B 89 45.39 23.09 76.25
N THR B 90 46.46 22.48 75.73
CA THR B 90 47.33 23.15 74.77
C THR B 90 46.57 23.36 73.46
N ALA B 91 46.29 24.62 73.14
CA ALA B 91 45.48 24.97 71.97
C ALA B 91 46.20 26.02 71.14
N MET B 92 46.14 25.87 69.82
CA MET B 92 46.71 26.82 68.88
C MET B 92 45.58 27.44 68.06
N TYR B 93 45.50 28.76 68.04
CA TYR B 93 44.32 29.47 67.58
C TYR B 93 44.48 29.96 66.14
N TYR B 94 43.51 29.62 65.30
CA TYR B 94 43.39 30.15 63.95
C TYR B 94 42.02 30.78 63.79
N CYS B 95 41.94 31.78 62.91
CA CYS B 95 40.70 32.51 62.64
C CYS B 95 40.20 32.06 61.27
N VAL B 96 39.45 30.96 61.25
CA VAL B 96 39.01 30.30 60.02
C VAL B 96 37.49 30.33 59.97
N SER B 97 36.95 30.77 58.85
CA SER B 97 35.52 30.92 58.66
C SER B 97 34.92 29.70 57.96
N ASN B 98 33.60 29.60 58.00
CA ASN B 98 32.84 28.54 57.34
C ASN B 98 33.29 27.16 57.79
N TRP B 99 33.11 26.88 59.08
CA TRP B 99 33.32 25.54 59.59
C TRP B 99 32.04 24.72 59.65
N ALA B 100 30.88 25.36 59.62
CA ALA B 100 29.60 24.66 59.49
C ALA B 100 29.28 24.32 58.04
N SER B 101 30.28 24.35 57.16
CA SER B 101 30.12 23.98 55.76
C SER B 101 31.02 22.80 55.38
N GLY B 102 31.55 22.09 56.38
CA GLY B 102 32.49 21.02 56.12
C GLY B 102 33.88 21.57 55.79
N SER B 103 34.70 20.71 55.19
CA SER B 103 36.02 21.11 54.73
C SER B 103 36.02 21.47 53.24
N THR B 104 34.93 22.08 52.77
CA THR B 104 34.84 22.57 51.41
C THR B 104 34.62 24.08 51.31
N GLY B 105 34.34 24.75 52.43
CA GLY B 105 34.08 26.17 52.40
C GLY B 105 34.94 26.97 53.35
N ASP B 106 35.73 26.28 54.17
CA ASP B 106 36.62 26.96 55.11
C ASP B 106 37.76 27.64 54.37
N TYR B 107 38.17 28.80 54.88
CA TYR B 107 39.25 29.59 54.30
C TYR B 107 40.50 29.45 55.15
N TRP B 108 41.59 28.98 54.55
CA TRP B 108 42.85 28.77 55.23
C TRP B 108 43.84 29.87 54.82
N GLY B 109 44.43 30.53 55.81
CA GLY B 109 45.47 31.50 55.56
C GLY B 109 46.79 31.12 56.21
N GLN B 110 47.23 31.93 57.17
CA GLN B 110 48.41 31.64 57.98
C GLN B 110 48.07 31.52 59.46
N GLY B 111 47.32 32.47 60.01
CA GLY B 111 46.95 32.42 61.40
C GLY B 111 48.16 32.63 62.30
N THR B 112 47.99 32.21 63.56
CA THR B 112 49.04 32.33 64.55
C THR B 112 49.16 31.03 65.34
N LEU B 113 50.36 30.79 65.87
CA LEU B 113 50.65 29.58 66.63
C LEU B 113 50.60 29.90 68.12
N VAL B 114 49.84 29.10 68.86
CA VAL B 114 49.63 29.30 70.30
C VAL B 114 50.02 28.03 71.03
N THR B 115 50.81 28.17 72.08
CA THR B 115 51.18 27.07 72.96
C THR B 115 50.74 27.39 74.38
N VAL B 116 50.00 26.48 74.99
CA VAL B 116 49.52 26.63 76.36
C VAL B 116 50.12 25.50 77.19
N SER B 117 50.90 25.87 78.19
CA SER B 117 51.62 24.90 79.00
C SER B 117 50.77 24.40 80.17
N GLN C 1 30.20 51.52 39.42
CA GLN C 1 30.07 50.72 38.21
C GLN C 1 28.84 51.13 37.43
N CYS C 2 28.86 50.87 36.12
CA CYS C 2 27.68 50.95 35.26
C CYS C 2 27.07 52.36 35.29
N VAL C 3 27.86 53.32 34.83
CA VAL C 3 27.43 54.71 34.76
C VAL C 3 26.96 55.00 33.35
N ASN C 4 25.76 55.56 33.23
CA ASN C 4 25.17 55.83 31.92
C ASN C 4 25.67 57.18 31.39
N LEU C 5 26.41 57.15 30.28
CA LEU C 5 26.89 58.39 29.66
C LEU C 5 26.94 58.21 28.15
N THR C 6 25.86 58.59 27.47
CA THR C 6 25.90 58.82 26.03
C THR C 6 25.57 60.27 25.68
N THR C 7 24.36 60.72 25.99
CA THR C 7 23.95 62.13 26.05
C THR C 7 24.02 62.89 24.74
N ARG C 8 24.51 62.28 23.65
CA ARG C 8 24.76 63.07 22.44
C ARG C 8 24.31 62.44 21.13
N THR C 9 24.19 61.12 21.02
CA THR C 9 24.17 60.46 19.72
C THR C 9 22.82 59.80 19.46
N GLN C 10 22.17 60.17 18.36
CA GLN C 10 20.95 59.53 17.89
C GLN C 10 20.95 59.39 16.37
N LEU C 11 22.08 58.95 15.79
CA LEU C 11 22.23 58.86 14.35
C LEU C 11 21.54 57.62 13.78
N PRO C 12 21.14 57.65 12.51
CA PRO C 12 20.41 56.52 11.93
C PRO C 12 21.36 55.52 11.29
N PRO C 13 20.90 54.29 11.03
CA PRO C 13 21.74 53.29 10.37
C PRO C 13 21.55 53.27 8.87
N ALA C 14 22.42 52.48 8.22
CA ALA C 14 22.49 52.37 6.76
C ALA C 14 22.13 50.95 6.34
N TYR C 15 22.30 50.68 5.04
CA TYR C 15 22.03 49.36 4.48
C TYR C 15 23.01 49.08 3.35
N THR C 16 23.40 47.81 3.21
CA THR C 16 24.21 47.33 2.10
C THR C 16 23.69 45.97 1.66
N ASN C 17 24.19 45.49 0.53
CA ASN C 17 23.76 44.22 -0.04
C ASN C 17 24.85 43.16 0.18
N SER C 18 24.49 42.07 0.85
CA SER C 18 25.40 40.96 1.07
C SER C 18 25.27 40.02 -0.12
N PHE C 19 26.17 40.15 -1.08
CA PHE C 19 26.02 39.46 -2.36
C PHE C 19 26.02 37.94 -2.21
N THR C 20 27.17 37.36 -1.88
CA THR C 20 27.28 35.90 -1.67
C THR C 20 28.16 35.73 -0.45
N ARG C 21 27.53 35.61 0.72
CA ARG C 21 28.25 35.76 1.97
C ARG C 21 27.39 35.23 3.11
N GLY C 22 27.95 34.31 3.89
CA GLY C 22 27.28 33.81 5.06
C GLY C 22 26.70 32.41 4.95
N VAL C 23 27.41 31.50 4.28
CA VAL C 23 27.01 30.10 4.22
C VAL C 23 27.93 29.30 5.12
N TYR C 24 27.48 28.12 5.52
CA TYR C 24 28.10 27.43 6.63
C TYR C 24 28.47 26.02 6.18
N TYR C 25 29.07 25.27 7.08
CA TYR C 25 29.04 23.83 6.91
C TYR C 25 27.92 23.31 7.79
N PRO C 26 26.73 23.10 7.25
CA PRO C 26 25.59 22.79 8.11
C PRO C 26 25.53 21.32 8.48
N ASP C 27 26.68 20.73 8.76
CA ASP C 27 26.94 19.35 9.17
C ASP C 27 28.43 19.18 9.35
N LYS C 28 28.80 18.12 10.08
CA LYS C 28 30.19 17.71 10.24
C LYS C 28 30.55 16.57 9.29
N VAL C 29 29.96 16.56 8.10
CA VAL C 29 30.06 15.46 7.16
C VAL C 29 30.97 15.89 6.02
N PHE C 30 32.03 15.14 5.80
CA PHE C 30 32.92 15.39 4.67
C PHE C 30 32.26 14.92 3.38
N ARG C 31 32.49 15.65 2.30
CA ARG C 31 31.95 15.27 1.00
C ARG C 31 32.95 15.65 -0.08
N SER C 32 33.21 14.72 -0.99
CA SER C 32 34.10 14.98 -2.11
C SER C 32 33.34 15.76 -3.17
N SER C 33 33.88 15.83 -4.39
CA SER C 33 33.38 16.76 -5.39
C SER C 33 31.98 16.36 -5.80
N VAL C 34 31.00 16.84 -5.03
CA VAL C 34 29.60 16.56 -5.27
C VAL C 34 28.77 17.77 -4.84
N LEU C 35 27.64 17.96 -5.49
CA LEU C 35 26.71 19.04 -5.16
C LEU C 35 25.60 18.49 -4.27
N HIS C 36 25.31 19.21 -3.19
CA HIS C 36 24.33 18.78 -2.21
C HIS C 36 23.34 19.91 -1.98
N SER C 37 22.10 19.55 -1.65
CA SER C 37 21.05 20.51 -1.38
C SER C 37 20.63 20.37 0.07
N THR C 38 20.51 21.50 0.76
CA THR C 38 20.20 21.53 2.18
C THR C 38 19.05 22.50 2.41
N GLN C 39 18.28 22.25 3.48
CA GLN C 39 17.16 23.10 3.86
C GLN C 39 17.38 23.55 5.30
N ASP C 40 18.08 24.66 5.47
CA ASP C 40 18.36 25.19 6.79
C ASP C 40 18.03 26.67 6.88
N LEU C 41 18.46 27.29 7.97
CA LEU C 41 18.40 28.74 8.10
C LEU C 41 19.68 29.32 7.52
N PHE C 42 19.58 29.94 6.35
CA PHE C 42 20.72 30.55 5.70
C PHE C 42 20.44 32.03 5.52
N LEU C 43 21.47 32.79 5.17
CA LEU C 43 21.29 34.19 4.89
C LEU C 43 21.00 34.37 3.41
N PRO C 44 19.80 34.83 3.04
CA PRO C 44 19.47 34.92 1.62
C PRO C 44 20.41 35.86 0.88
N PHE C 45 20.72 35.48 -0.36
CA PHE C 45 21.67 36.22 -1.16
C PHE C 45 21.10 37.59 -1.54
N PHE C 46 22.01 38.56 -1.70
CA PHE C 46 21.66 39.91 -2.13
C PHE C 46 20.61 40.55 -1.22
N SER C 47 20.76 40.33 0.08
CA SER C 47 19.85 40.90 1.06
C SER C 47 20.39 42.22 1.60
N ASN C 48 19.50 43.00 2.19
CA ASN C 48 19.85 44.31 2.74
C ASN C 48 20.24 44.13 4.19
N VAL C 49 21.54 44.07 4.46
CA VAL C 49 22.05 43.95 5.82
C VAL C 49 22.14 45.34 6.43
N THR C 50 21.81 45.44 7.71
CA THR C 50 21.76 46.73 8.39
C THR C 50 23.18 47.15 8.78
N TRP C 51 23.76 48.06 8.00
CA TRP C 51 25.12 48.55 8.28
C TRP C 51 25.06 49.49 9.46
N PHE C 52 25.50 49.03 10.63
CA PHE C 52 25.46 49.85 11.81
C PHE C 52 26.68 50.76 11.90
N HIS C 53 26.43 52.05 12.13
CA HIS C 53 27.50 53.03 12.34
C HIS C 53 27.62 53.29 13.83
N ALA C 54 28.14 52.31 14.54
CA ALA C 54 28.42 52.43 15.97
C ALA C 54 29.69 53.22 16.16
N ILE C 55 30.32 53.12 17.33
CA ILE C 55 31.53 53.88 17.58
C ILE C 55 32.57 53.48 16.54
N HIS C 56 32.82 54.40 15.61
CA HIS C 56 33.68 54.23 14.44
C HIS C 56 34.32 55.58 14.17
N VAL C 57 34.86 55.78 12.98
CA VAL C 57 35.37 57.11 12.68
C VAL C 57 34.14 57.97 12.40
N SER C 58 33.52 58.44 13.48
CA SER C 58 32.51 59.49 13.38
C SER C 58 33.16 60.83 13.71
N GLY C 59 34.14 61.16 12.87
CA GLY C 59 35.11 62.17 13.22
C GLY C 59 34.76 63.59 12.85
N THR C 60 34.23 64.33 13.83
CA THR C 60 34.21 65.78 13.79
C THR C 60 35.06 66.36 14.91
N ASN C 61 34.79 65.99 16.16
CA ASN C 61 35.73 66.14 17.27
C ASN C 61 35.42 65.00 18.25
N GLY C 62 36.13 63.88 18.09
CA GLY C 62 35.82 62.71 18.88
C GLY C 62 34.38 62.31 18.68
N THR C 63 33.67 62.10 19.79
CA THR C 63 32.22 61.87 19.81
C THR C 63 31.82 60.78 18.82
N LYS C 64 32.56 59.69 18.83
CA LYS C 64 32.21 58.53 18.02
C LYS C 64 30.91 57.92 18.56
N ARG C 65 29.89 57.89 17.72
CA ARG C 65 28.52 57.80 18.20
C ARG C 65 28.22 56.46 18.87
N PHE C 66 27.48 56.50 19.97
CA PHE C 66 27.00 55.31 20.66
C PHE C 66 25.84 54.74 19.86
N ASP C 67 26.12 53.72 19.05
CA ASP C 67 25.10 53.09 18.22
C ASP C 67 25.17 51.57 18.36
N ASN C 68 25.10 51.09 19.60
CA ASN C 68 25.10 49.66 19.91
C ASN C 68 23.87 49.28 20.76
N PRO C 69 22.68 49.38 20.18
CA PRO C 69 21.46 49.19 20.96
C PRO C 69 21.13 47.72 21.14
N VAL C 70 20.17 47.46 22.04
CA VAL C 70 19.60 46.12 22.13
C VAL C 70 18.82 45.85 20.86
N LEU C 71 19.03 44.67 20.29
CA LEU C 71 18.60 44.39 18.93
C LEU C 71 17.74 43.14 18.86
N PRO C 72 16.60 43.19 18.21
CA PRO C 72 15.70 42.03 18.15
C PRO C 72 16.21 41.02 17.15
N PHE C 73 16.76 39.91 17.66
CA PHE C 73 17.38 38.88 16.84
C PHE C 73 16.59 37.59 16.98
N ASN C 74 15.81 37.26 15.94
CA ASN C 74 14.77 36.25 16.06
C ASN C 74 15.35 34.84 16.02
N ASP C 75 15.92 34.45 14.88
CA ASP C 75 16.34 33.08 14.65
C ASP C 75 17.84 32.93 14.49
N GLY C 76 18.49 33.89 13.85
CA GLY C 76 19.92 33.85 13.69
C GLY C 76 20.40 35.16 13.12
N VAL C 77 21.67 35.49 13.30
CA VAL C 77 22.22 36.72 12.76
C VAL C 77 23.57 36.43 12.13
N TYR C 78 23.81 37.03 10.98
CA TYR C 78 25.13 36.99 10.36
C TYR C 78 25.90 38.22 10.81
N PHE C 79 26.90 38.03 11.65
CA PHE C 79 27.69 39.13 12.18
C PHE C 79 29.04 39.12 11.48
N ALA C 80 29.36 40.22 10.80
CA ALA C 80 30.65 40.42 10.17
C ALA C 80 31.17 41.80 10.53
N SER C 81 32.49 41.92 10.62
CA SER C 81 33.09 43.17 11.07
C SER C 81 34.50 43.29 10.53
N THR C 82 34.81 44.46 9.97
CA THR C 82 36.15 44.70 9.43
C THR C 82 37.20 44.61 10.52
N GLU C 83 37.01 45.37 11.61
CA GLU C 83 37.80 45.24 12.83
C GLU C 83 39.29 45.49 12.57
N LYS C 84 39.58 46.76 12.27
CA LYS C 84 40.96 47.18 12.07
C LYS C 84 41.75 47.23 13.38
N SER C 85 41.06 47.11 14.52
CA SER C 85 41.71 47.03 15.83
C SER C 85 40.91 46.09 16.71
N ASN C 86 41.54 45.62 17.79
CA ASN C 86 40.88 44.68 18.69
C ASN C 86 39.81 45.38 19.52
N ILE C 87 38.76 45.88 18.87
CA ILE C 87 37.69 46.57 19.55
C ILE C 87 36.56 45.62 19.94
N ILE C 88 36.14 44.79 19.01
CA ILE C 88 35.10 43.81 19.31
C ILE C 88 35.64 42.77 20.28
N ARG C 89 34.89 42.52 21.34
CA ARG C 89 35.28 41.53 22.33
C ARG C 89 34.20 40.51 22.64
N GLY C 90 32.93 40.86 22.46
CA GLY C 90 31.88 39.91 22.74
C GLY C 90 30.51 40.54 22.62
N TRP C 91 29.51 39.78 23.04
CA TRP C 91 28.12 40.17 22.93
C TRP C 91 27.38 39.81 24.21
N ILE C 92 26.13 40.25 24.27
CA ILE C 92 25.33 40.19 25.50
C ILE C 92 24.05 39.40 25.26
N PHE C 93 24.13 38.37 24.43
CA PHE C 93 22.97 37.52 24.09
C PHE C 93 22.09 37.30 25.31
N GLY C 94 20.81 37.61 25.18
CA GLY C 94 19.91 37.49 26.31
C GLY C 94 18.47 37.66 25.89
N THR C 95 17.60 37.74 26.90
CA THR C 95 16.16 37.92 26.67
C THR C 95 15.64 39.23 27.25
N THR C 96 16.02 39.56 28.50
CA THR C 96 15.58 40.79 29.13
C THR C 96 16.72 41.69 29.59
N LEU C 97 17.90 41.12 29.83
CA LEU C 97 19.11 41.89 30.19
C LEU C 97 18.96 42.59 31.53
N ASP C 98 18.53 41.83 32.54
CA ASP C 98 18.50 42.29 33.92
C ASP C 98 18.48 41.06 34.81
N SER C 99 18.17 41.25 36.09
CA SER C 99 18.00 40.13 37.00
C SER C 99 16.75 39.34 36.62
N LYS C 100 16.60 38.18 37.24
CA LYS C 100 15.46 37.28 37.12
C LYS C 100 15.35 36.64 35.74
N THR C 101 16.21 37.01 34.80
CA THR C 101 16.24 36.42 33.47
C THR C 101 17.70 36.20 33.08
N GLN C 102 18.06 34.96 32.75
CA GLN C 102 19.44 34.63 32.45
C GLN C 102 19.84 35.17 31.08
N SER C 103 21.14 35.39 30.92
CA SER C 103 21.68 35.91 29.67
C SER C 103 23.14 35.49 29.54
N LEU C 104 23.64 35.55 28.31
CA LEU C 104 24.99 35.11 27.98
C LEU C 104 25.95 36.28 27.94
N LEU C 105 27.22 35.97 28.14
CA LEU C 105 28.30 36.95 28.09
C LEU C 105 29.48 36.35 27.36
N ILE C 106 30.15 37.16 26.55
CA ILE C 106 31.37 36.76 25.85
C ILE C 106 32.35 37.92 25.90
N VAL C 107 33.61 37.63 26.21
CA VAL C 107 34.67 38.64 26.22
C VAL C 107 35.91 38.07 25.55
N ASN C 108 36.53 38.88 24.69
CA ASN C 108 37.77 38.48 24.05
C ASN C 108 38.87 38.25 25.09
N ASN C 109 39.35 39.33 25.70
CA ASN C 109 40.44 39.26 26.68
C ASN C 109 41.58 38.39 26.15
N ALA C 110 42.26 38.90 25.13
CA ALA C 110 42.87 38.04 24.13
C ALA C 110 44.04 37.24 24.69
N THR C 111 43.74 36.43 25.70
CA THR C 111 44.61 35.37 26.21
C THR C 111 43.75 34.12 26.34
N ASN C 112 42.48 34.32 26.65
CA ASN C 112 41.44 33.30 26.66
C ASN C 112 40.09 34.00 26.62
N VAL C 113 39.12 33.33 26.03
CA VAL C 113 37.75 33.84 25.99
C VAL C 113 37.06 33.50 27.30
N VAL C 114 36.23 34.43 27.78
CA VAL C 114 35.44 34.24 28.99
C VAL C 114 33.98 34.13 28.57
N ILE C 115 33.38 32.98 28.84
CA ILE C 115 31.99 32.71 28.48
C ILE C 115 31.25 32.32 29.74
N LYS C 116 30.12 32.99 30.01
CA LYS C 116 29.36 32.72 31.21
C LYS C 116 27.87 32.71 30.89
N VAL C 117 27.18 31.68 31.36
CA VAL C 117 25.73 31.61 31.29
C VAL C 117 25.17 31.61 32.70
N CYS C 118 24.85 32.80 33.22
CA CYS C 118 24.35 32.95 34.57
C CYS C 118 23.31 34.06 34.57
N GLU C 119 22.95 34.50 35.78
CA GLU C 119 21.99 35.60 35.95
C GLU C 119 22.76 36.89 36.14
N PHE C 120 22.75 37.75 35.12
CA PHE C 120 23.52 38.97 35.14
C PHE C 120 22.61 40.19 35.32
N GLN C 121 23.24 41.34 35.52
CA GLN C 121 22.60 42.62 35.77
C GLN C 121 23.25 43.70 34.91
N PHE C 122 23.38 43.42 33.62
CA PHE C 122 24.12 44.25 32.68
C PHE C 122 23.68 45.71 32.69
N CYS C 123 24.50 46.59 32.15
CA CYS C 123 24.20 48.01 32.06
C CYS C 123 23.99 48.41 30.60
N ASN C 124 23.42 49.61 30.42
CA ASN C 124 23.04 50.11 29.11
C ASN C 124 24.20 50.73 28.34
N ASP C 125 25.34 50.97 28.99
CA ASP C 125 26.55 51.46 28.33
C ASP C 125 27.73 50.58 28.72
N PRO C 126 27.74 49.32 28.26
CA PRO C 126 28.82 48.41 28.61
C PRO C 126 30.02 48.57 27.68
N PHE C 127 31.21 48.81 28.24
CA PHE C 127 32.38 49.11 27.43
C PHE C 127 33.63 48.54 28.08
N LEU C 128 34.78 48.97 27.57
CA LEU C 128 36.06 48.33 27.85
C LEU C 128 37.06 49.38 28.28
N GLY C 129 37.68 49.19 29.44
CA GLY C 129 38.57 50.18 30.03
C GLY C 129 39.98 49.66 30.20
N VAL C 130 40.96 50.53 29.92
CA VAL C 130 42.38 50.18 30.01
C VAL C 130 43.12 51.34 30.67
N TYR C 131 44.00 51.02 31.63
CA TYR C 131 44.72 52.01 32.43
C TYR C 131 46.21 51.67 32.50
N TYR C 132 47.00 52.69 32.87
CA TYR C 132 48.31 52.49 33.46
C TYR C 132 48.19 52.24 34.96
N HIS C 133 49.31 51.83 35.57
CA HIS C 133 49.31 51.58 37.01
C HIS C 133 50.47 52.27 37.71
N LYS C 134 51.59 52.45 36.99
CA LYS C 134 52.89 52.79 37.55
C LYS C 134 53.44 51.68 38.45
N ASN C 135 52.72 50.57 38.57
CA ASN C 135 53.18 49.37 39.24
C ASN C 135 53.09 48.22 38.25
N ASN C 136 54.18 47.48 38.10
CA ASN C 136 54.35 46.38 37.16
C ASN C 136 54.39 46.85 35.71
N LYS C 137 54.19 48.14 35.44
CA LYS C 137 54.33 48.74 34.11
C LYS C 137 53.55 47.96 33.05
N SER C 138 52.24 47.92 33.21
CA SER C 138 51.40 47.15 32.30
C SER C 138 50.02 47.78 32.19
N TRP C 139 49.34 47.44 31.10
CA TRP C 139 47.96 47.80 30.85
C TRP C 139 47.04 46.88 31.64
N MET C 140 45.78 47.28 31.75
CA MET C 140 44.79 46.46 32.45
C MET C 140 43.53 46.31 31.61
N GLU C 141 42.85 45.18 31.82
CA GLU C 141 41.69 44.79 31.02
C GLU C 141 40.49 44.52 31.92
N SER C 142 40.26 45.37 32.91
CA SER C 142 39.06 45.25 33.71
C SER C 142 37.87 45.79 32.92
N GLU C 143 36.73 45.10 33.03
CA GLU C 143 35.56 45.42 32.23
C GLU C 143 34.30 45.43 33.06
N PHE C 144 34.40 45.80 34.33
CA PHE C 144 33.26 45.70 35.24
C PHE C 144 32.14 46.67 34.89
N ARG C 145 32.37 47.63 34.00
CA ARG C 145 31.30 48.52 33.58
C ARG C 145 30.28 47.82 32.70
N VAL C 146 30.57 46.62 32.24
CA VAL C 146 29.61 45.83 31.47
C VAL C 146 28.56 45.20 32.39
N TYR C 147 29.00 44.61 33.50
CA TYR C 147 28.13 43.85 34.38
C TYR C 147 28.32 44.32 35.80
N SER C 148 27.21 44.59 36.49
CA SER C 148 27.28 45.06 37.87
C SER C 148 27.57 43.91 38.82
N SER C 149 26.81 42.82 38.70
CA SER C 149 26.99 41.68 39.58
C SER C 149 26.43 40.43 38.90
N ALA C 150 26.80 39.28 39.45
CA ALA C 150 26.29 37.99 39.00
C ALA C 150 25.93 37.16 40.21
N ASN C 151 24.72 36.60 40.20
CA ASN C 151 24.21 35.81 41.31
C ASN C 151 23.28 34.74 40.78
N ASN C 152 23.04 33.71 41.60
CA ASN C 152 22.21 32.56 41.21
C ASN C 152 22.69 32.03 39.85
N CYS C 153 23.96 31.63 39.85
CA CYS C 153 24.70 31.28 38.64
C CYS C 153 24.59 29.79 38.34
N THR C 154 24.79 29.44 37.07
CA THR C 154 24.63 28.04 36.67
C THR C 154 25.72 27.48 35.75
N PHE C 155 26.40 28.29 34.94
CA PHE C 155 27.23 27.73 33.88
C PHE C 155 28.50 28.56 33.71
N GLU C 156 29.53 27.91 33.18
CA GLU C 156 30.81 28.55 32.92
C GLU C 156 31.43 27.91 31.69
N TYR C 157 32.34 28.65 31.06
CA TYR C 157 33.03 28.15 29.88
C TYR C 157 34.24 29.02 29.55
N VAL C 158 35.41 28.39 29.43
CA VAL C 158 36.64 29.07 29.03
C VAL C 158 37.35 28.21 28.00
N SER C 159 37.86 28.84 26.94
CA SER C 159 38.58 28.13 25.90
C SER C 159 39.47 29.12 25.16
N GLN C 160 39.95 28.71 24.00
CA GLN C 160 40.74 29.61 23.17
C GLN C 160 39.89 30.78 22.70
N PRO C 161 40.45 31.98 22.68
CA PRO C 161 39.67 33.16 22.24
C PRO C 161 39.41 33.09 20.74
N PHE C 162 38.25 33.62 20.33
CA PHE C 162 37.82 33.58 18.95
C PHE C 162 38.22 34.82 18.16
N LEU C 163 38.87 35.78 18.79
CA LEU C 163 39.27 37.03 18.14
C LEU C 163 40.79 37.11 18.20
N MET C 164 41.45 36.49 17.24
CA MET C 164 42.90 36.51 17.11
C MET C 164 43.28 37.22 15.83
N ASP C 165 44.44 37.87 15.85
CA ASP C 165 44.99 38.52 14.67
C ASP C 165 45.92 37.56 13.94
N LEU C 166 45.85 37.60 12.61
CA LEU C 166 46.75 36.82 11.78
C LEU C 166 47.34 37.66 10.65
N GLU C 167 47.25 39.00 10.75
CA GLU C 167 47.63 39.90 9.68
C GLU C 167 49.11 39.78 9.34
N GLY C 168 49.97 40.19 10.27
CA GLY C 168 51.41 40.07 10.12
C GLY C 168 51.99 40.75 8.89
N LYS C 169 51.30 41.74 8.34
CA LYS C 169 51.78 42.39 7.12
C LYS C 169 51.58 43.90 7.14
N GLN C 170 51.42 44.51 8.32
CA GLN C 170 51.26 45.95 8.47
C GLN C 170 50.06 46.48 7.66
N GLY C 171 48.87 46.12 8.13
CA GLY C 171 47.65 46.64 7.52
C GLY C 171 47.39 46.05 6.15
N ASN C 172 46.58 46.78 5.38
CA ASN C 172 46.21 46.47 4.00
C ASN C 172 45.42 45.17 3.87
N PHE C 173 45.16 44.47 4.96
CA PHE C 173 44.38 43.24 4.95
C PHE C 173 43.27 43.25 5.97
N LYS C 174 43.48 43.88 7.13
CA LYS C 174 42.40 44.34 8.00
C LYS C 174 41.65 43.19 8.68
N ASN C 175 41.92 41.95 8.26
CA ASN C 175 41.47 40.75 8.98
C ASN C 175 39.96 40.77 9.23
N LEU C 176 39.21 40.63 8.15
CA LEU C 176 37.76 40.51 8.26
C LEU C 176 37.38 39.35 9.15
N ARG C 177 36.43 39.59 10.07
CA ARG C 177 35.91 38.57 10.96
C ARG C 177 34.44 38.39 10.70
N GLU C 178 34.00 37.14 10.54
CA GLU C 178 32.62 36.82 10.23
C GLU C 178 32.11 35.81 11.25
N PHE C 179 30.88 36.01 11.71
CA PHE C 179 30.33 35.19 12.78
C PHE C 179 28.85 34.92 12.49
N VAL C 180 28.31 33.92 13.16
CA VAL C 180 26.89 33.61 13.10
C VAL C 180 26.50 32.88 14.37
N PHE C 181 25.27 33.11 14.83
CA PHE C 181 24.77 32.53 16.05
C PHE C 181 23.37 31.99 15.80
N LYS C 182 23.09 30.80 16.31
CA LYS C 182 21.76 30.22 16.21
C LYS C 182 21.53 29.29 17.38
N ASN C 183 20.34 29.37 17.98
CA ASN C 183 19.96 28.56 19.14
C ASN C 183 18.76 27.71 18.80
N ILE C 184 19.00 26.45 18.45
CA ILE C 184 17.95 25.49 18.14
C ILE C 184 18.13 24.27 19.03
N ASP C 185 17.05 23.87 19.70
CA ASP C 185 17.05 22.69 20.57
C ASP C 185 18.04 22.85 21.72
N GLY C 186 18.13 24.06 22.26
CA GLY C 186 18.96 24.31 23.42
C GLY C 186 20.45 24.19 23.21
N TYR C 187 20.95 24.64 22.07
CA TYR C 187 22.38 24.67 21.79
C TYR C 187 22.75 26.01 21.20
N PHE C 188 23.97 26.45 21.47
CA PHE C 188 24.51 27.68 20.89
C PHE C 188 25.66 27.31 19.97
N LYS C 189 25.46 27.47 18.67
CA LYS C 189 26.46 27.14 17.67
C LYS C 189 27.08 28.43 17.14
N ILE C 190 28.41 28.48 17.11
CA ILE C 190 29.15 29.64 16.63
C ILE C 190 30.02 29.19 15.46
N TYR C 191 29.93 29.92 14.35
CA TYR C 191 30.75 29.66 13.18
C TYR C 191 31.56 30.92 12.88
N SER C 192 32.83 30.76 12.56
CA SER C 192 33.64 31.94 12.25
C SER C 192 34.72 31.57 11.25
N LYS C 193 35.20 32.60 10.56
CA LYS C 193 36.39 32.49 9.73
C LYS C 193 36.93 33.89 9.51
N HIS C 194 38.24 33.97 9.26
CA HIS C 194 38.95 35.23 9.11
C HIS C 194 39.48 35.35 7.69
N THR C 195 39.22 36.50 7.06
CA THR C 195 39.67 36.77 5.70
C THR C 195 40.34 38.13 5.65
N PRO C 196 41.27 38.34 4.73
CA PRO C 196 41.86 39.66 4.54
C PRO C 196 40.93 40.57 3.75
N ILE C 197 41.10 41.87 3.96
CA ILE C 197 40.28 42.89 3.34
C ILE C 197 41.17 43.74 2.44
N ASN C 198 40.85 43.77 1.16
CA ASN C 198 41.44 44.75 0.25
C ASN C 198 40.56 45.97 0.08
N LEU C 199 39.34 45.95 0.62
CA LEU C 199 38.38 47.03 0.46
C LEU C 199 38.49 48.00 1.63
N VAL C 200 37.55 48.94 1.71
CA VAL C 200 37.58 50.00 2.72
C VAL C 200 36.38 49.90 3.66
N ARG C 201 35.16 50.08 3.13
CA ARG C 201 33.98 50.21 3.98
C ARG C 201 32.92 49.15 3.71
N ASP C 202 32.58 48.88 2.45
CA ASP C 202 31.51 47.92 2.20
C ASP C 202 32.01 46.48 2.33
N LEU C 203 31.08 45.55 2.20
CA LEU C 203 31.39 44.13 2.30
C LEU C 203 32.19 43.67 1.09
N PRO C 204 33.01 42.64 1.25
CA PRO C 204 33.77 42.12 0.11
C PRO C 204 32.89 41.42 -0.92
N GLN C 205 33.51 40.93 -1.99
CA GLN C 205 32.79 40.31 -3.09
C GLN C 205 33.04 38.81 -3.21
N GLY C 206 33.99 38.25 -2.48
CA GLY C 206 34.32 36.86 -2.62
C GLY C 206 33.33 35.92 -1.94
N PHE C 207 33.53 34.62 -2.17
CA PHE C 207 32.74 33.58 -1.55
C PHE C 207 33.57 32.89 -0.48
N SER C 208 33.01 32.80 0.72
CA SER C 208 33.72 32.27 1.88
C SER C 208 32.89 31.18 2.54
N ALA C 209 33.50 30.02 2.75
CA ALA C 209 32.90 28.98 3.57
C ALA C 209 33.23 29.28 5.02
N LEU C 210 32.19 29.44 5.84
CA LEU C 210 32.34 30.02 7.18
C LEU C 210 32.25 28.88 8.19
N GLU C 211 33.42 28.37 8.59
CA GLU C 211 33.51 27.11 9.34
C GLU C 211 33.03 27.28 10.78
N PRO C 212 32.67 26.18 11.45
CA PRO C 212 32.19 26.28 12.83
C PRO C 212 33.33 26.45 13.82
N LEU C 213 32.96 26.91 15.02
CA LEU C 213 33.89 27.06 16.14
C LEU C 213 33.61 26.08 17.26
N VAL C 214 32.40 26.09 17.80
CA VAL C 214 32.06 25.29 18.96
C VAL C 214 30.56 25.34 19.21
N ASP C 215 30.03 24.33 19.89
CA ASP C 215 28.66 24.32 20.36
C ASP C 215 28.64 24.51 21.87
N LEU C 216 27.59 25.15 22.38
CA LEU C 216 27.45 25.39 23.79
C LEU C 216 26.13 24.80 24.28
N PRO C 217 26.14 24.01 25.36
CA PRO C 217 24.88 23.51 25.92
C PRO C 217 24.27 24.48 26.92
N ILE C 218 23.56 25.51 26.44
CA ILE C 218 23.00 26.52 27.33
C ILE C 218 21.53 26.19 27.64
N GLY C 219 20.77 25.82 26.61
CA GLY C 219 19.39 25.43 26.79
C GLY C 219 18.49 26.49 27.39
N ILE C 220 18.61 27.74 26.95
CA ILE C 220 17.77 28.81 27.46
C ILE C 220 17.11 29.52 26.29
N ASN C 221 15.99 30.18 26.57
CA ASN C 221 15.35 31.01 25.57
C ASN C 221 16.24 32.21 25.26
N ILE C 222 16.05 32.79 24.10
CA ILE C 222 16.91 33.88 23.64
C ILE C 222 16.14 34.74 22.65
N THR C 223 16.17 36.06 22.85
CA THR C 223 15.45 36.95 21.93
C THR C 223 16.30 38.10 21.40
N ARG C 224 17.18 38.68 22.21
CA ARG C 224 17.88 39.89 21.81
C ARG C 224 19.35 39.80 22.14
N PHE C 225 20.19 40.28 21.23
CA PHE C 225 21.64 40.33 21.45
C PHE C 225 22.10 41.78 21.44
N GLN C 226 23.33 42.01 21.91
CA GLN C 226 23.94 43.33 21.87
C GLN C 226 25.45 43.19 21.92
N THR C 227 26.14 44.02 21.13
CA THR C 227 27.58 43.95 20.98
C THR C 227 28.30 44.78 22.04
N LEU C 228 29.60 44.51 22.19
CA LEU C 228 30.49 45.24 23.09
C LEU C 228 31.56 45.95 22.28
N LEU C 229 31.92 47.16 22.71
CA LEU C 229 32.86 48.01 22.00
C LEU C 229 34.00 48.40 22.94
N ALA C 230 35.17 48.68 22.38
CA ALA C 230 36.34 49.07 23.17
C ALA C 230 36.52 50.57 23.13
N LEU C 231 36.53 51.20 24.32
CA LEU C 231 36.68 52.64 24.46
C LEU C 231 37.85 52.92 25.38
N HIS C 232 38.99 53.31 24.80
CA HIS C 232 40.12 53.73 25.61
C HIS C 232 39.71 54.90 26.49
N ARG C 233 39.82 54.72 27.80
CA ARG C 233 39.18 55.63 28.74
C ARG C 233 39.86 57.00 28.71
N SER C 234 39.16 57.98 29.26
CA SER C 234 39.55 59.37 29.11
C SER C 234 40.91 59.64 29.77
N TYR C 235 41.70 60.46 29.08
CA TYR C 235 42.96 60.97 29.60
C TYR C 235 42.95 62.47 29.32
N LEU C 236 44.12 63.10 29.41
CA LEU C 236 44.19 64.54 29.15
C LEU C 236 44.27 64.81 27.66
N THR C 237 43.39 64.16 26.89
CA THR C 237 43.35 64.31 25.43
C THR C 237 41.92 64.64 25.01
N PRO C 238 41.57 65.93 24.92
CA PRO C 238 40.20 66.34 24.61
C PRO C 238 39.87 66.24 23.12
N SER C 243 31.49 64.64 28.28
CA SER C 243 32.74 64.09 28.76
C SER C 243 33.46 63.32 27.67
N GLY C 244 34.79 63.33 27.71
CA GLY C 244 35.59 62.72 26.67
C GLY C 244 35.61 61.21 26.70
N TRP C 245 34.94 60.58 25.75
CA TRP C 245 34.80 59.14 25.64
C TRP C 245 34.98 58.77 24.16
N THR C 246 34.52 57.58 23.79
CA THR C 246 34.34 57.18 22.39
C THR C 246 35.66 57.22 21.61
N ALA C 247 36.57 56.34 22.00
CA ALA C 247 37.83 56.14 21.28
C ALA C 247 37.81 54.78 20.61
N GLY C 248 37.96 54.76 19.28
CA GLY C 248 38.01 53.51 18.55
C GLY C 248 37.19 53.47 17.27
N ALA C 249 37.72 52.82 16.23
CA ALA C 249 37.08 52.73 14.93
C ALA C 249 36.89 51.27 14.52
N ALA C 250 35.69 50.95 14.05
CA ALA C 250 35.36 49.60 13.58
C ALA C 250 34.19 49.70 12.61
N ALA C 251 33.55 48.57 12.33
CA ALA C 251 32.39 48.54 11.44
C ALA C 251 31.68 47.21 11.63
N TYR C 252 30.36 47.24 11.78
CA TYR C 252 29.58 46.05 12.06
C TYR C 252 28.47 45.92 11.02
N TYR C 253 27.99 44.69 10.84
CA TYR C 253 26.84 44.44 9.98
C TYR C 253 26.00 43.34 10.59
N VAL C 254 24.68 43.47 10.51
CA VAL C 254 23.76 42.48 11.05
C VAL C 254 22.73 42.14 10.01
N GLY C 255 22.58 40.85 9.73
CA GLY C 255 21.56 40.35 8.83
C GLY C 255 20.91 39.11 9.38
N TYR C 256 19.59 39.00 9.25
CA TYR C 256 18.84 37.94 9.91
C TYR C 256 18.78 36.71 9.02
N LEU C 257 18.84 35.53 9.64
CA LEU C 257 18.73 34.28 8.91
C LEU C 257 17.27 33.94 8.66
N GLN C 258 17.03 33.27 7.52
CA GLN C 258 15.70 32.83 7.13
C GLN C 258 15.79 31.38 6.67
N PRO C 259 14.70 30.62 6.76
CA PRO C 259 14.73 29.22 6.33
C PRO C 259 14.62 29.12 4.81
N ARG C 260 15.71 28.71 4.18
CA ARG C 260 15.78 28.63 2.73
C ARG C 260 16.58 27.40 2.32
N THR C 261 16.51 27.09 1.03
CA THR C 261 17.21 25.95 0.45
C THR C 261 18.40 26.45 -0.36
N PHE C 262 19.54 25.79 -0.20
CA PHE C 262 20.74 26.12 -0.95
C PHE C 262 21.22 24.88 -1.70
N LEU C 263 22.02 25.12 -2.73
CA LEU C 263 22.71 24.06 -3.45
C LEU C 263 24.20 24.31 -3.30
N LEU C 264 24.84 23.58 -2.39
CA LEU C 264 26.22 23.85 -2.00
C LEU C 264 27.18 22.99 -2.81
N LYS C 265 28.07 23.65 -3.54
CA LYS C 265 29.13 22.94 -4.25
C LYS C 265 30.24 22.58 -3.30
N TYR C 266 30.59 21.30 -3.27
CA TYR C 266 31.66 20.80 -2.42
C TYR C 266 32.87 20.50 -3.29
N ASN C 267 34.03 20.99 -2.87
CA ASN C 267 35.27 20.69 -3.55
C ASN C 267 35.61 19.21 -3.39
N GLU C 268 36.75 18.81 -3.94
CA GLU C 268 37.26 17.47 -3.67
C GLU C 268 38.02 17.39 -2.36
N ASN C 269 37.96 18.43 -1.52
CA ASN C 269 38.46 18.37 -0.15
C ASN C 269 37.39 18.66 0.89
N GLY C 270 36.15 18.86 0.49
CA GLY C 270 35.11 19.22 1.41
C GLY C 270 34.92 20.71 1.62
N THR C 271 35.76 21.54 1.03
CA THR C 271 35.59 22.98 1.12
C THR C 271 34.46 23.42 0.20
N ILE C 272 33.54 24.21 0.73
CA ILE C 272 32.47 24.77 -0.09
C ILE C 272 33.04 25.90 -0.93
N THR C 273 32.87 25.78 -2.25
CA THR C 273 33.42 26.76 -3.18
C THR C 273 32.36 27.57 -3.90
N ASP C 274 31.11 27.11 -3.94
CA ASP C 274 30.03 27.85 -4.57
C ASP C 274 28.70 27.39 -3.99
N ALA C 275 27.68 28.23 -4.18
CA ALA C 275 26.35 27.93 -3.70
C ALA C 275 25.33 28.64 -4.57
N VAL C 276 24.11 28.12 -4.57
CA VAL C 276 23.01 28.63 -5.38
C VAL C 276 21.79 28.76 -4.50
N ASP C 277 21.05 29.85 -4.67
CA ASP C 277 19.80 30.03 -3.94
C ASP C 277 18.61 29.63 -4.79
N CYS C 278 17.87 28.64 -4.32
CA CYS C 278 16.54 28.46 -4.85
C CYS C 278 15.71 29.65 -4.40
N ALA C 279 14.81 30.11 -5.27
CA ALA C 279 13.86 31.18 -4.98
C ALA C 279 14.50 32.56 -4.85
N LEU C 280 15.57 32.83 -5.60
CA LEU C 280 15.91 34.21 -5.91
C LEU C 280 15.28 34.64 -7.23
N ASP C 281 15.70 34.01 -8.31
CA ASP C 281 15.25 34.27 -9.66
C ASP C 281 15.11 32.94 -10.38
N PRO C 282 14.31 32.89 -11.45
CA PRO C 282 14.05 31.60 -12.09
C PRO C 282 15.30 30.89 -12.60
N LEU C 283 16.37 31.62 -12.94
CA LEU C 283 17.57 30.94 -13.42
C LEU C 283 18.16 30.05 -12.34
N SER C 284 18.24 30.54 -11.11
CA SER C 284 18.75 29.73 -10.01
C SER C 284 17.73 28.73 -9.51
N GLU C 285 16.45 28.90 -9.87
CA GLU C 285 15.45 27.90 -9.52
C GLU C 285 15.63 26.64 -10.35
N THR C 286 16.02 26.77 -11.62
CA THR C 286 16.25 25.59 -12.44
C THR C 286 17.47 24.82 -11.95
N LYS C 287 18.55 25.52 -11.62
CA LYS C 287 19.77 24.85 -11.18
C LYS C 287 19.53 23.98 -9.97
N CYS C 288 18.59 24.39 -9.10
CA CYS C 288 18.18 23.53 -8.00
C CYS C 288 17.51 22.26 -8.52
N THR C 289 16.65 22.40 -9.53
CA THR C 289 15.91 21.25 -10.05
C THR C 289 16.81 20.34 -10.87
N LEU C 290 17.67 20.91 -11.72
CA LEU C 290 18.63 20.11 -12.45
C LEU C 290 19.80 19.66 -11.60
N LYS C 291 19.92 20.17 -10.37
CA LYS C 291 21.00 19.81 -9.46
C LYS C 291 22.36 19.99 -10.11
N SER C 292 22.53 21.10 -10.80
CA SER C 292 23.80 21.41 -11.45
C SER C 292 23.95 22.91 -11.54
N PHE C 293 25.18 23.36 -11.66
CA PHE C 293 25.47 24.79 -11.76
C PHE C 293 25.42 25.30 -13.18
N THR C 294 25.27 24.43 -14.17
CA THR C 294 25.16 24.83 -15.56
C THR C 294 23.93 24.17 -16.17
N VAL C 295 23.14 24.94 -16.89
CA VAL C 295 21.94 24.44 -17.56
C VAL C 295 22.10 24.64 -19.06
N GLU C 296 21.73 23.63 -19.82
CA GLU C 296 21.84 23.69 -21.27
C GLU C 296 20.55 24.22 -21.87
N LYS C 297 20.62 24.61 -23.14
CA LYS C 297 19.52 25.26 -23.81
C LYS C 297 18.25 24.42 -23.77
N GLY C 298 17.13 25.04 -23.43
CA GLY C 298 15.86 24.36 -23.51
C GLY C 298 14.88 24.91 -22.48
N ILE C 299 13.76 24.21 -22.36
CA ILE C 299 12.72 24.50 -21.37
C ILE C 299 12.80 23.47 -20.25
N TYR C 300 12.78 23.96 -19.01
CA TYR C 300 12.75 23.09 -17.84
C TYR C 300 11.58 23.51 -16.97
N GLN C 301 10.79 22.54 -16.53
CA GLN C 301 9.68 22.81 -15.61
C GLN C 301 10.20 22.78 -14.18
N THR C 302 9.97 23.86 -13.44
CA THR C 302 10.51 24.01 -12.10
C THR C 302 9.46 23.88 -11.01
N SER C 303 8.42 24.70 -11.04
CA SER C 303 7.46 24.76 -9.93
C SER C 303 6.06 24.86 -10.51
N ASN C 304 5.12 25.26 -9.67
CA ASN C 304 3.73 25.47 -10.08
C ASN C 304 3.33 26.91 -9.79
N PHE C 305 2.04 27.18 -9.95
CA PHE C 305 1.49 28.51 -9.75
C PHE C 305 0.02 28.35 -9.44
N ARG C 306 -0.37 28.59 -8.18
CA ARG C 306 -1.76 28.51 -7.79
C ARG C 306 -2.17 29.82 -7.15
N VAL C 307 -3.30 30.35 -7.60
CA VAL C 307 -3.78 31.64 -7.11
C VAL C 307 -4.32 31.45 -5.70
N GLN C 308 -3.82 32.24 -4.76
CA GLN C 308 -4.27 32.12 -3.39
C GLN C 308 -5.67 32.69 -3.23
N PRO C 309 -6.45 32.16 -2.28
CA PRO C 309 -7.79 32.69 -2.07
C PRO C 309 -7.78 33.94 -1.21
N THR C 310 -8.56 34.93 -1.62
CA THR C 310 -8.69 36.17 -0.87
C THR C 310 -9.64 35.94 0.31
N GLU C 311 -10.15 37.02 0.88
CA GLU C 311 -11.02 36.93 2.06
C GLU C 311 -12.23 36.05 1.79
N SER C 312 -12.55 35.19 2.75
CA SER C 312 -13.61 34.21 2.64
C SER C 312 -14.99 34.84 2.82
N ILE C 313 -16.02 34.07 2.46
CA ILE C 313 -17.41 34.43 2.67
C ILE C 313 -18.17 33.21 3.20
N VAL C 314 -19.24 33.48 3.94
CA VAL C 314 -20.16 32.46 4.42
C VAL C 314 -21.57 32.95 4.16
N ARG C 315 -22.38 32.12 3.50
CA ARG C 315 -23.73 32.52 3.11
C ARG C 315 -24.75 31.56 3.67
N PHE C 316 -25.87 32.12 4.13
CA PHE C 316 -26.95 31.36 4.74
C PHE C 316 -28.24 32.09 4.47
N PRO C 317 -29.38 31.38 4.52
CA PRO C 317 -30.67 32.04 4.21
C PRO C 317 -31.01 33.18 5.16
N ASN C 318 -32.00 34.00 4.81
CA ASN C 318 -32.36 35.17 5.60
C ASN C 318 -33.65 34.98 6.37
N ILE C 319 -34.09 33.75 6.58
CA ILE C 319 -35.32 33.48 7.33
C ILE C 319 -35.00 33.42 8.82
N THR C 320 -35.38 34.47 9.54
CA THR C 320 -35.19 34.55 10.98
C THR C 320 -36.48 35.05 11.61
N ASN C 321 -36.73 34.65 12.85
CA ASN C 321 -37.96 35.04 13.54
C ASN C 321 -37.68 36.01 14.68
N CYS C 323 -41.23 34.58 16.58
CA CYS C 323 -41.70 33.85 17.75
C CYS C 323 -41.49 34.65 19.03
N PRO C 324 -42.52 34.69 19.88
CA PRO C 324 -42.43 35.49 21.10
C PRO C 324 -41.69 34.78 22.22
N PHE C 325 -40.36 34.92 22.26
CA PHE C 325 -39.61 34.32 23.35
C PHE C 325 -39.59 35.18 24.61
N GLY C 326 -40.29 36.32 24.59
CA GLY C 326 -40.52 37.08 25.80
C GLY C 326 -41.55 36.47 26.72
N GLU C 327 -42.12 35.32 26.34
CA GLU C 327 -43.10 34.64 27.17
C GLU C 327 -42.52 34.19 28.50
N VAL C 328 -41.26 33.76 28.52
CA VAL C 328 -40.66 33.11 29.67
C VAL C 328 -39.81 34.07 30.47
N PHE C 329 -38.86 34.75 29.83
CA PHE C 329 -37.97 35.65 30.55
C PHE C 329 -38.71 36.86 31.08
N ASN C 330 -39.65 37.41 30.30
CA ASN C 330 -40.40 38.61 30.65
C ASN C 330 -41.71 38.30 31.34
N ALA C 331 -41.81 37.16 32.05
CA ALA C 331 -43.06 36.76 32.66
C ALA C 331 -43.47 37.72 33.76
N THR C 332 -44.68 38.27 33.64
CA THR C 332 -45.16 39.24 34.62
C THR C 332 -45.31 38.60 36.00
N ARG C 333 -45.84 37.38 36.06
CA ARG C 333 -45.91 36.63 37.31
C ARG C 333 -45.48 35.20 37.06
N PHE C 334 -44.76 34.65 38.03
CA PHE C 334 -44.21 33.29 37.94
C PHE C 334 -45.12 32.32 38.67
N ALA C 335 -45.03 31.05 38.29
CA ALA C 335 -45.93 30.03 38.80
C ALA C 335 -45.53 29.63 40.22
N SER C 336 -46.20 28.62 40.76
CA SER C 336 -45.90 28.14 42.10
C SER C 336 -44.66 27.23 42.04
N VAL C 337 -44.37 26.54 43.15
CA VAL C 337 -43.13 25.78 43.24
C VAL C 337 -43.16 24.54 42.36
N TYR C 338 -44.30 23.86 42.26
CA TYR C 338 -44.34 22.51 41.73
C TYR C 338 -45.14 22.41 40.43
N ALA C 339 -45.00 23.39 39.55
CA ALA C 339 -45.65 23.31 38.24
C ALA C 339 -44.85 24.18 37.27
N TRP C 340 -44.02 23.52 36.46
CA TRP C 340 -43.14 24.23 35.53
C TRP C 340 -43.94 24.95 34.44
N ASN C 341 -43.45 26.11 34.03
CA ASN C 341 -44.01 26.83 32.89
C ASN C 341 -43.34 26.33 31.61
N ARG C 342 -43.57 25.04 31.35
CA ARG C 342 -42.91 24.34 30.24
C ARG C 342 -43.59 24.74 28.94
N LYS C 343 -43.17 25.88 28.39
CA LYS C 343 -43.62 26.35 27.09
C LYS C 343 -42.67 25.79 26.04
N ARG C 344 -43.10 24.74 25.35
CA ARG C 344 -42.26 24.08 24.37
C ARG C 344 -42.12 24.96 23.13
N ILE C 345 -40.90 25.10 22.63
CA ILE C 345 -40.59 25.98 21.52
C ILE C 345 -40.19 25.13 20.32
N SER C 346 -40.87 25.35 19.19
CA SER C 346 -40.59 24.63 17.96
C SER C 346 -40.80 25.57 16.78
N ASN C 347 -40.04 25.33 15.71
CA ASN C 347 -40.15 26.08 14.45
C ASN C 347 -39.99 27.58 14.69
N CYS C 348 -38.88 27.94 15.32
CA CYS C 348 -38.59 29.32 15.67
C CYS C 348 -37.09 29.55 15.54
N VAL C 349 -36.67 30.80 15.70
CA VAL C 349 -35.27 31.16 15.71
C VAL C 349 -34.96 31.74 17.08
N ALA C 350 -33.97 31.16 17.76
CA ALA C 350 -33.62 31.54 19.12
C ALA C 350 -32.43 32.48 19.07
N ASP C 351 -32.72 33.79 19.02
CA ASP C 351 -31.65 34.80 19.02
C ASP C 351 -31.11 34.91 20.44
N TYR C 352 -30.51 33.82 20.90
CA TYR C 352 -29.94 33.78 22.24
C TYR C 352 -28.84 34.81 22.43
N SER C 353 -28.14 35.19 21.36
CA SER C 353 -27.11 36.22 21.46
C SER C 353 -27.68 37.54 21.97
N VAL C 354 -28.91 37.87 21.58
CA VAL C 354 -29.53 39.11 22.01
C VAL C 354 -29.65 39.13 23.53
N LEU C 355 -30.06 38.01 24.13
CA LEU C 355 -30.23 37.96 25.57
C LEU C 355 -28.91 38.18 26.29
N TYR C 356 -27.83 37.56 25.80
CA TYR C 356 -26.56 37.59 26.51
C TYR C 356 -25.81 38.90 26.34
N ASN C 357 -26.27 39.79 25.48
CA ASN C 357 -25.59 41.06 25.22
C ASN C 357 -26.44 42.28 25.47
N SER C 358 -27.73 42.26 25.12
CA SER C 358 -28.56 43.45 25.26
C SER C 358 -28.86 43.75 26.72
N ALA C 359 -29.23 42.73 27.50
CA ALA C 359 -29.55 42.89 28.91
C ALA C 359 -28.51 42.15 29.75
N SER C 360 -28.01 42.83 30.79
CA SER C 360 -26.99 42.26 31.67
C SER C 360 -27.69 41.54 32.82
N PHE C 361 -27.75 40.21 32.73
CA PHE C 361 -28.33 39.41 33.80
C PHE C 361 -27.45 39.45 35.04
N SER C 362 -28.10 39.35 36.21
CA SER C 362 -27.34 39.28 37.45
C SER C 362 -26.56 37.97 37.54
N THR C 363 -27.13 36.87 37.06
CA THR C 363 -26.48 35.56 37.09
C THR C 363 -26.18 35.13 35.66
N PHE C 364 -24.89 34.91 35.38
CA PHE C 364 -24.42 34.40 34.09
C PHE C 364 -23.71 33.08 34.38
N LYS C 365 -24.48 31.99 34.47
CA LYS C 365 -23.92 30.68 34.79
C LYS C 365 -24.76 29.63 34.08
N CYS C 366 -24.21 29.05 33.03
CA CYS C 366 -24.88 28.01 32.25
C CYS C 366 -24.13 26.70 32.44
N TYR C 367 -24.86 25.65 32.83
CA TYR C 367 -24.26 24.38 33.19
C TYR C 367 -24.46 23.39 32.05
N GLY C 368 -23.37 22.77 31.61
CA GLY C 368 -23.41 21.88 30.47
C GLY C 368 -22.89 22.52 29.21
N VAL C 369 -23.28 23.78 28.99
CA VAL C 369 -22.82 24.57 27.86
C VAL C 369 -22.27 25.89 28.39
N SER C 370 -21.11 26.29 27.88
CA SER C 370 -20.50 27.54 28.30
C SER C 370 -21.38 28.71 27.89
N PRO C 371 -21.42 29.79 28.68
CA PRO C 371 -22.31 30.92 28.36
C PRO C 371 -21.82 31.81 27.23
N THR C 372 -20.84 31.37 26.44
CA THR C 372 -20.28 32.18 25.38
C THR C 372 -20.43 31.54 24.00
N LYS C 373 -21.01 30.35 23.90
CA LYS C 373 -21.18 29.66 22.63
C LYS C 373 -22.57 29.08 22.51
N LEU C 374 -23.58 29.82 22.96
CA LEU C 374 -24.94 29.31 23.02
C LEU C 374 -25.77 29.68 21.80
N ASN C 375 -25.14 30.25 20.77
CA ASN C 375 -25.83 30.56 19.52
C ASN C 375 -25.49 29.59 18.40
N ASP C 376 -24.40 28.84 18.52
CA ASP C 376 -23.91 28.01 17.43
C ASP C 376 -24.35 26.56 17.53
N LEU C 377 -24.74 26.10 18.71
CA LEU C 377 -25.13 24.71 18.87
C LEU C 377 -26.51 24.46 18.28
N CYS C 378 -26.82 23.18 18.07
CA CYS C 378 -28.11 22.74 17.56
C CYS C 378 -28.83 21.93 18.62
N PHE C 379 -30.06 22.33 18.94
CA PHE C 379 -30.87 21.66 19.94
C PHE C 379 -32.21 21.28 19.36
N THR C 380 -32.76 20.17 19.85
CA THR C 380 -33.99 19.63 19.27
C THR C 380 -35.22 20.37 19.77
N ASN C 381 -35.46 20.34 21.09
CA ASN C 381 -36.65 20.94 21.65
C ASN C 381 -36.27 21.78 22.87
N VAL C 382 -37.03 22.85 23.08
CA VAL C 382 -36.75 23.82 24.13
C VAL C 382 -37.88 23.76 25.14
N TYR C 383 -37.54 23.37 26.38
CA TYR C 383 -38.50 23.28 27.47
C TYR C 383 -38.29 24.47 28.40
N ALA C 384 -39.30 25.35 28.47
CA ALA C 384 -39.19 26.58 29.24
C ALA C 384 -39.32 26.30 30.74
N ASP C 385 -38.64 27.11 31.54
CA ASP C 385 -38.67 26.99 33.00
C ASP C 385 -38.63 28.37 33.61
N SER C 386 -39.49 28.63 34.60
CA SER C 386 -39.55 29.95 35.21
C SER C 386 -40.28 29.89 36.55
N PHE C 387 -39.53 30.05 37.64
CA PHE C 387 -40.02 30.03 39.02
C PHE C 387 -39.39 31.17 39.80
N VAL C 388 -39.66 31.19 41.11
CA VAL C 388 -39.09 32.18 42.04
C VAL C 388 -38.19 31.45 43.03
N ILE C 389 -36.98 31.97 43.21
CA ILE C 389 -35.98 31.33 44.06
C ILE C 389 -35.31 32.38 44.94
N ARG C 390 -35.17 32.05 46.22
CA ARG C 390 -34.67 33.00 47.21
C ARG C 390 -33.22 33.37 46.95
N GLY C 391 -32.85 34.57 47.41
CA GLY C 391 -31.49 35.05 47.20
C GLY C 391 -30.45 34.16 47.88
N ASP C 392 -30.71 33.79 49.14
CA ASP C 392 -29.83 32.84 49.80
C ASP C 392 -29.84 31.49 49.10
N GLU C 393 -30.92 31.17 48.38
CA GLU C 393 -31.04 29.90 47.69
C GLU C 393 -30.86 30.03 46.18
N VAL C 394 -30.48 31.22 45.69
CA VAL C 394 -30.06 31.33 44.30
C VAL C 394 -28.82 30.48 44.06
N ARG C 395 -27.87 30.53 45.00
CA ARG C 395 -26.70 29.66 44.89
C ARG C 395 -27.11 28.20 44.95
N GLN C 396 -28.26 27.89 45.55
CA GLN C 396 -28.76 26.52 45.55
C GLN C 396 -29.24 26.06 44.18
N ILE C 397 -29.11 26.89 43.14
CA ILE C 397 -29.32 26.44 41.76
C ILE C 397 -27.96 25.94 41.29
N ALA C 398 -27.64 24.71 41.68
CA ALA C 398 -26.37 24.08 41.33
C ALA C 398 -26.42 22.61 41.71
N PRO C 399 -25.91 21.72 40.85
CA PRO C 399 -25.88 20.30 41.20
C PRO C 399 -24.77 20.02 42.20
N GLY C 400 -25.10 19.20 43.21
CA GLY C 400 -24.17 18.82 44.24
C GLY C 400 -24.25 19.61 45.52
N GLN C 401 -25.06 20.67 45.57
CA GLN C 401 -25.22 21.47 46.77
C GLN C 401 -26.33 20.89 47.66
N THR C 402 -26.45 21.47 48.85
CA THR C 402 -27.47 21.08 49.82
C THR C 402 -28.26 22.30 50.23
N GLY C 403 -29.57 22.14 50.36
CA GLY C 403 -30.41 23.24 50.80
C GLY C 403 -31.88 22.94 50.53
N LYS C 404 -32.70 23.96 50.81
CA LYS C 404 -34.14 23.83 50.61
C LYS C 404 -34.50 23.70 49.14
N ILE C 405 -33.67 24.22 48.24
CA ILE C 405 -33.90 24.14 46.81
C ILE C 405 -32.92 23.19 46.14
N ALA C 406 -31.66 23.20 46.57
CA ALA C 406 -30.66 22.32 45.97
C ALA C 406 -30.99 20.85 46.18
N ASP C 407 -31.72 20.53 47.26
CA ASP C 407 -32.02 19.14 47.59
C ASP C 407 -33.47 18.85 47.96
N TYR C 408 -34.32 19.86 48.15
CA TYR C 408 -35.71 19.62 48.56
C TYR C 408 -36.76 20.28 47.69
N ASN C 409 -36.50 21.45 47.12
CA ASN C 409 -37.48 22.10 46.26
C ASN C 409 -37.31 21.71 44.80
N TYR C 410 -36.07 21.66 44.31
CA TYR C 410 -35.84 21.34 42.90
C TYR C 410 -34.67 20.37 42.80
N LYS C 411 -34.97 19.16 42.32
CA LYS C 411 -33.98 18.10 42.24
C LYS C 411 -33.07 18.34 41.03
N LEU C 412 -31.78 18.51 41.31
CA LEU C 412 -30.83 18.93 40.28
C LEU C 412 -29.83 17.81 40.00
N PRO C 413 -30.00 17.06 38.92
CA PRO C 413 -29.02 16.03 38.57
C PRO C 413 -27.75 16.66 38.00
N ASP C 414 -26.68 15.86 37.99
CA ASP C 414 -25.37 16.33 37.56
C ASP C 414 -25.21 16.34 36.04
N ASP C 415 -26.32 16.33 35.29
CA ASP C 415 -26.30 16.26 33.83
C ASP C 415 -27.20 17.33 33.22
N PHE C 416 -27.04 18.58 33.67
CA PHE C 416 -27.84 19.67 33.13
C PHE C 416 -27.32 20.14 31.77
N THR C 417 -28.27 20.57 30.94
CA THR C 417 -27.98 21.26 29.67
C THR C 417 -28.89 22.48 29.62
N GLY C 418 -28.45 23.57 30.23
CA GLY C 418 -29.31 24.74 30.30
C GLY C 418 -28.58 25.93 30.91
N CYS C 419 -29.37 26.95 31.24
CA CYS C 419 -28.86 28.22 31.74
C CYS C 419 -29.67 28.68 32.93
N VAL C 420 -29.15 29.67 33.64
CA VAL C 420 -29.84 30.30 34.76
C VAL C 420 -29.84 31.81 34.54
N ILE C 421 -31.01 32.43 34.66
CA ILE C 421 -31.18 33.86 34.45
C ILE C 421 -31.89 34.45 35.66
N ALA C 422 -31.35 35.55 36.18
CA ALA C 422 -31.91 36.19 37.38
C ALA C 422 -31.81 37.69 37.25
N TRP C 423 -32.62 38.37 38.06
CA TRP C 423 -32.66 39.83 38.11
C TRP C 423 -33.04 40.28 39.51
N ASN C 424 -32.70 41.53 39.83
CA ASN C 424 -32.97 42.09 41.15
C ASN C 424 -34.39 42.63 41.20
N SER C 425 -35.26 41.94 41.94
CA SER C 425 -36.68 42.24 41.97
C SER C 425 -37.06 43.26 43.05
N ASN C 426 -36.09 44.04 43.52
CA ASN C 426 -36.42 45.10 44.48
C ASN C 426 -37.30 46.16 43.83
N ASN C 427 -37.00 46.55 42.59
CA ASN C 427 -37.79 47.56 41.90
C ASN C 427 -39.00 46.96 41.19
N LEU C 428 -39.13 45.64 41.17
CA LEU C 428 -40.20 44.96 40.46
C LEU C 428 -41.13 44.17 41.37
N ASP C 429 -40.59 43.42 42.33
CA ASP C 429 -41.35 42.57 43.22
C ASP C 429 -41.18 42.98 44.67
N SER C 430 -41.09 44.29 44.91
CA SER C 430 -40.95 44.80 46.27
C SER C 430 -41.55 46.20 46.32
N LYS C 431 -42.63 46.36 47.09
CA LYS C 431 -43.35 47.62 47.20
C LYS C 431 -43.54 47.96 48.67
N VAL C 432 -44.03 49.18 48.91
CA VAL C 432 -44.28 49.64 50.27
C VAL C 432 -45.28 48.72 50.95
N GLY C 433 -45.03 48.43 52.23
CA GLY C 433 -45.89 47.54 52.99
C GLY C 433 -45.41 46.09 53.03
N GLY C 434 -45.39 45.42 51.89
CA GLY C 434 -44.94 44.05 51.84
C GLY C 434 -45.55 43.29 50.67
N ASN C 435 -45.01 42.10 50.42
CA ASN C 435 -45.49 41.20 49.38
C ASN C 435 -45.59 39.80 49.96
N TYR C 436 -46.80 39.27 50.06
CA TYR C 436 -47.09 38.02 50.75
C TYR C 436 -47.80 37.05 49.81
N ASN C 437 -47.24 36.86 48.62
CA ASN C 437 -47.94 36.14 47.57
C ASN C 437 -47.23 34.88 47.06
N TYR C 438 -46.05 34.56 47.57
CA TYR C 438 -45.31 33.38 47.13
C TYR C 438 -45.13 32.39 48.29
N LEU C 439 -44.84 31.14 47.94
CA LEU C 439 -44.85 30.05 48.90
C LEU C 439 -43.71 29.09 48.60
N TYR C 440 -43.24 28.39 49.64
CA TYR C 440 -42.41 27.19 49.52
C TYR C 440 -42.98 26.07 50.39
N ARG C 441 -42.14 25.07 50.64
CA ARG C 441 -42.33 24.02 51.63
C ARG C 441 -41.05 23.92 52.46
N LEU C 442 -41.11 23.21 53.58
CA LEU C 442 -39.97 23.16 54.49
C LEU C 442 -38.97 22.07 54.12
N PHE C 443 -39.40 20.82 54.15
CA PHE C 443 -38.50 19.70 53.87
C PHE C 443 -39.30 18.59 53.22
N ARG C 444 -38.71 17.41 53.12
CA ARG C 444 -39.40 16.24 52.58
C ARG C 444 -39.06 15.03 53.45
N LYS C 445 -39.47 13.85 52.98
CA LYS C 445 -39.41 12.63 53.78
C LYS C 445 -38.05 11.95 53.66
N SER C 446 -37.58 11.73 52.43
CA SER C 446 -36.38 10.96 52.18
C SER C 446 -35.64 11.58 50.99
N ASN C 447 -34.66 10.85 50.47
CA ASN C 447 -33.88 11.33 49.33
C ASN C 447 -34.76 11.37 48.09
N LEU C 448 -34.42 12.29 47.18
CA LEU C 448 -35.24 12.61 46.01
C LEU C 448 -34.52 12.22 44.73
N LYS C 449 -35.23 11.54 43.83
CA LYS C 449 -34.85 11.23 42.46
C LYS C 449 -35.51 12.25 41.52
N PRO C 450 -34.77 12.77 40.55
CA PRO C 450 -35.21 13.99 39.86
C PRO C 450 -36.47 13.80 39.04
N PHE C 451 -37.04 14.94 38.64
CA PHE C 451 -38.24 15.00 37.79
C PHE C 451 -39.44 14.35 38.47
N GLU C 452 -39.87 14.96 39.58
CA GLU C 452 -41.07 14.56 40.28
C GLU C 452 -41.78 15.80 40.81
N ARG C 453 -43.09 15.67 41.03
CA ARG C 453 -43.90 16.74 41.61
C ARG C 453 -44.79 16.18 42.69
N ASP C 454 -44.80 16.83 43.86
CA ASP C 454 -45.66 16.44 44.98
C ASP C 454 -46.42 17.67 45.45
N ILE C 455 -47.73 17.71 45.18
CA ILE C 455 -48.57 18.81 45.62
C ILE C 455 -49.63 18.22 46.55
N SER C 456 -49.24 17.19 47.28
CA SER C 456 -50.17 16.52 48.19
C SER C 456 -50.43 17.38 49.41
N THR C 457 -51.69 17.38 49.87
CA THR C 457 -52.09 18.03 51.11
C THR C 457 -52.37 17.01 52.21
N GLU C 458 -51.61 15.92 52.22
CA GLU C 458 -51.86 14.85 53.17
C GLU C 458 -51.34 15.20 54.55
N ILE C 459 -51.73 14.38 55.52
CA ILE C 459 -51.40 14.57 56.93
C ILE C 459 -50.65 13.35 57.41
N TYR C 460 -49.47 13.58 58.01
CA TYR C 460 -48.57 12.50 58.39
C TYR C 460 -48.34 12.50 59.90
N GLN C 461 -47.98 11.33 60.41
CA GLN C 461 -47.73 11.14 61.83
C GLN C 461 -46.30 11.57 62.15
N ALA C 462 -46.15 12.68 62.87
CA ALA C 462 -44.83 13.12 63.27
C ALA C 462 -44.30 12.30 64.45
N GLY C 463 -45.19 11.63 65.18
CA GLY C 463 -44.80 10.83 66.32
C GLY C 463 -45.32 9.41 66.27
N SER C 464 -46.18 9.06 67.23
CA SER C 464 -46.75 7.71 67.31
C SER C 464 -48.26 7.68 67.15
N THR C 465 -48.97 8.76 67.47
CA THR C 465 -50.41 8.77 67.38
C THR C 465 -50.86 8.77 65.92
N PRO C 466 -52.02 8.17 65.62
CA PRO C 466 -52.54 8.23 64.25
C PRO C 466 -53.28 9.53 63.99
N CYS C 467 -52.76 10.34 63.06
CA CYS C 467 -53.39 11.62 62.76
C CYS C 467 -54.80 11.43 62.23
N ASN C 468 -55.00 10.43 61.36
CA ASN C 468 -56.30 10.12 60.77
C ASN C 468 -56.91 11.34 60.09
N GLY C 469 -56.07 12.06 59.36
CA GLY C 469 -56.53 13.24 58.63
C GLY C 469 -57.00 14.36 59.52
N VAL C 470 -56.30 14.62 60.61
CA VAL C 470 -56.62 15.69 61.55
C VAL C 470 -55.41 16.61 61.66
N GLU C 471 -55.62 17.90 61.47
CA GLU C 471 -54.54 18.87 61.58
C GLU C 471 -54.20 19.14 63.04
N GLY C 472 -52.93 19.50 63.29
CA GLY C 472 -52.54 19.93 64.61
C GLY C 472 -51.34 19.23 65.21
N PHE C 473 -51.56 18.53 66.31
CA PHE C 473 -50.47 17.94 67.10
C PHE C 473 -49.85 16.77 66.35
N ASN C 474 -48.56 16.89 66.02
CA ASN C 474 -47.81 15.89 65.27
C ASN C 474 -48.45 15.63 63.91
N CYS C 475 -49.14 16.64 63.35
CA CYS C 475 -49.77 16.56 62.04
C CYS C 475 -49.55 17.90 61.36
N TYR C 476 -48.53 17.98 60.50
CA TYR C 476 -48.03 19.25 60.00
C TYR C 476 -48.23 19.35 58.50
N PHE C 477 -48.22 20.60 58.02
CA PHE C 477 -48.18 20.92 56.61
C PHE C 477 -46.93 21.73 56.34
N PRO C 478 -46.28 21.53 55.19
CA PRO C 478 -45.05 22.26 54.88
C PRO C 478 -45.24 23.60 54.19
N LEU C 479 -46.47 23.95 53.82
CA LEU C 479 -46.72 25.19 53.09
C LEU C 479 -46.34 26.39 53.94
N GLN C 480 -45.78 27.42 53.31
CA GLN C 480 -45.33 28.62 54.00
C GLN C 480 -45.60 29.84 53.14
N SER C 481 -45.29 31.01 53.70
CA SER C 481 -45.51 32.27 53.00
C SER C 481 -44.25 33.13 52.97
N TYR C 482 -44.39 34.37 52.51
CA TYR C 482 -43.28 35.31 52.39
C TYR C 482 -43.67 36.66 52.97
N GLY C 483 -42.66 37.50 53.14
CA GLY C 483 -42.82 38.93 53.29
C GLY C 483 -41.70 39.64 52.53
N PHE C 484 -42.05 40.44 51.53
CA PHE C 484 -41.05 41.09 50.68
C PHE C 484 -41.30 42.58 50.60
N GLN C 485 -40.27 43.36 50.90
CA GLN C 485 -40.32 44.81 50.90
C GLN C 485 -39.04 45.34 50.25
N PRO C 486 -39.07 46.54 49.67
CA PRO C 486 -37.84 47.13 49.15
C PRO C 486 -36.80 47.42 50.23
N THR C 487 -37.21 47.42 51.50
CA THR C 487 -36.29 47.64 52.60
C THR C 487 -35.63 46.35 53.08
N ASN C 488 -35.94 45.21 52.47
CA ASN C 488 -35.31 43.96 52.86
C ASN C 488 -33.82 43.99 52.54
N GLY C 489 -33.04 43.28 53.37
CA GLY C 489 -31.61 43.22 53.20
C GLY C 489 -31.20 42.30 52.06
N VAL C 490 -29.90 42.32 51.77
CA VAL C 490 -29.36 41.55 50.66
C VAL C 490 -29.55 40.06 50.91
N GLY C 491 -29.43 39.63 52.16
CA GLY C 491 -29.57 38.21 52.46
C GLY C 491 -30.94 37.65 52.13
N TYR C 492 -31.99 38.45 52.32
CA TYR C 492 -33.37 38.00 52.12
C TYR C 492 -34.02 38.63 50.89
N GLN C 493 -33.21 38.96 49.87
CA GLN C 493 -33.78 39.49 48.65
C GLN C 493 -34.46 38.38 47.83
N PRO C 494 -35.50 38.71 47.08
CA PRO C 494 -36.13 37.74 46.20
C PRO C 494 -35.51 37.77 44.80
N TYR C 495 -35.57 36.61 44.14
CA TYR C 495 -35.05 36.47 42.79
C TYR C 495 -36.01 35.64 41.95
N ARG C 496 -36.44 36.20 40.82
CA ARG C 496 -37.15 35.44 39.80
C ARG C 496 -36.12 34.71 38.95
N VAL C 497 -36.26 33.40 38.84
CA VAL C 497 -35.27 32.56 38.18
C VAL C 497 -35.91 31.97 36.93
N VAL C 498 -35.24 32.15 35.80
CA VAL C 498 -35.68 31.59 34.52
C VAL C 498 -34.61 30.60 34.08
N VAL C 499 -35.04 29.37 33.83
CA VAL C 499 -34.14 28.29 33.43
C VAL C 499 -34.59 27.78 32.06
N LEU C 500 -33.66 27.16 31.34
CA LEU C 500 -33.94 26.55 30.06
C LEU C 500 -33.42 25.13 30.03
N SER C 501 -34.10 24.27 29.29
CA SER C 501 -33.64 22.90 29.09
C SER C 501 -33.92 22.48 27.65
N PHE C 502 -33.12 21.53 27.16
CA PHE C 502 -33.19 21.09 25.78
C PHE C 502 -33.19 19.57 25.73
N GLU C 503 -33.99 19.02 24.81
CA GLU C 503 -34.02 17.58 24.62
C GLU C 503 -32.78 17.11 23.86
N LEU C 504 -32.41 15.85 24.09
CA LEU C 504 -31.23 15.25 23.48
C LEU C 504 -31.58 13.93 22.82
N LEU C 505 -32.84 13.73 22.46
CA LEU C 505 -33.31 12.45 21.94
C LEU C 505 -32.92 12.29 20.47
N HIS C 506 -33.31 11.16 19.89
CA HIS C 506 -33.07 10.88 18.48
C HIS C 506 -34.02 11.68 17.59
N ALA C 507 -33.96 12.99 17.75
CA ALA C 507 -34.84 13.89 17.03
C ALA C 507 -34.03 15.00 16.37
N PRO C 508 -34.54 15.57 15.28
CA PRO C 508 -33.83 16.67 14.62
C PRO C 508 -33.95 17.98 15.39
N ALA C 509 -33.01 18.88 15.12
CA ALA C 509 -32.98 20.19 15.78
C ALA C 509 -33.98 21.15 15.14
N THR C 510 -34.65 21.93 15.97
CA THR C 510 -35.76 22.76 15.53
C THR C 510 -35.51 24.25 15.69
N VAL C 511 -35.14 24.71 16.89
CA VAL C 511 -34.99 26.13 17.17
C VAL C 511 -33.58 26.38 17.68
N CYS C 512 -32.84 27.25 16.98
CA CYS C 512 -31.48 27.58 17.35
C CYS C 512 -31.19 29.02 16.96
N GLY C 513 -29.93 29.43 17.11
CA GLY C 513 -29.50 30.75 16.74
C GLY C 513 -28.86 30.77 15.36
N PRO C 514 -28.91 31.91 14.68
CA PRO C 514 -28.44 32.00 13.30
C PRO C 514 -26.96 32.34 13.20
N LYS C 515 -26.38 31.99 12.05
CA LYS C 515 -25.01 32.33 11.71
C LYS C 515 -25.06 33.11 10.41
N LYS C 516 -25.33 34.41 10.51
CA LYS C 516 -25.60 35.24 9.35
C LYS C 516 -25.08 36.64 9.60
N SER C 517 -24.46 37.24 8.58
CA SER C 517 -24.10 36.59 7.32
C SER C 517 -22.84 37.26 6.81
N THR C 518 -22.56 37.11 5.52
CA THR C 518 -21.47 37.83 4.87
C THR C 518 -21.94 38.36 3.53
N ASN C 519 -21.28 39.41 3.07
CA ASN C 519 -21.51 39.87 1.70
C ASN C 519 -20.96 38.85 0.72
N LEU C 520 -21.56 38.83 -0.47
CA LEU C 520 -21.09 37.95 -1.53
C LEU C 520 -20.09 38.70 -2.41
N VAL C 521 -19.00 38.03 -2.74
CA VAL C 521 -18.01 38.58 -3.64
C VAL C 521 -18.09 37.82 -4.96
N LYS C 522 -17.64 38.46 -6.02
CA LYS C 522 -17.63 37.85 -7.34
C LYS C 522 -16.27 38.03 -7.97
N ASN C 523 -15.91 37.11 -8.86
CA ASN C 523 -14.72 37.24 -9.68
C ASN C 523 -13.45 37.30 -8.85
N LYS C 524 -13.42 36.58 -7.73
CA LYS C 524 -12.27 36.50 -6.87
C LYS C 524 -12.15 35.08 -6.34
N CYS C 525 -10.95 34.51 -6.36
CA CYS C 525 -10.75 33.20 -5.75
C CYS C 525 -11.01 33.34 -4.25
N VAL C 526 -12.11 32.77 -3.78
CA VAL C 526 -12.62 33.00 -2.44
C VAL C 526 -13.01 31.66 -1.81
N ASN C 527 -12.74 31.53 -0.51
CA ASN C 527 -13.19 30.37 0.26
C ASN C 527 -14.65 30.62 0.63
N PHE C 528 -15.55 30.08 -0.19
CA PHE C 528 -16.98 30.30 0.06
C PHE C 528 -17.54 29.21 0.97
N ASN C 529 -18.76 29.45 1.44
CA ASN C 529 -19.51 28.45 2.19
C ASN C 529 -20.99 28.73 2.00
N PHE C 530 -21.67 27.87 1.26
CA PHE C 530 -23.09 28.02 0.94
C PHE C 530 -23.87 26.91 1.64
N ASN C 531 -24.28 27.16 2.87
CA ASN C 531 -25.12 26.24 3.65
C ASN C 531 -24.49 24.84 3.69
N GLY C 532 -23.35 24.76 4.35
CA GLY C 532 -22.69 23.48 4.53
C GLY C 532 -21.85 23.02 3.37
N LEU C 533 -21.87 23.75 2.25
CA LEU C 533 -21.05 23.42 1.09
C LEU C 533 -19.81 24.31 1.11
N THR C 534 -18.64 23.69 1.15
CA THR C 534 -17.38 24.40 1.21
C THR C 534 -16.57 24.14 -0.04
N GLY C 535 -15.83 25.15 -0.46
CA GLY C 535 -15.00 25.02 -1.65
C GLY C 535 -14.26 26.31 -1.92
N THR C 536 -13.44 26.28 -2.97
CA THR C 536 -12.60 27.41 -3.34
C THR C 536 -12.69 27.62 -4.85
N GLY C 537 -13.00 28.84 -5.27
CA GLY C 537 -13.07 29.13 -6.68
C GLY C 537 -13.59 30.53 -6.92
N VAL C 538 -13.86 30.83 -8.19
CA VAL C 538 -14.35 32.13 -8.63
C VAL C 538 -15.85 32.04 -8.82
N LEU C 539 -16.58 32.95 -8.18
CA LEU C 539 -18.04 32.93 -8.20
C LEU C 539 -18.53 33.97 -9.21
N THR C 540 -19.30 33.52 -10.20
CA THR C 540 -19.76 34.39 -11.27
C THR C 540 -21.24 34.17 -11.52
N GLU C 541 -21.87 35.14 -12.18
CA GLU C 541 -23.27 35.01 -12.57
C GLU C 541 -23.44 33.87 -13.57
N SER C 542 -24.58 33.19 -13.49
CA SER C 542 -24.81 31.96 -14.23
C SER C 542 -25.98 32.12 -15.20
N ASN C 543 -26.06 31.17 -16.14
CA ASN C 543 -27.22 31.05 -17.02
C ASN C 543 -28.03 29.80 -16.75
N LYS C 544 -27.62 28.96 -15.81
CA LYS C 544 -28.34 27.73 -15.52
C LYS C 544 -29.72 28.04 -14.97
N LYS C 545 -30.68 27.21 -15.34
CA LYS C 545 -32.08 27.37 -14.93
C LYS C 545 -32.41 26.26 -13.94
N PHE C 546 -32.11 26.52 -12.67
CA PHE C 546 -32.41 25.54 -11.61
C PHE C 546 -33.92 25.37 -11.47
N LEU C 547 -34.35 24.12 -11.29
CA LEU C 547 -35.73 23.91 -10.88
C LEU C 547 -35.94 24.51 -9.50
N PRO C 548 -37.11 25.09 -9.25
CA PRO C 548 -37.26 25.90 -8.03
C PRO C 548 -37.41 25.07 -6.77
N PHE C 549 -36.65 23.98 -6.68
CA PHE C 549 -36.47 23.27 -5.45
C PHE C 549 -35.05 22.75 -5.27
N GLN C 550 -34.13 23.10 -6.16
CA GLN C 550 -32.78 22.55 -6.18
C GLN C 550 -31.78 23.57 -5.64
N GLN C 551 -30.76 23.07 -4.93
CA GLN C 551 -29.76 23.93 -4.34
C GLN C 551 -28.43 23.88 -5.08
N PHE C 552 -27.85 22.69 -5.21
CA PHE C 552 -26.53 22.53 -5.79
C PHE C 552 -26.61 22.29 -7.28
N GLY C 553 -25.46 22.27 -7.93
CA GLY C 553 -25.34 21.80 -9.28
C GLY C 553 -24.06 21.00 -9.45
N ARG C 554 -24.17 19.75 -9.86
CA ARG C 554 -23.01 18.91 -10.14
C ARG C 554 -23.09 18.47 -11.59
N ASP C 555 -22.03 18.69 -12.35
CA ASP C 555 -22.11 18.38 -13.77
C ASP C 555 -21.84 16.89 -14.03
N ILE C 556 -20.60 16.46 -13.82
CA ILE C 556 -20.23 15.05 -13.97
C ILE C 556 -19.17 14.75 -12.92
N ALA C 557 -19.18 13.51 -12.43
CA ALA C 557 -18.18 13.01 -11.49
C ALA C 557 -18.23 13.75 -10.16
N ASP C 558 -19.41 14.23 -9.78
CA ASP C 558 -19.67 14.80 -8.46
C ASP C 558 -18.80 16.01 -8.16
N THR C 559 -18.43 16.80 -9.17
CA THR C 559 -17.72 18.05 -8.95
C THR C 559 -18.72 19.19 -9.06
N THR C 560 -18.90 19.92 -7.97
CA THR C 560 -19.90 20.99 -7.94
C THR C 560 -19.54 22.06 -8.97
N ASP C 561 -20.55 22.55 -9.69
CA ASP C 561 -20.32 23.57 -10.71
C ASP C 561 -21.25 24.76 -10.63
N ALA C 562 -22.36 24.68 -9.88
CA ALA C 562 -23.20 25.84 -9.68
C ALA C 562 -23.91 25.72 -8.33
N VAL C 563 -23.96 26.82 -7.60
CA VAL C 563 -24.60 26.88 -6.29
C VAL C 563 -25.47 28.11 -6.23
N ARG C 564 -26.65 27.97 -5.64
CA ARG C 564 -27.62 29.04 -5.52
C ARG C 564 -27.53 29.65 -4.13
N ASP C 565 -27.37 30.97 -4.07
CA ASP C 565 -27.25 31.64 -2.78
C ASP C 565 -28.63 31.73 -2.12
N PRO C 566 -28.75 31.33 -0.86
CA PRO C 566 -30.09 31.25 -0.27
C PRO C 566 -30.59 32.58 0.26
N GLN C 567 -30.31 33.67 -0.45
CA GLN C 567 -30.83 34.97 -0.05
C GLN C 567 -31.28 35.85 -1.19
N THR C 568 -31.04 35.47 -2.45
CA THR C 568 -31.50 36.26 -3.59
C THR C 568 -32.12 35.40 -4.68
N LEU C 569 -32.26 34.08 -4.44
CA LEU C 569 -32.78 33.15 -5.45
C LEU C 569 -32.01 33.26 -6.74
N GLU C 570 -30.69 33.41 -6.62
CA GLU C 570 -29.79 33.56 -7.75
C GLU C 570 -28.84 32.37 -7.80
N ILE C 571 -28.39 32.04 -8.99
CA ILE C 571 -27.50 30.91 -9.22
C ILE C 571 -26.16 31.44 -9.70
N LEU C 572 -25.08 30.96 -9.09
CA LEU C 572 -23.72 31.37 -9.41
C LEU C 572 -22.95 30.22 -10.01
N ASP C 573 -21.95 30.55 -10.83
CA ASP C 573 -21.10 29.55 -11.45
C ASP C 573 -19.77 29.44 -10.70
N ILE C 574 -19.32 28.21 -10.49
CA ILE C 574 -18.12 27.92 -9.72
C ILE C 574 -17.05 27.43 -10.70
N THR C 575 -15.97 28.20 -10.82
CA THR C 575 -14.82 27.78 -11.61
C THR C 575 -13.59 27.91 -10.74
N PRO C 576 -12.65 26.97 -10.82
CA PRO C 576 -11.50 27.01 -9.92
C PRO C 576 -10.56 28.13 -10.31
N CYS C 577 -10.02 28.82 -9.31
CA CYS C 577 -9.08 29.89 -9.61
C CYS C 577 -7.82 29.30 -10.22
N SER C 578 -7.30 30.00 -11.24
CA SER C 578 -6.41 29.39 -12.22
C SER C 578 -5.11 28.90 -11.60
N PHE C 579 -4.71 27.70 -12.02
CA PHE C 579 -3.40 27.17 -11.68
C PHE C 579 -2.67 26.78 -12.95
N GLY C 580 -1.52 26.13 -12.82
CA GLY C 580 -0.74 25.71 -13.96
C GLY C 580 0.73 25.72 -13.63
N GLY C 581 1.49 24.93 -14.38
CA GLY C 581 2.91 24.80 -14.13
C GLY C 581 3.69 26.03 -14.56
N VAL C 582 4.96 26.03 -14.19
CA VAL C 582 5.90 27.09 -14.56
C VAL C 582 7.13 26.45 -15.17
N SER C 583 7.50 26.90 -16.35
CA SER C 583 8.68 26.39 -17.04
C SER C 583 9.58 27.57 -17.43
N VAL C 584 10.88 27.36 -17.33
CA VAL C 584 11.87 28.41 -17.52
C VAL C 584 12.63 28.15 -18.81
N ILE C 585 12.69 29.16 -19.67
CA ILE C 585 13.31 29.04 -20.99
C ILE C 585 14.67 29.72 -20.93
N THR C 586 15.73 28.97 -21.22
CA THR C 586 17.08 29.51 -21.13
C THR C 586 17.89 29.11 -22.35
N PRO C 587 18.76 30.00 -22.83
CA PRO C 587 19.69 29.63 -23.91
C PRO C 587 21.01 29.05 -23.44
N GLY C 588 21.12 28.65 -22.18
CA GLY C 588 22.34 28.06 -21.68
C GLY C 588 23.19 29.06 -20.93
N THR C 589 23.62 28.71 -19.73
CA THR C 589 24.51 29.59 -18.97
C THR C 589 25.83 29.79 -19.66
N ASN C 590 26.19 28.89 -20.58
CA ASN C 590 27.37 29.08 -21.41
C ASN C 590 27.20 30.23 -22.39
N THR C 591 25.97 30.69 -22.62
CA THR C 591 25.69 31.78 -23.55
C THR C 591 25.22 33.04 -22.85
N SER C 592 24.22 32.94 -21.98
CA SER C 592 23.70 34.12 -21.31
C SER C 592 23.01 33.69 -20.03
N ASN C 593 22.74 34.68 -19.17
CA ASN C 593 22.01 34.48 -17.93
C ASN C 593 20.62 35.09 -17.97
N GLN C 594 20.11 35.38 -19.17
CA GLN C 594 18.78 35.94 -19.32
C GLN C 594 17.80 34.81 -19.61
N VAL C 595 16.71 34.78 -18.85
CA VAL C 595 15.75 33.68 -18.92
C VAL C 595 14.36 34.26 -19.09
N ALA C 596 13.55 33.60 -19.91
CA ALA C 596 12.13 33.88 -20.02
C ALA C 596 11.36 32.83 -19.26
N VAL C 597 10.15 33.18 -18.84
CA VAL C 597 9.33 32.33 -17.99
C VAL C 597 8.01 32.08 -18.71
N LEU C 598 7.53 30.86 -18.68
CA LEU C 598 6.24 30.50 -19.25
C LEU C 598 5.34 29.97 -18.16
N TYR C 599 4.12 30.48 -18.10
CA TYR C 599 3.10 29.97 -17.20
C TYR C 599 2.16 29.09 -18.01
N GLN C 600 2.03 27.84 -17.60
CA GLN C 600 1.31 26.86 -18.41
C GLN C 600 -0.17 27.19 -18.44
N ASP C 601 -0.66 27.63 -19.61
CA ASP C 601 -2.09 27.77 -19.85
C ASP C 601 -2.76 28.67 -18.81
N VAL C 602 -2.13 29.81 -18.55
CA VAL C 602 -2.64 30.79 -17.58
C VAL C 602 -2.91 32.08 -18.33
N ASN C 603 -4.08 32.66 -18.11
CA ASN C 603 -4.41 33.95 -18.69
C ASN C 603 -3.46 35.00 -18.16
N CYS C 604 -2.95 35.85 -19.07
CA CYS C 604 -1.91 36.80 -18.67
C CYS C 604 -2.45 37.86 -17.71
N THR C 605 -3.77 37.95 -17.56
CA THR C 605 -4.38 38.89 -16.64
C THR C 605 -4.43 38.36 -15.21
N GLU C 606 -3.93 37.16 -14.97
CA GLU C 606 -3.98 36.52 -13.65
C GLU C 606 -2.58 36.16 -13.16
N VAL C 607 -1.65 37.09 -13.28
CA VAL C 607 -0.27 36.85 -12.84
C VAL C 607 0.20 37.98 -11.93
N ASN C 628 8.68 42.37 -21.30
CA ASN C 628 7.39 42.37 -21.96
C ASN C 628 6.58 41.13 -21.63
N VAL C 629 5.27 41.24 -21.75
CA VAL C 629 4.35 40.15 -21.50
C VAL C 629 3.64 39.80 -22.80
N PHE C 630 3.71 38.55 -23.19
CA PHE C 630 3.09 38.05 -24.41
C PHE C 630 2.14 36.91 -24.05
N GLN C 631 1.04 36.81 -24.78
CA GLN C 631 0.05 35.76 -24.56
C GLN C 631 0.07 34.80 -25.74
N THR C 632 0.30 33.52 -25.45
CA THR C 632 0.28 32.46 -26.44
C THR C 632 -0.86 31.51 -26.12
N ARG C 633 -1.04 30.50 -26.96
CA ARG C 633 -2.07 29.51 -26.68
C ARG C 633 -1.67 28.58 -25.55
N ALA C 634 -0.39 28.55 -25.19
CA ALA C 634 0.12 27.67 -24.13
C ALA C 634 0.45 28.45 -22.87
N GLY C 635 -0.20 29.60 -22.67
CA GLY C 635 -0.02 30.39 -21.47
C GLY C 635 0.46 31.79 -21.79
N CYS C 636 1.29 32.35 -20.93
CA CYS C 636 1.84 33.67 -21.12
C CYS C 636 3.36 33.63 -21.01
N LEU C 637 4.02 34.41 -21.85
CA LEU C 637 5.47 34.51 -21.87
C LEU C 637 5.88 35.80 -21.16
N ILE C 638 7.02 35.75 -20.47
CA ILE C 638 7.54 36.90 -19.76
C ILE C 638 9.02 37.01 -20.09
N GLY C 639 9.46 38.21 -20.45
CA GLY C 639 10.85 38.42 -20.79
C GLY C 639 11.22 38.08 -22.22
N ALA C 640 10.26 37.67 -23.03
CA ALA C 640 10.49 37.34 -24.43
C ALA C 640 9.79 38.37 -25.31
N GLU C 641 10.52 38.95 -26.24
CA GLU C 641 9.98 39.96 -27.14
C GLU C 641 9.47 39.29 -28.40
N HIS C 642 8.16 39.34 -28.60
CA HIS C 642 7.56 38.74 -29.78
C HIS C 642 8.00 39.48 -31.04
N VAL C 643 8.25 38.72 -32.09
CA VAL C 643 8.59 39.27 -33.41
C VAL C 643 7.65 38.64 -34.42
N ASN C 644 7.46 39.33 -35.54
CA ASN C 644 6.56 38.87 -36.57
C ASN C 644 7.24 38.07 -37.66
N ASN C 645 8.52 37.74 -37.50
CA ASN C 645 9.21 36.91 -38.46
C ASN C 645 8.87 35.44 -38.26
N SER C 646 9.68 34.56 -38.85
CA SER C 646 9.50 33.12 -38.67
C SER C 646 10.80 32.44 -39.03
N TYR C 647 11.44 31.81 -38.06
CA TYR C 647 12.66 31.03 -38.26
C TYR C 647 12.39 29.58 -37.88
N GLU C 648 13.39 28.73 -38.08
CA GLU C 648 13.24 27.33 -37.73
C GLU C 648 13.11 27.14 -36.23
N CYS C 649 12.50 26.02 -35.83
CA CYS C 649 12.25 25.78 -34.42
C CYS C 649 13.55 25.62 -33.64
N ASP C 650 13.67 26.36 -32.54
CA ASP C 650 14.84 26.24 -31.67
C ASP C 650 14.47 25.74 -30.28
N ILE C 651 13.60 26.44 -29.56
CA ILE C 651 13.12 25.99 -28.26
C ILE C 651 11.61 25.87 -28.35
N PRO C 652 11.05 24.67 -28.27
CA PRO C 652 9.63 24.48 -28.57
C PRO C 652 8.75 24.93 -27.41
N ILE C 653 8.04 26.04 -27.61
CA ILE C 653 7.14 26.54 -26.59
C ILE C 653 5.86 25.72 -26.56
N GLY C 654 5.19 25.61 -27.69
CA GLY C 654 3.93 24.88 -27.76
C GLY C 654 2.92 25.66 -28.59
N ALA C 655 2.03 24.92 -29.23
CA ALA C 655 0.97 25.50 -30.04
C ALA C 655 1.52 26.38 -31.16
N GLY C 656 2.64 25.96 -31.73
CA GLY C 656 3.21 26.63 -32.88
C GLY C 656 4.18 27.74 -32.58
N ILE C 657 4.40 28.06 -31.32
CA ILE C 657 5.29 29.14 -30.92
C ILE C 657 6.63 28.55 -30.53
N CYS C 658 7.71 29.27 -30.83
CA CYS C 658 9.04 28.86 -30.45
C CYS C 658 9.77 30.05 -29.84
N ALA C 659 11.00 29.83 -29.43
CA ALA C 659 11.80 30.91 -28.86
C ALA C 659 13.27 30.60 -29.07
N SER C 660 14.07 31.66 -29.11
CA SER C 660 15.50 31.51 -29.28
C SER C 660 16.19 32.81 -28.85
N TYR C 661 17.49 32.73 -28.65
CA TYR C 661 18.28 33.85 -28.16
C TYR C 661 19.06 34.45 -29.33
N GLN C 662 18.51 35.53 -29.89
CA GLN C 662 19.13 36.22 -31.02
C GLN C 662 18.38 37.50 -31.35
N GLN C 677 20.88 39.17 -28.50
CA GLN C 677 21.05 39.91 -27.26
C GLN C 677 19.80 39.85 -26.39
N SER C 678 18.85 38.99 -26.77
CA SER C 678 17.61 38.83 -26.03
C SER C 678 16.92 37.55 -26.49
N ILE C 679 15.77 37.26 -25.87
CA ILE C 679 14.98 36.07 -26.17
C ILE C 679 13.71 36.50 -26.87
N ILE C 680 13.40 35.86 -28.00
CA ILE C 680 12.30 36.27 -28.87
C ILE C 680 11.43 35.07 -29.23
N ALA C 681 10.17 35.34 -29.57
CA ALA C 681 9.18 34.31 -29.87
C ALA C 681 8.78 34.37 -31.34
N TYR C 682 8.46 33.20 -31.90
CA TYR C 682 8.25 33.07 -33.33
C TYR C 682 6.87 32.50 -33.59
N THR C 683 6.67 32.12 -34.84
CA THR C 683 5.87 30.96 -35.23
C THR C 683 6.76 30.12 -36.13
N MET C 684 6.70 28.79 -35.96
CA MET C 684 7.60 27.92 -36.69
C MET C 684 7.46 28.12 -38.20
N SER C 685 8.59 28.08 -38.89
CA SER C 685 8.63 28.07 -40.34
C SER C 685 8.91 26.64 -40.78
N LEU C 686 8.01 26.08 -41.59
CA LEU C 686 8.14 24.69 -41.97
C LEU C 686 9.21 24.47 -43.04
N GLY C 687 9.56 25.48 -43.80
CA GLY C 687 10.62 25.35 -44.77
C GLY C 687 10.52 26.38 -45.86
N ALA C 688 11.53 26.38 -46.73
CA ALA C 688 11.57 27.31 -47.85
C ALA C 688 10.51 26.94 -48.88
N GLU C 689 9.85 27.96 -49.42
CA GLU C 689 8.78 27.71 -50.38
C GLU C 689 9.38 27.27 -51.72
N ASN C 690 8.70 26.37 -52.40
CA ASN C 690 9.07 25.95 -53.73
C ASN C 690 7.87 25.98 -54.67
N SER C 691 8.15 26.19 -55.94
CA SER C 691 7.17 26.11 -57.01
C SER C 691 7.89 25.40 -58.15
N VAL C 692 7.75 24.07 -58.19
CA VAL C 692 8.50 23.29 -59.17
C VAL C 692 8.03 23.66 -60.57
N ALA C 693 8.98 23.92 -61.46
CA ALA C 693 8.68 24.43 -62.80
C ALA C 693 8.05 23.30 -63.60
N TYR C 694 6.78 23.03 -63.30
CA TYR C 694 6.07 21.89 -63.86
C TYR C 694 5.30 22.30 -65.10
N SER C 695 5.60 21.66 -66.23
CA SER C 695 4.83 21.77 -67.45
C SER C 695 4.76 20.40 -68.09
N ASN C 696 3.78 20.20 -68.97
CA ASN C 696 3.50 18.84 -69.43
C ASN C 696 4.50 18.33 -70.46
N ASN C 697 5.48 19.12 -70.86
CA ASN C 697 6.47 18.66 -71.82
C ASN C 697 7.87 19.06 -71.38
N SER C 698 8.19 18.83 -70.11
CA SER C 698 9.51 19.18 -69.60
C SER C 698 9.94 18.16 -68.56
N ILE C 699 11.24 17.86 -68.55
CA ILE C 699 11.84 16.94 -67.60
C ILE C 699 13.11 17.59 -67.09
N ALA C 700 13.57 17.14 -65.93
CA ALA C 700 14.80 17.66 -65.33
C ALA C 700 15.67 16.46 -64.98
N ILE C 701 16.60 16.14 -65.87
CA ILE C 701 17.45 14.95 -65.73
C ILE C 701 18.76 15.38 -65.09
N PRO C 702 19.21 14.75 -64.01
CA PRO C 702 20.50 15.12 -63.42
C PRO C 702 21.65 14.83 -64.37
N THR C 703 22.67 15.68 -64.31
CA THR C 703 23.86 15.49 -65.12
C THR C 703 25.10 15.11 -64.32
N ASN C 704 25.01 15.10 -63.00
CA ASN C 704 26.13 14.72 -62.15
C ASN C 704 25.62 13.93 -60.96
N PHE C 705 26.48 13.69 -59.97
CA PHE C 705 26.06 12.97 -58.78
C PHE C 705 27.00 13.28 -57.63
N THR C 706 26.52 12.98 -56.43
CA THR C 706 27.34 13.05 -55.22
C THR C 706 27.15 11.76 -54.44
N ILE C 707 28.17 11.39 -53.69
CA ILE C 707 28.11 10.23 -52.79
C ILE C 707 28.21 10.75 -51.37
N SER C 708 27.21 10.44 -50.56
CA SER C 708 27.12 10.97 -49.21
C SER C 708 27.05 9.83 -48.21
N VAL C 709 27.82 9.94 -47.13
CA VAL C 709 27.84 8.96 -46.07
C VAL C 709 27.24 9.61 -44.83
N THR C 710 26.21 8.99 -44.28
CA THR C 710 25.51 9.49 -43.11
C THR C 710 25.42 8.40 -42.05
N THR C 711 25.51 8.78 -40.80
CA THR C 711 25.52 7.83 -39.70
C THR C 711 24.11 7.50 -39.24
N GLU C 712 24.02 6.56 -38.30
CA GLU C 712 22.74 6.22 -37.67
C GLU C 712 23.03 5.45 -36.40
N ILE C 713 22.48 5.92 -35.28
CA ILE C 713 22.76 5.36 -33.97
C ILE C 713 21.53 4.60 -33.50
N LEU C 714 21.74 3.37 -33.03
CA LEU C 714 20.65 2.55 -32.53
C LEU C 714 21.10 1.84 -31.26
N PRO C 715 20.34 1.95 -30.17
CA PRO C 715 20.66 1.18 -28.97
C PRO C 715 20.21 -0.26 -29.08
N VAL C 716 20.99 -1.16 -28.48
CA VAL C 716 20.77 -2.60 -28.63
C VAL C 716 20.48 -3.26 -27.30
N SER C 717 21.04 -2.76 -26.21
CA SER C 717 20.92 -3.43 -24.92
C SER C 717 21.22 -2.45 -23.81
N MET C 718 20.81 -2.82 -22.60
CA MET C 718 21.15 -1.99 -21.44
C MET C 718 21.80 -2.85 -20.36
N THR C 719 22.08 -2.26 -19.21
CA THR C 719 22.82 -2.96 -18.16
C THR C 719 21.94 -4.00 -17.48
N LYS C 720 22.56 -5.11 -17.12
CA LYS C 720 21.88 -6.24 -16.50
C LYS C 720 22.00 -6.09 -15.00
N THR C 721 20.89 -5.81 -14.33
CA THR C 721 20.87 -5.69 -12.88
C THR C 721 19.97 -6.76 -12.29
N SER C 722 20.34 -7.23 -11.11
CA SER C 722 19.48 -8.11 -10.33
C SER C 722 19.52 -7.59 -8.91
N VAL C 723 18.35 -7.36 -8.33
CA VAL C 723 18.22 -6.74 -7.02
C VAL C 723 17.57 -7.73 -6.08
N ASP C 724 18.25 -8.04 -4.98
CA ASP C 724 17.68 -8.92 -3.97
C ASP C 724 16.55 -8.22 -3.24
N CYS C 725 15.66 -9.00 -2.65
CA CYS C 725 14.58 -8.43 -1.87
C CYS C 725 14.89 -8.40 -0.37
N THR C 726 15.35 -9.51 0.20
CA THR C 726 15.58 -9.55 1.63
C THR C 726 16.66 -8.56 2.04
N MET C 727 17.74 -8.47 1.25
CA MET C 727 18.78 -7.51 1.58
C MET C 727 18.31 -6.08 1.40
N TYR C 728 17.47 -5.83 0.39
CA TYR C 728 16.99 -4.48 0.16
C TYR C 728 15.97 -4.06 1.20
N ILE C 729 14.87 -4.81 1.31
CA ILE C 729 13.79 -4.43 2.21
C ILE C 729 14.24 -4.48 3.66
N CYS C 730 14.82 -5.61 4.07
CA CYS C 730 15.12 -5.86 5.47
C CYS C 730 16.52 -5.37 5.84
N GLY C 731 17.53 -5.85 5.14
CA GLY C 731 18.88 -5.36 5.35
C GLY C 731 19.56 -5.99 6.55
N ASP C 732 19.55 -7.32 6.60
CA ASP C 732 20.24 -8.09 7.63
C ASP C 732 19.70 -7.77 9.03
N SER C 733 18.42 -8.07 9.21
CA SER C 733 17.76 -7.98 10.52
C SER C 733 16.88 -9.20 10.65
N THR C 734 17.29 -10.14 11.51
CA THR C 734 16.65 -11.44 11.57
C THR C 734 15.18 -11.33 11.98
N GLU C 735 14.88 -10.47 12.96
CA GLU C 735 13.51 -10.32 13.45
C GLU C 735 12.61 -9.57 12.46
N CYS C 736 13.18 -8.86 11.49
CA CYS C 736 12.37 -8.19 10.48
C CYS C 736 12.05 -9.10 9.31
N SER C 737 13.02 -9.90 8.86
CA SER C 737 12.79 -10.78 7.73
C SER C 737 11.75 -11.84 8.02
N ASN C 738 11.45 -12.10 9.30
CA ASN C 738 10.37 -13.02 9.63
C ASN C 738 9.03 -12.47 9.17
N LEU C 739 8.84 -11.16 9.28
CA LEU C 739 7.61 -10.55 8.81
C LEU C 739 7.50 -10.56 7.29
N LEU C 740 8.64 -10.53 6.60
CA LEU C 740 8.61 -10.42 5.13
C LEU C 740 7.99 -11.65 4.49
N LEU C 741 8.25 -12.84 5.04
CA LEU C 741 7.73 -14.04 4.41
C LEU C 741 6.22 -14.13 4.48
N GLN C 742 5.57 -13.28 5.29
CA GLN C 742 4.11 -13.30 5.36
C GLN C 742 3.47 -12.80 4.06
N TYR C 743 4.24 -12.14 3.20
CA TYR C 743 3.72 -11.65 1.93
C TYR C 743 3.80 -12.70 0.83
N GLY C 744 3.90 -13.97 1.19
CA GLY C 744 3.85 -15.03 0.22
C GLY C 744 5.10 -15.13 -0.64
N SER C 745 4.96 -14.83 -1.92
CA SER C 745 6.04 -14.98 -2.90
C SER C 745 6.17 -13.71 -3.74
N PHE C 746 6.15 -12.56 -3.08
CA PHE C 746 6.42 -11.32 -3.80
C PHE C 746 7.89 -11.18 -4.15
N CYS C 747 8.78 -11.75 -3.33
CA CYS C 747 10.20 -11.68 -3.63
C CYS C 747 10.56 -12.52 -4.84
N THR C 748 9.93 -13.68 -5.00
CA THR C 748 10.28 -14.55 -6.13
C THR C 748 9.91 -13.90 -7.46
N GLN C 749 8.72 -13.30 -7.56
CA GLN C 749 8.31 -12.69 -8.83
C GLN C 749 9.24 -11.56 -9.22
N LEU C 750 9.63 -10.73 -8.26
CA LEU C 750 10.50 -9.61 -8.57
C LEU C 750 11.87 -10.09 -9.04
N ASN C 751 12.38 -11.15 -8.44
CA ASN C 751 13.65 -11.71 -8.90
C ASN C 751 13.52 -12.43 -10.23
N ARG C 752 12.32 -12.90 -10.57
CA ARG C 752 12.14 -13.59 -11.84
C ARG C 752 11.97 -12.62 -12.99
N ALA C 753 11.32 -11.48 -12.76
CA ALA C 753 11.19 -10.48 -13.81
C ALA C 753 12.55 -9.86 -14.14
N LEU C 754 13.33 -9.51 -13.12
CA LEU C 754 14.64 -8.91 -13.37
C LEU C 754 15.59 -9.91 -14.02
N THR C 755 15.47 -11.19 -13.66
CA THR C 755 16.23 -12.23 -14.36
C THR C 755 15.62 -12.54 -15.71
N GLY C 756 14.36 -12.16 -15.92
CA GLY C 756 13.74 -12.36 -17.21
C GLY C 756 14.21 -11.39 -18.28
N ILE C 757 14.68 -10.21 -17.89
CA ILE C 757 15.20 -9.25 -18.85
C ILE C 757 16.71 -9.14 -18.78
N ALA C 758 17.34 -9.76 -17.79
CA ALA C 758 18.80 -9.87 -17.82
C ALA C 758 19.24 -10.81 -18.92
N VAL C 759 18.41 -11.77 -19.29
CA VAL C 759 18.72 -12.68 -20.37
C VAL C 759 18.56 -12.00 -21.71
N GLU C 760 17.49 -11.23 -21.89
CA GLU C 760 17.23 -10.62 -23.20
C GLU C 760 18.37 -9.75 -23.65
N GLN C 761 18.94 -8.96 -22.74
CA GLN C 761 20.01 -8.06 -23.13
C GLN C 761 21.22 -8.82 -23.66
N ASP C 762 21.28 -10.13 -23.41
CA ASP C 762 22.28 -10.98 -24.05
C ASP C 762 21.78 -11.55 -25.35
N LYS C 763 20.46 -11.70 -25.50
CA LYS C 763 19.90 -12.14 -26.76
C LYS C 763 19.89 -11.03 -27.79
N ASN C 764 19.68 -9.79 -27.36
CA ASN C 764 19.66 -8.67 -28.29
C ASN C 764 21.00 -8.51 -28.99
N THR C 765 22.10 -8.58 -28.24
CA THR C 765 23.41 -8.44 -28.85
C THR C 765 23.72 -9.59 -29.79
N GLN C 766 23.13 -10.76 -29.55
CA GLN C 766 23.39 -11.89 -30.42
C GLN C 766 22.68 -11.74 -31.77
N GLU C 767 21.41 -11.34 -31.75
CA GLU C 767 20.67 -11.24 -33.01
C GLU C 767 21.26 -10.17 -33.92
N VAL C 768 21.85 -9.12 -33.35
CA VAL C 768 22.36 -8.02 -34.17
C VAL C 768 23.66 -8.42 -34.83
N PHE C 769 24.69 -8.68 -34.04
CA PHE C 769 26.04 -8.86 -34.59
C PHE C 769 26.25 -10.27 -35.10
N ALA C 770 25.82 -11.28 -34.33
CA ALA C 770 26.15 -12.67 -34.64
C ALA C 770 25.27 -13.13 -35.79
N GLN C 771 25.61 -12.65 -36.99
CA GLN C 771 24.93 -13.04 -38.21
C GLN C 771 25.87 -13.67 -39.23
N VAL C 772 27.15 -13.78 -38.90
CA VAL C 772 28.11 -14.53 -39.70
C VAL C 772 28.66 -15.66 -38.84
N LYS C 773 28.66 -16.86 -39.38
CA LYS C 773 29.23 -17.99 -38.67
C LYS C 773 30.74 -18.03 -38.76
N GLN C 774 31.33 -17.27 -39.67
CA GLN C 774 32.72 -17.39 -40.03
C GLN C 774 33.37 -16.01 -39.95
N ILE C 775 34.56 -15.94 -39.38
CA ILE C 775 35.24 -14.67 -39.16
C ILE C 775 36.13 -14.40 -40.37
N TYR C 776 35.67 -13.54 -41.27
CA TYR C 776 36.44 -13.19 -42.46
C TYR C 776 37.48 -12.15 -42.12
N LYS C 777 38.55 -12.13 -42.92
CA LYS C 777 39.64 -11.20 -42.72
C LYS C 777 39.98 -10.53 -44.04
N THR C 778 40.38 -9.27 -43.96
CA THR C 778 40.88 -8.57 -45.13
C THR C 778 42.24 -9.13 -45.53
N PRO C 779 42.57 -9.09 -46.81
CA PRO C 779 43.89 -9.55 -47.22
C PRO C 779 44.96 -8.59 -46.75
N PRO C 780 46.21 -9.03 -46.62
CA PRO C 780 47.28 -8.12 -46.22
C PRO C 780 47.46 -6.97 -47.19
N ILE C 781 47.18 -7.17 -48.48
CA ILE C 781 47.26 -6.12 -49.48
C ILE C 781 45.89 -5.50 -49.63
N LYS C 782 45.78 -4.21 -49.35
CA LYS C 782 44.52 -3.49 -49.43
C LYS C 782 44.53 -2.61 -50.67
N ASP C 783 44.06 -3.17 -51.79
CA ASP C 783 43.93 -2.43 -53.05
C ASP C 783 42.49 -2.56 -53.52
N PHE C 784 41.62 -1.68 -53.04
CA PHE C 784 40.21 -1.70 -53.38
C PHE C 784 39.85 -0.68 -54.46
N GLY C 785 40.75 -0.44 -55.40
CA GLY C 785 40.45 0.43 -56.52
C GLY C 785 40.54 1.91 -56.22
N GLY C 786 40.91 2.29 -55.01
CA GLY C 786 41.02 3.70 -54.68
C GLY C 786 40.25 4.05 -53.42
N PHE C 787 39.28 3.22 -53.08
CA PHE C 787 38.48 3.46 -51.89
C PHE C 787 39.33 3.21 -50.64
N ASN C 788 39.24 4.10 -49.67
CA ASN C 788 40.04 4.02 -48.46
C ASN C 788 39.17 3.65 -47.28
N PHE C 789 39.47 2.52 -46.66
CA PHE C 789 38.76 2.06 -45.47
C PHE C 789 39.66 2.02 -44.25
N SER C 790 40.73 2.82 -44.25
CA SER C 790 41.67 2.79 -43.12
C SER C 790 40.98 3.19 -41.83
N GLN C 791 40.01 4.08 -41.91
CA GLN C 791 39.33 4.57 -40.72
C GLN C 791 38.25 3.64 -40.21
N ILE C 792 37.96 2.55 -40.92
CA ILE C 792 36.88 1.64 -40.52
C ILE C 792 37.45 0.27 -40.17
N LEU C 793 38.54 -0.10 -40.81
CA LEU C 793 39.11 -1.41 -40.56
C LEU C 793 39.88 -1.42 -39.25
N PRO C 794 39.99 -2.57 -38.58
CA PRO C 794 40.62 -2.60 -37.25
C PRO C 794 42.07 -2.18 -37.30
N ASP C 795 42.52 -1.58 -36.19
CA ASP C 795 43.86 -1.01 -36.09
C ASP C 795 44.78 -2.01 -35.43
N PRO C 796 45.83 -2.48 -36.10
CA PRO C 796 46.79 -3.38 -35.46
C PRO C 796 47.67 -2.62 -34.48
N SER C 797 47.14 -2.40 -33.29
CA SER C 797 47.73 -1.52 -32.28
C SER C 797 47.16 -1.95 -30.93
N LYS C 798 47.18 -1.02 -29.97
CA LYS C 798 46.73 -1.19 -28.59
C LYS C 798 45.47 -2.05 -28.51
N PRO C 799 45.32 -2.86 -27.45
CA PRO C 799 44.28 -3.91 -27.46
C PRO C 799 42.87 -3.36 -27.53
N SER C 800 41.89 -4.26 -27.57
CA SER C 800 40.53 -3.94 -28.00
C SER C 800 40.60 -3.35 -29.41
N LYS C 801 41.03 -4.19 -30.34
CA LYS C 801 41.50 -3.74 -31.64
C LYS C 801 40.33 -3.17 -32.42
N ARG C 802 39.91 -1.99 -32.01
CA ARG C 802 38.86 -1.26 -32.70
C ARG C 802 39.46 -0.31 -33.72
N SER C 803 38.64 0.11 -34.66
CA SER C 803 39.09 1.01 -35.70
C SER C 803 39.14 2.45 -35.18
N PHE C 804 39.66 3.34 -36.02
CA PHE C 804 39.80 4.73 -35.61
C PHE C 804 38.47 5.40 -35.30
N ILE C 805 37.37 4.87 -35.82
CA ILE C 805 36.07 5.49 -35.57
C ILE C 805 35.38 4.84 -34.38
N GLU C 806 35.54 3.53 -34.17
CA GLU C 806 34.92 2.91 -33.00
C GLU C 806 35.48 3.49 -31.71
N ASP C 807 36.77 3.85 -31.71
CA ASP C 807 37.36 4.45 -30.52
C ASP C 807 36.71 5.78 -30.19
N LEU C 808 36.46 6.62 -31.20
CA LEU C 808 35.83 7.90 -30.96
C LEU C 808 34.41 7.73 -30.45
N LEU C 809 33.77 6.61 -30.80
CA LEU C 809 32.44 6.33 -30.26
C LEU C 809 32.51 5.86 -28.81
N PHE C 810 33.63 5.25 -28.41
CA PHE C 810 33.78 4.74 -27.05
C PHE C 810 34.24 5.81 -26.08
N ASN C 811 34.54 7.01 -26.56
CA ASN C 811 34.94 8.12 -25.70
C ASN C 811 33.89 9.20 -25.58
N LYS C 812 32.89 9.22 -26.46
CA LYS C 812 31.85 10.23 -26.43
C LYS C 812 30.63 9.79 -25.63
N VAL C 813 30.63 8.61 -25.04
CA VAL C 813 29.48 8.14 -24.28
C VAL C 813 29.85 7.94 -22.82
N THR C 814 31.09 7.52 -22.57
CA THR C 814 31.48 7.15 -21.22
C THR C 814 31.50 8.36 -20.30
N LEU C 815 30.94 8.20 -19.12
CA LEU C 815 30.99 9.24 -18.09
C LEU C 815 31.35 8.64 -16.74
N GLN C 840 28.23 -1.91 -9.46
CA GLN C 840 27.89 -0.91 -8.47
C GLN C 840 27.15 -1.52 -7.30
N LYS C 841 27.83 -2.40 -6.56
CA LYS C 841 27.23 -3.07 -5.41
C LYS C 841 27.22 -2.11 -4.22
N PHE C 842 26.04 -1.60 -3.89
CA PHE C 842 25.87 -0.73 -2.73
C PHE C 842 24.99 -1.37 -1.67
N ASN C 843 23.78 -1.80 -2.02
CA ASN C 843 22.86 -2.36 -1.03
C ASN C 843 21.92 -3.34 -1.75
N GLY C 844 22.33 -4.60 -1.80
CA GLY C 844 21.51 -5.62 -2.43
C GLY C 844 21.37 -5.48 -3.93
N LEU C 845 22.20 -4.67 -4.57
CA LEU C 845 22.13 -4.42 -5.99
C LEU C 845 23.33 -5.04 -6.67
N THR C 846 23.09 -5.71 -7.79
CA THR C 846 24.16 -6.35 -8.56
C THR C 846 24.09 -5.87 -10.00
N VAL C 847 25.26 -5.73 -10.62
CA VAL C 847 25.35 -5.40 -12.03
C VAL C 847 26.09 -6.56 -12.69
N LEU C 848 25.35 -7.44 -13.36
CA LEU C 848 25.95 -8.57 -14.03
C LEU C 848 26.74 -8.10 -15.24
N PRO C 849 27.72 -8.87 -15.70
CA PRO C 849 28.49 -8.48 -16.86
C PRO C 849 27.86 -9.01 -18.13
N PRO C 850 27.99 -8.30 -19.25
CA PRO C 850 27.43 -8.79 -20.50
C PRO C 850 28.16 -10.05 -20.96
N LEU C 851 27.41 -10.92 -21.64
CA LEU C 851 27.99 -12.18 -22.08
C LEU C 851 29.09 -11.96 -23.11
N LEU C 852 28.90 -11.02 -24.03
CA LEU C 852 29.89 -10.74 -25.05
C LEU C 852 30.72 -9.54 -24.62
N THR C 853 32.02 -9.75 -24.47
CA THR C 853 32.90 -8.64 -24.15
C THR C 853 33.02 -7.70 -25.34
N ASP C 854 33.37 -6.45 -25.05
CA ASP C 854 33.48 -5.47 -26.12
C ASP C 854 34.59 -5.83 -27.10
N GLU C 855 35.48 -6.73 -26.73
CA GLU C 855 36.48 -7.21 -27.67
C GLU C 855 35.89 -8.21 -28.66
N MET C 856 34.98 -9.07 -28.21
CA MET C 856 34.38 -10.02 -29.14
C MET C 856 33.27 -9.40 -29.98
N ILE C 857 32.58 -8.39 -29.47
CA ILE C 857 31.65 -7.65 -30.32
C ILE C 857 32.40 -6.98 -31.45
N ALA C 858 33.55 -6.37 -31.13
CA ALA C 858 34.38 -5.74 -32.15
C ALA C 858 35.00 -6.74 -33.11
N GLN C 859 34.95 -8.04 -32.80
CA GLN C 859 35.41 -9.04 -33.75
C GLN C 859 34.36 -9.37 -34.78
N TYR C 860 33.08 -9.35 -34.41
CA TYR C 860 32.01 -9.47 -35.40
C TYR C 860 32.00 -8.32 -36.39
N THR C 861 32.02 -7.08 -35.91
CA THR C 861 31.88 -5.97 -36.84
C THR C 861 33.05 -5.89 -37.81
N SER C 862 34.23 -6.36 -37.41
CA SER C 862 35.33 -6.48 -38.36
C SER C 862 35.15 -7.70 -39.25
N ALA C 863 34.35 -8.69 -38.82
CA ALA C 863 34.03 -9.82 -39.67
C ALA C 863 32.99 -9.47 -40.71
N LEU C 864 32.13 -8.49 -40.43
CA LEU C 864 31.17 -8.02 -41.43
C LEU C 864 31.82 -7.04 -42.39
N LEU C 865 32.65 -6.13 -41.88
CA LEU C 865 33.35 -5.19 -42.74
C LEU C 865 34.27 -5.89 -43.71
N ALA C 866 35.02 -6.88 -43.24
CA ALA C 866 35.90 -7.64 -44.12
C ALA C 866 35.11 -8.53 -45.05
N GLY C 867 33.82 -8.66 -44.82
CA GLY C 867 32.99 -9.48 -45.66
C GLY C 867 32.39 -8.73 -46.83
N THR C 868 31.79 -7.57 -46.56
CA THR C 868 31.13 -6.85 -47.64
C THR C 868 32.13 -6.26 -48.62
N ILE C 869 33.31 -5.85 -48.15
CA ILE C 869 34.27 -5.20 -49.04
C ILE C 869 35.09 -6.18 -49.87
N THR C 870 34.95 -7.49 -49.63
CA THR C 870 35.61 -8.48 -50.47
C THR C 870 34.65 -9.39 -51.22
N SER C 871 33.35 -9.36 -50.92
CA SER C 871 32.40 -10.16 -51.67
C SER C 871 31.11 -9.43 -52.02
N GLY C 872 30.66 -8.51 -51.17
CA GLY C 872 29.40 -7.84 -51.38
C GLY C 872 28.28 -8.45 -50.55
N TRP C 873 27.22 -8.90 -51.22
CA TRP C 873 26.09 -9.51 -50.54
C TRP C 873 26.15 -11.03 -50.51
N THR C 874 27.20 -11.64 -51.04
CA THR C 874 27.19 -13.07 -51.21
C THR C 874 27.30 -13.84 -49.90
N PHE C 875 27.60 -13.16 -48.79
CA PHE C 875 27.51 -13.85 -47.51
C PHE C 875 26.14 -13.80 -46.86
N GLY C 876 25.23 -12.96 -47.32
CA GLY C 876 23.88 -13.06 -46.83
C GLY C 876 23.08 -14.18 -47.44
N ALA C 877 23.72 -14.97 -48.30
CA ALA C 877 23.06 -15.99 -49.10
C ALA C 877 23.90 -17.23 -49.26
N GLY C 878 24.82 -17.51 -48.34
CA GLY C 878 25.58 -18.74 -48.43
C GLY C 878 27.07 -18.62 -48.28
N ALA C 879 27.81 -19.13 -49.27
CA ALA C 879 29.26 -19.24 -49.18
C ALA C 879 29.93 -17.94 -49.59
N ALA C 880 31.25 -17.96 -49.69
CA ALA C 880 32.07 -16.77 -49.89
C ALA C 880 32.59 -16.72 -51.33
N LEU C 881 32.27 -15.63 -52.02
CA LEU C 881 32.67 -15.45 -53.41
C LEU C 881 33.38 -14.12 -53.55
N GLN C 882 34.61 -14.15 -54.06
CA GLN C 882 35.35 -12.90 -54.20
C GLN C 882 34.71 -12.02 -55.26
N ILE C 883 35.11 -10.76 -55.26
CA ILE C 883 34.72 -9.80 -56.29
C ILE C 883 35.62 -8.57 -56.13
N PRO C 884 36.28 -8.10 -57.17
CA PRO C 884 37.06 -6.87 -57.03
C PRO C 884 36.16 -5.69 -56.72
N PHE C 885 36.57 -4.86 -55.75
CA PHE C 885 35.68 -3.80 -55.29
C PHE C 885 35.30 -2.85 -56.43
N ALA C 886 36.10 -2.77 -57.49
CA ALA C 886 35.69 -1.95 -58.62
C ALA C 886 34.44 -2.47 -59.30
N MET C 887 34.33 -3.79 -59.53
CA MET C 887 33.09 -4.28 -60.13
C MET C 887 32.00 -4.54 -59.10
N GLN C 888 32.34 -4.66 -57.83
CA GLN C 888 31.27 -4.83 -56.86
C GLN C 888 30.37 -3.60 -56.85
N MET C 889 30.96 -2.41 -56.94
CA MET C 889 30.19 -1.19 -57.03
C MET C 889 29.48 -1.03 -58.37
N ALA C 890 29.94 -1.74 -59.41
CA ALA C 890 29.24 -1.70 -60.67
C ALA C 890 27.94 -2.50 -60.63
N TYR C 891 27.90 -3.56 -59.82
CA TYR C 891 26.64 -4.21 -59.55
C TYR C 891 25.69 -3.28 -58.82
N ARG C 892 26.23 -2.44 -57.94
CA ARG C 892 25.40 -1.59 -57.10
C ARG C 892 24.95 -0.30 -57.77
N PHE C 893 25.54 0.08 -58.90
CA PHE C 893 24.87 1.11 -59.69
C PHE C 893 23.75 0.53 -60.54
N ASN C 894 23.86 -0.74 -60.94
CA ASN C 894 22.74 -1.35 -61.64
C ASN C 894 21.51 -1.45 -60.76
N GLY C 895 21.72 -1.67 -59.46
CA GLY C 895 20.59 -1.80 -58.57
C GLY C 895 19.73 -0.54 -58.50
N ILE C 896 20.36 0.63 -58.58
CA ILE C 896 19.62 1.89 -58.50
C ILE C 896 19.30 2.47 -59.86
N GLY C 897 19.61 1.76 -60.94
CA GLY C 897 19.14 2.17 -62.25
C GLY C 897 20.07 3.02 -63.06
N VAL C 898 21.38 2.95 -62.81
CA VAL C 898 22.38 3.68 -63.57
C VAL C 898 23.30 2.66 -64.22
N THR C 899 23.48 2.78 -65.53
CA THR C 899 24.30 1.81 -66.23
C THR C 899 25.71 1.80 -65.67
N GLN C 900 26.34 0.63 -65.70
CA GLN C 900 27.63 0.48 -65.04
C GLN C 900 28.75 1.20 -65.75
N ASN C 901 28.56 1.68 -66.98
CA ASN C 901 29.62 2.45 -67.62
C ASN C 901 29.80 3.80 -66.97
N VAL C 902 28.82 4.26 -66.20
CA VAL C 902 28.98 5.50 -65.44
C VAL C 902 30.06 5.36 -64.39
N LEU C 903 30.08 4.23 -63.67
CA LEU C 903 31.05 4.08 -62.60
C LEU C 903 32.47 3.99 -63.15
N TYR C 904 32.69 3.13 -64.13
CA TYR C 904 34.04 2.89 -64.63
C TYR C 904 34.65 4.16 -65.19
N GLU C 905 33.86 4.91 -65.95
CA GLU C 905 34.34 6.16 -66.53
C GLU C 905 34.52 7.25 -65.49
N ASN C 906 34.05 7.05 -64.26
CA ASN C 906 34.13 8.04 -63.20
C ASN C 906 34.61 7.42 -61.89
N GLN C 907 35.43 6.37 -61.98
CA GLN C 907 35.87 5.70 -60.75
C GLN C 907 36.76 6.61 -59.93
N LYS C 908 37.62 7.39 -60.57
CA LYS C 908 38.52 8.27 -59.84
C LYS C 908 37.77 9.31 -59.04
N LEU C 909 36.74 9.92 -59.64
CA LEU C 909 35.91 10.89 -58.92
C LEU C 909 35.15 10.23 -57.78
N ILE C 910 34.60 9.05 -58.01
CA ILE C 910 33.80 8.38 -57.00
C ILE C 910 34.64 8.02 -55.79
N ALA C 911 35.86 7.52 -56.03
CA ALA C 911 36.75 7.20 -54.92
C ALA C 911 37.07 8.44 -54.09
N ASN C 912 37.33 9.57 -54.75
CA ASN C 912 37.66 10.78 -54.02
C ASN C 912 36.46 11.30 -53.24
N GLN C 913 35.26 11.22 -53.82
CA GLN C 913 34.07 11.67 -53.10
C GLN C 913 33.78 10.78 -51.90
N PHE C 914 34.03 9.48 -52.04
CA PHE C 914 33.81 8.57 -50.93
C PHE C 914 34.84 8.79 -49.82
N ASN C 915 36.10 8.96 -50.20
CA ASN C 915 37.15 9.13 -49.20
C ASN C 915 36.94 10.40 -48.38
N SER C 916 36.52 11.48 -49.03
CA SER C 916 36.23 12.72 -48.31
C SER C 916 34.98 12.60 -47.46
N ALA C 917 34.01 11.79 -47.89
CA ALA C 917 32.78 11.64 -47.12
C ALA C 917 33.04 10.96 -45.79
N ILE C 918 33.93 9.98 -45.76
CA ILE C 918 34.34 9.36 -44.50
C ILE C 918 35.14 10.35 -43.66
N GLY C 919 35.95 11.18 -44.30
CA GLY C 919 36.74 12.15 -43.56
C GLY C 919 35.89 13.07 -42.71
N LYS C 920 34.73 13.46 -43.20
CA LYS C 920 33.85 14.34 -42.45
C LYS C 920 33.03 13.62 -41.39
N ILE C 921 32.96 12.29 -41.44
CA ILE C 921 32.16 11.55 -40.47
C ILE C 921 32.81 11.63 -39.10
N GLN C 922 34.13 11.45 -39.04
CA GLN C 922 34.82 11.54 -37.76
C GLN C 922 34.77 12.96 -37.19
N ASP C 923 34.90 13.97 -38.04
CA ASP C 923 34.79 15.34 -37.55
C ASP C 923 33.40 15.63 -37.01
N SER C 924 32.36 15.13 -37.69
CA SER C 924 31.00 15.43 -37.29
C SER C 924 30.63 14.79 -35.95
N LEU C 925 31.40 13.83 -35.47
CA LEU C 925 31.11 13.21 -34.18
C LEU C 925 32.12 13.51 -33.10
N SER C 926 33.41 13.61 -33.44
CA SER C 926 34.43 13.82 -32.41
C SER C 926 34.47 15.24 -31.89
N SER C 927 33.73 16.18 -32.52
CA SER C 927 33.70 17.55 -32.08
C SER C 927 32.31 18.12 -31.89
N THR C 928 31.27 17.31 -32.04
CA THR C 928 29.89 17.79 -31.88
C THR C 928 29.54 17.92 -30.41
N ALA C 929 28.29 18.33 -30.15
CA ALA C 929 27.78 18.40 -28.78
C ALA C 929 27.50 17.01 -28.25
N SER C 930 26.54 16.30 -28.86
CA SER C 930 26.30 14.90 -28.55
C SER C 930 25.60 14.28 -29.76
N ALA C 931 26.37 13.65 -30.64
CA ALA C 931 25.77 12.91 -31.73
C ALA C 931 25.20 11.58 -31.27
N LEU C 932 25.65 11.08 -30.13
CA LEU C 932 25.19 9.83 -29.56
C LEU C 932 24.17 10.08 -28.46
N GLY C 933 23.29 11.06 -28.67
CA GLY C 933 22.29 11.38 -27.67
C GLY C 933 21.32 10.24 -27.43
N LYS C 934 21.13 9.37 -28.43
CA LYS C 934 20.27 8.22 -28.24
C LYS C 934 20.86 7.24 -27.23
N LEU C 935 22.17 7.01 -27.30
CA LEU C 935 22.82 6.06 -26.42
C LEU C 935 23.04 6.61 -25.01
N GLN C 936 23.29 7.91 -24.89
CA GLN C 936 23.46 8.48 -23.56
C GLN C 936 22.15 8.47 -22.77
N ASP C 937 21.03 8.61 -23.46
CA ASP C 937 19.74 8.58 -22.77
C ASP C 937 19.48 7.21 -22.15
N VAL C 938 19.90 6.15 -22.83
CA VAL C 938 19.77 4.81 -22.25
C VAL C 938 20.61 4.69 -20.99
N VAL C 939 21.83 5.22 -21.01
CA VAL C 939 22.70 5.12 -19.84
C VAL C 939 22.17 5.99 -18.71
N ASN C 940 21.72 7.20 -19.02
CA ASN C 940 21.27 8.12 -17.98
C ASN C 940 19.94 7.73 -17.37
N GLN C 941 19.20 6.82 -17.98
CA GLN C 941 17.93 6.39 -17.41
C GLN C 941 18.07 5.19 -16.50
N ASN C 942 18.99 4.28 -16.81
CA ASN C 942 19.20 3.13 -15.94
C ASN C 942 19.87 3.54 -14.64
N ALA C 943 20.83 4.46 -14.72
CA ALA C 943 21.49 4.93 -13.50
C ALA C 943 20.57 5.81 -12.67
N GLN C 944 19.86 6.74 -13.32
CA GLN C 944 18.98 7.62 -12.57
C GLN C 944 17.83 6.88 -11.93
N ALA C 945 17.25 5.91 -12.64
CA ALA C 945 16.17 5.11 -12.06
C ALA C 945 16.66 4.17 -10.98
N LEU C 946 17.96 3.97 -10.85
CA LEU C 946 18.52 3.16 -9.78
C LEU C 946 18.87 4.00 -8.56
N ASN C 947 19.30 5.24 -8.75
CA ASN C 947 19.57 6.11 -7.61
C ASN C 947 18.30 6.41 -6.84
N THR C 948 17.21 6.71 -7.54
CA THR C 948 15.95 6.95 -6.86
C THR C 948 15.36 5.67 -6.27
N LEU C 949 15.92 4.51 -6.58
CA LEU C 949 15.56 3.31 -5.83
C LEU C 949 16.31 3.26 -4.50
N VAL C 950 17.57 3.68 -4.50
CA VAL C 950 18.36 3.72 -3.26
C VAL C 950 17.86 4.84 -2.36
N LYS C 951 17.54 5.99 -2.92
CA LYS C 951 17.13 7.13 -2.12
C LYS C 951 15.81 6.87 -1.39
N GLN C 952 15.05 5.86 -1.82
CA GLN C 952 13.84 5.49 -1.09
C GLN C 952 14.13 4.72 0.20
N LEU C 953 15.37 4.31 0.42
CA LEU C 953 15.72 3.61 1.64
C LEU C 953 15.77 4.53 2.85
N SER C 954 15.70 5.83 2.66
CA SER C 954 15.79 6.81 3.73
C SER C 954 14.49 7.58 3.89
N SER C 955 13.37 6.89 3.79
CA SER C 955 12.05 7.48 3.94
C SER C 955 11.27 6.75 5.02
N ASN C 956 10.49 7.50 5.79
CA ASN C 956 9.77 6.91 6.92
C ASN C 956 8.58 6.08 6.46
N PHE C 957 7.85 6.56 5.46
CA PHE C 957 6.57 5.97 5.05
C PHE C 957 5.56 5.94 6.18
N GLY C 958 5.78 6.72 7.23
CA GLY C 958 4.91 6.71 8.38
C GLY C 958 5.46 6.03 9.61
N ALA C 959 6.70 5.55 9.57
CA ALA C 959 7.34 5.00 10.75
C ALA C 959 8.09 6.10 11.51
N ILE C 960 8.53 5.77 12.72
CA ILE C 960 9.20 6.78 13.55
C ILE C 960 10.55 7.16 12.96
N SER C 961 11.25 6.20 12.38
CA SER C 961 12.58 6.45 11.84
C SER C 961 12.78 5.64 10.57
N SER C 962 13.67 6.14 9.71
CA SER C 962 13.98 5.52 8.44
C SER C 962 14.98 4.39 8.55
N VAL C 963 15.71 4.30 9.65
CA VAL C 963 16.72 3.26 9.85
C VAL C 963 16.10 2.14 10.67
N LEU C 964 16.28 0.91 10.22
CA LEU C 964 15.57 -0.22 10.80
C LEU C 964 16.11 -0.58 12.17
N ASN C 965 17.43 -0.47 12.36
CA ASN C 965 18.07 -0.90 13.59
C ASN C 965 17.82 0.04 14.76
N ASP C 966 17.21 1.20 14.53
CA ASP C 966 16.92 2.12 15.62
C ASP C 966 15.51 1.98 16.15
N ILE C 967 14.56 1.51 15.33
CA ILE C 967 13.24 1.19 15.87
C ILE C 967 13.35 0.05 16.87
N LEU C 968 14.24 -0.90 16.60
CA LEU C 968 14.39 -2.05 17.49
C LEU C 968 15.09 -1.66 18.77
N SER C 969 16.16 -0.87 18.69
CA SER C 969 16.97 -0.59 19.86
C SER C 969 16.26 0.34 20.84
N ARG C 970 15.24 1.06 20.40
CA ARG C 970 14.53 1.98 21.29
C ARG C 970 13.05 1.64 21.44
N LEU C 971 12.63 0.45 21.03
CA LEU C 971 11.27 0.00 21.27
C LEU C 971 11.28 -1.49 21.59
N ASP C 972 10.10 -2.01 21.93
CA ASP C 972 9.89 -3.39 22.31
C ASP C 972 9.20 -4.15 21.19
N PRO C 973 9.35 -5.47 21.16
CA PRO C 973 8.79 -6.29 20.07
C PRO C 973 7.32 -6.01 19.80
N PRO C 974 6.42 -6.18 20.79
CA PRO C 974 5.00 -6.35 20.44
C PRO C 974 4.41 -5.23 19.60
N GLU C 975 4.82 -3.97 19.83
CA GLU C 975 4.34 -2.87 19.01
C GLU C 975 5.36 -2.43 17.96
N ALA C 976 6.56 -3.00 17.95
CA ALA C 976 7.52 -2.67 16.90
C ALA C 976 7.03 -3.12 15.54
N GLU C 977 6.38 -4.29 15.50
CA GLU C 977 5.92 -4.83 14.22
C GLU C 977 4.97 -3.89 13.51
N VAL C 978 4.22 -3.09 14.26
CA VAL C 978 3.33 -2.10 13.63
C VAL C 978 4.15 -1.03 12.91
N GLN C 979 5.23 -0.58 13.53
CA GLN C 979 6.13 0.35 12.85
C GLN C 979 6.83 -0.33 11.68
N ILE C 980 7.32 -1.55 11.88
CA ILE C 980 8.09 -2.21 10.83
C ILE C 980 7.23 -2.44 9.60
N ASP C 981 5.99 -2.91 9.79
CA ASP C 981 5.14 -3.20 8.65
C ASP C 981 4.82 -1.96 7.84
N ARG C 982 4.97 -0.77 8.42
CA ARG C 982 4.89 0.44 7.61
C ARG C 982 6.12 0.59 6.73
N LEU C 983 7.29 0.19 7.22
CA LEU C 983 8.50 0.21 6.40
C LEU C 983 8.52 -0.93 5.40
N ILE C 984 8.00 -2.10 5.78
CA ILE C 984 8.01 -3.25 4.89
C ILE C 984 7.14 -2.97 3.67
N THR C 985 5.93 -2.45 3.89
CA THR C 985 5.03 -2.20 2.77
C THR C 985 5.54 -1.07 1.89
N GLY C 986 6.10 -0.02 2.50
CA GLY C 986 6.60 1.09 1.70
C GLY C 986 7.79 0.68 0.83
N ARG C 987 8.75 -0.02 1.40
CA ARG C 987 9.93 -0.41 0.64
C ARG C 987 9.59 -1.45 -0.41
N LEU C 988 8.71 -2.39 -0.08
CA LEU C 988 8.28 -3.40 -1.04
C LEU C 988 7.55 -2.76 -2.21
N GLN C 989 6.66 -1.81 -1.93
CA GLN C 989 5.89 -1.17 -2.99
C GLN C 989 6.76 -0.25 -3.82
N SER C 990 7.82 0.31 -3.23
CA SER C 990 8.77 1.11 -4.02
C SER C 990 9.54 0.23 -4.98
N LEU C 991 9.85 -1.00 -4.59
CA LEU C 991 10.57 -1.90 -5.46
C LEU C 991 9.73 -2.34 -6.65
N GLN C 992 8.42 -2.50 -6.46
CA GLN C 992 7.57 -2.96 -7.55
C GLN C 992 7.48 -1.94 -8.67
N THR C 993 7.66 -0.65 -8.36
CA THR C 993 7.66 0.35 -9.43
C THR C 993 8.88 0.17 -10.33
N TYR C 994 10.05 -0.09 -9.75
CA TYR C 994 11.25 -0.15 -10.56
C TYR C 994 11.34 -1.43 -11.36
N VAL C 995 10.80 -2.54 -10.86
CA VAL C 995 10.66 -3.71 -11.72
C VAL C 995 9.71 -3.40 -12.87
N THR C 996 8.61 -2.73 -12.58
CA THR C 996 7.63 -2.43 -13.62
C THR C 996 8.17 -1.44 -14.63
N GLN C 997 8.91 -0.42 -14.19
CA GLN C 997 9.45 0.53 -15.15
C GLN C 997 10.54 -0.10 -16.00
N GLN C 998 11.29 -1.06 -15.46
CA GLN C 998 12.28 -1.75 -16.28
C GLN C 998 11.62 -2.58 -17.37
N LEU C 999 10.54 -3.29 -17.03
CA LEU C 999 9.89 -4.15 -18.01
C LEU C 999 9.33 -3.34 -19.16
N ILE C 1000 8.81 -2.15 -18.88
CA ILE C 1000 8.39 -1.27 -19.95
C ILE C 1000 9.58 -0.72 -20.70
N ARG C 1001 10.67 -0.39 -19.99
CA ARG C 1001 11.85 0.14 -20.64
C ARG C 1001 12.64 -0.94 -21.35
N ALA C 1002 12.54 -2.19 -20.91
CA ALA C 1002 13.20 -3.27 -21.64
C ALA C 1002 12.52 -3.50 -22.98
N ALA C 1003 11.19 -3.44 -23.03
CA ALA C 1003 10.49 -3.71 -24.27
C ALA C 1003 10.74 -2.61 -25.30
N GLU C 1004 11.15 -1.43 -24.86
CA GLU C 1004 11.55 -0.39 -25.81
C GLU C 1004 12.92 -0.66 -26.39
N ILE C 1005 13.85 -1.15 -25.57
CA ILE C 1005 15.17 -1.50 -26.08
C ILE C 1005 15.09 -2.69 -27.00
N ARG C 1006 14.30 -3.69 -26.63
CA ARG C 1006 14.14 -4.86 -27.49
C ARG C 1006 13.55 -4.50 -28.83
N ALA C 1007 12.55 -3.61 -28.84
CA ALA C 1007 11.96 -3.20 -30.11
C ALA C 1007 12.98 -2.47 -30.97
N SER C 1008 13.91 -1.76 -30.36
CA SER C 1008 15.00 -1.12 -31.09
C SER C 1008 16.13 -2.07 -31.42
N ALA C 1009 16.23 -3.19 -30.72
CA ALA C 1009 17.23 -4.21 -31.02
C ALA C 1009 16.75 -5.20 -32.06
N ASN C 1010 15.48 -5.14 -32.45
CA ASN C 1010 14.99 -5.88 -33.60
C ASN C 1010 15.09 -5.08 -34.88
N LEU C 1011 14.97 -3.76 -34.79
CA LEU C 1011 15.22 -2.92 -35.95
C LEU C 1011 16.68 -2.94 -36.36
N ALA C 1012 17.59 -2.92 -35.38
CA ALA C 1012 19.00 -2.97 -35.69
C ALA C 1012 19.38 -4.29 -36.33
N ALA C 1013 18.78 -5.39 -35.89
CA ALA C 1013 19.01 -6.68 -36.52
C ALA C 1013 18.46 -6.70 -37.94
N THR C 1014 17.26 -6.15 -38.15
CA THR C 1014 16.70 -6.04 -39.49
C THR C 1014 17.52 -5.11 -40.35
N LYS C 1015 17.90 -3.95 -39.81
CA LYS C 1015 18.68 -2.99 -40.58
C LYS C 1015 20.04 -3.53 -40.95
N MET C 1016 20.55 -4.50 -40.18
CA MET C 1016 21.84 -5.11 -40.50
C MET C 1016 21.73 -6.10 -41.65
N SER C 1017 20.68 -6.92 -41.65
CA SER C 1017 20.55 -7.94 -42.69
C SER C 1017 20.37 -7.31 -44.06
N GLU C 1018 19.60 -6.23 -44.14
CA GLU C 1018 19.22 -5.66 -45.43
C GLU C 1018 20.16 -4.55 -45.88
N CYS C 1019 20.48 -3.60 -45.01
CA CYS C 1019 21.37 -2.52 -45.41
C CYS C 1019 22.80 -3.02 -45.60
N VAL C 1020 23.29 -3.85 -44.68
CA VAL C 1020 24.70 -4.24 -44.72
C VAL C 1020 24.90 -5.47 -45.61
N LEU C 1021 24.34 -6.60 -45.22
CA LEU C 1021 24.51 -7.85 -45.97
C LEU C 1021 23.75 -7.85 -47.28
N GLY C 1022 23.17 -6.73 -47.68
CA GLY C 1022 22.40 -6.66 -48.89
C GLY C 1022 22.45 -5.27 -49.46
N GLN C 1023 21.47 -4.95 -50.29
CA GLN C 1023 21.40 -3.65 -50.97
C GLN C 1023 19.92 -3.34 -51.17
N SER C 1024 19.34 -2.61 -50.23
CA SER C 1024 17.89 -2.52 -50.13
C SER C 1024 17.31 -1.55 -51.14
N LYS C 1025 16.09 -1.84 -51.58
CA LYS C 1025 15.29 -0.95 -52.39
C LYS C 1025 14.31 -0.12 -51.58
N ARG C 1026 14.20 -0.39 -50.28
CA ARG C 1026 13.27 0.34 -49.45
C ARG C 1026 13.71 1.79 -49.31
N VAL C 1027 12.75 2.70 -49.34
CA VAL C 1027 13.04 4.13 -49.37
C VAL C 1027 13.22 4.66 -47.96
N ASP C 1028 14.22 5.53 -47.79
CA ASP C 1028 14.55 6.18 -46.53
C ASP C 1028 14.83 5.20 -45.41
N PHE C 1029 14.96 3.91 -45.73
CA PHE C 1029 15.31 2.92 -44.73
C PHE C 1029 16.79 2.97 -44.40
N CYS C 1030 17.63 2.76 -45.42
CA CYS C 1030 19.08 2.82 -45.24
C CYS C 1030 19.62 4.18 -45.71
N GLY C 1031 19.23 5.23 -44.99
CA GLY C 1031 19.72 6.56 -45.30
C GLY C 1031 18.92 7.24 -46.39
N LYS C 1032 19.22 8.51 -46.60
CA LYS C 1032 18.48 9.35 -47.54
C LYS C 1032 19.23 9.49 -48.85
N GLY C 1033 18.65 8.95 -49.92
CA GLY C 1033 19.23 8.80 -51.23
C GLY C 1033 18.93 7.43 -51.77
N TYR C 1034 19.66 7.01 -52.79
CA TYR C 1034 19.58 5.66 -53.30
C TYR C 1034 20.68 4.83 -52.64
N HIS C 1035 20.28 3.80 -51.91
CA HIS C 1035 21.24 3.05 -51.10
C HIS C 1035 22.25 2.33 -51.98
N LEU C 1036 23.52 2.38 -51.58
CA LEU C 1036 24.58 1.63 -52.23
C LEU C 1036 25.10 0.50 -51.34
N MET C 1037 25.55 0.82 -50.13
CA MET C 1037 26.16 -0.17 -49.24
C MET C 1037 26.46 0.50 -47.91
N SER C 1038 26.48 -0.29 -46.84
CA SER C 1038 26.54 0.25 -45.49
C SER C 1038 27.53 -0.52 -44.64
N PHE C 1039 28.02 0.13 -43.58
CA PHE C 1039 29.08 -0.40 -42.73
C PHE C 1039 28.70 -0.33 -41.26
N PRO C 1040 28.98 -1.37 -40.50
CA PRO C 1040 28.66 -1.36 -39.07
C PRO C 1040 29.83 -0.92 -38.21
N GLN C 1041 29.50 -0.27 -37.09
CA GLN C 1041 30.48 0.03 -36.07
C GLN C 1041 29.89 -0.24 -34.71
N SER C 1042 30.73 -0.69 -33.79
CA SER C 1042 30.27 -0.93 -32.44
C SER C 1042 30.11 0.38 -31.68
N ALA C 1043 29.46 0.29 -30.53
CA ALA C 1043 29.25 1.40 -29.64
C ALA C 1043 28.94 0.84 -28.26
N PRO C 1044 29.07 1.63 -27.21
CA PRO C 1044 29.02 1.04 -25.86
C PRO C 1044 27.78 0.21 -25.59
N HIS C 1045 26.60 0.65 -26.00
CA HIS C 1045 25.40 -0.17 -25.84
C HIS C 1045 24.55 -0.12 -27.09
N GLY C 1046 25.18 -0.14 -28.25
CA GLY C 1046 24.43 -0.02 -29.48
C GLY C 1046 25.30 -0.27 -30.68
N VAL C 1047 24.73 0.00 -31.84
CA VAL C 1047 25.39 -0.25 -33.12
C VAL C 1047 25.25 1.01 -33.97
N VAL C 1048 26.28 1.31 -34.75
CA VAL C 1048 26.33 2.51 -35.56
C VAL C 1048 26.54 2.10 -37.01
N PHE C 1049 25.68 2.60 -37.89
CA PHE C 1049 25.76 2.32 -39.31
C PHE C 1049 26.28 3.55 -40.05
N LEU C 1050 26.90 3.33 -41.21
CA LEU C 1050 27.38 4.41 -42.06
C LEU C 1050 26.81 4.15 -43.46
N HIS C 1051 25.65 4.70 -43.75
CA HIS C 1051 24.96 4.41 -44.99
C HIS C 1051 25.58 5.21 -46.13
N VAL C 1052 26.10 4.53 -47.14
CA VAL C 1052 26.60 5.19 -48.33
C VAL C 1052 25.47 5.27 -49.34
N THR C 1053 25.23 6.46 -49.87
CA THR C 1053 24.09 6.69 -50.76
C THR C 1053 24.54 7.38 -52.02
N TYR C 1054 23.64 7.45 -52.99
CA TYR C 1054 23.86 8.09 -54.28
C TYR C 1054 22.83 9.18 -54.44
N VAL C 1055 23.26 10.43 -54.33
CA VAL C 1055 22.37 11.59 -54.45
C VAL C 1055 22.62 12.25 -55.79
N PRO C 1056 21.66 12.27 -56.70
CA PRO C 1056 21.87 12.96 -57.97
C PRO C 1056 21.90 14.47 -57.77
N ALA C 1057 22.57 15.16 -58.68
CA ALA C 1057 22.79 16.59 -58.55
C ALA C 1057 23.01 17.21 -59.91
N GLN C 1058 22.91 18.55 -59.96
CA GLN C 1058 23.14 19.33 -61.17
C GLN C 1058 22.20 18.91 -62.29
N GLU C 1059 20.91 19.13 -62.06
CA GLU C 1059 19.92 18.78 -63.07
C GLU C 1059 19.99 19.77 -64.24
N LYS C 1060 19.24 19.45 -65.29
CA LYS C 1060 19.12 20.33 -66.44
C LYS C 1060 17.75 20.09 -67.05
N ASN C 1061 17.27 21.08 -67.81
CA ASN C 1061 15.91 21.03 -68.36
C ASN C 1061 15.93 20.60 -69.82
N PHE C 1062 15.06 19.65 -70.15
CA PHE C 1062 14.82 19.24 -71.52
C PHE C 1062 13.32 19.07 -71.71
N THR C 1063 12.88 19.11 -72.95
CA THR C 1063 11.49 18.85 -73.31
C THR C 1063 11.35 17.41 -73.76
N THR C 1064 10.37 16.70 -73.21
CA THR C 1064 10.18 15.30 -73.53
C THR C 1064 8.86 15.08 -74.24
N ALA C 1065 8.71 13.88 -74.79
CA ALA C 1065 7.49 13.41 -75.42
C ALA C 1065 7.27 11.97 -75.01
N PRO C 1066 6.02 11.52 -74.95
CA PRO C 1066 5.77 10.12 -74.61
C PRO C 1066 6.43 9.16 -75.58
N ALA C 1067 6.04 9.24 -76.85
CA ALA C 1067 6.55 8.36 -77.89
C ALA C 1067 6.92 9.20 -79.10
N ILE C 1068 7.62 8.58 -80.04
CA ILE C 1068 8.06 9.24 -81.25
C ILE C 1068 7.53 8.49 -82.45
N CYS C 1069 6.84 9.19 -83.34
CA CYS C 1069 6.23 8.58 -84.51
C CYS C 1069 7.21 8.60 -85.68
N HIS C 1070 7.44 7.43 -86.26
CA HIS C 1070 8.25 7.31 -87.46
C HIS C 1070 7.61 6.30 -88.39
N ASP C 1071 7.47 6.67 -89.67
CA ASP C 1071 6.91 5.78 -90.69
C ASP C 1071 5.51 5.32 -90.32
N GLY C 1072 4.75 6.21 -89.67
CA GLY C 1072 3.41 5.85 -89.25
C GLY C 1072 3.37 4.77 -88.19
N LYS C 1073 4.30 4.79 -87.24
CA LYS C 1073 4.33 3.86 -86.12
C LYS C 1073 4.71 4.62 -84.87
N ALA C 1074 4.39 4.05 -83.71
CA ALA C 1074 4.74 4.63 -82.42
C ALA C 1074 5.95 3.92 -81.84
N HIS C 1075 6.93 4.69 -81.38
CA HIS C 1075 8.16 4.15 -80.83
C HIS C 1075 8.31 4.61 -79.39
N PHE C 1076 8.50 3.67 -78.48
CA PHE C 1076 8.69 3.92 -77.06
C PHE C 1076 10.12 3.53 -76.66
N PRO C 1077 10.66 4.11 -75.60
CA PRO C 1077 12.02 3.72 -75.18
C PRO C 1077 11.99 2.47 -74.33
N ARG C 1078 12.94 1.56 -74.59
CA ARG C 1078 13.03 0.35 -73.79
C ARG C 1078 13.36 0.68 -72.34
N GLU C 1079 14.33 1.57 -72.14
CA GLU C 1079 14.63 2.10 -70.81
C GLU C 1079 15.19 3.49 -70.99
N GLY C 1080 14.55 4.46 -70.37
CA GLY C 1080 14.93 5.85 -70.53
C GLY C 1080 13.80 6.65 -71.09
N VAL C 1081 14.12 7.88 -71.50
CA VAL C 1081 13.14 8.83 -71.99
C VAL C 1081 13.64 9.49 -73.26
N PHE C 1082 12.70 10.01 -74.04
CA PHE C 1082 13.02 10.83 -75.21
C PHE C 1082 13.19 12.26 -74.75
N VAL C 1083 14.41 12.76 -74.78
CA VAL C 1083 14.69 14.15 -74.45
C VAL C 1083 15.19 14.86 -75.70
N SER C 1084 15.07 16.18 -75.69
CA SER C 1084 15.56 17.01 -76.79
C SER C 1084 16.28 18.22 -76.22
N ASN C 1085 17.31 18.65 -76.92
CA ASN C 1085 18.08 19.82 -76.50
C ASN C 1085 17.71 21.08 -77.26
N GLY C 1086 16.67 21.04 -78.08
CA GLY C 1086 16.24 22.20 -78.82
C GLY C 1086 16.01 21.95 -80.29
N THR C 1087 16.85 21.11 -80.91
CA THR C 1087 16.71 20.78 -82.32
C THR C 1087 16.86 19.30 -82.62
N HIS C 1088 17.33 18.49 -81.66
CA HIS C 1088 17.55 17.07 -81.89
C HIS C 1088 16.99 16.29 -80.72
N TRP C 1089 16.68 15.02 -80.97
CA TRP C 1089 16.08 14.15 -79.98
C TRP C 1089 16.99 12.96 -79.69
N PHE C 1090 16.97 12.49 -78.44
CA PHE C 1090 17.84 11.41 -78.01
C PHE C 1090 17.07 10.50 -77.06
N VAL C 1091 17.78 9.49 -76.56
CA VAL C 1091 17.28 8.62 -75.49
C VAL C 1091 18.36 8.53 -74.43
N THR C 1092 17.99 8.79 -73.18
CA THR C 1092 18.94 8.73 -72.08
C THR C 1092 18.24 8.14 -70.86
N GLN C 1093 19.00 7.45 -70.02
CA GLN C 1093 18.37 6.83 -68.87
C GLN C 1093 17.93 7.91 -67.87
N ARG C 1094 17.08 7.52 -66.95
CA ARG C 1094 16.39 8.52 -66.12
C ARG C 1094 17.31 9.16 -65.10
N ASN C 1095 18.24 8.39 -64.53
CA ASN C 1095 19.02 8.84 -63.39
C ASN C 1095 20.31 9.53 -63.76
N PHE C 1096 20.62 9.66 -65.04
CA PHE C 1096 21.87 10.28 -65.46
C PHE C 1096 21.68 10.77 -66.89
N TYR C 1097 22.35 11.84 -67.25
CA TYR C 1097 22.25 12.37 -68.60
C TYR C 1097 23.31 11.73 -69.48
N GLU C 1098 22.88 10.84 -70.36
CA GLU C 1098 23.76 10.17 -71.32
C GLU C 1098 22.99 10.01 -72.62
N PRO C 1099 23.03 11.02 -73.49
CA PRO C 1099 22.17 11.01 -74.68
C PRO C 1099 22.71 10.08 -75.75
N GLN C 1100 21.79 9.44 -76.45
CA GLN C 1100 22.14 8.55 -77.55
C GLN C 1100 21.10 8.67 -78.65
N ILE C 1101 21.55 8.44 -79.89
CA ILE C 1101 20.66 8.58 -81.03
C ILE C 1101 19.58 7.52 -80.96
N ILE C 1102 18.34 7.93 -81.24
CA ILE C 1102 17.21 7.01 -81.21
C ILE C 1102 17.34 6.03 -82.36
N THR C 1103 17.52 4.76 -82.04
CA THR C 1103 17.62 3.71 -83.05
C THR C 1103 16.50 2.70 -82.86
N THR C 1104 16.55 1.62 -83.63
CA THR C 1104 15.60 0.54 -83.45
C THR C 1104 16.06 -0.44 -82.38
N ASP C 1105 17.30 -0.34 -81.93
CA ASP C 1105 17.80 -1.24 -80.90
C ASP C 1105 17.51 -0.77 -79.48
N ASN C 1106 17.10 0.48 -79.29
CA ASN C 1106 16.71 0.95 -77.97
C ASN C 1106 15.28 1.44 -77.88
N THR C 1107 14.49 1.23 -78.93
CA THR C 1107 13.07 1.57 -78.93
C THR C 1107 12.27 0.41 -79.49
N PHE C 1108 11.10 0.18 -78.91
CA PHE C 1108 10.20 -0.85 -79.40
C PHE C 1108 8.92 -0.20 -79.91
N VAL C 1109 8.34 -0.82 -80.93
CA VAL C 1109 7.22 -0.25 -81.66
C VAL C 1109 5.95 -0.99 -81.29
N SER C 1110 4.86 -0.24 -81.12
CA SER C 1110 3.56 -0.86 -80.86
C SER C 1110 2.47 0.14 -81.23
N GLY C 1111 1.76 -0.13 -82.30
CA GLY C 1111 0.59 0.64 -82.69
C GLY C 1111 0.88 1.69 -83.73
N ASN C 1112 -0.11 2.56 -83.91
CA ASN C 1112 -0.05 3.68 -84.83
C ASN C 1112 -0.01 4.98 -84.05
N CYS C 1113 0.15 6.09 -84.77
CA CYS C 1113 0.35 7.39 -84.14
C CYS C 1113 -0.95 8.15 -83.96
N ASP C 1114 -1.93 7.52 -83.31
CA ASP C 1114 -3.25 8.12 -83.16
C ASP C 1114 -3.84 8.05 -81.76
N VAL C 1115 -3.38 7.15 -80.91
CA VAL C 1115 -3.94 6.96 -79.59
C VAL C 1115 -3.11 7.64 -78.51
N VAL C 1116 -1.80 7.50 -78.57
CA VAL C 1116 -0.91 8.15 -77.61
C VAL C 1116 -0.87 9.63 -77.90
N ILE C 1117 -1.07 10.45 -76.86
CA ILE C 1117 -1.22 11.89 -77.00
C ILE C 1117 0.09 12.56 -76.63
N GLY C 1118 0.49 13.55 -77.43
CA GLY C 1118 1.73 14.26 -77.20
C GLY C 1118 2.94 13.74 -77.95
N ILE C 1119 2.76 12.93 -78.98
CA ILE C 1119 3.90 12.38 -79.69
C ILE C 1119 4.45 13.40 -80.69
N VAL C 1120 5.70 13.16 -81.09
CA VAL C 1120 6.37 14.00 -82.07
C VAL C 1120 6.81 13.10 -83.23
N ASN C 1121 7.49 13.66 -84.21
CA ASN C 1121 7.97 12.91 -85.36
C ASN C 1121 9.47 13.10 -85.51
N ASN C 1122 10.20 11.98 -85.57
CA ASN C 1122 11.65 12.02 -85.75
C ASN C 1122 12.09 10.79 -86.52
N THR C 1123 13.30 10.87 -87.07
CA THR C 1123 13.86 9.78 -87.86
C THR C 1123 14.52 8.78 -86.93
N VAL C 1124 13.94 7.59 -86.83
CA VAL C 1124 14.51 6.52 -86.01
C VAL C 1124 15.61 5.84 -86.83
N TYR C 1125 16.85 6.11 -86.47
CA TYR C 1125 17.99 5.59 -87.23
C TYR C 1125 18.01 4.07 -87.17
N ASP C 1126 18.31 3.44 -88.31
CA ASP C 1126 18.44 2.00 -88.38
C ASP C 1126 19.88 1.63 -88.65
N PRO C 1127 20.55 0.88 -87.77
CA PRO C 1127 21.95 0.52 -88.03
C PRO C 1127 22.11 -0.54 -89.10
N LEU C 1128 21.04 -1.26 -89.44
CA LEU C 1128 21.13 -2.31 -90.46
C LEU C 1128 21.20 -1.75 -91.86
N GLN C 1129 20.48 -0.67 -92.14
CA GLN C 1129 20.37 -0.18 -93.51
C GLN C 1129 21.70 0.23 -94.13
N PRO C 1130 22.54 1.06 -93.50
CA PRO C 1130 23.80 1.41 -94.18
C PRO C 1130 24.72 0.22 -94.37
N GLU C 1131 24.74 -0.72 -93.41
CA GLU C 1131 25.61 -1.88 -93.56
C GLU C 1131 25.11 -2.80 -94.68
N LEU C 1132 23.81 -2.79 -94.95
CA LEU C 1132 23.27 -3.58 -96.05
C LEU C 1132 23.82 -3.08 -97.39
N ASP C 1133 23.93 -1.77 -97.55
CA ASP C 1133 24.44 -1.17 -98.78
C ASP C 1133 25.79 -0.51 -98.57
N VAL D 2 -67.21 35.28 26.85
CA VAL D 2 -66.85 34.97 28.24
C VAL D 2 -67.58 33.72 28.70
N GLN D 3 -66.82 32.65 28.96
CA GLN D 3 -67.38 31.39 29.41
C GLN D 3 -67.45 31.27 30.93
N LEU D 4 -66.85 32.19 31.67
CA LEU D 4 -66.86 32.19 33.13
C LEU D 4 -67.59 33.44 33.59
N VAL D 5 -68.85 33.27 34.01
CA VAL D 5 -69.69 34.40 34.39
C VAL D 5 -69.84 34.40 35.92
N GLU D 6 -70.16 35.59 36.44
CA GLU D 6 -70.35 35.80 37.87
C GLU D 6 -71.73 36.37 38.12
N SER D 7 -72.39 35.87 39.16
CA SER D 7 -73.77 36.22 39.46
C SER D 7 -73.93 36.57 40.92
N GLY D 8 -74.83 37.50 41.20
CA GLY D 8 -75.13 37.91 42.55
C GLY D 8 -74.51 39.27 42.89
N GLY D 9 -74.94 39.81 44.03
CA GLY D 9 -74.40 41.06 44.52
C GLY D 9 -75.25 42.27 44.20
N GLY D 10 -74.60 43.44 44.10
CA GLY D 10 -75.25 44.70 43.80
C GLY D 10 -74.85 45.74 44.81
N LEU D 11 -75.53 46.90 44.74
CA LEU D 11 -75.28 47.97 45.69
C LEU D 11 -75.76 47.54 47.07
N VAL D 12 -74.92 47.77 48.08
CA VAL D 12 -75.19 47.33 49.44
C VAL D 12 -74.85 48.47 50.40
N GLN D 13 -75.68 48.65 51.41
CA GLN D 13 -75.42 49.64 52.43
C GLN D 13 -74.06 49.36 53.08
N PRO D 14 -73.27 50.41 53.38
CA PRO D 14 -71.96 50.19 54.02
C PRO D 14 -72.04 49.33 55.26
N GLY D 15 -71.50 48.11 55.17
CA GLY D 15 -71.59 47.13 56.24
C GLY D 15 -72.34 45.86 55.89
N GLY D 16 -72.42 45.50 54.62
CA GLY D 16 -73.13 44.32 54.18
C GLY D 16 -72.20 43.22 53.70
N SER D 17 -72.60 42.56 52.62
CA SER D 17 -71.84 41.45 52.05
C SER D 17 -71.95 41.46 50.54
N LEU D 18 -71.00 40.79 49.88
CA LEU D 18 -70.96 40.65 48.43
C LEU D 18 -70.70 39.20 48.08
N ARG D 19 -71.41 38.71 47.06
CA ARG D 19 -71.31 37.31 46.65
C ARG D 19 -71.24 37.22 45.13
N LEU D 20 -70.48 36.24 44.64
CA LEU D 20 -70.33 36.00 43.21
C LEU D 20 -70.19 34.51 42.96
N SER D 21 -70.29 34.13 41.69
CA SER D 21 -70.25 32.72 41.28
C SER D 21 -69.14 32.50 40.27
N CYS D 22 -68.47 31.35 40.37
CA CYS D 22 -67.38 30.97 39.47
C CYS D 22 -67.89 29.87 38.56
N ALA D 23 -68.48 30.28 37.44
CA ALA D 23 -69.20 29.35 36.57
C ALA D 23 -68.24 28.38 35.89
N ALA D 24 -68.81 27.34 35.30
CA ALA D 24 -68.04 26.34 34.56
C ALA D 24 -68.98 25.64 33.59
N SER D 25 -68.73 25.79 32.29
CA SER D 25 -69.51 25.09 31.28
C SER D 25 -69.15 23.63 31.16
N ASP D 26 -68.07 23.18 31.83
CA ASP D 26 -67.66 21.79 31.83
C ASP D 26 -67.43 21.34 33.27
N SER D 27 -67.89 20.13 33.58
CA SER D 27 -67.66 19.57 34.91
C SER D 27 -66.20 19.26 35.17
N SER D 28 -65.39 19.15 34.11
CA SER D 28 -63.95 18.95 34.24
C SER D 28 -63.19 20.27 34.33
N PHE D 29 -63.88 21.41 34.32
CA PHE D 29 -63.21 22.69 34.47
C PHE D 29 -62.55 22.82 35.82
N TYR D 30 -63.19 22.33 36.87
CA TYR D 30 -62.61 22.39 38.21
C TYR D 30 -61.52 21.36 38.41
N ASP D 31 -61.29 20.47 37.45
CA ASP D 31 -60.10 19.64 37.40
C ASP D 31 -59.10 20.36 36.51
N TYR D 32 -58.02 20.85 37.10
CA TYR D 32 -57.69 20.59 38.50
C TYR D 32 -57.83 21.81 39.42
N GLU D 33 -58.17 22.98 38.86
CA GLU D 33 -58.19 24.18 39.69
C GLU D 33 -59.19 25.18 39.14
N MET D 34 -59.92 25.81 40.06
CA MET D 34 -60.74 26.99 39.81
C MET D 34 -60.58 27.91 41.01
N SER D 35 -60.50 29.23 40.76
CA SER D 35 -60.07 30.16 41.80
C SER D 35 -60.89 31.44 41.73
N TRP D 36 -60.55 32.36 42.63
CA TRP D 36 -61.12 33.70 42.70
C TRP D 36 -60.00 34.72 42.80
N VAL D 37 -60.17 35.87 42.13
CA VAL D 37 -59.21 36.96 42.19
C VAL D 37 -59.95 38.24 42.52
N ARG D 38 -59.44 38.99 43.50
CA ARG D 38 -59.96 40.29 43.88
C ARG D 38 -59.04 41.38 43.33
N GLN D 39 -59.49 42.06 42.30
CA GLN D 39 -58.79 43.21 41.73
C GLN D 39 -59.61 44.45 42.00
N ALA D 40 -58.96 45.47 42.46
CA ALA D 40 -59.52 46.78 42.72
C ALA D 40 -58.97 47.80 41.74
N PRO D 41 -59.72 48.85 41.42
CA PRO D 41 -59.20 49.89 40.53
C PRO D 41 -58.01 50.61 41.16
N GLY D 42 -56.85 50.44 40.54
CA GLY D 42 -55.63 51.06 41.05
C GLY D 42 -54.85 50.23 42.06
N LYS D 43 -55.56 49.52 42.94
CA LYS D 43 -54.91 48.75 43.99
C LYS D 43 -54.31 47.46 43.43
N ALA D 44 -53.41 46.86 44.20
CA ALA D 44 -52.69 45.69 43.76
C ALA D 44 -53.62 44.48 43.67
N GLN D 45 -53.15 43.44 42.98
CA GLN D 45 -53.94 42.23 42.80
C GLN D 45 -53.89 41.39 44.07
N GLU D 46 -55.04 41.26 44.73
CA GLU D 46 -55.18 40.42 45.91
C GLU D 46 -55.96 39.18 45.50
N TRP D 47 -55.25 38.05 45.39
CA TRP D 47 -55.91 36.78 45.09
C TRP D 47 -56.74 36.33 46.28
N ILE D 48 -57.87 35.71 45.98
CA ILE D 48 -58.84 35.38 47.02
C ILE D 48 -58.60 33.98 47.57
N GLY D 49 -58.73 32.96 46.72
CA GLY D 49 -58.52 31.60 47.17
C GLY D 49 -58.85 30.62 46.07
N SER D 50 -58.45 29.37 46.31
CA SER D 50 -58.67 28.29 45.36
C SER D 50 -58.63 26.96 46.10
N MET D 51 -59.30 25.96 45.52
CA MET D 51 -59.29 24.61 46.07
C MET D 51 -59.30 23.61 44.93
N TYR D 52 -58.50 22.58 45.06
CA TYR D 52 -58.43 21.48 44.09
C TYR D 52 -59.51 20.47 44.42
N PRO D 53 -59.65 19.41 43.62
CA PRO D 53 -60.57 18.32 44.01
C PRO D 53 -60.27 17.71 45.38
N SER D 54 -59.11 18.00 45.97
CA SER D 54 -58.87 17.61 47.35
C SER D 54 -59.83 18.32 48.30
N GLY D 55 -60.04 19.63 48.10
CA GLY D 55 -61.00 20.38 48.89
C GLY D 55 -60.41 21.06 50.12
N ARG D 56 -59.36 21.85 49.92
CA ARG D 56 -58.71 22.56 51.02
C ARG D 56 -58.30 23.95 50.54
N THR D 57 -58.14 24.87 51.48
CA THR D 57 -57.78 26.25 51.15
C THR D 57 -56.81 26.79 52.18
N TYR D 58 -55.70 27.37 51.69
CA TYR D 58 -54.73 28.08 52.51
C TYR D 58 -54.52 29.46 51.91
N ILE D 59 -54.61 30.50 52.73
CA ILE D 59 -54.60 31.87 52.22
C ILE D 59 -53.52 32.71 52.89
N ASN D 60 -53.47 33.99 52.52
CA ASN D 60 -52.45 34.88 53.06
C ASN D 60 -52.69 35.15 54.53
N PRO D 61 -51.69 34.90 55.40
CA PRO D 61 -51.89 35.18 56.85
C PRO D 61 -52.22 36.62 57.15
N SER D 62 -51.68 37.58 56.38
CA SER D 62 -51.97 38.99 56.65
C SER D 62 -53.44 39.31 56.41
N LEU D 63 -54.08 38.63 55.47
CA LEU D 63 -55.48 38.86 55.14
C LEU D 63 -56.27 37.56 55.22
N LYS D 64 -56.05 36.77 56.27
CA LYS D 64 -56.75 35.51 56.47
C LYS D 64 -57.99 35.64 57.35
N SER D 65 -58.26 36.84 57.89
CA SER D 65 -59.38 37.05 58.79
C SER D 65 -60.46 37.93 58.18
N LEU D 66 -60.57 37.95 56.86
CA LEU D 66 -61.59 38.77 56.21
C LEU D 66 -62.40 37.94 55.21
N VAL D 67 -61.77 36.94 54.60
CA VAL D 67 -62.35 36.20 53.47
C VAL D 67 -62.46 34.73 53.84
N THR D 68 -63.64 34.17 53.60
CA THR D 68 -63.87 32.72 53.70
C THR D 68 -64.39 32.23 52.36
N ILE D 69 -63.86 31.11 51.88
CA ILE D 69 -64.19 30.56 50.57
C ILE D 69 -64.76 29.16 50.77
N SER D 70 -65.93 28.93 50.16
CA SER D 70 -66.56 27.62 50.12
C SER D 70 -66.95 27.32 48.68
N ARG D 71 -67.47 26.11 48.44
CA ARG D 71 -67.86 25.73 47.10
C ARG D 71 -68.94 24.66 47.17
N ASP D 72 -69.95 24.80 46.33
CA ASP D 72 -70.97 23.77 46.13
C ASP D 72 -70.95 23.36 44.66
N ASN D 73 -70.81 22.07 44.42
CA ASN D 73 -70.56 21.54 43.08
C ASN D 73 -71.83 21.19 42.33
N SER D 74 -73.00 21.55 42.89
CA SER D 74 -74.26 21.26 42.21
C SER D 74 -74.37 21.99 40.87
N LYS D 75 -73.97 23.25 40.84
CA LYS D 75 -74.08 24.07 39.64
C LYS D 75 -72.72 24.30 38.97
N ASN D 76 -71.72 23.50 39.35
CA ASN D 76 -70.35 23.65 38.85
C ASN D 76 -69.84 25.07 39.08
N THR D 77 -70.14 25.60 40.26
CA THR D 77 -69.76 26.96 40.63
C THR D 77 -69.01 26.93 41.95
N LEU D 78 -68.11 27.90 42.13
CA LEU D 78 -67.32 28.02 43.34
C LEU D 78 -67.76 29.29 44.05
N TYR D 79 -68.21 29.16 45.30
CA TYR D 79 -68.87 30.24 46.00
C TYR D 79 -67.85 31.16 46.67
N LEU D 80 -68.35 32.29 47.17
CA LEU D 80 -67.52 33.28 47.84
C LEU D 80 -68.41 34.01 48.84
N GLN D 81 -68.09 33.89 50.12
CA GLN D 81 -68.89 34.48 51.19
C GLN D 81 -68.02 35.40 52.04
N LEU D 82 -68.55 36.58 52.37
CA LEU D 82 -67.85 37.55 53.20
C LEU D 82 -68.81 38.09 54.25
N ASN D 83 -68.25 38.50 55.38
CA ASN D 83 -69.01 39.14 56.45
C ASN D 83 -68.18 40.25 57.07
N SER D 84 -68.88 41.25 57.61
CA SER D 84 -68.26 42.41 58.26
C SER D 84 -67.31 43.12 57.30
N LEU D 85 -67.88 43.61 56.19
CA LEU D 85 -67.10 44.27 55.17
C LEU D 85 -66.74 45.70 55.60
N ARG D 86 -65.84 46.32 54.85
CA ARG D 86 -65.34 47.65 55.16
C ARG D 86 -65.44 48.54 53.92
N ALA D 87 -65.04 49.79 54.08
CA ALA D 87 -65.17 50.79 53.03
C ALA D 87 -64.05 50.75 51.99
N GLU D 88 -63.05 49.89 52.19
CA GLU D 88 -61.95 49.72 51.24
C GLU D 88 -62.19 48.58 50.27
N ASP D 89 -63.40 48.02 50.25
CA ASP D 89 -63.70 46.81 49.51
C ASP D 89 -64.15 47.08 48.07
N THR D 90 -63.83 48.25 47.53
CA THR D 90 -64.13 48.56 46.13
C THR D 90 -63.25 47.68 45.23
N ALA D 91 -63.85 46.69 44.57
CA ALA D 91 -63.08 45.75 43.79
C ALA D 91 -63.98 45.04 42.80
N MET D 92 -63.34 44.33 41.85
CA MET D 92 -64.02 43.48 40.89
C MET D 92 -63.42 42.09 40.99
N TYR D 93 -64.29 41.07 41.08
CA TYR D 93 -63.85 39.70 41.36
C TYR D 93 -64.02 38.84 40.11
N TYR D 94 -62.89 38.44 39.52
CA TYR D 94 -62.90 37.58 38.35
C TYR D 94 -62.87 36.11 38.75
N CYS D 95 -63.77 35.33 38.17
CA CYS D 95 -63.75 33.87 38.30
C CYS D 95 -62.61 33.34 37.44
N VAL D 96 -61.50 33.00 38.09
CA VAL D 96 -60.27 32.67 37.38
C VAL D 96 -60.03 31.16 37.49
N SER D 97 -59.35 30.63 36.48
CA SER D 97 -58.99 29.21 36.45
C SER D 97 -57.48 29.08 36.28
N ASN D 98 -56.86 28.27 37.14
CA ASN D 98 -55.42 28.00 37.09
C ASN D 98 -54.61 29.29 37.22
N TRP D 99 -54.92 30.07 38.26
CA TRP D 99 -54.24 31.35 38.46
C TRP D 99 -52.75 31.16 38.72
N ALA D 100 -52.38 30.17 39.54
CA ALA D 100 -51.01 29.99 39.98
C ALA D 100 -50.11 29.36 38.92
N SER D 101 -50.59 29.17 37.69
CA SER D 101 -49.80 28.57 36.62
C SER D 101 -49.28 29.63 35.64
N GLY D 102 -48.88 30.79 36.15
CA GLY D 102 -48.42 31.87 35.29
C GLY D 102 -49.58 32.63 34.67
N SER D 103 -49.23 33.61 33.85
CA SER D 103 -50.22 34.41 33.13
C SER D 103 -50.59 33.81 31.78
N THR D 104 -49.96 32.70 31.40
CA THR D 104 -50.28 32.02 30.16
C THR D 104 -51.18 30.80 30.34
N GLY D 105 -51.10 30.13 31.50
CA GLY D 105 -51.94 29.01 31.81
C GLY D 105 -53.19 29.34 32.58
N ASP D 106 -53.51 30.62 32.78
CA ASP D 106 -54.66 31.04 33.54
C ASP D 106 -55.76 31.56 32.61
N TYR D 107 -56.90 31.90 33.20
CA TYR D 107 -58.04 32.39 32.45
C TYR D 107 -58.92 33.18 33.41
N TRP D 108 -58.91 34.51 33.28
CA TRP D 108 -59.63 35.37 34.21
C TRP D 108 -61.13 35.23 33.98
N GLY D 109 -61.90 35.98 34.76
CA GLY D 109 -63.34 36.00 34.62
C GLY D 109 -63.85 37.33 34.11
N GLN D 110 -65.03 37.76 34.57
CA GLN D 110 -65.58 39.06 34.21
C GLN D 110 -65.69 39.99 35.41
N GLY D 111 -66.38 39.57 36.46
CA GLY D 111 -66.51 40.36 37.66
C GLY D 111 -67.62 41.39 37.59
N THR D 112 -67.92 41.97 38.76
CA THR D 112 -68.89 43.04 38.88
C THR D 112 -68.20 44.27 39.44
N LEU D 113 -68.67 45.44 38.98
CA LEU D 113 -68.06 46.72 39.34
C LEU D 113 -68.72 47.24 40.61
N VAL D 114 -68.02 47.11 41.73
CA VAL D 114 -68.51 47.56 43.03
C VAL D 114 -67.57 48.66 43.51
N THR D 115 -68.14 49.84 43.74
CA THR D 115 -67.36 51.01 44.11
C THR D 115 -67.93 51.67 45.35
N VAL D 116 -67.04 52.19 46.20
CA VAL D 116 -67.41 52.90 47.41
C VAL D 116 -66.86 54.31 47.32
N SER D 117 -67.75 55.30 47.47
CA SER D 117 -67.35 56.70 47.37
C SER D 117 -66.67 57.16 48.65
N GLN E 1 -70.10 11.04 16.11
CA GLN E 1 -69.38 10.30 15.08
C GLN E 1 -69.07 8.89 15.57
N CYS E 2 -68.08 8.26 14.96
CA CYS E 2 -67.57 6.95 15.37
C CYS E 2 -68.64 5.85 15.24
N VAL E 3 -69.44 5.94 14.18
CA VAL E 3 -70.38 4.88 13.82
C VAL E 3 -69.81 4.21 12.58
N ASN E 4 -69.62 2.89 12.65
CA ASN E 4 -68.87 2.15 11.64
C ASN E 4 -69.65 0.91 11.22
N LEU E 5 -70.01 0.84 9.93
CA LEU E 5 -70.73 -0.30 9.39
C LEU E 5 -70.52 -0.36 7.89
N THR E 6 -69.89 -1.43 7.41
CA THR E 6 -69.85 -1.72 5.98
C THR E 6 -70.63 -3.00 5.67
N THR E 7 -70.22 -4.13 6.26
CA THR E 7 -71.03 -5.34 6.36
C THR E 7 -71.43 -5.96 5.03
N ARG E 8 -70.98 -5.40 3.91
CA ARG E 8 -71.40 -5.95 2.61
C ARG E 8 -70.30 -6.12 1.59
N THR E 9 -69.16 -5.44 1.71
CA THR E 9 -68.11 -5.50 0.70
C THR E 9 -67.01 -6.43 1.20
N GLN E 10 -66.90 -7.60 0.58
CA GLN E 10 -65.81 -8.52 0.86
C GLN E 10 -65.25 -9.14 -0.42
N LEU E 11 -65.46 -8.49 -1.56
CA LEU E 11 -64.91 -8.98 -2.81
C LEU E 11 -63.39 -8.83 -2.82
N PRO E 12 -62.68 -9.72 -3.53
CA PRO E 12 -61.24 -9.55 -3.66
C PRO E 12 -60.90 -8.29 -4.44
N PRO E 13 -59.77 -7.66 -4.16
CA PRO E 13 -59.42 -6.41 -4.82
C PRO E 13 -58.67 -6.61 -6.13
N ALA E 14 -58.88 -5.67 -7.04
CA ALA E 14 -58.27 -5.70 -8.36
C ALA E 14 -56.82 -5.20 -8.29
N TYR E 15 -56.05 -5.57 -9.32
CA TYR E 15 -54.66 -5.17 -9.44
C TYR E 15 -54.43 -4.56 -10.82
N THR E 16 -53.66 -3.48 -10.86
CA THR E 16 -53.28 -2.83 -12.11
C THR E 16 -51.77 -2.72 -12.18
N ASN E 17 -51.24 -2.89 -13.38
CA ASN E 17 -49.79 -2.90 -13.59
C ASN E 17 -49.29 -1.48 -13.75
N SER E 18 -48.49 -1.03 -12.79
CA SER E 18 -47.86 0.30 -12.84
C SER E 18 -46.67 0.22 -13.78
N PHE E 19 -46.85 0.63 -15.02
CA PHE E 19 -45.85 0.43 -16.05
C PHE E 19 -44.55 1.16 -15.74
N THR E 20 -44.57 2.49 -15.76
CA THR E 20 -43.38 3.28 -15.46
C THR E 20 -43.82 4.48 -14.62
N ARG E 21 -43.88 4.27 -13.31
CA ARG E 21 -44.37 5.28 -12.39
C ARG E 21 -43.62 5.19 -11.07
N GLY E 22 -43.46 6.34 -10.41
CA GLY E 22 -42.78 6.39 -9.13
C GLY E 22 -41.31 6.71 -9.24
N VAL E 23 -40.97 7.76 -9.98
CA VAL E 23 -39.59 8.17 -10.20
C VAL E 23 -39.44 9.58 -9.65
N TYR E 24 -38.33 9.85 -8.99
CA TYR E 24 -38.22 11.01 -8.12
C TYR E 24 -36.99 11.83 -8.47
N TYR E 25 -36.81 12.88 -7.69
CA TYR E 25 -35.53 13.56 -7.56
C TYR E 25 -35.00 13.18 -6.18
N PRO E 26 -34.25 12.08 -6.06
CA PRO E 26 -33.84 11.63 -4.73
C PRO E 26 -32.68 12.44 -4.18
N ASP E 27 -32.70 13.73 -4.48
CA ASP E 27 -31.67 14.71 -4.19
C ASP E 27 -32.18 16.08 -4.56
N LYS E 28 -31.37 17.11 -4.38
CA LYS E 28 -31.72 18.46 -4.78
C LYS E 28 -30.63 19.05 -5.66
N VAL E 29 -29.85 18.20 -6.31
CA VAL E 29 -28.72 18.62 -7.13
C VAL E 29 -29.19 18.75 -8.57
N PHE E 30 -29.05 19.94 -9.13
CA PHE E 30 -29.33 20.14 -10.54
C PHE E 30 -28.31 19.38 -11.37
N ARG E 31 -28.76 18.79 -12.47
CA ARG E 31 -27.85 18.08 -13.36
C ARG E 31 -28.22 18.33 -14.80
N SER E 32 -27.21 18.55 -15.62
CA SER E 32 -27.41 18.87 -17.03
C SER E 32 -27.74 17.58 -17.78
N SER E 33 -27.66 17.62 -19.10
CA SER E 33 -28.08 16.49 -19.93
C SER E 33 -27.09 15.34 -19.71
N VAL E 34 -27.29 14.61 -18.62
CA VAL E 34 -26.41 13.52 -18.23
C VAL E 34 -27.25 12.39 -17.65
N LEU E 35 -26.80 11.16 -17.86
CA LEU E 35 -27.46 9.98 -17.32
C LEU E 35 -26.78 9.59 -16.01
N HIS E 36 -27.54 9.57 -14.94
CA HIS E 36 -27.02 9.34 -13.59
C HIS E 36 -27.65 8.11 -12.99
N SER E 37 -26.86 7.32 -12.29
CA SER E 37 -27.32 6.09 -11.65
C SER E 37 -27.41 6.31 -10.16
N THR E 38 -28.53 5.91 -9.56
CA THR E 38 -28.75 5.99 -8.13
C THR E 38 -29.04 4.61 -7.57
N GLN E 39 -28.96 4.50 -6.25
CA GLN E 39 -29.33 3.27 -5.55
C GLN E 39 -30.16 3.70 -4.35
N ASP E 40 -31.48 3.77 -4.54
CA ASP E 40 -32.40 4.22 -3.50
C ASP E 40 -33.61 3.31 -3.52
N LEU E 41 -34.70 3.79 -2.92
CA LEU E 41 -35.96 3.07 -2.88
C LEU E 41 -36.85 3.60 -3.99
N PHE E 42 -37.18 2.75 -4.96
CA PHE E 42 -38.11 3.09 -6.02
C PHE E 42 -39.07 1.93 -6.19
N LEU E 43 -40.02 2.10 -7.11
CA LEU E 43 -40.82 0.92 -7.43
C LEU E 43 -40.25 0.20 -8.63
N PRO E 44 -40.21 -1.12 -8.58
CA PRO E 44 -39.90 -1.87 -9.80
C PRO E 44 -40.89 -1.54 -10.89
N PHE E 45 -40.39 -1.38 -12.11
CA PHE E 45 -41.27 -1.13 -13.23
C PHE E 45 -42.14 -2.35 -13.49
N PHE E 46 -43.37 -2.11 -13.93
CA PHE E 46 -44.33 -3.17 -14.22
C PHE E 46 -44.59 -4.03 -12.98
N SER E 47 -45.23 -3.43 -11.99
CA SER E 47 -45.67 -4.13 -10.78
C SER E 47 -47.17 -3.95 -10.62
N ASN E 48 -47.84 -5.02 -10.18
CA ASN E 48 -49.30 -5.00 -10.03
C ASN E 48 -49.65 -4.26 -8.75
N VAL E 49 -49.83 -2.95 -8.88
CA VAL E 49 -50.27 -2.12 -7.76
C VAL E 49 -51.74 -2.39 -7.49
N THR E 50 -52.09 -2.61 -6.22
CA THR E 50 -53.46 -2.97 -5.88
C THR E 50 -54.40 -1.81 -6.19
N TRP E 51 -55.63 -2.16 -6.54
CA TRP E 51 -56.66 -1.17 -6.88
C TRP E 51 -57.70 -1.18 -5.76
N PHE E 52 -57.42 -0.43 -4.70
CA PHE E 52 -58.39 -0.30 -3.62
C PHE E 52 -59.63 0.45 -4.08
N HIS E 53 -60.78 -0.01 -3.61
CA HIS E 53 -62.07 0.49 -4.06
C HIS E 53 -62.58 1.53 -3.07
N ALA E 54 -62.67 2.77 -3.51
CA ALA E 54 -63.30 3.82 -2.73
C ALA E 54 -64.81 3.71 -2.89
N ILE E 55 -65.54 4.75 -2.50
CA ILE E 55 -66.97 4.77 -2.72
C ILE E 55 -67.22 4.84 -4.24
N HIS E 56 -67.69 3.74 -4.81
CA HIS E 56 -68.00 3.64 -6.22
C HIS E 56 -69.50 3.49 -6.40
N VAL E 57 -70.05 4.13 -7.44
CA VAL E 57 -71.47 4.05 -7.75
C VAL E 57 -71.64 2.85 -8.67
N SER E 58 -71.73 1.66 -8.08
CA SER E 58 -71.96 0.42 -8.81
C SER E 58 -73.48 0.21 -8.86
N GLY E 59 -74.08 0.51 -10.01
CA GLY E 59 -75.52 0.59 -10.04
C GLY E 59 -76.25 -0.72 -10.31
N THR E 60 -76.62 -1.40 -9.22
CA THR E 60 -77.67 -2.42 -9.25
C THR E 60 -78.80 -2.03 -8.33
N ASN E 61 -78.51 -1.80 -7.04
CA ASN E 61 -79.35 -1.01 -6.15
C ASN E 61 -78.42 -0.43 -5.08
N GLY E 62 -77.91 0.77 -5.36
CA GLY E 62 -76.90 1.38 -4.51
C GLY E 62 -75.67 0.51 -4.34
N THR E 63 -75.45 0.02 -3.12
CA THR E 63 -74.36 -0.91 -2.78
C THR E 63 -73.00 -0.36 -3.21
N LYS E 64 -72.63 0.77 -2.61
CA LYS E 64 -71.30 1.33 -2.81
C LYS E 64 -70.35 0.73 -1.77
N ARG E 65 -69.05 0.80 -2.07
CA ARG E 65 -68.07 0.02 -1.33
C ARG E 65 -67.18 0.89 -0.45
N PHE E 66 -66.83 0.34 0.72
CA PHE E 66 -65.82 0.89 1.61
C PHE E 66 -64.74 -0.18 1.74
N ASP E 67 -63.60 0.01 1.07
CA ASP E 67 -62.55 -1.00 0.99
C ASP E 67 -61.19 -0.40 1.32
N ASN E 68 -61.07 0.28 2.46
CA ASN E 68 -59.83 0.92 2.89
C ASN E 68 -59.45 0.45 4.29
N PRO E 69 -58.91 -0.76 4.43
CA PRO E 69 -58.53 -1.27 5.75
C PRO E 69 -57.25 -0.61 6.23
N VAL E 70 -56.72 -1.14 7.33
CA VAL E 70 -55.45 -0.66 7.86
C VAL E 70 -54.32 -1.43 7.20
N LEU E 71 -53.35 -0.71 6.64
CA LEU E 71 -52.32 -1.24 5.78
C LEU E 71 -50.94 -1.11 6.42
N PRO E 72 -49.97 -1.92 6.01
CA PRO E 72 -48.61 -1.78 6.54
C PRO E 72 -47.80 -0.75 5.77
N PHE E 73 -46.69 -0.36 6.40
CA PHE E 73 -45.72 0.60 5.88
C PHE E 73 -44.36 -0.08 5.99
N ASN E 74 -44.03 -0.91 5.00
CA ASN E 74 -42.84 -1.75 5.12
C ASN E 74 -41.56 -0.93 4.97
N ASP E 75 -41.38 -0.31 3.81
CA ASP E 75 -40.27 0.60 3.57
C ASP E 75 -40.69 1.90 2.91
N GLY E 76 -41.74 1.89 2.12
CA GLY E 76 -42.20 3.09 1.44
C GLY E 76 -43.49 2.77 0.73
N VAL E 77 -44.26 3.82 0.47
CA VAL E 77 -45.64 3.66 0.06
C VAL E 77 -45.96 4.67 -1.03
N TYR E 78 -46.66 4.24 -2.07
CA TYR E 78 -47.17 5.16 -3.07
C TYR E 78 -48.61 5.54 -2.74
N PHE E 79 -49.15 6.46 -3.53
CA PHE E 79 -50.56 6.77 -3.39
C PHE E 79 -50.99 7.48 -4.68
N ALA E 80 -51.73 6.79 -5.52
CA ALA E 80 -52.23 7.34 -6.76
C ALA E 80 -53.74 7.27 -6.77
N SER E 81 -54.38 8.33 -7.26
CA SER E 81 -55.83 8.42 -7.20
C SER E 81 -56.28 9.44 -8.24
N THR E 82 -57.38 9.13 -8.93
CA THR E 82 -57.88 10.04 -9.95
C THR E 82 -58.73 11.14 -9.33
N GLU E 83 -59.92 10.78 -8.83
CA GLU E 83 -60.79 11.67 -8.06
C GLU E 83 -61.08 12.98 -8.79
N LYS E 84 -61.92 12.85 -9.80
CA LYS E 84 -62.46 14.02 -10.49
C LYS E 84 -63.04 15.03 -9.48
N SER E 85 -63.55 14.54 -8.36
CA SER E 85 -64.01 15.38 -7.26
C SER E 85 -63.14 15.17 -6.03
N ASN E 86 -63.17 16.17 -5.14
CA ASN E 86 -62.43 16.11 -3.88
C ASN E 86 -63.06 15.07 -2.96
N ILE E 87 -62.31 14.01 -2.66
CA ILE E 87 -62.78 12.94 -1.79
C ILE E 87 -61.73 12.68 -0.72
N ILE E 88 -60.50 12.42 -1.17
CA ILE E 88 -59.38 12.27 -0.24
C ILE E 88 -59.11 13.60 0.44
N ARG E 89 -58.79 13.53 1.72
CA ARG E 89 -58.42 14.74 2.45
C ARG E 89 -57.08 14.55 3.13
N GLY E 90 -56.69 13.31 3.39
CA GLY E 90 -55.40 13.08 4.01
C GLY E 90 -55.18 11.63 4.35
N TRP E 91 -54.17 11.40 5.19
CA TRP E 91 -53.71 10.06 5.53
C TRP E 91 -53.52 9.97 7.03
N ILE E 92 -53.39 8.74 7.51
CA ILE E 92 -53.51 8.44 8.93
C ILE E 92 -52.25 7.71 9.42
N PHE E 93 -51.08 8.09 8.89
CA PHE E 93 -49.84 7.40 9.24
C PHE E 93 -49.69 7.24 10.75
N GLY E 94 -49.16 6.09 11.14
CA GLY E 94 -48.93 5.82 12.55
C GLY E 94 -48.21 4.51 12.72
N THR E 95 -48.35 3.93 13.92
CA THR E 95 -47.82 2.59 14.17
C THR E 95 -48.92 1.60 14.54
N THR E 96 -49.71 1.89 15.57
CA THR E 96 -50.77 0.98 16.01
C THR E 96 -52.15 1.58 15.86
N LEU E 97 -52.27 2.88 15.64
CA LEU E 97 -53.55 3.57 15.49
C LEU E 97 -54.43 3.33 16.72
N ASP E 98 -53.92 3.75 17.87
CA ASP E 98 -54.65 3.67 19.12
C ASP E 98 -54.05 4.68 20.09
N SER E 99 -54.47 4.62 21.34
CA SER E 99 -53.91 5.51 22.35
C SER E 99 -52.47 5.12 22.66
N LYS E 100 -51.73 6.10 23.20
CA LYS E 100 -50.38 5.94 23.71
C LYS E 100 -49.35 5.80 22.60
N THR E 101 -49.79 5.70 21.35
CA THR E 101 -48.87 5.59 20.22
C THR E 101 -48.98 6.85 19.37
N GLN E 102 -47.84 7.49 19.14
CA GLN E 102 -47.80 8.72 18.37
C GLN E 102 -48.07 8.42 16.89
N SER E 103 -48.54 9.45 16.18
CA SER E 103 -48.97 9.25 14.81
C SER E 103 -49.06 10.60 14.11
N LEU E 104 -48.84 10.58 12.80
CA LEU E 104 -49.04 11.77 12.00
C LEU E 104 -50.52 12.05 11.82
N LEU E 105 -50.82 13.17 11.18
CA LEU E 105 -52.18 13.53 10.82
C LEU E 105 -52.13 14.55 9.70
N ILE E 106 -52.71 14.20 8.55
CA ILE E 106 -52.88 15.11 7.43
C ILE E 106 -54.35 15.11 7.06
N VAL E 107 -54.95 16.29 6.98
CA VAL E 107 -56.33 16.44 6.51
C VAL E 107 -56.41 17.68 5.64
N ASN E 108 -57.14 17.57 4.53
CA ASN E 108 -57.22 18.68 3.59
C ASN E 108 -57.90 19.90 4.20
N ASN E 109 -59.21 19.81 4.43
CA ASN E 109 -60.02 20.95 4.86
C ASN E 109 -59.65 22.19 4.03
N ALA E 110 -60.00 22.10 2.74
CA ALA E 110 -59.16 22.66 1.68
C ALA E 110 -59.10 24.18 1.70
N THR E 111 -58.54 24.73 2.75
CA THR E 111 -58.04 26.09 2.87
C THR E 111 -56.60 26.13 3.34
N ASN E 112 -56.23 25.23 4.25
CA ASN E 112 -54.86 25.08 4.73
C ASN E 112 -54.75 23.70 5.36
N VAL E 113 -53.87 22.86 4.82
CA VAL E 113 -53.65 21.55 5.38
C VAL E 113 -52.95 21.68 6.73
N VAL E 114 -53.26 20.77 7.65
CA VAL E 114 -52.71 20.78 8.99
C VAL E 114 -52.05 19.44 9.27
N ILE E 115 -50.85 19.49 9.85
CA ILE E 115 -50.08 18.30 10.17
C ILE E 115 -49.90 18.26 11.67
N LYS E 116 -50.34 17.17 12.30
CA LYS E 116 -50.29 17.03 13.75
C LYS E 116 -49.61 15.72 14.11
N VAL E 117 -48.80 15.74 15.15
CA VAL E 117 -48.14 14.55 15.68
C VAL E 117 -48.41 14.51 17.18
N CYS E 118 -49.40 13.72 17.59
CA CYS E 118 -49.75 13.59 18.99
C CYS E 118 -50.05 12.14 19.30
N GLU E 119 -50.35 11.86 20.57
CA GLU E 119 -50.75 10.51 20.99
C GLU E 119 -52.27 10.44 20.89
N PHE E 120 -52.75 10.06 19.71
CA PHE E 120 -54.16 10.04 19.42
C PHE E 120 -54.78 8.74 19.91
N GLN E 121 -56.09 8.59 19.76
CA GLN E 121 -56.85 7.46 20.27
C GLN E 121 -57.79 6.93 19.20
N PHE E 122 -57.22 6.64 18.03
CA PHE E 122 -57.95 6.21 16.84
C PHE E 122 -58.96 5.12 17.17
N CYS E 123 -60.09 5.15 16.48
CA CYS E 123 -61.10 4.12 16.63
C CYS E 123 -60.85 2.99 15.63
N ASN E 124 -61.80 2.07 15.52
CA ASN E 124 -61.64 0.94 14.60
C ASN E 124 -61.59 1.41 13.16
N ASP E 125 -62.55 2.23 12.75
CA ASP E 125 -62.62 2.76 11.39
C ASP E 125 -62.70 4.27 11.48
N PRO E 126 -61.56 4.93 11.69
CA PRO E 126 -61.54 6.38 11.85
C PRO E 126 -61.57 7.08 10.50
N PHE E 127 -62.62 7.85 10.26
CA PHE E 127 -62.84 8.51 8.98
C PHE E 127 -63.23 9.96 9.22
N LEU E 128 -63.23 10.74 8.15
CA LEU E 128 -63.73 12.11 8.19
C LEU E 128 -65.20 12.09 7.81
N GLY E 129 -66.05 12.05 8.83
CA GLY E 129 -67.48 12.18 8.59
C GLY E 129 -67.82 13.55 8.04
N VAL E 130 -68.64 13.58 7.00
CA VAL E 130 -69.03 14.82 6.34
C VAL E 130 -70.50 15.04 6.62
N TYR E 131 -70.82 16.06 7.42
CA TYR E 131 -72.18 16.36 7.80
C TYR E 131 -72.44 17.86 7.67
N TYR E 132 -73.71 18.22 7.53
CA TYR E 132 -74.08 19.63 7.50
C TYR E 132 -73.82 20.30 8.84
N HIS E 133 -73.80 21.64 8.81
CA HIS E 133 -73.71 22.46 10.01
C HIS E 133 -75.08 22.96 10.46
N LYS E 134 -75.77 23.71 9.60
CA LYS E 134 -76.89 24.59 9.91
C LYS E 134 -76.42 25.80 10.70
N ASN E 135 -75.15 25.87 11.07
CA ASN E 135 -74.52 27.05 11.63
C ASN E 135 -73.17 27.22 10.93
N ASN E 136 -72.98 28.35 10.26
CA ASN E 136 -71.94 28.69 9.30
C ASN E 136 -72.26 28.13 7.91
N LYS E 137 -73.29 27.31 7.75
CA LYS E 137 -73.76 26.81 6.45
C LYS E 137 -72.62 26.18 5.63
N SER E 138 -72.10 25.06 6.14
CA SER E 138 -71.04 24.35 5.44
C SER E 138 -71.04 22.89 5.92
N TRP E 139 -70.18 22.09 5.29
CA TRP E 139 -69.98 20.70 5.70
C TRP E 139 -69.11 20.64 6.96
N MET E 140 -69.45 19.70 7.83
CA MET E 140 -68.77 19.54 9.12
C MET E 140 -67.90 18.29 9.06
N GLU E 141 -66.64 18.44 9.46
CA GLU E 141 -65.66 17.36 9.37
C GLU E 141 -64.79 17.31 10.62
N SER E 142 -65.42 17.31 11.79
CA SER E 142 -64.65 17.13 13.01
C SER E 142 -64.19 15.68 13.15
N GLU E 143 -63.16 15.48 13.96
CA GLU E 143 -62.66 14.16 14.27
C GLU E 143 -62.27 14.04 15.74
N PHE E 144 -62.93 14.82 16.60
CA PHE E 144 -62.66 14.78 18.04
C PHE E 144 -63.19 13.50 18.69
N ARG E 145 -63.99 12.72 17.98
CA ARG E 145 -64.30 11.36 18.40
C ARG E 145 -63.41 10.33 17.75
N VAL E 146 -63.02 10.57 16.49
CA VAL E 146 -61.89 9.86 15.90
C VAL E 146 -60.65 10.05 16.75
N TYR E 147 -60.42 11.27 17.23
CA TYR E 147 -59.34 11.60 18.14
C TYR E 147 -59.99 11.94 19.47
N SER E 148 -60.29 10.92 20.26
CA SER E 148 -60.95 11.16 21.54
C SER E 148 -60.06 11.97 22.48
N SER E 149 -58.77 12.08 22.18
CA SER E 149 -57.91 13.03 22.85
C SER E 149 -56.73 13.34 21.94
N ALA E 150 -56.18 14.54 22.12
CA ALA E 150 -54.92 14.96 21.48
C ALA E 150 -54.02 15.42 22.62
N ASN E 151 -53.33 14.48 23.24
CA ASN E 151 -52.54 14.73 24.43
C ASN E 151 -51.13 14.20 24.25
N ASN E 152 -50.23 14.66 25.11
CA ASN E 152 -48.81 14.39 25.00
C ASN E 152 -48.30 14.84 23.63
N CYS E 153 -48.75 16.03 23.23
CA CYS E 153 -48.56 16.53 21.87
C CYS E 153 -47.09 16.85 21.61
N THR E 154 -46.70 16.78 20.33
CA THR E 154 -45.31 17.00 19.93
C THR E 154 -45.11 17.91 18.73
N PHE E 155 -46.09 18.07 17.84
CA PHE E 155 -45.85 18.81 16.61
C PHE E 155 -47.13 19.43 16.09
N GLU E 156 -46.96 20.40 15.18
CA GLU E 156 -48.05 21.09 14.51
C GLU E 156 -47.50 21.89 13.34
N TYR E 157 -48.08 21.71 12.15
CA TYR E 157 -47.62 22.40 10.96
C TYR E 157 -48.81 23.02 10.24
N VAL E 158 -48.61 24.19 9.66
CA VAL E 158 -49.61 24.87 8.85
C VAL E 158 -48.97 25.23 7.52
N SER E 159 -49.64 24.88 6.43
CA SER E 159 -49.11 25.15 5.10
C SER E 159 -50.26 25.05 4.11
N GLN E 160 -49.98 25.41 2.86
CA GLN E 160 -50.98 25.33 1.82
C GLN E 160 -51.38 23.87 1.61
N PRO E 161 -52.65 23.59 1.32
CA PRO E 161 -53.07 22.20 1.15
C PRO E 161 -52.34 21.51 0.00
N PHE E 162 -52.00 20.25 0.22
CA PHE E 162 -51.22 19.47 -0.73
C PHE E 162 -52.08 18.85 -1.82
N LEU E 163 -53.40 19.02 -1.76
CA LEU E 163 -54.32 18.51 -2.76
C LEU E 163 -54.86 19.69 -3.57
N MET E 164 -54.60 19.69 -4.88
CA MET E 164 -55.05 20.75 -5.76
C MET E 164 -55.59 20.14 -7.04
N ASP E 165 -56.67 20.73 -7.54
CA ASP E 165 -57.35 20.27 -8.75
C ASP E 165 -56.92 21.12 -9.94
N LEU E 166 -56.67 20.48 -11.08
CA LEU E 166 -56.15 21.17 -12.25
C LEU E 166 -56.84 20.72 -13.54
N GLU E 167 -58.10 20.27 -13.47
CA GLU E 167 -58.80 19.87 -14.68
C GLU E 167 -58.91 21.05 -15.64
N GLY E 168 -59.64 22.09 -15.23
CA GLY E 168 -59.74 23.31 -16.00
C GLY E 168 -60.39 23.19 -17.36
N LYS E 169 -60.77 21.96 -17.75
CA LYS E 169 -61.36 21.75 -19.07
C LYS E 169 -62.50 20.74 -19.05
N GLN E 170 -63.15 20.56 -17.90
CA GLN E 170 -64.35 19.74 -17.79
C GLN E 170 -64.10 18.29 -18.24
N GLY E 171 -63.34 17.57 -17.42
CA GLY E 171 -63.03 16.19 -17.70
C GLY E 171 -61.82 16.04 -18.58
N ASN E 172 -61.54 14.78 -18.94
CA ASN E 172 -60.42 14.36 -19.79
C ASN E 172 -59.06 14.63 -19.15
N PHE E 173 -59.02 15.24 -17.96
CA PHE E 173 -57.78 15.45 -17.24
C PHE E 173 -57.78 14.78 -15.88
N LYS E 174 -58.78 15.06 -15.04
CA LYS E 174 -59.15 14.29 -13.86
C LYS E 174 -58.14 14.34 -12.71
N ASN E 175 -56.97 14.95 -12.90
CA ASN E 175 -56.07 15.33 -11.80
C ASN E 175 -55.59 14.12 -11.00
N LEU E 176 -54.78 13.28 -11.65
CA LEU E 176 -54.07 12.24 -10.92
C LEU E 176 -53.15 12.87 -9.89
N ARG E 177 -53.13 12.29 -8.70
CA ARG E 177 -52.37 12.83 -7.58
C ARG E 177 -51.43 11.74 -7.05
N GLU E 178 -50.19 11.72 -7.55
CA GLU E 178 -49.20 10.74 -7.14
C GLU E 178 -48.42 11.27 -5.94
N PHE E 179 -48.44 10.52 -4.86
CA PHE E 179 -47.72 10.86 -3.64
C PHE E 179 -46.92 9.64 -3.21
N VAL E 180 -45.75 9.89 -2.63
CA VAL E 180 -44.97 8.82 -2.02
C VAL E 180 -44.55 9.28 -0.63
N PHE E 181 -44.40 8.31 0.27
CA PHE E 181 -44.07 8.60 1.65
C PHE E 181 -42.93 7.69 2.05
N LYS E 182 -41.88 8.28 2.62
CA LYS E 182 -40.68 7.55 2.99
C LYS E 182 -40.19 8.08 4.32
N ASN E 183 -40.06 7.20 5.30
CA ASN E 183 -39.60 7.56 6.64
C ASN E 183 -38.19 7.00 6.79
N ILE E 184 -37.20 7.87 6.70
CA ILE E 184 -35.80 7.48 6.75
C ILE E 184 -35.11 8.30 7.82
N ASP E 185 -34.45 7.61 8.75
CA ASP E 185 -33.56 8.25 9.73
C ASP E 185 -34.28 9.35 10.51
N GLY E 186 -35.47 9.03 11.02
CA GLY E 186 -36.23 10.02 11.77
C GLY E 186 -36.67 11.20 10.96
N TYR E 187 -36.76 11.06 9.63
CA TYR E 187 -37.20 12.12 8.75
C TYR E 187 -38.36 11.61 7.92
N PHE E 188 -39.34 12.48 7.68
CA PHE E 188 -40.46 12.16 6.82
C PHE E 188 -40.40 13.00 5.56
N LYS E 189 -40.50 12.35 4.41
CA LYS E 189 -40.42 13.01 3.11
C LYS E 189 -41.68 12.72 2.30
N ILE E 190 -42.17 13.74 1.62
CA ILE E 190 -43.37 13.66 0.80
C ILE E 190 -43.05 14.20 -0.59
N TYR E 191 -43.43 13.46 -1.63
CA TYR E 191 -43.22 13.88 -3.00
C TYR E 191 -44.56 13.97 -3.70
N SER E 192 -44.83 15.10 -4.33
CA SER E 192 -46.15 15.35 -4.92
C SER E 192 -46.00 15.86 -6.34
N LYS E 193 -46.85 15.34 -7.23
CA LYS E 193 -46.96 15.86 -8.59
C LYS E 193 -48.36 15.58 -9.09
N HIS E 194 -48.97 16.57 -9.73
CA HIS E 194 -50.33 16.46 -10.24
C HIS E 194 -50.29 16.42 -11.76
N THR E 195 -50.86 15.37 -12.32
CA THR E 195 -50.85 15.13 -13.75
C THR E 195 -52.27 14.86 -14.23
N PRO E 196 -52.59 15.25 -15.47
CA PRO E 196 -53.92 14.94 -16.01
C PRO E 196 -53.98 13.57 -16.65
N ILE E 197 -55.17 12.98 -16.58
CA ILE E 197 -55.42 11.65 -17.11
C ILE E 197 -56.41 11.78 -18.27
N ASN E 198 -55.96 11.39 -19.46
CA ASN E 198 -56.83 11.43 -20.63
C ASN E 198 -57.81 10.25 -20.64
N LEU E 199 -57.41 9.12 -20.07
CA LEU E 199 -58.30 7.97 -19.98
C LEU E 199 -59.35 8.21 -18.90
N VAL E 200 -60.23 7.22 -18.72
CA VAL E 200 -61.33 7.38 -17.78
C VAL E 200 -60.84 7.17 -16.34
N ARG E 201 -60.39 5.97 -16.02
CA ARG E 201 -60.06 5.62 -14.64
C ARG E 201 -58.67 5.04 -14.49
N ASP E 202 -58.23 4.18 -15.41
CA ASP E 202 -57.06 3.36 -15.19
C ASP E 202 -55.77 4.17 -15.22
N LEU E 203 -54.72 3.60 -14.65
CA LEU E 203 -53.43 4.25 -14.62
C LEU E 203 -52.89 4.42 -16.04
N PRO E 204 -52.46 5.62 -16.40
CA PRO E 204 -51.86 5.83 -17.72
C PRO E 204 -50.42 5.35 -17.74
N GLN E 205 -49.91 5.15 -18.95
CA GLN E 205 -48.58 4.59 -19.15
C GLN E 205 -47.49 5.63 -19.30
N GLY E 206 -47.82 6.91 -19.16
CA GLY E 206 -46.82 7.94 -19.31
C GLY E 206 -45.80 7.93 -18.19
N PHE E 207 -44.73 8.69 -18.39
CA PHE E 207 -43.66 8.82 -17.42
C PHE E 207 -43.72 10.19 -16.78
N SER E 208 -43.72 10.23 -15.45
CA SER E 208 -43.82 11.48 -14.71
C SER E 208 -42.89 11.44 -13.52
N ALA E 209 -41.88 12.31 -13.54
CA ALA E 209 -40.95 12.44 -12.42
C ALA E 209 -41.63 13.22 -11.31
N LEU E 210 -41.58 12.69 -10.09
CA LEU E 210 -42.45 13.13 -9.01
C LEU E 210 -41.64 13.96 -8.02
N GLU E 211 -41.80 15.29 -8.09
CA GLU E 211 -40.92 16.22 -7.39
C GLU E 211 -41.13 16.14 -5.88
N PRO E 212 -40.11 16.53 -5.09
CA PRO E 212 -40.31 16.57 -3.64
C PRO E 212 -41.14 17.78 -3.24
N LEU E 213 -41.85 17.63 -2.13
CA LEU E 213 -42.75 18.67 -1.66
C LEU E 213 -42.30 19.28 -0.35
N VAL E 214 -42.18 18.49 0.71
CA VAL E 214 -41.81 18.99 2.03
C VAL E 214 -41.04 17.89 2.76
N ASP E 215 -40.01 18.29 3.49
CA ASP E 215 -39.26 17.40 4.36
C ASP E 215 -39.73 17.63 5.79
N LEU E 216 -40.24 16.58 6.43
CA LEU E 216 -40.76 16.71 7.78
C LEU E 216 -39.75 16.18 8.79
N PRO E 217 -39.35 17.00 9.76
CA PRO E 217 -38.39 16.57 10.80
C PRO E 217 -39.11 16.05 12.04
N ILE E 218 -39.81 14.92 11.88
CA ILE E 218 -40.71 14.45 12.92
C ILE E 218 -40.00 13.50 13.89
N GLY E 219 -39.25 12.53 13.36
CA GLY E 219 -38.55 11.60 14.21
C GLY E 219 -39.45 10.68 15.00
N ILE E 220 -40.48 10.12 14.34
CA ILE E 220 -41.33 9.12 14.97
C ILE E 220 -41.21 7.82 14.19
N ASN E 221 -41.59 6.73 14.85
CA ASN E 221 -41.75 5.45 14.19
C ASN E 221 -43.00 5.44 13.33
N ILE E 222 -42.92 4.77 12.18
CA ILE E 222 -44.07 4.55 11.31
C ILE E 222 -44.05 3.08 10.89
N THR E 223 -45.13 2.37 11.16
CA THR E 223 -45.19 0.96 10.75
C THR E 223 -46.46 0.61 9.98
N ARG E 224 -47.60 1.19 10.35
CA ARG E 224 -48.87 0.84 9.74
C ARG E 224 -49.68 2.11 9.54
N PHE E 225 -50.48 2.14 8.47
CA PHE E 225 -51.15 3.38 8.10
C PHE E 225 -52.52 3.10 7.49
N GLN E 226 -53.32 4.17 7.37
CA GLN E 226 -54.63 4.10 6.73
C GLN E 226 -54.80 5.18 5.66
N THR E 227 -56.03 5.35 5.19
CA THR E 227 -56.39 6.34 4.18
C THR E 227 -57.61 7.12 4.67
N LEU E 228 -58.10 8.03 3.83
CA LEU E 228 -59.27 8.83 4.15
C LEU E 228 -60.21 8.91 2.95
N LEU E 229 -61.50 9.08 3.25
CA LEU E 229 -62.56 9.06 2.25
C LEU E 229 -63.38 10.35 2.29
N ALA E 230 -64.51 10.35 1.59
CA ALA E 230 -65.51 11.42 1.67
C ALA E 230 -66.82 10.78 2.10
N LEU E 231 -67.04 10.69 3.42
CA LEU E 231 -68.22 10.06 3.98
C LEU E 231 -69.39 11.06 3.98
N HIS E 232 -69.83 11.41 2.77
CA HIS E 232 -70.93 12.34 2.62
C HIS E 232 -72.22 11.76 3.19
N ARG E 233 -72.70 12.37 4.26
CA ARG E 233 -73.98 11.96 4.83
C ARG E 233 -75.11 12.18 3.83
N SER E 234 -75.99 11.20 3.73
CA SER E 234 -77.22 11.38 2.96
C SER E 234 -78.29 12.02 3.83
N TYR E 235 -79.46 12.20 3.26
CA TYR E 235 -80.55 12.92 3.91
C TYR E 235 -81.85 12.27 3.46
N LEU E 236 -82.96 13.01 3.53
CA LEU E 236 -84.23 12.43 3.14
C LEU E 236 -84.30 12.27 1.63
N THR E 237 -83.42 11.43 1.09
CA THR E 237 -83.43 11.05 -0.33
C THR E 237 -83.15 9.56 -0.43
N PRO E 238 -84.10 8.72 0.01
CA PRO E 238 -83.85 7.28 0.03
C PRO E 238 -83.97 6.65 -1.34
N SER E 243 -77.87 3.09 7.60
CA SER E 243 -77.22 4.38 7.79
C SER E 243 -77.06 5.11 6.46
N GLY E 244 -76.99 6.43 6.51
CA GLY E 244 -76.91 7.24 5.31
C GLY E 244 -75.50 7.59 4.90
N TRP E 245 -74.97 6.87 3.92
CA TRP E 245 -73.56 6.92 3.52
C TRP E 245 -73.50 6.73 2.01
N THR E 246 -72.34 6.32 1.50
CA THR E 246 -72.16 5.92 0.11
C THR E 246 -72.44 7.07 -0.87
N ALA E 247 -71.55 8.06 -0.82
CA ALA E 247 -71.52 9.13 -1.81
C ALA E 247 -70.09 9.37 -2.26
N GLY E 248 -69.91 9.52 -3.57
CA GLY E 248 -68.61 9.83 -4.14
C GLY E 248 -68.21 8.83 -5.23
N ALA E 249 -67.05 9.11 -5.83
CA ALA E 249 -66.50 8.27 -6.89
C ALA E 249 -65.00 8.44 -6.92
N ALA E 250 -64.25 7.41 -6.53
CA ALA E 250 -62.81 7.51 -6.40
C ALA E 250 -62.17 6.14 -6.58
N ALA E 251 -60.85 6.14 -6.79
CA ALA E 251 -60.07 4.92 -6.94
C ALA E 251 -58.71 5.13 -6.30
N TYR E 252 -58.18 4.09 -5.66
CA TYR E 252 -56.90 4.16 -4.97
C TYR E 252 -55.91 3.18 -5.57
N TYR E 253 -54.63 3.47 -5.34
CA TYR E 253 -53.54 2.57 -5.74
C TYR E 253 -52.41 2.71 -4.74
N VAL E 254 -51.87 1.59 -4.27
CA VAL E 254 -50.80 1.61 -3.30
C VAL E 254 -49.67 0.71 -3.78
N GLY E 255 -48.46 1.26 -3.79
CA GLY E 255 -47.28 0.49 -4.18
C GLY E 255 -46.21 0.59 -3.12
N TYR E 256 -45.45 -0.49 -2.99
CA TYR E 256 -44.49 -0.67 -1.90
C TYR E 256 -43.08 -0.62 -2.44
N LEU E 257 -42.27 0.28 -1.90
CA LEU E 257 -40.91 0.48 -2.41
C LEU E 257 -40.04 -0.74 -2.12
N GLN E 258 -39.02 -0.90 -2.97
CA GLN E 258 -38.01 -1.92 -2.82
C GLN E 258 -36.69 -1.26 -3.18
N PRO E 259 -35.61 -1.62 -2.52
CA PRO E 259 -34.31 -1.00 -2.84
C PRO E 259 -33.75 -1.53 -4.14
N ARG E 260 -33.86 -0.74 -5.22
CA ARG E 260 -33.33 -1.12 -6.51
C ARG E 260 -32.65 0.09 -7.13
N THR E 261 -31.71 -0.17 -8.02
CA THR E 261 -30.92 0.88 -8.66
C THR E 261 -31.55 1.28 -9.98
N PHE E 262 -31.41 2.55 -10.34
CA PHE E 262 -32.00 3.09 -11.54
C PHE E 262 -30.92 3.74 -12.40
N LEU E 263 -31.35 4.32 -13.52
CA LEU E 263 -30.50 5.15 -14.36
C LEU E 263 -31.37 6.29 -14.87
N LEU E 264 -31.22 7.46 -14.27
CA LEU E 264 -32.12 8.58 -14.54
C LEU E 264 -31.54 9.45 -15.64
N LYS E 265 -32.39 9.84 -16.58
CA LYS E 265 -31.99 10.68 -17.70
C LYS E 265 -32.48 12.09 -17.47
N TYR E 266 -31.56 13.05 -17.45
CA TYR E 266 -31.86 14.44 -17.19
C TYR E 266 -31.84 15.23 -18.49
N ASN E 267 -32.68 16.24 -18.56
CA ASN E 267 -32.60 17.18 -19.67
C ASN E 267 -31.44 18.13 -19.46
N GLU E 268 -31.27 19.06 -20.39
CA GLU E 268 -30.46 20.23 -20.10
C GLU E 268 -31.18 21.16 -19.13
N ASN E 269 -32.52 21.14 -19.15
CA ASN E 269 -33.29 21.95 -18.22
C ASN E 269 -33.17 21.45 -16.79
N GLY E 270 -32.73 20.22 -16.58
CA GLY E 270 -32.54 19.68 -15.26
C GLY E 270 -33.65 18.79 -14.75
N THR E 271 -34.60 18.40 -15.60
CA THR E 271 -35.70 17.54 -15.19
C THR E 271 -35.55 16.15 -15.79
N ILE E 272 -36.06 15.16 -15.07
CA ILE E 272 -35.94 13.76 -15.47
C ILE E 272 -37.00 13.44 -16.51
N THR E 273 -36.59 12.82 -17.61
CA THR E 273 -37.51 12.41 -18.66
C THR E 273 -37.62 10.92 -18.88
N ASP E 274 -36.63 10.14 -18.46
CA ASP E 274 -36.69 8.70 -18.67
C ASP E 274 -35.81 8.00 -17.65
N ALA E 275 -36.05 6.71 -17.50
CA ALA E 275 -35.31 5.90 -16.54
C ALA E 275 -35.42 4.45 -16.95
N VAL E 276 -34.52 3.63 -16.40
CA VAL E 276 -34.55 2.20 -16.65
C VAL E 276 -34.34 1.47 -15.33
N ASP E 277 -34.75 0.21 -15.29
CA ASP E 277 -34.49 -0.64 -14.15
C ASP E 277 -33.29 -1.53 -14.42
N CYS E 278 -32.29 -1.45 -13.55
CA CYS E 278 -31.34 -2.54 -13.48
C CYS E 278 -32.07 -3.76 -12.91
N ALA E 279 -31.64 -4.94 -13.31
CA ALA E 279 -32.16 -6.20 -12.79
C ALA E 279 -33.66 -6.35 -13.01
N LEU E 280 -34.19 -5.75 -14.07
CA LEU E 280 -35.54 -6.04 -14.52
C LEU E 280 -35.55 -7.16 -15.55
N ASP E 281 -34.92 -6.92 -16.69
CA ASP E 281 -34.74 -7.86 -17.77
C ASP E 281 -33.31 -7.75 -18.27
N PRO E 282 -32.78 -8.80 -18.91
CA PRO E 282 -31.37 -8.76 -19.31
C PRO E 282 -31.04 -7.62 -20.25
N LEU E 283 -32.00 -7.08 -20.98
CA LEU E 283 -31.71 -5.94 -21.85
C LEU E 283 -31.32 -4.72 -21.03
N SER E 284 -32.11 -4.38 -20.01
CA SER E 284 -31.85 -3.17 -19.26
C SER E 284 -30.67 -3.30 -18.31
N GLU E 285 -30.26 -4.52 -17.97
CA GLU E 285 -29.00 -4.69 -17.26
C GLU E 285 -27.83 -4.21 -18.11
N THR E 286 -27.91 -4.46 -19.42
CA THR E 286 -26.88 -3.96 -20.32
C THR E 286 -26.84 -2.44 -20.35
N LYS E 287 -28.01 -1.80 -20.40
CA LYS E 287 -28.03 -0.34 -20.42
C LYS E 287 -27.46 0.24 -19.14
N CYS E 288 -27.64 -0.46 -18.02
CA CYS E 288 -27.07 0.00 -16.75
C CYS E 288 -25.55 -0.02 -16.81
N THR E 289 -24.96 -1.08 -17.35
CA THR E 289 -23.50 -1.19 -17.37
C THR E 289 -22.88 -0.23 -18.36
N LEU E 290 -23.48 -0.09 -19.54
CA LEU E 290 -22.97 0.87 -20.51
C LEU E 290 -23.29 2.31 -20.14
N LYS E 291 -24.21 2.52 -19.20
CA LYS E 291 -24.62 3.86 -18.80
C LYS E 291 -25.08 4.67 -20.01
N SER E 292 -25.91 4.05 -20.84
CA SER E 292 -26.55 4.74 -21.96
C SER E 292 -27.90 4.09 -22.20
N PHE E 293 -28.79 4.83 -22.85
CA PHE E 293 -30.12 4.33 -23.15
C PHE E 293 -30.19 3.60 -24.49
N THR E 294 -29.15 3.66 -25.29
CA THR E 294 -29.10 2.96 -26.57
C THR E 294 -27.83 2.12 -26.62
N VAL E 295 -27.97 0.86 -27.01
CA VAL E 295 -26.86 -0.09 -27.06
C VAL E 295 -26.65 -0.52 -28.50
N GLU E 296 -25.39 -0.57 -28.92
CA GLU E 296 -25.06 -0.99 -30.27
C GLU E 296 -24.94 -2.51 -30.33
N LYS E 297 -24.97 -3.03 -31.56
CA LYS E 297 -24.91 -4.48 -31.75
C LYS E 297 -23.63 -5.05 -31.17
N GLY E 298 -23.76 -6.19 -30.51
CA GLY E 298 -22.61 -6.90 -30.01
C GLY E 298 -22.98 -7.78 -28.83
N ILE E 299 -21.95 -8.32 -28.19
CA ILE E 299 -22.12 -9.15 -27.01
C ILE E 299 -21.40 -8.48 -25.85
N TYR E 300 -22.12 -8.25 -24.75
CA TYR E 300 -21.65 -7.49 -23.61
C TYR E 300 -21.71 -8.35 -22.37
N GLN E 301 -20.68 -8.28 -21.52
CA GLN E 301 -20.68 -9.01 -20.27
C GLN E 301 -21.24 -8.09 -19.18
N THR E 302 -22.45 -8.39 -18.72
CA THR E 302 -23.14 -7.51 -17.78
C THR E 302 -22.80 -7.84 -16.34
N SER E 303 -23.11 -9.05 -15.90
CA SER E 303 -23.00 -9.42 -14.49
C SER E 303 -22.43 -10.81 -14.40
N ASN E 304 -22.56 -11.43 -13.23
CA ASN E 304 -22.06 -12.77 -12.98
C ASN E 304 -23.16 -13.68 -12.47
N PHE E 305 -22.95 -14.97 -12.67
CA PHE E 305 -23.85 -16.02 -12.26
C PHE E 305 -23.17 -16.86 -11.19
N ARG E 306 -23.86 -17.07 -10.08
CA ARG E 306 -23.34 -17.92 -9.00
C ARG E 306 -24.47 -18.80 -8.49
N VAL E 307 -24.16 -20.06 -8.22
CA VAL E 307 -25.14 -21.03 -7.77
C VAL E 307 -25.19 -20.99 -6.25
N GLN E 308 -26.32 -20.54 -5.71
CA GLN E 308 -26.49 -20.50 -4.26
C GLN E 308 -26.64 -21.92 -3.73
N PRO E 309 -26.21 -22.18 -2.49
CA PRO E 309 -26.33 -23.51 -1.94
C PRO E 309 -27.74 -23.81 -1.46
N THR E 310 -28.02 -25.10 -1.31
CA THR E 310 -29.23 -25.57 -0.66
C THR E 310 -28.95 -25.63 0.84
N GLU E 311 -29.80 -26.30 1.61
CA GLU E 311 -29.68 -26.28 3.07
C GLU E 311 -28.30 -26.74 3.52
N SER E 312 -27.90 -26.25 4.70
CA SER E 312 -26.58 -26.53 5.23
C SER E 312 -26.46 -27.98 5.72
N ILE E 313 -25.22 -28.44 5.77
CA ILE E 313 -24.90 -29.79 6.24
C ILE E 313 -23.71 -29.71 7.18
N VAL E 314 -23.83 -30.31 8.35
CA VAL E 314 -22.72 -30.45 9.29
C VAL E 314 -22.51 -31.93 9.55
N ARG E 315 -21.24 -32.35 9.56
CA ARG E 315 -20.89 -33.75 9.78
C ARG E 315 -19.76 -33.83 10.78
N PHE E 316 -19.93 -34.66 11.80
CA PHE E 316 -18.96 -34.89 12.85
C PHE E 316 -19.00 -36.34 13.25
N PRO E 317 -17.92 -36.88 13.86
CA PRO E 317 -17.72 -38.33 13.91
C PRO E 317 -18.71 -39.14 14.73
N ASN E 318 -18.42 -40.45 14.79
CA ASN E 318 -19.10 -41.45 15.61
C ASN E 318 -19.12 -41.14 17.11
N ILE E 319 -18.18 -40.37 17.63
CA ILE E 319 -18.16 -40.14 19.07
C ILE E 319 -19.17 -39.06 19.46
N THR E 320 -20.34 -39.48 19.92
CA THR E 320 -21.39 -38.58 20.39
C THR E 320 -21.72 -38.98 21.83
N ASN E 321 -20.92 -38.50 22.78
CA ASN E 321 -21.15 -38.78 24.19
C ASN E 321 -20.73 -37.59 25.06
N CYS E 323 -17.87 -41.49 25.91
CA CYS E 323 -17.28 -41.46 27.24
C CYS E 323 -18.36 -41.35 28.31
N PRO E 324 -18.44 -42.36 29.18
CA PRO E 324 -19.46 -42.38 30.26
C PRO E 324 -19.07 -41.56 31.48
N PHE E 325 -19.37 -40.26 31.43
CA PHE E 325 -19.11 -39.38 32.56
C PHE E 325 -19.98 -39.66 33.77
N GLY E 326 -20.82 -40.70 33.74
CA GLY E 326 -21.65 -41.03 34.88
C GLY E 326 -20.92 -41.63 36.05
N GLU E 327 -19.59 -41.70 35.97
CA GLU E 327 -18.76 -42.28 37.02
C GLU E 327 -18.72 -41.44 38.29
N VAL E 328 -19.22 -40.20 38.23
CA VAL E 328 -19.18 -39.29 39.36
C VAL E 328 -20.57 -38.83 39.77
N PHE E 329 -21.44 -38.54 38.78
CA PHE E 329 -22.73 -37.93 39.07
C PHE E 329 -23.67 -38.87 39.81
N ASN E 330 -23.69 -40.16 39.47
CA ASN E 330 -24.79 -41.04 39.85
C ASN E 330 -24.28 -42.37 40.40
N ALA E 331 -23.42 -42.32 41.40
CA ALA E 331 -23.07 -43.53 42.14
C ALA E 331 -24.25 -43.99 42.99
N THR E 332 -24.19 -45.25 43.42
CA THR E 332 -25.28 -45.82 44.24
C THR E 332 -25.38 -45.12 45.59
N ARG E 333 -24.25 -44.90 46.26
CA ARG E 333 -24.20 -44.21 47.54
C ARG E 333 -23.22 -43.05 47.43
N PHE E 334 -23.62 -41.90 47.96
CA PHE E 334 -22.83 -40.68 47.84
C PHE E 334 -22.08 -40.41 49.14
N ALA E 335 -20.95 -39.72 49.02
CA ALA E 335 -20.04 -39.48 50.12
C ALA E 335 -20.44 -38.23 50.89
N SER E 336 -19.55 -37.74 51.74
CA SER E 336 -19.87 -36.65 52.65
C SER E 336 -19.95 -35.32 51.90
N VAL E 337 -20.05 -34.24 52.69
CA VAL E 337 -20.17 -32.90 52.13
C VAL E 337 -18.79 -32.36 51.74
N TYR E 338 -17.87 -32.32 52.70
CA TYR E 338 -16.59 -31.66 52.50
C TYR E 338 -15.43 -32.62 52.24
N ALA E 339 -15.70 -33.92 52.12
CA ALA E 339 -14.71 -34.85 51.56
C ALA E 339 -14.88 -34.87 50.04
N TRP E 340 -14.54 -33.73 49.43
CA TRP E 340 -14.64 -33.56 47.99
C TRP E 340 -13.52 -34.35 47.33
N ASN E 341 -13.81 -35.60 46.97
CA ASN E 341 -12.81 -36.48 46.36
C ASN E 341 -12.67 -36.11 44.89
N ARG E 342 -11.44 -35.79 44.48
CA ARG E 342 -11.15 -35.37 43.11
C ARG E 342 -11.17 -36.60 42.20
N LYS E 343 -12.38 -36.97 41.78
CA LYS E 343 -12.55 -38.01 40.76
C LYS E 343 -12.36 -37.35 39.39
N ARG E 344 -11.19 -37.57 38.78
CA ARG E 344 -10.76 -36.80 37.63
C ARG E 344 -11.03 -37.57 36.34
N ILE E 345 -11.91 -37.02 35.50
CA ILE E 345 -12.24 -37.59 34.20
C ILE E 345 -11.90 -36.53 33.17
N SER E 346 -11.10 -36.89 32.16
CA SER E 346 -10.58 -35.92 31.22
C SER E 346 -10.47 -36.53 29.83
N ASN E 347 -10.27 -35.64 28.86
CA ASN E 347 -10.05 -36.02 27.46
C ASN E 347 -11.24 -36.80 26.88
N CYS E 348 -12.44 -36.25 27.08
CA CYS E 348 -13.65 -36.82 26.55
C CYS E 348 -14.62 -35.69 26.19
N VAL E 349 -15.87 -36.06 25.95
CA VAL E 349 -16.90 -35.13 25.49
C VAL E 349 -17.90 -34.93 26.62
N ALA E 350 -18.19 -33.67 26.95
CA ALA E 350 -19.13 -33.32 28.00
C ALA E 350 -20.44 -32.84 27.40
N ASP E 351 -21.53 -33.02 28.15
CA ASP E 351 -22.84 -32.53 27.76
C ASP E 351 -23.50 -31.87 28.96
N TYR E 352 -24.19 -30.76 28.70
CA TYR E 352 -24.93 -30.05 29.74
C TYR E 352 -26.38 -29.78 29.37
N SER E 353 -26.73 -29.82 28.09
CA SER E 353 -28.11 -29.56 27.67
C SER E 353 -29.06 -30.64 28.17
N VAL E 354 -28.60 -31.90 28.22
CA VAL E 354 -29.43 -32.98 28.72
C VAL E 354 -29.71 -32.80 30.20
N LEU E 355 -28.83 -32.11 30.92
CA LEU E 355 -28.99 -31.94 32.36
C LEU E 355 -30.15 -31.02 32.72
N TYR E 356 -30.82 -30.41 31.74
CA TYR E 356 -32.00 -29.60 32.00
C TYR E 356 -33.26 -30.44 32.18
N ASN E 357 -33.35 -31.58 31.51
CA ASN E 357 -34.53 -32.43 31.51
C ASN E 357 -34.18 -33.84 31.97
N SER E 358 -33.49 -33.93 33.11
CA SER E 358 -33.12 -35.21 33.69
C SER E 358 -33.82 -35.49 35.02
N ALA E 359 -33.80 -34.53 35.96
CA ALA E 359 -34.37 -34.72 37.27
C ALA E 359 -35.10 -33.45 37.67
N SER E 360 -35.47 -33.36 38.95
CA SER E 360 -36.17 -32.18 39.48
C SER E 360 -35.15 -31.18 39.99
N PHE E 361 -34.92 -30.13 39.21
CA PHE E 361 -33.96 -29.08 39.54
C PHE E 361 -34.67 -27.94 40.27
N SER E 362 -33.92 -27.23 41.11
CA SER E 362 -34.50 -26.21 41.98
C SER E 362 -34.07 -24.80 41.64
N THR E 363 -32.77 -24.50 41.67
CA THR E 363 -32.28 -23.14 41.44
C THR E 363 -31.00 -23.19 40.61
N PHE E 364 -30.96 -22.39 39.54
CA PHE E 364 -29.81 -22.32 38.64
C PHE E 364 -28.89 -21.20 39.13
N LYS E 365 -27.77 -21.58 39.74
CA LYS E 365 -26.80 -20.62 40.25
C LYS E 365 -25.49 -20.82 39.49
N CYS E 366 -25.22 -19.90 38.55
CA CYS E 366 -24.07 -19.98 37.69
C CYS E 366 -23.19 -18.74 37.87
N TYR E 367 -21.87 -18.96 37.93
CA TYR E 367 -20.90 -17.89 38.08
C TYR E 367 -19.94 -17.91 36.90
N GLY E 368 -19.83 -16.78 36.21
CA GLY E 368 -18.82 -16.59 35.19
C GLY E 368 -19.10 -17.22 33.85
N VAL E 369 -20.16 -18.01 33.71
CA VAL E 369 -20.52 -18.62 32.44
C VAL E 369 -22.02 -18.42 32.23
N SER E 370 -22.39 -17.91 31.06
CA SER E 370 -23.81 -17.80 30.73
C SER E 370 -24.44 -19.18 30.64
N PRO E 371 -25.62 -19.38 31.22
CA PRO E 371 -26.22 -20.73 31.24
C PRO E 371 -26.85 -21.14 29.92
N THR E 372 -27.03 -20.23 28.98
CA THR E 372 -27.56 -20.58 27.67
C THR E 372 -26.47 -20.94 26.66
N LYS E 373 -25.21 -20.71 27.01
CA LYS E 373 -24.07 -20.89 26.11
C LYS E 373 -23.01 -21.74 26.80
N LEU E 374 -23.45 -22.84 27.40
CA LEU E 374 -22.58 -23.70 28.19
C LEU E 374 -21.63 -24.54 27.35
N ASN E 375 -21.78 -24.53 26.02
CA ASN E 375 -20.98 -25.36 25.13
C ASN E 375 -20.09 -24.52 24.24
N ASP E 376 -19.30 -23.62 24.85
CA ASP E 376 -18.36 -22.78 24.11
C ASP E 376 -16.92 -22.95 24.58
N LEU E 377 -16.66 -22.83 25.87
CA LEU E 377 -15.30 -22.70 26.40
C LEU E 377 -14.61 -24.05 26.57
N CYS E 378 -13.30 -24.07 26.31
CA CYS E 378 -12.45 -25.22 26.59
C CYS E 378 -11.56 -24.94 27.78
N PHE E 379 -11.60 -25.86 28.75
CA PHE E 379 -10.84 -25.77 29.99
C PHE E 379 -9.73 -26.82 29.97
N THR E 380 -8.79 -26.66 30.92
CA THR E 380 -7.62 -27.52 30.95
C THR E 380 -7.96 -28.89 31.51
N ASN E 381 -8.51 -28.94 32.73
CA ASN E 381 -8.81 -30.19 33.40
C ASN E 381 -10.18 -30.11 34.05
N VAL E 382 -10.75 -31.29 34.32
CA VAL E 382 -12.06 -31.43 34.94
C VAL E 382 -11.88 -32.10 36.29
N TYR E 383 -12.46 -31.50 37.33
CA TYR E 383 -12.48 -32.07 38.67
C TYR E 383 -13.96 -32.29 39.03
N ALA E 384 -14.47 -33.47 38.70
CA ALA E 384 -15.89 -33.76 38.88
C ALA E 384 -16.14 -34.15 40.34
N ASP E 385 -16.76 -33.24 41.09
CA ASP E 385 -17.14 -33.49 42.48
C ASP E 385 -18.62 -33.26 42.63
N SER E 386 -19.37 -34.32 42.93
CA SER E 386 -20.81 -34.26 43.11
C SER E 386 -21.16 -34.89 44.43
N PHE E 387 -21.71 -34.11 45.35
CA PHE E 387 -21.96 -34.59 46.71
C PHE E 387 -23.23 -33.91 47.23
N VAL E 388 -23.43 -33.96 48.54
CA VAL E 388 -24.68 -33.58 49.19
C VAL E 388 -24.39 -32.47 50.19
N ILE E 389 -25.26 -31.46 50.22
CA ILE E 389 -25.16 -30.33 51.14
C ILE E 389 -26.53 -30.15 51.81
N ARG E 390 -26.62 -29.24 52.78
CA ARG E 390 -27.88 -29.01 53.46
C ARG E 390 -28.82 -28.16 52.61
N GLY E 391 -30.04 -27.97 53.10
CA GLY E 391 -31.06 -27.22 52.41
C GLY E 391 -30.83 -25.73 52.40
N ASP E 392 -30.86 -25.10 53.58
CA ASP E 392 -30.52 -23.69 53.68
C ASP E 392 -29.03 -23.44 53.42
N GLU E 393 -28.21 -24.47 53.39
CA GLU E 393 -26.79 -24.34 53.08
C GLU E 393 -26.51 -24.36 51.59
N VAL E 394 -27.55 -24.33 50.76
CA VAL E 394 -27.37 -23.91 49.38
C VAL E 394 -26.90 -22.46 49.35
N ARG E 395 -27.41 -21.64 50.28
CA ARG E 395 -26.91 -20.30 50.51
C ARG E 395 -25.97 -20.21 51.71
N GLN E 396 -26.23 -20.98 52.77
CA GLN E 396 -25.41 -20.92 53.98
C GLN E 396 -24.06 -21.59 53.81
N ILE E 397 -23.92 -22.55 52.90
CA ILE E 397 -22.61 -23.03 52.46
C ILE E 397 -22.40 -22.51 51.05
N ALA E 398 -21.46 -21.59 50.91
CA ALA E 398 -21.19 -20.90 49.65
C ALA E 398 -19.82 -20.23 49.78
N PRO E 399 -19.16 -19.95 48.66
CA PRO E 399 -17.86 -19.28 48.73
C PRO E 399 -17.99 -17.88 49.32
N GLY E 400 -16.98 -17.49 50.09
CA GLY E 400 -16.97 -16.18 50.70
C GLY E 400 -17.91 -16.01 51.87
N GLN E 401 -18.19 -17.07 52.61
CA GLN E 401 -19.04 -16.99 53.79
C GLN E 401 -18.24 -17.21 55.06
N THR E 402 -18.74 -16.64 56.14
CA THR E 402 -18.11 -16.72 57.46
C THR E 402 -19.03 -17.46 58.42
N GLY E 403 -18.70 -17.40 59.70
CA GLY E 403 -19.49 -18.07 60.71
C GLY E 403 -18.87 -19.37 61.18
N LYS E 404 -19.38 -20.49 60.69
CA LYS E 404 -18.97 -21.81 61.15
C LYS E 404 -18.28 -22.65 60.08
N ILE E 405 -18.87 -22.74 58.90
CA ILE E 405 -18.59 -23.84 57.96
C ILE E 405 -17.71 -23.37 56.80
N ALA E 406 -18.13 -22.34 56.06
CA ALA E 406 -17.50 -22.02 54.80
C ALA E 406 -16.07 -21.48 54.97
N ASP E 407 -15.80 -20.82 56.10
CA ASP E 407 -14.48 -20.22 56.30
C ASP E 407 -13.37 -21.26 56.41
N TYR E 408 -13.64 -22.39 57.07
CA TYR E 408 -12.57 -23.23 57.58
C TYR E 408 -12.51 -24.63 57.00
N ASN E 409 -13.55 -25.11 56.33
CA ASN E 409 -13.47 -26.46 55.79
C ASN E 409 -12.66 -26.48 54.50
N TYR E 410 -13.21 -25.91 53.43
CA TYR E 410 -12.52 -25.68 52.17
C TYR E 410 -12.90 -24.30 51.66
N LYS E 411 -12.01 -23.71 50.86
CA LYS E 411 -12.31 -22.49 50.11
C LYS E 411 -12.19 -22.80 48.63
N LEU E 412 -13.14 -22.30 47.85
CA LEU E 412 -13.11 -22.41 46.40
C LEU E 412 -12.94 -21.04 45.77
N PRO E 413 -12.33 -20.95 44.57
CA PRO E 413 -12.02 -19.63 44.02
C PRO E 413 -13.28 -18.88 43.61
N ASP E 414 -13.40 -17.65 44.12
CA ASP E 414 -14.55 -16.79 43.84
C ASP E 414 -14.61 -16.34 42.38
N ASP E 415 -13.74 -16.87 41.53
CA ASP E 415 -13.69 -16.56 40.11
C ASP E 415 -14.25 -17.70 39.27
N PHE E 416 -15.33 -18.32 39.76
CA PHE E 416 -15.87 -19.53 39.14
C PHE E 416 -16.24 -19.29 37.68
N THR E 417 -16.03 -20.32 36.87
CA THR E 417 -16.52 -20.37 35.49
C THR E 417 -17.32 -21.64 35.35
N GLY E 418 -18.60 -21.59 35.72
CA GLY E 418 -19.44 -22.78 35.69
C GLY E 418 -20.76 -22.51 36.41
N CYS E 419 -21.41 -23.61 36.80
CA CYS E 419 -22.72 -23.53 37.43
C CYS E 419 -22.72 -24.38 38.70
N VAL E 420 -23.59 -23.99 39.64
CA VAL E 420 -23.78 -24.71 40.89
C VAL E 420 -25.14 -25.37 40.83
N ILE E 421 -25.16 -26.70 40.92
CA ILE E 421 -26.38 -27.49 40.83
C ILE E 421 -27.03 -27.51 42.21
N ALA E 422 -28.37 -27.43 42.23
CA ALA E 422 -29.11 -27.47 43.48
C ALA E 422 -30.31 -28.41 43.32
N TRP E 423 -30.27 -29.55 43.99
CA TRP E 423 -31.39 -30.48 44.04
C TRP E 423 -31.88 -30.60 45.48
N ASN E 424 -32.86 -31.48 45.68
CA ASN E 424 -33.50 -31.69 46.99
C ASN E 424 -33.12 -33.08 47.47
N SER E 425 -32.33 -33.15 48.54
CA SER E 425 -31.80 -34.41 49.06
C SER E 425 -32.28 -34.70 50.47
N ASN E 426 -33.56 -34.47 50.75
CA ASN E 426 -34.11 -34.77 52.07
C ASN E 426 -34.11 -36.27 52.38
N ASN E 427 -33.89 -37.12 51.38
CA ASN E 427 -33.85 -38.56 51.56
C ASN E 427 -32.44 -39.11 51.59
N LEU E 428 -31.41 -38.26 51.71
CA LEU E 428 -30.02 -38.71 51.68
C LEU E 428 -29.32 -38.54 53.02
N ASP E 429 -29.29 -37.32 53.58
CA ASP E 429 -28.57 -37.07 54.82
C ASP E 429 -29.48 -36.92 56.03
N SER E 430 -30.80 -36.92 55.85
CA SER E 430 -31.74 -36.92 56.96
C SER E 430 -32.26 -38.33 57.17
N LYS E 431 -31.83 -38.96 58.26
CA LYS E 431 -32.31 -40.26 58.68
C LYS E 431 -32.78 -40.17 60.12
N VAL E 432 -33.80 -40.96 60.46
CA VAL E 432 -34.34 -40.93 61.82
C VAL E 432 -33.25 -41.35 62.79
N GLY E 433 -33.01 -40.51 63.80
CA GLY E 433 -31.92 -40.73 64.73
C GLY E 433 -30.80 -39.73 64.53
N GLY E 434 -30.52 -39.40 63.28
CA GLY E 434 -29.53 -38.36 63.00
C GLY E 434 -28.30 -38.88 62.27
N ASN E 435 -27.85 -38.10 61.28
CA ASN E 435 -26.59 -38.37 60.60
C ASN E 435 -25.51 -37.47 61.18
N TYR E 436 -25.38 -37.54 62.51
CA TYR E 436 -24.46 -36.70 63.26
C TYR E 436 -23.00 -37.10 63.09
N ASN E 437 -22.70 -38.02 62.17
CA ASN E 437 -21.32 -38.45 61.96
C ASN E 437 -20.46 -37.31 61.41
N TYR E 438 -21.00 -36.51 60.49
CA TYR E 438 -20.22 -35.46 59.85
C TYR E 438 -20.04 -34.28 60.82
N LEU E 439 -19.19 -33.34 60.42
CA LEU E 439 -18.67 -32.32 61.33
C LEU E 439 -18.91 -30.93 60.77
N TYR E 440 -19.75 -30.14 61.47
CA TYR E 440 -19.89 -28.71 61.21
C TYR E 440 -19.02 -27.96 62.21
N ARG E 441 -17.84 -27.55 61.79
CA ARG E 441 -16.89 -26.96 62.72
C ARG E 441 -17.35 -25.55 63.11
N LEU E 442 -16.91 -25.10 64.29
CA LEU E 442 -17.38 -23.83 64.84
C LEU E 442 -16.50 -22.66 64.41
N PHE E 443 -15.23 -22.67 64.81
CA PHE E 443 -14.33 -21.57 64.50
C PHE E 443 -12.91 -22.08 64.40
N ARG E 444 -12.11 -21.38 63.59
CA ARG E 444 -10.68 -21.60 63.51
C ARG E 444 -9.98 -20.25 63.46
N LYS E 445 -8.69 -20.28 63.14
CA LYS E 445 -7.87 -19.07 63.12
C LYS E 445 -8.23 -18.20 61.92
N SER E 446 -8.03 -18.71 60.71
CA SER E 446 -8.18 -17.92 59.50
C SER E 446 -8.79 -18.79 58.41
N ASN E 447 -8.84 -18.24 57.20
CA ASN E 447 -9.49 -18.90 56.07
C ASN E 447 -8.47 -19.79 55.35
N LEU E 448 -8.85 -20.26 54.17
CA LEU E 448 -8.01 -21.12 53.34
C LEU E 448 -7.71 -20.42 52.02
N LYS E 449 -7.11 -21.16 51.09
CA LYS E 449 -6.91 -20.72 49.73
C LYS E 449 -7.65 -21.65 48.78
N PRO E 450 -8.03 -21.17 47.60
CA PRO E 450 -8.83 -21.99 46.68
C PRO E 450 -8.11 -23.27 46.27
N PHE E 451 -8.89 -24.35 46.17
CA PHE E 451 -8.39 -25.66 45.75
C PHE E 451 -7.25 -26.16 46.63
N GLU E 452 -7.42 -26.05 47.94
CA GLU E 452 -6.54 -26.69 48.91
C GLU E 452 -7.31 -27.74 49.68
N ARG E 453 -6.58 -28.75 50.17
CA ARG E 453 -7.15 -29.86 50.93
C ARG E 453 -6.68 -29.72 52.37
N ASP E 454 -7.36 -28.86 53.13
CA ASP E 454 -7.05 -28.64 54.55
C ASP E 454 -8.20 -29.22 55.36
N ILE E 455 -7.94 -30.36 56.00
CA ILE E 455 -8.97 -31.19 56.59
C ILE E 455 -8.76 -31.37 58.09
N SER E 456 -7.64 -30.89 58.62
CA SER E 456 -7.26 -31.18 60.00
C SER E 456 -8.35 -30.76 60.99
N THR E 457 -8.57 -31.60 61.99
CA THR E 457 -9.61 -31.41 63.00
C THR E 457 -9.04 -30.95 64.34
N GLU E 458 -8.02 -30.10 64.32
CA GLU E 458 -7.36 -29.69 65.54
C GLU E 458 -8.31 -28.92 66.45
N ILE E 459 -8.09 -29.04 67.74
CA ILE E 459 -8.94 -28.38 68.74
C ILE E 459 -8.43 -26.98 68.99
N TYR E 460 -9.32 -26.00 68.94
CA TYR E 460 -8.97 -24.60 69.10
C TYR E 460 -9.44 -24.11 70.47
N GLN E 461 -8.53 -23.50 71.21
CA GLN E 461 -8.81 -22.99 72.55
C GLN E 461 -9.56 -21.67 72.49
N ALA E 462 -10.09 -21.27 73.65
CA ALA E 462 -10.64 -19.94 73.83
C ALA E 462 -9.75 -19.05 74.69
N GLY E 463 -8.88 -19.63 75.52
CA GLY E 463 -7.96 -18.87 76.32
C GLY E 463 -6.52 -19.10 75.91
N SER E 464 -5.63 -19.35 76.88
CA SER E 464 -4.23 -19.56 76.59
C SER E 464 -3.60 -20.74 77.32
N THR E 465 -4.24 -21.26 78.36
CA THR E 465 -3.64 -22.36 79.11
C THR E 465 -3.63 -23.64 78.27
N PRO E 466 -2.58 -24.46 78.35
CA PRO E 466 -2.49 -25.66 77.52
C PRO E 466 -3.17 -26.87 78.15
N CYS E 467 -4.00 -27.57 77.36
CA CYS E 467 -4.69 -28.75 77.87
C CYS E 467 -3.76 -29.94 78.05
N ASN E 468 -2.58 -29.91 77.44
CA ASN E 468 -1.61 -31.02 77.50
C ASN E 468 -2.24 -32.33 77.02
N GLY E 469 -3.03 -32.25 75.96
CA GLY E 469 -3.59 -33.43 75.34
C GLY E 469 -4.79 -34.04 76.03
N VAL E 470 -5.30 -33.41 77.08
CA VAL E 470 -6.43 -33.92 77.85
C VAL E 470 -7.58 -32.91 77.76
N GLU E 471 -8.74 -33.38 77.31
CA GLU E 471 -9.89 -32.51 77.12
C GLU E 471 -10.53 -32.17 78.46
N GLY E 472 -10.76 -30.88 78.69
CA GLY E 472 -11.31 -30.43 79.96
C GLY E 472 -11.68 -28.96 79.99
N PHE E 473 -11.32 -28.27 81.07
CA PHE E 473 -11.66 -26.87 81.24
C PHE E 473 -10.91 -26.01 80.22
N ASN E 474 -11.61 -25.03 79.65
CA ASN E 474 -11.11 -24.09 78.65
C ASN E 474 -10.71 -24.78 77.35
N CYS E 475 -10.88 -26.09 77.24
CA CYS E 475 -10.57 -26.82 76.01
C CYS E 475 -11.83 -26.98 75.17
N TYR E 476 -12.40 -25.83 74.80
CA TYR E 476 -13.62 -25.83 74.01
C TYR E 476 -13.38 -26.45 72.64
N PHE E 477 -14.35 -27.25 72.20
CA PHE E 477 -14.20 -27.98 70.94
C PHE E 477 -14.77 -27.16 69.79
N PRO E 478 -14.00 -26.84 68.76
CA PRO E 478 -14.58 -26.19 67.58
C PRO E 478 -15.33 -27.14 66.68
N LEU E 479 -15.17 -28.44 66.88
CA LEU E 479 -15.91 -29.42 66.08
C LEU E 479 -17.34 -29.56 66.61
N GLN E 480 -18.31 -29.47 65.70
CA GLN E 480 -19.70 -29.78 66.04
C GLN E 480 -20.27 -30.69 64.97
N SER E 481 -21.07 -31.65 65.42
CA SER E 481 -21.64 -32.67 64.54
C SER E 481 -22.79 -32.11 63.72
N TYR E 482 -23.06 -32.77 62.59
CA TYR E 482 -24.21 -32.42 61.77
C TYR E 482 -25.51 -32.70 62.52
N GLY E 483 -26.46 -31.78 62.43
CA GLY E 483 -27.77 -32.00 63.01
C GLY E 483 -28.83 -32.27 61.97
N PHE E 484 -29.23 -33.53 61.84
CA PHE E 484 -30.27 -33.94 60.89
C PHE E 484 -31.40 -34.62 61.65
N GLN E 485 -32.62 -34.17 61.42
CA GLN E 485 -33.83 -34.71 62.02
C GLN E 485 -34.95 -34.62 60.98
N PRO E 486 -35.73 -35.70 60.80
CA PRO E 486 -36.88 -35.60 59.90
C PRO E 486 -37.90 -34.57 60.34
N THR E 487 -38.05 -34.36 61.64
CA THR E 487 -38.99 -33.35 62.13
C THR E 487 -38.57 -31.94 61.71
N ASN E 488 -37.27 -31.66 61.79
CA ASN E 488 -36.77 -30.34 61.39
C ASN E 488 -36.99 -30.13 59.89
N GLY E 489 -37.36 -28.90 59.53
CA GLY E 489 -37.67 -28.59 58.15
C GLY E 489 -36.50 -28.08 57.34
N VAL E 490 -36.72 -27.00 56.59
CA VAL E 490 -35.68 -26.43 55.72
C VAL E 490 -34.48 -25.97 56.52
N GLY E 491 -34.67 -25.58 57.78
CA GLY E 491 -33.56 -25.10 58.60
C GLY E 491 -32.48 -26.12 58.83
N TYR E 492 -32.77 -27.41 58.63
CA TYR E 492 -31.76 -28.44 58.79
C TYR E 492 -31.81 -29.54 57.73
N GLN E 493 -32.69 -29.45 56.73
CA GLN E 493 -32.81 -30.49 55.73
C GLN E 493 -31.63 -30.44 54.75
N PRO E 494 -31.34 -31.57 54.09
CA PRO E 494 -30.22 -31.59 53.12
C PRO E 494 -30.67 -31.35 51.68
N TYR E 495 -29.82 -30.72 50.88
CA TYR E 495 -30.08 -30.48 49.46
C TYR E 495 -28.91 -30.98 48.63
N ARG E 496 -29.21 -31.81 47.64
CA ARG E 496 -28.19 -32.27 46.69
C ARG E 496 -27.62 -31.09 45.93
N VAL E 497 -26.31 -30.88 46.06
CA VAL E 497 -25.64 -29.76 45.40
C VAL E 497 -24.40 -30.28 44.69
N VAL E 498 -24.30 -30.04 43.40
CA VAL E 498 -23.13 -30.39 42.59
C VAL E 498 -22.50 -29.09 42.12
N VAL E 499 -21.26 -28.86 42.51
CA VAL E 499 -20.52 -27.65 42.13
C VAL E 499 -19.50 -28.05 41.09
N LEU E 500 -19.59 -27.44 39.91
CA LEU E 500 -18.64 -27.68 38.83
C LEU E 500 -17.79 -26.41 38.69
N SER E 501 -16.72 -26.36 39.48
CA SER E 501 -15.82 -25.21 39.50
C SER E 501 -14.62 -25.48 38.61
N PHE E 502 -14.32 -24.53 37.73
CA PHE E 502 -13.23 -24.69 36.77
C PHE E 502 -12.14 -23.66 37.07
N GLU E 503 -10.89 -24.11 37.04
CA GLU E 503 -9.75 -23.24 37.26
C GLU E 503 -9.50 -22.35 36.05
N LEU E 504 -8.86 -21.21 36.31
CA LEU E 504 -8.42 -20.27 35.28
C LEU E 504 -6.91 -20.24 35.19
N LEU E 505 -6.27 -21.40 35.38
CA LEU E 505 -4.83 -21.51 35.25
C LEU E 505 -4.43 -21.53 33.77
N HIS E 506 -3.13 -21.34 33.54
CA HIS E 506 -2.58 -21.23 32.20
C HIS E 506 -2.04 -22.59 31.78
N ALA E 507 -2.83 -23.31 30.98
CA ALA E 507 -2.48 -24.64 30.53
C ALA E 507 -3.30 -24.96 29.29
N PRO E 508 -2.88 -25.92 28.47
CA PRO E 508 -3.68 -26.28 27.29
C PRO E 508 -5.05 -26.82 27.68
N ALA E 509 -6.04 -26.54 26.83
CA ALA E 509 -7.41 -26.97 27.04
C ALA E 509 -7.76 -28.06 26.05
N THR E 510 -8.42 -29.12 26.53
CA THR E 510 -8.62 -30.32 25.74
C THR E 510 -10.07 -30.81 25.73
N VAL E 511 -10.84 -30.45 26.77
CA VAL E 511 -12.14 -31.05 27.04
C VAL E 511 -13.24 -30.07 26.63
N CYS E 512 -13.92 -30.38 25.52
CA CYS E 512 -15.08 -29.64 25.06
C CYS E 512 -16.04 -30.57 24.33
N GLY E 513 -17.22 -30.05 24.04
CA GLY E 513 -18.24 -30.79 23.33
C GLY E 513 -18.25 -30.47 21.85
N PRO E 514 -18.87 -31.35 21.06
CA PRO E 514 -18.86 -31.20 19.60
C PRO E 514 -20.02 -30.37 19.08
N LYS E 515 -20.16 -30.31 17.76
CA LYS E 515 -21.21 -29.56 17.09
C LYS E 515 -21.97 -30.48 16.12
N LYS E 516 -22.44 -31.61 16.63
CA LYS E 516 -23.12 -32.63 15.84
C LYS E 516 -24.63 -32.50 16.00
N SER E 517 -25.39 -32.87 14.96
CA SER E 517 -24.94 -33.28 13.61
C SER E 517 -26.07 -33.09 12.62
N THR E 518 -25.82 -33.50 11.36
CA THR E 518 -26.85 -33.58 10.33
C THR E 518 -26.59 -34.82 9.48
N ASN E 519 -27.44 -35.02 8.47
CA ASN E 519 -27.32 -36.12 7.54
C ASN E 519 -26.50 -35.67 6.33
N LEU E 520 -26.54 -36.44 5.25
CA LEU E 520 -25.77 -36.14 4.04
C LEU E 520 -26.67 -36.11 2.83
N VAL E 521 -26.42 -35.15 1.93
CA VAL E 521 -27.02 -35.11 0.62
C VAL E 521 -25.91 -34.88 -0.39
N LYS E 522 -25.88 -35.71 -1.43
CA LYS E 522 -24.80 -35.70 -2.40
C LYS E 522 -25.27 -35.11 -3.73
N ASN E 523 -24.29 -34.74 -4.55
CA ASN E 523 -24.53 -34.18 -5.89
C ASN E 523 -25.37 -32.92 -5.85
N LYS E 524 -25.24 -32.13 -4.78
CA LYS E 524 -25.97 -30.88 -4.65
C LYS E 524 -25.04 -29.80 -4.13
N CYS E 525 -25.33 -28.57 -4.50
CA CYS E 525 -24.54 -27.42 -4.03
C CYS E 525 -24.97 -27.12 -2.60
N VAL E 526 -24.11 -27.51 -1.64
CA VAL E 526 -24.38 -27.29 -0.23
C VAL E 526 -23.11 -26.79 0.45
N ASN E 527 -23.30 -26.13 1.59
CA ASN E 527 -22.19 -25.68 2.42
C ASN E 527 -22.02 -26.66 3.58
N PHE E 528 -20.82 -27.20 3.72
CA PHE E 528 -20.54 -28.31 4.62
C PHE E 528 -19.60 -27.89 5.74
N ASN E 529 -19.69 -28.62 6.85
CA ASN E 529 -18.77 -28.47 7.97
C ASN E 529 -18.25 -29.85 8.35
N PHE E 530 -17.02 -30.14 7.96
CA PHE E 530 -16.41 -31.45 8.16
C PHE E 530 -15.24 -31.31 9.13
N ASN E 531 -15.51 -31.59 10.41
CA ASN E 531 -14.46 -31.69 11.42
C ASN E 531 -13.61 -30.42 11.48
N GLY E 532 -14.28 -29.28 11.55
CA GLY E 532 -13.59 -28.01 11.60
C GLY E 532 -13.19 -27.44 10.27
N LEU E 533 -13.45 -28.15 9.17
CA LEU E 533 -13.22 -27.64 7.83
C LEU E 533 -14.53 -27.07 7.30
N THR E 534 -14.56 -25.76 7.09
CA THR E 534 -15.77 -25.07 6.67
C THR E 534 -15.65 -24.65 5.21
N GLY E 535 -16.61 -25.09 4.40
CA GLY E 535 -16.59 -24.76 2.99
C GLY E 535 -17.92 -25.08 2.36
N THR E 536 -18.00 -24.82 1.05
CA THR E 536 -19.19 -25.09 0.26
C THR E 536 -18.80 -25.75 -1.04
N GLY E 537 -19.73 -26.51 -1.60
CA GLY E 537 -19.47 -27.17 -2.86
C GLY E 537 -20.44 -28.33 -3.06
N VAL E 538 -20.11 -29.15 -4.05
CA VAL E 538 -20.91 -30.30 -4.45
C VAL E 538 -20.21 -31.57 -3.96
N LEU E 539 -20.92 -32.36 -3.16
CA LEU E 539 -20.38 -33.59 -2.62
C LEU E 539 -20.81 -34.74 -3.51
N THR E 540 -19.85 -35.56 -3.92
CA THR E 540 -20.15 -36.72 -4.75
C THR E 540 -19.38 -37.93 -4.23
N GLU E 541 -19.56 -39.05 -4.93
CA GLU E 541 -18.89 -40.30 -4.61
C GLU E 541 -17.63 -40.44 -5.45
N SER E 542 -16.51 -40.72 -4.79
CA SER E 542 -15.21 -40.68 -5.42
C SER E 542 -14.68 -42.09 -5.68
N ASN E 543 -13.47 -42.15 -6.25
CA ASN E 543 -12.80 -43.42 -6.48
C ASN E 543 -11.32 -43.35 -6.12
N LYS E 544 -10.91 -42.39 -5.32
CA LYS E 544 -9.51 -42.24 -4.94
C LYS E 544 -9.18 -43.16 -3.76
N LYS E 545 -7.92 -43.09 -3.32
CA LYS E 545 -7.41 -43.94 -2.25
C LYS E 545 -6.71 -43.06 -1.22
N PHE E 546 -7.36 -42.83 -0.07
CA PHE E 546 -6.66 -42.24 1.06
C PHE E 546 -5.91 -43.31 1.85
N LEU E 547 -4.75 -42.94 2.36
CA LEU E 547 -4.09 -43.77 3.35
C LEU E 547 -4.90 -43.73 4.65
N PRO E 548 -4.93 -44.84 5.41
CA PRO E 548 -5.84 -44.91 6.55
C PRO E 548 -5.34 -44.16 7.78
N PHE E 549 -4.82 -42.95 7.58
CA PHE E 549 -4.58 -42.04 8.69
C PHE E 549 -4.86 -40.59 8.35
N GLN E 550 -5.34 -40.30 7.16
CA GLN E 550 -5.53 -38.93 6.68
C GLN E 550 -7.00 -38.55 6.76
N GLN E 551 -7.25 -37.24 6.80
CA GLN E 551 -8.60 -36.70 6.86
C GLN E 551 -9.08 -36.19 5.51
N PHE E 552 -8.32 -35.30 4.88
CA PHE E 552 -8.76 -34.62 3.67
C PHE E 552 -7.58 -34.49 2.72
N GLY E 553 -7.89 -34.30 1.44
CA GLY E 553 -6.87 -34.25 0.41
C GLY E 553 -6.89 -32.93 -0.33
N ARG E 554 -5.81 -32.69 -1.08
CA ARG E 554 -5.69 -31.50 -1.91
C ARG E 554 -4.66 -31.78 -2.99
N ASP E 555 -4.90 -31.25 -4.20
CA ASP E 555 -4.02 -31.55 -5.31
C ASP E 555 -2.81 -30.62 -5.34
N ILE E 556 -3.03 -29.33 -5.61
CA ILE E 556 -1.95 -28.35 -5.71
C ILE E 556 -2.51 -27.01 -5.26
N ALA E 557 -1.68 -26.21 -4.60
CA ALA E 557 -2.02 -24.83 -4.24
C ALA E 557 -3.16 -24.78 -3.23
N ASP E 558 -3.13 -25.68 -2.25
CA ASP E 558 -4.05 -25.68 -1.12
C ASP E 558 -5.51 -25.76 -1.54
N THR E 559 -5.79 -26.35 -2.70
CA THR E 559 -7.16 -26.52 -3.15
C THR E 559 -7.64 -27.88 -2.66
N THR E 560 -8.45 -27.88 -1.59
CA THR E 560 -8.95 -29.13 -1.05
C THR E 560 -9.89 -29.77 -2.06
N ASP E 561 -9.75 -31.08 -2.24
CA ASP E 561 -10.52 -31.79 -3.27
C ASP E 561 -11.38 -32.91 -2.71
N ALA E 562 -10.88 -33.67 -1.74
CA ALA E 562 -11.61 -34.81 -1.21
C ALA E 562 -11.53 -34.79 0.31
N VAL E 563 -12.66 -35.07 0.96
CA VAL E 563 -12.73 -35.17 2.41
C VAL E 563 -13.43 -36.47 2.75
N ARG E 564 -12.81 -37.27 3.62
CA ARG E 564 -13.38 -38.55 4.03
C ARG E 564 -14.47 -38.31 5.06
N ASP E 565 -15.62 -38.93 4.84
CA ASP E 565 -16.74 -38.78 5.76
C ASP E 565 -16.47 -39.57 7.03
N PRO E 566 -16.44 -38.93 8.21
CA PRO E 566 -16.04 -39.67 9.41
C PRO E 566 -17.20 -40.41 10.06
N GLN E 567 -18.09 -40.98 9.25
CA GLN E 567 -19.16 -41.82 9.73
C GLN E 567 -19.02 -43.19 9.08
N THR E 568 -18.68 -43.17 7.79
CA THR E 568 -18.54 -44.38 6.99
C THR E 568 -17.16 -44.54 6.39
N LEU E 569 -16.23 -43.61 6.66
CA LEU E 569 -14.88 -43.63 6.10
C LEU E 569 -14.91 -43.70 4.57
N GLU E 570 -15.85 -42.97 3.97
CA GLU E 570 -15.98 -42.86 2.53
C GLU E 570 -15.36 -41.56 2.06
N ILE E 571 -14.61 -41.62 0.96
CA ILE E 571 -13.96 -40.44 0.41
C ILE E 571 -14.96 -39.69 -0.46
N LEU E 572 -15.17 -38.41 -0.14
CA LEU E 572 -16.12 -37.55 -0.83
C LEU E 572 -15.37 -36.44 -1.55
N ASP E 573 -15.64 -36.29 -2.85
CA ASP E 573 -15.02 -35.22 -3.60
C ASP E 573 -15.58 -33.86 -3.19
N ILE E 574 -14.81 -32.81 -3.49
CA ILE E 574 -15.27 -31.43 -3.40
C ILE E 574 -15.15 -30.84 -4.79
N THR E 575 -16.26 -30.30 -5.30
CA THR E 575 -16.24 -29.52 -6.52
C THR E 575 -16.93 -28.19 -6.22
N PRO E 576 -16.33 -27.07 -6.61
CA PRO E 576 -16.96 -25.78 -6.31
C PRO E 576 -18.24 -25.61 -7.10
N CYS E 577 -19.20 -24.92 -6.48
CA CYS E 577 -20.48 -24.69 -7.15
C CYS E 577 -20.26 -23.80 -8.37
N SER E 578 -20.91 -24.18 -9.47
CA SER E 578 -20.60 -23.59 -10.76
C SER E 578 -20.92 -22.10 -10.79
N PHE E 579 -20.17 -21.38 -11.61
CA PHE E 579 -20.35 -19.95 -11.78
C PHE E 579 -19.90 -19.59 -13.20
N GLY E 580 -19.83 -18.31 -13.48
CA GLY E 580 -19.34 -17.84 -14.76
C GLY E 580 -20.11 -16.62 -15.22
N GLY E 581 -19.49 -15.86 -16.10
CA GLY E 581 -20.07 -14.61 -16.53
C GLY E 581 -21.36 -14.81 -17.30
N VAL E 582 -22.08 -13.71 -17.48
CA VAL E 582 -23.34 -13.70 -18.20
C VAL E 582 -23.27 -12.63 -19.26
N SER E 583 -23.46 -13.00 -20.52
CA SER E 583 -23.34 -12.09 -21.64
C SER E 583 -24.70 -11.88 -22.29
N VAL E 584 -24.95 -10.67 -22.76
CA VAL E 584 -26.21 -10.30 -23.37
C VAL E 584 -25.96 -10.00 -24.84
N ILE E 585 -26.59 -10.77 -25.71
CA ILE E 585 -26.36 -10.68 -27.15
C ILE E 585 -27.51 -9.90 -27.76
N THR E 586 -27.22 -8.74 -28.32
CA THR E 586 -28.28 -7.86 -28.80
C THR E 586 -28.00 -7.43 -30.23
N PRO E 587 -29.04 -7.32 -31.06
CA PRO E 587 -28.87 -6.87 -32.45
C PRO E 587 -28.95 -5.36 -32.64
N GLY E 588 -28.73 -4.56 -31.60
CA GLY E 588 -28.85 -3.13 -31.73
C GLY E 588 -30.18 -2.67 -31.18
N THR E 589 -30.19 -1.62 -30.37
CA THR E 589 -31.42 -1.24 -29.69
C THR E 589 -32.47 -0.69 -30.66
N ASN E 590 -32.06 -0.25 -31.85
CA ASN E 590 -33.05 0.22 -32.81
C ASN E 590 -33.56 -0.89 -33.71
N THR E 591 -32.74 -1.90 -33.98
CA THR E 591 -33.18 -3.01 -34.81
C THR E 591 -34.24 -3.84 -34.08
N SER E 592 -34.00 -4.15 -32.81
CA SER E 592 -34.97 -4.91 -32.03
C SER E 592 -34.64 -4.77 -30.55
N ASN E 593 -35.61 -5.13 -29.71
CA ASN E 593 -35.42 -5.17 -28.27
C ASN E 593 -35.36 -6.60 -27.75
N GLN E 594 -35.11 -7.57 -28.63
CA GLN E 594 -35.02 -8.98 -28.27
C GLN E 594 -33.55 -9.35 -28.13
N VAL E 595 -33.22 -10.07 -27.06
CA VAL E 595 -31.84 -10.42 -26.77
C VAL E 595 -31.75 -11.91 -26.49
N ALA E 596 -30.52 -12.41 -26.48
CA ALA E 596 -30.20 -13.77 -26.09
C ALA E 596 -29.08 -13.74 -25.06
N VAL E 597 -29.18 -14.58 -24.04
CA VAL E 597 -28.27 -14.55 -22.90
C VAL E 597 -27.37 -15.77 -22.96
N LEU E 598 -26.07 -15.54 -22.78
CA LEU E 598 -25.07 -16.59 -22.78
C LEU E 598 -24.44 -16.71 -21.40
N TYR E 599 -24.45 -17.92 -20.85
CA TYR E 599 -23.83 -18.19 -19.57
C TYR E 599 -22.46 -18.80 -19.81
N GLN E 600 -21.41 -18.11 -19.37
CA GLN E 600 -20.04 -18.44 -19.74
C GLN E 600 -19.65 -19.76 -19.11
N ASP E 601 -19.52 -20.80 -19.93
CA ASP E 601 -18.99 -22.10 -19.51
C ASP E 601 -19.81 -22.68 -18.36
N VAL E 602 -21.13 -22.72 -18.54
CA VAL E 602 -22.04 -23.31 -17.57
C VAL E 602 -22.91 -24.32 -18.30
N ASN E 603 -23.00 -25.52 -17.74
CA ASN E 603 -23.87 -26.55 -18.30
C ASN E 603 -25.31 -26.07 -18.28
N CYS E 604 -26.10 -26.52 -19.26
CA CYS E 604 -27.49 -26.12 -19.34
C CYS E 604 -28.27 -26.58 -18.11
N THR E 605 -27.95 -27.76 -17.59
CA THR E 605 -28.74 -28.33 -16.50
C THR E 605 -28.57 -27.58 -15.19
N GLU E 606 -27.62 -26.64 -15.11
CA GLU E 606 -27.32 -25.96 -13.85
C GLU E 606 -27.81 -24.52 -13.84
N VAL E 607 -28.57 -24.09 -14.85
CA VAL E 607 -29.01 -22.71 -14.93
C VAL E 607 -30.16 -22.48 -13.96
N ASN E 628 -35.37 -20.59 -27.30
CA ASN E 628 -34.86 -21.96 -27.22
C ASN E 628 -33.74 -22.04 -26.20
N VAL E 629 -33.12 -23.22 -26.09
CA VAL E 629 -31.96 -23.43 -25.24
C VAL E 629 -30.96 -24.26 -26.03
N PHE E 630 -29.73 -23.75 -26.15
CA PHE E 630 -28.70 -24.44 -26.90
C PHE E 630 -27.40 -24.47 -26.12
N GLN E 631 -26.67 -25.57 -26.25
CA GLN E 631 -25.41 -25.77 -25.54
C GLN E 631 -24.26 -25.65 -26.53
N THR E 632 -23.41 -24.65 -26.32
CA THR E 632 -22.24 -24.41 -27.14
C THR E 632 -20.98 -24.86 -26.41
N ARG E 633 -19.86 -24.85 -27.13
CA ARG E 633 -18.59 -25.14 -26.50
C ARG E 633 -18.12 -24.00 -25.60
N ALA E 634 -18.79 -22.85 -25.63
CA ALA E 634 -18.41 -21.70 -24.83
C ALA E 634 -19.43 -21.40 -23.72
N GLY E 635 -20.34 -22.31 -23.43
CA GLY E 635 -21.35 -22.12 -22.42
C GLY E 635 -22.72 -22.44 -23.00
N CYS E 636 -23.75 -22.12 -22.21
CA CYS E 636 -25.13 -22.37 -22.63
C CYS E 636 -25.76 -21.08 -23.10
N LEU E 637 -26.40 -21.13 -24.25
CA LEU E 637 -26.97 -19.96 -24.91
C LEU E 637 -28.47 -20.16 -25.00
N ILE E 638 -29.23 -19.21 -24.45
CA ILE E 638 -30.69 -19.32 -24.47
C ILE E 638 -31.24 -18.12 -25.23
N GLY E 639 -32.44 -18.32 -25.78
CA GLY E 639 -33.10 -17.28 -26.54
C GLY E 639 -32.76 -17.24 -28.00
N ALA E 640 -31.79 -18.03 -28.45
CA ALA E 640 -31.39 -18.08 -29.84
C ALA E 640 -31.47 -19.52 -30.34
N GLU E 641 -31.99 -19.69 -31.55
CA GLU E 641 -32.27 -20.99 -32.12
C GLU E 641 -31.15 -21.41 -33.07
N HIS E 642 -30.61 -22.62 -32.84
CA HIS E 642 -29.49 -23.11 -33.62
C HIS E 642 -29.95 -23.49 -35.02
N VAL E 643 -29.13 -23.18 -36.02
CA VAL E 643 -29.44 -23.48 -37.41
C VAL E 643 -28.29 -24.27 -38.01
N ASN E 644 -28.60 -24.99 -39.07
CA ASN E 644 -27.62 -25.82 -39.77
C ASN E 644 -26.91 -25.08 -40.88
N ASN E 645 -27.23 -23.82 -41.11
CA ASN E 645 -26.57 -23.03 -42.13
C ASN E 645 -25.19 -22.60 -41.64
N SER E 646 -24.53 -21.76 -42.41
CA SER E 646 -23.23 -21.21 -42.02
C SER E 646 -23.02 -19.93 -42.81
N TYR E 647 -23.01 -18.80 -42.11
CA TYR E 647 -22.91 -17.47 -42.70
C TYR E 647 -21.65 -16.79 -42.20
N GLU E 648 -21.36 -15.62 -42.77
CA GLU E 648 -20.25 -14.82 -42.28
C GLU E 648 -20.57 -14.31 -40.89
N CYS E 649 -19.56 -14.33 -40.01
CA CYS E 649 -19.81 -14.05 -38.61
C CYS E 649 -20.31 -12.63 -38.41
N ASP E 650 -21.26 -12.47 -37.48
CA ASP E 650 -21.82 -11.17 -37.15
C ASP E 650 -21.50 -10.77 -35.71
N ILE E 651 -21.91 -11.59 -34.74
CA ILE E 651 -21.62 -11.36 -33.34
C ILE E 651 -20.91 -12.59 -32.81
N PRO E 652 -19.60 -12.54 -32.55
CA PRO E 652 -18.87 -13.76 -32.23
C PRO E 652 -19.16 -14.23 -30.81
N ILE E 653 -19.66 -15.46 -30.69
CA ILE E 653 -19.92 -16.03 -29.38
C ILE E 653 -18.72 -16.80 -28.85
N GLY E 654 -18.05 -17.57 -29.68
CA GLY E 654 -16.82 -18.24 -29.29
C GLY E 654 -16.82 -19.70 -29.69
N ALA E 655 -15.61 -20.24 -29.82
CA ALA E 655 -15.39 -21.63 -30.22
C ALA E 655 -16.03 -21.92 -31.58
N GLY E 656 -15.91 -20.97 -32.50
CA GLY E 656 -16.37 -21.18 -33.86
C GLY E 656 -17.83 -20.93 -34.10
N ILE E 657 -18.57 -20.45 -33.09
CA ILE E 657 -20.01 -20.26 -33.19
C ILE E 657 -20.30 -18.78 -33.04
N CYS E 658 -21.06 -18.23 -33.98
CA CYS E 658 -21.47 -16.84 -33.94
C CYS E 658 -22.98 -16.76 -34.01
N ALA E 659 -23.51 -15.54 -33.92
CA ALA E 659 -24.95 -15.33 -33.92
C ALA E 659 -25.26 -14.01 -34.59
N SER E 660 -26.51 -13.87 -35.03
CA SER E 660 -26.97 -12.65 -35.67
C SER E 660 -28.47 -12.57 -35.53
N TYR E 661 -29.09 -11.67 -36.30
CA TYR E 661 -30.52 -11.40 -36.21
C TYR E 661 -31.08 -11.30 -37.62
N GLN E 662 -31.67 -12.37 -38.10
CA GLN E 662 -32.30 -12.38 -39.40
C GLN E 662 -33.26 -13.56 -39.51
N GLN E 677 -36.18 -11.64 -38.06
CA GLN E 677 -37.18 -11.43 -37.04
C GLN E 677 -36.95 -12.32 -35.82
N SER E 678 -35.76 -12.91 -35.74
CA SER E 678 -35.35 -13.68 -34.58
C SER E 678 -33.83 -13.76 -34.55
N ILE E 679 -33.30 -14.16 -33.41
CA ILE E 679 -31.85 -14.23 -33.19
C ILE E 679 -31.44 -15.69 -33.28
N ILE E 680 -30.47 -15.98 -34.16
CA ILE E 680 -30.09 -17.35 -34.49
C ILE E 680 -28.58 -17.52 -34.41
N ALA E 681 -28.16 -18.76 -34.22
CA ALA E 681 -26.76 -19.12 -33.99
C ALA E 681 -26.25 -20.06 -35.07
N TYR E 682 -25.03 -19.81 -35.52
CA TYR E 682 -24.42 -20.51 -36.65
C TYR E 682 -23.22 -21.33 -36.18
N THR E 683 -22.49 -21.81 -37.17
CA THR E 683 -21.06 -22.09 -37.07
C THR E 683 -20.43 -21.41 -38.28
N MET E 684 -19.67 -20.34 -38.03
CA MET E 684 -19.31 -19.41 -39.09
C MET E 684 -18.59 -20.12 -40.24
N SER E 685 -18.80 -19.60 -41.45
CA SER E 685 -18.17 -20.14 -42.65
C SER E 685 -17.01 -19.23 -43.05
N LEU E 686 -15.94 -19.85 -43.54
CA LEU E 686 -14.72 -19.12 -43.82
C LEU E 686 -14.80 -18.37 -45.14
N GLY E 687 -15.47 -18.91 -46.15
CA GLY E 687 -15.63 -18.20 -47.38
C GLY E 687 -16.12 -19.11 -48.49
N ALA E 688 -16.29 -18.50 -49.66
CA ALA E 688 -16.75 -19.22 -50.84
C ALA E 688 -15.68 -20.17 -51.36
N GLU E 689 -16.10 -21.38 -51.72
CA GLU E 689 -15.17 -22.40 -52.15
C GLU E 689 -14.72 -22.16 -53.59
N ASN E 690 -13.46 -22.44 -53.85
CA ASN E 690 -12.88 -22.36 -55.18
C ASN E 690 -12.07 -23.62 -55.45
N SER E 691 -12.16 -24.11 -56.68
CA SER E 691 -11.32 -25.22 -57.15
C SER E 691 -10.73 -24.73 -58.46
N VAL E 692 -9.56 -24.10 -58.38
CA VAL E 692 -8.93 -23.52 -59.56
C VAL E 692 -8.59 -24.64 -60.54
N ALA E 693 -8.95 -24.43 -61.81
CA ALA E 693 -8.78 -25.46 -62.83
C ALA E 693 -7.31 -25.53 -63.19
N TYR E 694 -6.51 -26.20 -62.35
CA TYR E 694 -5.08 -26.26 -62.53
C TYR E 694 -4.75 -27.45 -63.40
N SER E 695 -4.11 -27.20 -64.54
CA SER E 695 -3.60 -28.24 -65.41
C SER E 695 -2.21 -27.85 -65.88
N ASN E 696 -1.42 -28.84 -66.27
CA ASN E 696 0.00 -28.61 -66.49
C ASN E 696 0.30 -27.85 -67.78
N ASN E 697 -0.69 -27.54 -68.60
CA ASN E 697 -0.43 -26.77 -69.81
C ASN E 697 -1.52 -25.74 -70.04
N SER E 698 -1.91 -25.03 -68.98
CA SER E 698 -2.91 -23.98 -69.13
C SER E 698 -2.55 -22.81 -68.22
N ILE E 699 -2.88 -21.61 -68.67
CA ILE E 699 -2.58 -20.38 -67.96
C ILE E 699 -3.80 -19.48 -68.09
N ALA E 700 -3.89 -18.52 -67.18
CA ALA E 700 -4.93 -17.50 -67.23
C ALA E 700 -4.26 -16.14 -67.18
N ILE E 701 -4.35 -15.39 -68.26
CA ILE E 701 -3.67 -14.10 -68.40
C ILE E 701 -4.73 -13.02 -68.40
N PRO E 702 -4.61 -11.98 -67.60
CA PRO E 702 -5.65 -10.93 -67.60
C PRO E 702 -5.67 -10.18 -68.90
N THR E 703 -6.85 -9.67 -69.25
CA THR E 703 -7.02 -8.84 -70.42
C THR E 703 -7.47 -7.42 -70.10
N ASN E 704 -7.59 -7.07 -68.82
CA ASN E 704 -8.08 -5.75 -68.44
C ASN E 704 -7.69 -5.51 -66.98
N PHE E 705 -7.76 -4.24 -66.57
CA PHE E 705 -7.33 -3.87 -65.24
C PHE E 705 -8.34 -2.91 -64.63
N THR E 706 -8.26 -2.76 -63.31
CA THR E 706 -9.09 -1.81 -62.59
C THR E 706 -8.22 -1.06 -61.59
N ILE E 707 -8.29 0.27 -61.61
CA ILE E 707 -7.70 1.08 -60.56
C ILE E 707 -8.48 0.89 -59.28
N SER E 708 -7.78 0.86 -58.15
CA SER E 708 -8.42 0.73 -56.86
C SER E 708 -7.80 1.74 -55.91
N VAL E 709 -8.64 2.38 -55.09
CA VAL E 709 -8.16 3.31 -54.07
C VAL E 709 -8.75 2.88 -52.74
N THR E 710 -7.88 2.58 -51.78
CA THR E 710 -8.28 2.16 -50.45
C THR E 710 -7.69 3.11 -49.43
N THR E 711 -8.29 3.16 -48.24
CA THR E 711 -7.85 4.03 -47.18
C THR E 711 -7.35 3.21 -46.02
N GLU E 712 -6.17 3.55 -45.51
CA GLU E 712 -5.63 2.97 -44.29
C GLU E 712 -5.41 4.08 -43.28
N ILE E 713 -5.96 3.89 -42.09
CA ILE E 713 -5.98 4.91 -41.04
C ILE E 713 -5.12 4.43 -39.89
N LEU E 714 -4.23 5.28 -39.41
CA LEU E 714 -3.24 4.90 -38.41
C LEU E 714 -3.13 5.98 -37.35
N PRO E 715 -3.42 5.70 -36.09
CA PRO E 715 -3.17 6.70 -35.04
C PRO E 715 -1.70 6.99 -34.89
N VAL E 716 -1.38 8.25 -34.60
CA VAL E 716 0.00 8.72 -34.57
C VAL E 716 0.38 9.24 -33.19
N SER E 717 -0.58 9.79 -32.46
CA SER E 717 -0.27 10.39 -31.16
C SER E 717 -1.53 10.46 -30.33
N MET E 718 -1.36 10.70 -29.04
CA MET E 718 -2.47 10.92 -28.14
C MET E 718 -2.26 12.22 -27.39
N THR E 719 -3.28 12.62 -26.64
CA THR E 719 -3.25 13.91 -25.97
C THR E 719 -2.21 13.90 -24.87
N LYS E 720 -1.50 15.03 -24.74
CA LYS E 720 -0.46 15.17 -23.74
C LYS E 720 -1.09 15.70 -22.46
N THR E 721 -1.04 14.91 -21.40
CA THR E 721 -1.57 15.31 -20.11
C THR E 721 -0.46 15.29 -19.07
N SER E 722 -0.49 16.26 -18.17
CA SER E 722 0.35 16.27 -17.00
C SER E 722 -0.54 16.41 -15.77
N VAL E 723 -0.22 15.68 -14.71
CA VAL E 723 -1.03 15.65 -13.50
C VAL E 723 -0.15 16.05 -12.33
N ASP E 724 -0.64 16.99 -11.54
CA ASP E 724 0.07 17.48 -10.35
C ASP E 724 -0.11 16.44 -9.24
N CYS E 725 0.95 15.66 -8.99
CA CYS E 725 0.84 14.58 -8.03
C CYS E 725 0.48 15.09 -6.65
N THR E 726 0.95 16.28 -6.28
CA THR E 726 0.61 16.81 -4.97
C THR E 726 -0.82 17.30 -4.91
N MET E 727 -1.38 17.71 -6.05
CA MET E 727 -2.69 18.36 -6.02
C MET E 727 -3.83 17.39 -5.72
N TYR E 728 -3.74 16.12 -6.15
CA TYR E 728 -4.72 15.15 -5.66
C TYR E 728 -4.67 15.00 -4.16
N ILE E 729 -3.62 14.38 -3.65
CA ILE E 729 -3.61 13.94 -2.26
C ILE E 729 -3.86 15.11 -1.32
N CYS E 730 -3.20 16.24 -1.59
CA CYS E 730 -3.39 17.42 -0.75
C CYS E 730 -4.75 18.06 -1.01
N GLY E 731 -4.95 18.58 -2.22
CA GLY E 731 -6.19 19.25 -2.53
C GLY E 731 -6.38 20.54 -1.75
N ASP E 732 -5.34 21.35 -1.68
CA ASP E 732 -5.36 22.65 -1.01
C ASP E 732 -5.52 22.51 0.50
N SER E 733 -4.63 21.71 1.09
CA SER E 733 -4.58 21.55 2.54
C SER E 733 -3.12 21.49 2.95
N THR E 734 -2.73 22.36 3.88
CA THR E 734 -1.35 22.39 4.34
C THR E 734 -1.03 21.29 5.34
N GLU E 735 -2.04 20.67 5.92
CA GLU E 735 -1.84 19.64 6.94
C GLU E 735 -1.79 18.24 6.35
N CYS E 736 -1.91 18.10 5.03
CA CYS E 736 -1.73 16.81 4.38
C CYS E 736 -0.42 16.72 3.61
N SER E 737 0.11 17.85 3.13
CA SER E 737 1.38 17.81 2.41
C SER E 737 2.52 17.37 3.30
N ASN E 738 2.43 17.66 4.60
CA ASN E 738 3.51 17.28 5.51
C ASN E 738 3.65 15.76 5.59
N LEU E 739 2.52 15.05 5.63
CA LEU E 739 2.58 13.60 5.65
C LEU E 739 3.02 13.06 4.30
N LEU E 740 2.52 13.64 3.22
CA LEU E 740 2.90 13.20 1.89
C LEU E 740 4.39 13.40 1.64
N LEU E 741 5.00 14.38 2.30
CA LEU E 741 6.42 14.63 2.10
C LEU E 741 7.28 13.48 2.58
N GLN E 742 6.75 12.61 3.44
CA GLN E 742 7.50 11.50 4.00
C GLN E 742 7.49 10.27 3.13
N TYR E 743 6.78 10.28 2.00
CA TYR E 743 6.72 9.14 1.12
C TYR E 743 7.83 9.13 0.08
N GLY E 744 8.96 9.74 0.39
CA GLY E 744 10.06 9.77 -0.55
C GLY E 744 9.76 10.66 -1.73
N SER E 745 10.20 10.26 -2.91
CA SER E 745 10.03 11.05 -4.12
C SER E 745 9.06 10.38 -5.08
N PHE E 746 7.95 9.86 -4.55
CA PHE E 746 6.92 9.33 -5.43
C PHE E 746 6.29 10.43 -6.25
N CYS E 747 6.26 11.66 -5.73
CA CYS E 747 5.68 12.76 -6.49
C CYS E 747 6.50 13.08 -7.73
N THR E 748 7.80 13.27 -7.56
CA THR E 748 8.63 13.63 -8.70
C THR E 748 9.03 12.42 -9.54
N GLN E 749 8.73 11.21 -9.09
CA GLN E 749 8.92 10.04 -9.94
C GLN E 749 7.83 9.96 -11.01
N LEU E 750 6.59 10.22 -10.63
CA LEU E 750 5.50 10.15 -11.60
C LEU E 750 5.57 11.29 -12.59
N ASN E 751 5.82 12.51 -12.11
CA ASN E 751 5.82 13.67 -13.00
C ASN E 751 6.87 13.54 -14.07
N ARG E 752 8.00 12.89 -13.77
CA ARG E 752 9.02 12.65 -14.78
C ARG E 752 8.56 11.62 -15.81
N ALA E 753 7.70 10.68 -15.40
CA ALA E 753 7.17 9.72 -16.36
C ALA E 753 6.11 10.36 -17.25
N LEU E 754 5.19 11.12 -16.67
CA LEU E 754 4.13 11.72 -17.47
C LEU E 754 4.64 12.84 -18.36
N THR E 755 5.82 13.37 -18.10
CA THR E 755 6.46 14.30 -19.01
C THR E 755 7.40 13.62 -19.98
N GLY E 756 7.59 12.32 -19.85
CA GLY E 756 8.39 11.57 -20.80
C GLY E 756 7.55 11.08 -21.95
N ILE E 757 6.26 10.83 -21.68
CA ILE E 757 5.32 10.46 -22.72
C ILE E 757 4.52 11.66 -23.20
N ALA E 758 5.02 12.86 -22.95
CA ALA E 758 4.55 14.06 -23.62
C ALA E 758 5.54 14.60 -24.63
N VAL E 759 6.84 14.45 -24.38
CA VAL E 759 7.82 14.76 -25.40
C VAL E 759 7.71 13.77 -26.56
N GLU E 760 7.38 12.51 -26.27
CA GLU E 760 7.20 11.54 -27.36
C GLU E 760 6.11 11.99 -28.32
N GLN E 761 4.97 12.44 -27.81
CA GLN E 761 3.86 12.75 -28.68
C GLN E 761 4.18 13.87 -29.65
N ASP E 762 5.21 14.65 -29.37
CA ASP E 762 5.72 15.62 -30.33
C ASP E 762 6.79 15.04 -31.24
N LYS E 763 7.42 13.93 -30.84
CA LYS E 763 8.34 13.23 -31.72
C LYS E 763 7.60 12.42 -32.76
N ASN E 764 6.47 11.82 -32.39
CA ASN E 764 5.73 10.99 -33.34
C ASN E 764 5.21 11.81 -34.50
N THR E 765 4.65 12.99 -34.22
CA THR E 765 4.15 13.84 -35.30
C THR E 765 5.28 14.39 -36.15
N GLN E 766 6.46 14.60 -35.57
CA GLN E 766 7.60 15.05 -36.35
C GLN E 766 8.07 13.97 -37.31
N GLU E 767 8.10 12.72 -36.87
CA GLU E 767 8.66 11.66 -37.70
C GLU E 767 7.81 11.40 -38.93
N VAL E 768 6.50 11.46 -38.80
CA VAL E 768 5.62 11.11 -39.90
C VAL E 768 5.63 12.20 -40.96
N PHE E 769 5.29 13.42 -40.57
CA PHE E 769 5.02 14.48 -41.54
C PHE E 769 6.29 15.22 -41.94
N ALA E 770 7.11 15.62 -40.97
CA ALA E 770 8.28 16.43 -41.28
C ALA E 770 9.33 15.56 -41.95
N GLN E 771 9.08 15.26 -43.23
CA GLN E 771 10.00 14.46 -44.03
C GLN E 771 10.42 15.18 -45.31
N VAL E 772 10.18 16.48 -45.41
CA VAL E 772 10.55 17.25 -46.58
C VAL E 772 11.25 18.52 -46.13
N LYS E 773 12.37 18.85 -46.77
CA LYS E 773 13.13 20.02 -46.36
C LYS E 773 12.45 21.30 -46.81
N GLN E 774 11.71 21.26 -47.90
CA GLN E 774 11.07 22.45 -48.46
C GLN E 774 9.57 22.22 -48.55
N ILE E 775 8.86 23.25 -48.98
CA ILE E 775 7.43 23.18 -49.20
C ILE E 775 7.18 23.40 -50.69
N TYR E 776 6.60 22.40 -51.34
CA TYR E 776 6.34 22.45 -52.77
C TYR E 776 4.92 22.90 -53.03
N LYS E 777 4.71 23.57 -54.16
CA LYS E 777 3.41 24.10 -54.53
C LYS E 777 3.03 23.63 -55.92
N THR E 778 1.78 23.23 -56.09
CA THR E 778 1.28 22.84 -57.39
C THR E 778 1.08 24.07 -58.27
N PRO E 779 1.30 23.95 -59.58
CA PRO E 779 1.18 25.11 -60.45
C PRO E 779 -0.28 25.53 -60.59
N PRO E 780 -0.54 26.78 -60.94
CA PRO E 780 -1.93 27.23 -61.09
C PRO E 780 -2.68 26.47 -62.17
N ILE E 781 -2.04 26.13 -63.27
CA ILE E 781 -2.66 25.33 -64.32
C ILE E 781 -2.46 23.86 -63.97
N LYS E 782 -3.55 23.15 -63.71
CA LYS E 782 -3.51 21.78 -63.26
C LYS E 782 -3.98 20.88 -64.40
N ASP E 783 -3.03 20.51 -65.25
CA ASP E 783 -3.26 19.62 -66.39
C ASP E 783 -2.37 18.40 -66.24
N PHE E 784 -2.82 17.44 -65.43
CA PHE E 784 -2.05 16.24 -65.13
C PHE E 784 -2.45 15.06 -66.00
N GLY E 785 -2.76 15.30 -67.26
CA GLY E 785 -3.09 14.20 -68.15
C GLY E 785 -4.45 13.58 -67.92
N GLY E 786 -5.40 14.33 -67.40
CA GLY E 786 -6.75 13.85 -67.20
C GLY E 786 -7.06 13.48 -65.77
N PHE E 787 -6.05 13.30 -64.94
CA PHE E 787 -6.30 12.95 -63.55
C PHE E 787 -6.79 14.17 -62.78
N ASN E 788 -7.66 13.94 -61.81
CA ASN E 788 -8.30 15.02 -61.06
C ASN E 788 -7.97 14.88 -59.58
N PHE E 789 -7.20 15.83 -59.05
CA PHE E 789 -6.79 15.82 -57.65
C PHE E 789 -7.49 16.90 -56.83
N SER E 790 -8.58 17.46 -57.35
CA SER E 790 -9.21 18.58 -56.65
C SER E 790 -9.73 18.18 -55.29
N GLN E 791 -10.07 16.91 -55.10
CA GLN E 791 -10.61 16.45 -53.83
C GLN E 791 -9.55 16.31 -52.74
N ILE E 792 -8.27 16.30 -53.10
CA ILE E 792 -7.20 16.14 -52.11
C ILE E 792 -6.25 17.31 -52.06
N LEU E 793 -6.26 18.19 -53.04
CA LEU E 793 -5.41 19.37 -52.97
C LEU E 793 -6.04 20.43 -52.07
N PRO E 794 -5.23 21.31 -51.48
CA PRO E 794 -5.77 22.28 -50.53
C PRO E 794 -6.74 23.25 -51.19
N ASP E 795 -7.66 23.76 -50.39
CA ASP E 795 -8.73 24.63 -50.88
C ASP E 795 -8.27 26.08 -50.82
N PRO E 796 -8.19 26.79 -51.96
CA PRO E 796 -7.85 28.22 -51.90
C PRO E 796 -9.05 29.03 -51.39
N SER E 797 -9.36 28.84 -50.12
CA SER E 797 -10.64 29.24 -49.58
C SER E 797 -10.48 29.40 -48.07
N LYS E 798 -11.61 29.32 -47.35
CA LYS E 798 -11.74 29.48 -45.91
C LYS E 798 -10.58 28.86 -45.14
N PRO E 799 -10.20 29.45 -43.99
CA PRO E 799 -8.89 29.11 -43.38
C PRO E 799 -8.79 27.67 -42.93
N SER E 800 -7.62 27.29 -42.39
CA SER E 800 -7.28 25.90 -42.16
C SER E 800 -7.40 25.12 -43.47
N LYS E 801 -6.52 25.49 -44.41
CA LYS E 801 -6.72 25.10 -45.80
C LYS E 801 -6.55 23.61 -45.97
N ARG E 802 -7.46 22.84 -45.37
CA ARG E 802 -7.50 21.41 -45.57
C ARG E 802 -8.34 21.09 -46.78
N SER E 803 -7.95 20.03 -47.49
CA SER E 803 -8.67 19.63 -48.69
C SER E 803 -10.06 19.15 -48.33
N PHE E 804 -10.84 18.84 -49.37
CA PHE E 804 -12.21 18.41 -49.15
C PHE E 804 -12.27 17.11 -48.35
N ILE E 805 -11.39 16.16 -48.65
CA ILE E 805 -11.37 14.92 -47.89
C ILE E 805 -10.89 15.17 -46.47
N GLU E 806 -9.90 16.05 -46.30
CA GLU E 806 -9.40 16.33 -44.96
C GLU E 806 -10.45 16.97 -44.09
N ASP E 807 -11.38 17.73 -44.69
CA ASP E 807 -12.49 18.29 -43.93
C ASP E 807 -13.40 17.19 -43.39
N LEU E 808 -13.71 16.20 -44.20
CA LEU E 808 -14.63 15.15 -43.77
C LEU E 808 -14.07 14.38 -42.59
N LEU E 809 -12.76 14.15 -42.58
CA LEU E 809 -12.12 13.39 -41.51
C LEU E 809 -12.12 14.13 -40.18
N PHE E 810 -12.46 15.41 -40.17
CA PHE E 810 -12.56 16.15 -38.92
C PHE E 810 -13.99 16.14 -38.39
N ASN E 811 -14.96 16.35 -39.26
CA ASN E 811 -16.37 16.32 -38.89
C ASN E 811 -16.85 14.90 -38.60
N LYS E 812 -15.94 13.94 -38.47
CA LYS E 812 -16.28 12.60 -38.08
C LYS E 812 -15.67 12.19 -36.74
N VAL E 813 -14.76 12.98 -36.19
CA VAL E 813 -14.15 12.68 -34.90
C VAL E 813 -14.48 13.74 -33.85
N THR E 814 -14.93 14.93 -34.26
CA THR E 814 -15.24 15.98 -33.29
C THR E 814 -16.43 15.56 -32.45
N LEU E 815 -16.14 14.94 -31.31
CA LEU E 815 -17.17 14.41 -30.43
C LEU E 815 -16.80 14.64 -28.97
N GLN E 840 -9.74 20.56 -19.92
CA GLN E 840 -10.24 19.68 -18.86
C GLN E 840 -9.45 19.89 -17.57
N LYS E 841 -9.29 21.15 -17.17
CA LYS E 841 -8.56 21.51 -15.95
C LYS E 841 -9.54 21.53 -14.79
N PHE E 842 -9.50 20.49 -13.96
CA PHE E 842 -10.38 20.40 -12.82
C PHE E 842 -9.62 20.42 -11.49
N ASN E 843 -8.70 19.49 -11.28
CA ASN E 843 -7.94 19.42 -10.03
C ASN E 843 -6.64 18.66 -10.27
N GLY E 844 -5.60 19.39 -10.62
CA GLY E 844 -4.34 18.78 -10.96
C GLY E 844 -4.24 18.24 -12.36
N LEU E 845 -5.36 18.18 -13.09
CA LEU E 845 -5.33 17.79 -14.49
C LEU E 845 -4.82 18.94 -15.33
N THR E 846 -4.05 18.62 -16.36
CA THR E 846 -3.55 19.65 -17.26
C THR E 846 -3.34 19.00 -18.62
N VAL E 847 -3.85 19.62 -19.67
CA VAL E 847 -3.70 19.14 -21.03
C VAL E 847 -2.90 20.17 -21.81
N LEU E 848 -1.74 19.77 -22.30
CA LEU E 848 -0.79 20.61 -23.01
C LEU E 848 -1.05 20.56 -24.52
N PRO E 849 -1.06 21.70 -25.20
CA PRO E 849 -1.37 21.69 -26.62
C PRO E 849 -0.21 21.11 -27.41
N PRO E 850 -0.48 20.50 -28.56
CA PRO E 850 0.61 19.93 -29.35
C PRO E 850 1.47 21.02 -29.95
N LEU E 851 2.74 20.68 -30.18
CA LEU E 851 3.68 21.65 -30.72
C LEU E 851 3.34 22.05 -32.14
N LEU E 852 2.97 21.09 -32.99
CA LEU E 852 2.59 21.38 -34.36
C LEU E 852 1.09 21.61 -34.41
N THR E 853 0.67 22.86 -34.63
CA THR E 853 -0.75 23.15 -34.70
C THR E 853 -1.36 22.41 -35.87
N ASP E 854 -2.66 22.13 -35.75
CA ASP E 854 -3.33 21.30 -36.73
C ASP E 854 -3.38 21.97 -38.10
N GLU E 855 -3.09 23.27 -38.16
CA GLU E 855 -2.93 23.94 -39.45
C GLU E 855 -1.58 23.61 -40.09
N MET E 856 -0.52 23.53 -39.28
CA MET E 856 0.80 23.24 -39.83
C MET E 856 0.92 21.81 -40.33
N ILE E 857 0.26 20.87 -39.68
CA ILE E 857 0.26 19.49 -40.16
C ILE E 857 -0.39 19.43 -41.54
N ALA E 858 -1.51 20.13 -41.72
CA ALA E 858 -2.15 20.19 -43.02
C ALA E 858 -1.28 20.87 -44.06
N GLN E 859 -0.26 21.62 -43.63
CA GLN E 859 0.67 22.21 -44.57
C GLN E 859 1.78 21.25 -44.95
N TYR E 860 2.16 20.36 -44.04
CA TYR E 860 3.09 19.29 -44.40
C TYR E 860 2.47 18.31 -45.39
N THR E 861 1.24 17.85 -45.13
CA THR E 861 0.65 16.88 -46.05
C THR E 861 0.30 17.51 -47.39
N SER E 862 0.17 18.82 -47.46
CA SER E 862 -0.02 19.48 -48.73
C SER E 862 1.28 19.80 -49.43
N ALA E 863 2.42 19.48 -48.82
CA ALA E 863 3.72 19.57 -49.46
C ALA E 863 4.21 18.22 -49.95
N LEU E 864 3.96 17.18 -49.17
CA LEU E 864 4.22 15.82 -49.64
C LEU E 864 3.36 15.49 -50.84
N LEU E 865 2.10 15.88 -50.80
CA LEU E 865 1.17 15.55 -51.88
C LEU E 865 1.42 16.41 -53.10
N ALA E 866 1.63 17.71 -52.91
CA ALA E 866 1.81 18.61 -54.03
C ALA E 866 3.10 18.36 -54.76
N GLY E 867 3.99 17.55 -54.21
CA GLY E 867 5.22 17.25 -54.88
C GLY E 867 5.18 15.90 -55.59
N THR E 868 4.63 14.88 -54.93
CA THR E 868 4.55 13.57 -55.56
C THR E 868 3.74 13.61 -56.83
N ILE E 869 2.83 14.58 -56.94
CA ILE E 869 2.19 14.84 -58.23
C ILE E 869 3.21 15.37 -59.22
N THR E 870 4.04 16.31 -58.80
CA THR E 870 4.97 16.94 -59.72
C THR E 870 6.18 16.07 -60.01
N SER E 871 6.77 15.45 -58.99
CA SER E 871 8.07 14.82 -59.16
C SER E 871 8.07 13.32 -59.02
N GLY E 872 7.23 12.77 -58.14
CA GLY E 872 7.18 11.33 -58.00
C GLY E 872 7.96 10.82 -56.81
N TRP E 873 8.97 9.99 -57.05
CA TRP E 873 9.82 9.49 -55.98
C TRP E 873 11.11 10.24 -55.80
N THR E 874 11.30 11.36 -56.50
CA THR E 874 12.61 11.99 -56.50
C THR E 874 12.88 12.83 -55.27
N PHE E 875 11.92 13.01 -54.36
CA PHE E 875 12.23 13.65 -53.08
C PHE E 875 12.99 12.73 -52.15
N GLY E 876 12.74 11.44 -52.20
CA GLY E 876 13.44 10.52 -51.32
C GLY E 876 14.91 10.38 -51.62
N ALA E 877 15.41 11.17 -52.57
CA ALA E 877 16.78 11.10 -53.04
C ALA E 877 17.43 12.47 -53.15
N GLY E 878 16.89 13.49 -52.50
CA GLY E 878 17.48 14.81 -52.59
C GLY E 878 16.66 15.83 -53.34
N ALA E 879 17.07 16.16 -54.57
CA ALA E 879 16.47 17.25 -55.32
C ALA E 879 15.03 16.91 -55.70
N ALA E 880 14.34 17.87 -56.29
CA ALA E 880 13.03 17.64 -56.89
C ALA E 880 13.13 17.89 -58.39
N LEU E 881 12.78 16.89 -59.17
CA LEU E 881 12.94 16.93 -60.63
C LEU E 881 11.58 16.80 -61.27
N GLN E 882 11.27 17.68 -62.21
CA GLN E 882 9.97 17.66 -62.85
C GLN E 882 9.79 16.41 -63.69
N ILE E 883 8.54 16.02 -63.88
CA ILE E 883 8.19 14.93 -64.79
C ILE E 883 6.69 15.04 -65.04
N PRO E 884 6.24 15.08 -66.29
CA PRO E 884 4.81 15.18 -66.55
C PRO E 884 4.07 13.97 -66.00
N PHE E 885 2.93 14.22 -65.35
CA PHE E 885 2.24 13.17 -64.61
C PHE E 885 1.76 12.05 -65.51
N ALA E 886 1.52 12.33 -66.79
CA ALA E 886 1.18 11.24 -67.70
C ALA E 886 2.34 10.28 -67.86
N MET E 887 3.56 10.71 -67.54
CA MET E 887 4.73 9.87 -67.66
C MET E 887 5.20 9.26 -66.35
N GLN E 888 4.79 9.79 -65.19
CA GLN E 888 5.03 9.05 -63.95
C GLN E 888 4.31 7.72 -63.98
N MET E 889 3.05 7.73 -64.39
CA MET E 889 2.29 6.49 -64.39
C MET E 889 2.90 5.46 -65.33
N ALA E 890 3.59 5.93 -66.37
CA ALA E 890 4.33 4.99 -67.22
C ALA E 890 5.52 4.40 -66.47
N TYR E 891 6.23 5.23 -65.70
CA TYR E 891 7.28 4.72 -64.83
C TYR E 891 6.70 3.77 -63.79
N ARG E 892 5.55 4.14 -63.22
CA ARG E 892 4.89 3.32 -62.21
C ARG E 892 4.36 2.01 -62.76
N PHE E 893 4.33 1.85 -64.09
CA PHE E 893 3.96 0.57 -64.67
C PHE E 893 5.14 -0.38 -64.77
N ASN E 894 6.29 0.11 -65.23
CA ASN E 894 7.45 -0.77 -65.31
C ASN E 894 7.80 -1.35 -63.97
N GLY E 895 7.42 -0.68 -62.89
CA GLY E 895 7.66 -1.21 -61.56
C GLY E 895 6.88 -2.48 -61.29
N ILE E 896 5.69 -2.61 -61.87
CA ILE E 896 4.82 -3.73 -61.58
C ILE E 896 4.82 -4.77 -62.70
N GLY E 897 5.66 -4.60 -63.71
CA GLY E 897 5.79 -5.63 -64.73
C GLY E 897 4.86 -5.47 -65.92
N VAL E 898 4.43 -4.25 -66.22
CA VAL E 898 3.60 -3.96 -67.38
C VAL E 898 4.34 -2.96 -68.24
N THR E 899 4.39 -3.23 -69.55
CA THR E 899 5.06 -2.31 -70.46
C THR E 899 4.31 -0.97 -70.50
N GLN E 900 5.04 0.08 -70.88
CA GLN E 900 4.45 1.41 -70.77
C GLN E 900 3.46 1.72 -71.88
N ASN E 901 3.46 0.98 -72.99
CA ASN E 901 2.49 1.27 -74.03
C ASN E 901 1.07 0.96 -73.58
N VAL E 902 0.90 0.22 -72.49
CA VAL E 902 -0.43 -0.05 -71.96
C VAL E 902 -1.05 1.23 -71.42
N LEU E 903 -0.27 2.05 -70.73
CA LEU E 903 -0.78 3.32 -70.21
C LEU E 903 -1.16 4.28 -71.31
N TYR E 904 -0.22 4.57 -72.22
CA TYR E 904 -0.45 5.61 -73.19
C TYR E 904 -1.63 5.31 -74.09
N GLU E 905 -1.81 4.05 -74.46
CA GLU E 905 -2.96 3.67 -75.28
C GLU E 905 -4.24 3.55 -74.49
N ASN E 906 -4.17 3.55 -73.15
CA ASN E 906 -5.34 3.47 -72.29
C ASN E 906 -5.33 4.59 -71.27
N GLN E 907 -4.80 5.75 -71.63
CA GLN E 907 -4.69 6.83 -70.66
C GLN E 907 -6.05 7.40 -70.30
N LYS E 908 -6.94 7.54 -71.28
CA LYS E 908 -8.22 8.16 -70.99
C LYS E 908 -9.10 7.25 -70.14
N LEU E 909 -8.98 5.94 -70.32
CA LEU E 909 -9.70 5.02 -69.46
C LEU E 909 -9.19 5.07 -68.03
N ILE E 910 -7.87 5.14 -67.85
CA ILE E 910 -7.30 5.08 -66.51
C ILE E 910 -7.64 6.35 -65.73
N ALA E 911 -7.58 7.51 -66.39
CA ALA E 911 -7.96 8.74 -65.73
C ALA E 911 -9.40 8.67 -65.26
N ASN E 912 -10.29 8.12 -66.09
CA ASN E 912 -11.69 7.98 -65.69
C ASN E 912 -11.85 6.94 -64.59
N GLN E 913 -10.98 5.94 -64.55
CA GLN E 913 -11.03 4.95 -63.48
C GLN E 913 -10.46 5.52 -62.19
N PHE E 914 -9.44 6.37 -62.29
CA PHE E 914 -8.88 6.98 -61.09
C PHE E 914 -9.83 8.03 -60.52
N ASN E 915 -10.40 8.88 -61.38
CA ASN E 915 -11.29 9.93 -60.89
C ASN E 915 -12.49 9.34 -60.17
N SER E 916 -13.06 8.25 -60.71
CA SER E 916 -14.21 7.64 -60.08
C SER E 916 -13.87 7.03 -58.74
N ALA E 917 -12.68 6.43 -58.60
CA ALA E 917 -12.33 5.76 -57.37
C ALA E 917 -12.28 6.74 -56.20
N ILE E 918 -11.79 7.96 -56.45
CA ILE E 918 -11.81 8.99 -55.42
C ILE E 918 -13.24 9.40 -55.10
N GLY E 919 -14.12 9.41 -56.10
CA GLY E 919 -15.50 9.75 -55.85
C GLY E 919 -16.18 8.84 -54.86
N LYS E 920 -15.70 7.61 -54.74
CA LYS E 920 -16.25 6.69 -53.76
C LYS E 920 -15.61 6.82 -52.38
N ILE E 921 -14.52 7.58 -52.27
CA ILE E 921 -13.87 7.73 -50.98
C ILE E 921 -14.71 8.60 -50.06
N GLN E 922 -15.28 9.69 -50.58
CA GLN E 922 -16.13 10.54 -49.75
C GLN E 922 -17.39 9.82 -49.30
N ASP E 923 -17.96 8.99 -50.17
CA ASP E 923 -19.07 8.14 -49.74
C ASP E 923 -18.61 7.15 -48.67
N SER E 924 -17.42 6.58 -48.85
CA SER E 924 -16.89 5.62 -47.87
C SER E 924 -16.51 6.27 -46.56
N LEU E 925 -16.50 7.60 -46.48
CA LEU E 925 -16.25 8.31 -45.23
C LEU E 925 -17.50 8.94 -44.66
N SER E 926 -18.22 9.73 -45.47
CA SER E 926 -19.39 10.44 -44.96
C SER E 926 -20.54 9.49 -44.65
N SER E 927 -20.86 8.58 -45.58
CA SER E 927 -22.00 7.69 -45.36
C SER E 927 -21.69 6.62 -44.33
N THR E 928 -20.46 6.14 -44.28
CA THR E 928 -20.10 5.08 -43.35
C THR E 928 -20.25 5.54 -41.91
N ALA E 929 -20.85 4.70 -41.08
CA ALA E 929 -21.09 5.05 -39.69
C ALA E 929 -19.78 5.18 -38.92
N SER E 930 -18.86 4.24 -39.11
CA SER E 930 -17.58 4.25 -38.40
C SER E 930 -16.48 4.00 -39.42
N ALA E 931 -15.99 5.08 -40.03
CA ALA E 931 -14.84 5.00 -40.92
C ALA E 931 -13.54 5.22 -40.17
N LEU E 932 -13.51 6.17 -39.25
CA LEU E 932 -12.34 6.46 -38.44
C LEU E 932 -12.43 5.84 -37.06
N GLY E 933 -13.02 4.65 -36.96
CA GLY E 933 -13.18 4.00 -35.67
C GLY E 933 -11.88 3.68 -34.97
N LYS E 934 -10.77 3.60 -35.72
CA LYS E 934 -9.48 3.33 -35.10
C LYS E 934 -8.98 4.55 -34.34
N LEU E 935 -9.20 5.75 -34.87
CA LEU E 935 -8.78 6.96 -34.20
C LEU E 935 -9.68 7.29 -33.01
N GLN E 936 -10.95 6.89 -33.08
CA GLN E 936 -11.88 7.21 -32.00
C GLN E 936 -11.53 6.47 -30.72
N ASP E 937 -11.08 5.22 -30.83
CA ASP E 937 -10.83 4.43 -29.63
C ASP E 937 -9.75 5.05 -28.77
N VAL E 938 -8.74 5.66 -29.39
CA VAL E 938 -7.70 6.33 -28.62
C VAL E 938 -8.31 7.48 -27.83
N VAL E 939 -9.20 8.25 -28.44
CA VAL E 939 -9.86 9.33 -27.73
C VAL E 939 -10.78 8.80 -26.65
N ASN E 940 -11.54 7.75 -26.96
CA ASN E 940 -12.47 7.20 -25.99
C ASN E 940 -11.76 6.51 -24.83
N GLN E 941 -10.49 6.17 -24.99
CA GLN E 941 -9.74 5.51 -23.93
C GLN E 941 -8.89 6.47 -23.11
N ASN E 942 -8.55 7.63 -23.66
CA ASN E 942 -7.86 8.63 -22.87
C ASN E 942 -8.81 9.34 -21.92
N ALA E 943 -10.05 9.57 -22.35
CA ALA E 943 -11.03 10.18 -21.46
C ALA E 943 -11.50 9.18 -20.41
N GLN E 944 -11.69 7.93 -20.80
CA GLN E 944 -12.10 6.91 -19.83
C GLN E 944 -11.05 6.70 -18.76
N ALA E 945 -9.79 7.04 -19.05
CA ALA E 945 -8.73 6.93 -18.07
C ALA E 945 -8.63 8.15 -17.17
N LEU E 946 -9.23 9.27 -17.55
CA LEU E 946 -9.27 10.46 -16.71
C LEU E 946 -10.54 10.54 -15.88
N ASN E 947 -11.68 10.12 -16.42
CA ASN E 947 -12.90 10.11 -15.61
C ASN E 947 -12.75 9.19 -14.42
N THR E 948 -12.18 8.00 -14.62
CA THR E 948 -11.96 7.10 -13.50
C THR E 948 -10.81 7.57 -12.61
N LEU E 949 -10.03 8.54 -13.06
CA LEU E 949 -9.01 9.11 -12.17
C LEU E 949 -9.62 10.10 -11.18
N VAL E 950 -10.64 10.85 -11.60
CA VAL E 950 -11.30 11.78 -10.69
C VAL E 950 -12.51 11.16 -10.01
N LYS E 951 -12.98 10.00 -10.48
CA LYS E 951 -13.95 9.25 -9.71
C LYS E 951 -13.35 8.72 -8.42
N GLN E 952 -12.08 8.34 -8.45
CA GLN E 952 -11.44 7.78 -7.26
C GLN E 952 -11.21 8.81 -6.18
N LEU E 953 -11.42 10.09 -6.46
CA LEU E 953 -11.28 11.11 -5.43
C LEU E 953 -12.45 11.13 -4.45
N SER E 954 -13.53 10.40 -4.75
CA SER E 954 -14.73 10.41 -3.93
C SER E 954 -15.03 9.03 -3.36
N SER E 955 -14.00 8.33 -2.89
CA SER E 955 -14.16 7.03 -2.25
C SER E 955 -13.45 7.04 -0.91
N ASN E 956 -14.05 6.37 0.08
CA ASN E 956 -13.55 6.44 1.45
C ASN E 956 -12.15 5.84 1.56
N PHE E 957 -11.89 4.75 0.87
CA PHE E 957 -10.71 3.91 1.10
C PHE E 957 -10.69 3.40 2.53
N GLY E 958 -11.86 3.26 3.13
CA GLY E 958 -12.00 2.77 4.48
C GLY E 958 -11.89 3.81 5.56
N ALA E 959 -11.76 5.09 5.23
CA ALA E 959 -11.71 6.14 6.23
C ALA E 959 -13.12 6.60 6.55
N ILE E 960 -13.23 7.59 7.44
CA ILE E 960 -14.54 8.09 7.83
C ILE E 960 -15.23 8.74 6.65
N SER E 961 -14.53 9.62 5.93
CA SER E 961 -15.13 10.34 4.82
C SER E 961 -14.09 10.63 3.78
N SER E 962 -14.54 10.77 2.53
CA SER E 962 -13.64 11.03 1.42
C SER E 962 -13.06 12.43 1.46
N VAL E 963 -13.91 13.44 1.68
CA VAL E 963 -13.44 14.82 1.63
C VAL E 963 -12.42 15.07 2.73
N LEU E 964 -11.29 15.65 2.36
CA LEU E 964 -10.21 15.88 3.32
C LEU E 964 -10.47 17.14 4.14
N ASN E 965 -11.72 17.29 4.56
CA ASN E 965 -12.12 18.34 5.49
C ASN E 965 -13.04 17.85 6.59
N ASP E 966 -13.75 16.74 6.40
CA ASP E 966 -14.58 16.16 7.43
C ASP E 966 -13.82 15.14 8.27
N ILE E 967 -12.55 14.92 7.99
CA ILE E 967 -11.64 14.28 8.92
C ILE E 967 -10.64 15.29 9.47
N LEU E 968 -10.88 16.57 9.25
CA LEU E 968 -10.13 17.65 9.88
C LEU E 968 -10.98 18.56 10.73
N SER E 969 -12.27 18.72 10.41
CA SER E 969 -13.14 19.57 11.20
C SER E 969 -13.72 18.87 12.42
N ARG E 970 -13.67 17.53 12.47
CA ARG E 970 -14.29 16.83 13.58
C ARG E 970 -13.43 15.71 14.15
N LEU E 971 -12.14 15.66 13.83
CA LEU E 971 -11.23 14.72 14.44
C LEU E 971 -10.01 15.46 15.00
N ASP E 972 -9.48 14.94 16.10
CA ASP E 972 -8.29 15.52 16.70
C ASP E 972 -7.07 15.27 15.81
N PRO E 973 -6.03 16.09 15.95
CA PRO E 973 -4.81 15.92 15.16
C PRO E 973 -4.28 14.49 15.20
N PRO E 974 -4.08 13.89 16.39
CA PRO E 974 -3.54 12.52 16.37
C PRO E 974 -4.55 11.50 15.88
N GLU E 975 -5.84 11.77 16.02
CA GLU E 975 -6.88 10.88 15.52
C GLU E 975 -7.12 11.03 14.03
N ALA E 976 -6.59 12.07 13.41
CA ALA E 976 -6.69 12.24 11.97
C ALA E 976 -5.42 11.84 11.23
N GLU E 977 -4.29 11.73 11.93
CA GLU E 977 -3.06 11.29 11.29
C GLU E 977 -3.22 9.89 10.72
N VAL E 978 -3.90 9.00 11.45
CA VAL E 978 -4.13 7.64 10.99
C VAL E 978 -5.29 7.54 10.01
N GLN E 979 -6.02 8.64 9.78
CA GLN E 979 -7.08 8.66 8.78
C GLN E 979 -6.63 9.29 7.48
N ILE E 980 -5.97 10.45 7.55
CA ILE E 980 -5.43 11.07 6.34
C ILE E 980 -4.43 10.13 5.67
N ASP E 981 -3.59 9.47 6.47
CA ASP E 981 -2.60 8.55 5.93
C ASP E 981 -3.24 7.37 5.23
N ARG E 982 -4.51 7.08 5.48
CA ARG E 982 -5.19 6.03 4.75
C ARG E 982 -5.89 6.53 3.49
N LEU E 983 -5.92 7.85 3.28
CA LEU E 983 -6.29 8.41 1.99
C LEU E 983 -5.09 8.67 1.10
N ILE E 984 -3.94 9.02 1.69
CA ILE E 984 -2.72 9.16 0.91
C ILE E 984 -2.34 7.82 0.30
N THR E 985 -2.41 6.75 1.07
CA THR E 985 -2.10 5.42 0.55
C THR E 985 -3.11 4.95 -0.47
N GLY E 986 -4.24 5.62 -0.60
CA GLY E 986 -5.23 5.21 -1.56
C GLY E 986 -5.22 6.08 -2.79
N ARG E 987 -5.08 7.39 -2.60
CA ARG E 987 -5.06 8.29 -3.74
C ARG E 987 -3.76 8.17 -4.51
N LEU E 988 -2.63 8.03 -3.81
CA LEU E 988 -1.35 7.86 -4.49
C LEU E 988 -1.27 6.52 -5.19
N GLN E 989 -1.96 5.51 -4.67
CA GLN E 989 -1.99 4.21 -5.31
C GLN E 989 -2.94 4.18 -6.50
N SER E 990 -3.75 5.22 -6.68
CA SER E 990 -4.60 5.36 -7.86
C SER E 990 -3.98 6.21 -8.96
N LEU E 991 -2.81 6.81 -8.74
CA LEU E 991 -2.03 7.37 -9.84
C LEU E 991 -1.12 6.33 -10.48
N GLN E 992 -0.36 5.60 -9.66
CA GLN E 992 0.54 4.61 -10.21
C GLN E 992 -0.19 3.56 -11.02
N THR E 993 -1.48 3.38 -10.77
CA THR E 993 -2.30 2.60 -11.69
C THR E 993 -2.49 3.35 -13.00
N TYR E 994 -2.66 4.67 -12.94
CA TYR E 994 -2.94 5.44 -14.14
C TYR E 994 -1.69 5.69 -14.95
N VAL E 995 -0.59 6.05 -14.30
CA VAL E 995 0.65 6.31 -15.03
C VAL E 995 1.16 5.03 -15.68
N THR E 996 0.99 3.89 -15.00
CA THR E 996 1.43 2.63 -15.58
C THR E 996 0.67 2.30 -16.85
N GLN E 997 -0.64 2.48 -16.85
CA GLN E 997 -1.41 2.21 -18.06
C GLN E 997 -1.08 3.18 -19.18
N GLN E 998 -0.85 4.44 -18.84
CA GLN E 998 -0.46 5.41 -19.87
C GLN E 998 0.91 5.13 -20.42
N LEU E 999 1.83 4.58 -19.62
CA LEU E 999 3.11 4.16 -20.15
C LEU E 999 2.96 2.99 -21.11
N ILE E 1000 2.07 2.06 -20.78
CA ILE E 1000 1.78 0.94 -21.67
C ILE E 1000 1.02 1.40 -22.91
N ARG E 1001 0.01 2.25 -22.71
CA ARG E 1001 -0.76 2.77 -23.83
C ARG E 1001 0.05 3.70 -24.72
N ALA E 1002 1.08 4.35 -24.20
CA ALA E 1002 1.95 5.16 -25.06
C ALA E 1002 2.88 4.28 -25.88
N ALA E 1003 3.12 3.05 -25.44
CA ALA E 1003 4.01 2.16 -26.17
C ALA E 1003 3.34 1.66 -27.45
N GLU E 1004 2.03 1.42 -27.40
CA GLU E 1004 1.36 0.94 -28.60
C GLU E 1004 1.13 2.05 -29.60
N ILE E 1005 1.03 3.29 -29.15
CA ILE E 1005 0.92 4.41 -30.09
C ILE E 1005 2.24 4.63 -30.82
N ARG E 1006 3.35 4.60 -30.08
CA ARG E 1006 4.66 4.74 -30.72
C ARG E 1006 4.95 3.58 -31.65
N ALA E 1007 4.36 2.42 -31.39
CA ALA E 1007 4.49 1.31 -32.32
C ALA E 1007 3.76 1.59 -33.63
N SER E 1008 2.56 2.18 -33.56
CA SER E 1008 1.82 2.51 -34.77
C SER E 1008 2.19 3.86 -35.34
N ALA E 1009 2.94 4.68 -34.62
CA ALA E 1009 3.50 5.89 -35.20
C ALA E 1009 4.82 5.64 -35.90
N ASN E 1010 5.30 4.39 -35.86
CA ASN E 1010 6.47 3.99 -36.63
C ASN E 1010 6.12 3.24 -37.90
N LEU E 1011 4.91 2.71 -38.03
CA LEU E 1011 4.42 2.35 -39.36
C LEU E 1011 4.12 3.58 -40.19
N ALA E 1012 3.40 4.55 -39.62
CA ALA E 1012 3.04 5.73 -40.37
C ALA E 1012 4.28 6.43 -40.91
N ALA E 1013 5.35 6.47 -40.12
CA ALA E 1013 6.59 7.04 -40.61
C ALA E 1013 7.23 6.15 -41.65
N THR E 1014 6.96 4.84 -41.60
CA THR E 1014 7.48 3.90 -42.58
C THR E 1014 6.57 3.79 -43.80
N LYS E 1015 5.26 3.85 -43.59
CA LYS E 1015 4.35 3.88 -44.73
C LYS E 1015 4.59 5.12 -45.57
N MET E 1016 4.80 6.26 -44.93
CA MET E 1016 5.03 7.49 -45.69
C MET E 1016 6.35 7.45 -46.43
N SER E 1017 7.39 6.89 -45.83
CA SER E 1017 8.67 6.83 -46.51
C SER E 1017 8.63 5.91 -47.72
N GLU E 1018 7.92 4.79 -47.62
CA GLU E 1018 8.03 3.73 -48.62
C GLU E 1018 6.84 3.69 -49.57
N CYS E 1019 5.64 4.03 -49.12
CA CYS E 1019 4.50 4.09 -50.01
C CYS E 1019 4.38 5.44 -50.71
N VAL E 1020 4.47 6.53 -49.96
CA VAL E 1020 4.24 7.87 -50.53
C VAL E 1020 5.46 8.39 -51.26
N LEU E 1021 6.64 8.28 -50.67
CA LEU E 1021 7.87 8.77 -51.28
C LEU E 1021 8.56 7.73 -52.14
N GLY E 1022 7.81 6.84 -52.76
CA GLY E 1022 8.40 5.80 -53.58
C GLY E 1022 7.33 4.82 -54.00
N GLN E 1023 7.77 3.72 -54.59
CA GLN E 1023 6.88 2.63 -54.98
C GLN E 1023 7.42 1.34 -54.39
N SER E 1024 6.59 0.63 -53.65
CA SER E 1024 7.04 -0.51 -52.87
C SER E 1024 6.64 -1.81 -53.55
N LYS E 1025 7.56 -2.77 -53.55
CA LYS E 1025 7.29 -4.13 -53.97
C LYS E 1025 6.77 -4.99 -52.85
N ARG E 1026 6.82 -4.51 -51.61
CA ARG E 1026 6.34 -5.29 -50.49
C ARG E 1026 4.86 -5.58 -50.65
N VAL E 1027 4.50 -6.86 -50.59
CA VAL E 1027 3.13 -7.27 -50.89
C VAL E 1027 2.23 -6.94 -49.73
N ASP E 1028 1.03 -6.42 -50.05
CA ASP E 1028 -0.01 -6.09 -49.09
C ASP E 1028 0.41 -5.03 -48.09
N PHE E 1029 1.55 -4.39 -48.31
CA PHE E 1029 1.98 -3.32 -47.40
C PHE E 1029 1.23 -2.04 -47.71
N CYS E 1030 1.34 -1.54 -48.93
CA CYS E 1030 0.67 -0.32 -49.35
C CYS E 1030 -0.64 -0.62 -50.08
N GLY E 1031 -1.50 -1.42 -49.47
CA GLY E 1031 -2.80 -1.72 -50.04
C GLY E 1031 -2.79 -2.97 -50.91
N LYS E 1032 -4.00 -3.47 -51.18
CA LYS E 1032 -4.16 -4.74 -51.88
C LYS E 1032 -4.06 -4.54 -53.38
N GLY E 1033 -3.23 -5.35 -54.03
CA GLY E 1033 -2.96 -5.23 -55.45
C GLY E 1033 -1.49 -5.01 -55.71
N TYR E 1034 -1.20 -4.29 -56.79
CA TYR E 1034 0.15 -3.87 -57.12
C TYR E 1034 0.23 -2.36 -56.91
N HIS E 1035 1.08 -1.94 -55.98
CA HIS E 1035 1.14 -0.54 -55.60
C HIS E 1035 1.56 0.33 -56.78
N LEU E 1036 0.89 1.47 -56.93
CA LEU E 1036 1.28 2.50 -57.88
C LEU E 1036 1.73 3.78 -57.19
N MET E 1037 0.90 4.34 -56.32
CA MET E 1037 1.24 5.60 -55.68
C MET E 1037 0.20 5.92 -54.62
N SER E 1038 0.62 6.60 -53.56
CA SER E 1038 -0.23 6.88 -52.40
C SER E 1038 -0.25 8.36 -52.10
N PHE E 1039 -1.29 8.79 -51.38
CA PHE E 1039 -1.50 10.17 -51.01
C PHE E 1039 -1.81 10.28 -49.51
N PRO E 1040 -1.12 11.15 -48.78
CA PRO E 1040 -1.42 11.30 -47.35
C PRO E 1040 -2.55 12.27 -47.11
N GLN E 1041 -3.29 12.03 -46.03
CA GLN E 1041 -4.30 12.95 -45.55
C GLN E 1041 -4.24 12.98 -44.04
N SER E 1042 -4.39 14.17 -43.46
CA SER E 1042 -4.30 14.24 -42.01
C SER E 1042 -5.64 13.88 -41.37
N ALA E 1043 -5.59 13.72 -40.06
CA ALA E 1043 -6.73 13.36 -39.23
C ALA E 1043 -6.41 13.81 -37.82
N PRO E 1044 -7.41 13.93 -36.95
CA PRO E 1044 -7.17 14.63 -35.67
C PRO E 1044 -6.02 14.07 -34.85
N HIS E 1045 -5.83 12.75 -34.78
CA HIS E 1045 -4.64 12.22 -34.12
C HIS E 1045 -4.05 11.09 -34.92
N GLY E 1046 -3.99 11.24 -36.24
CA GLY E 1046 -3.46 10.16 -37.06
C GLY E 1046 -3.14 10.59 -38.46
N VAL E 1047 -3.25 9.67 -39.41
CA VAL E 1047 -2.98 9.96 -40.81
C VAL E 1047 -3.73 8.93 -41.65
N VAL E 1048 -4.12 9.33 -42.85
CA VAL E 1048 -4.90 8.48 -43.75
C VAL E 1048 -4.20 8.42 -45.10
N PHE E 1049 -4.01 7.22 -45.62
CA PHE E 1049 -3.35 7.00 -46.89
C PHE E 1049 -4.37 6.50 -47.91
N LEU E 1050 -4.25 6.96 -49.14
CA LEU E 1050 -5.14 6.54 -50.22
C LEU E 1050 -4.32 5.73 -51.23
N HIS E 1051 -4.24 4.43 -51.02
CA HIS E 1051 -3.36 3.60 -51.82
C HIS E 1051 -3.97 3.28 -53.18
N VAL E 1052 -3.24 3.57 -54.25
CA VAL E 1052 -3.70 3.34 -55.61
C VAL E 1052 -2.98 2.11 -56.17
N THR E 1053 -3.72 1.15 -56.71
CA THR E 1053 -3.20 -0.18 -57.01
C THR E 1053 -3.71 -0.67 -58.36
N TYR E 1054 -3.21 -1.83 -58.78
CA TYR E 1054 -3.87 -2.68 -59.77
C TYR E 1054 -4.51 -3.94 -59.22
N VAL E 1055 -5.72 -4.18 -59.68
CA VAL E 1055 -6.40 -5.46 -59.58
C VAL E 1055 -6.73 -5.92 -60.98
N PRO E 1056 -5.85 -6.70 -61.61
CA PRO E 1056 -6.11 -7.12 -62.99
C PRO E 1056 -7.41 -7.90 -63.10
N ALA E 1057 -8.14 -7.67 -64.18
CA ALA E 1057 -9.50 -8.18 -64.31
C ALA E 1057 -9.73 -8.75 -65.70
N GLN E 1058 -10.81 -9.52 -65.81
CA GLN E 1058 -11.20 -10.16 -67.07
C GLN E 1058 -10.09 -11.04 -67.62
N GLU E 1059 -9.76 -12.08 -66.85
CA GLU E 1059 -8.70 -13.00 -67.26
C GLU E 1059 -9.22 -13.99 -68.29
N LYS E 1060 -8.51 -14.09 -69.41
CA LYS E 1060 -8.79 -15.12 -70.39
C LYS E 1060 -8.03 -16.37 -69.98
N ASN E 1061 -7.91 -17.32 -70.88
CA ASN E 1061 -7.58 -18.68 -70.48
C ASN E 1061 -7.08 -19.48 -71.67
N PHE E 1062 -5.80 -19.82 -71.65
CA PHE E 1062 -5.08 -20.35 -72.81
C PHE E 1062 -4.33 -21.63 -72.47
N THR E 1063 -3.47 -22.07 -73.40
CA THR E 1063 -2.56 -23.17 -73.17
C THR E 1063 -1.13 -22.68 -73.40
N THR E 1064 -0.19 -23.16 -72.61
CA THR E 1064 1.18 -22.68 -72.66
C THR E 1064 2.17 -23.80 -72.91
N ALA E 1065 3.38 -23.39 -73.27
CA ALA E 1065 4.55 -24.25 -73.37
C ALA E 1065 5.70 -23.57 -72.68
N PRO E 1066 6.60 -24.33 -72.07
CA PRO E 1066 7.78 -23.70 -71.47
C PRO E 1066 8.74 -23.13 -72.49
N ALA E 1067 8.95 -23.83 -73.60
CA ALA E 1067 9.90 -23.40 -74.61
C ALA E 1067 9.36 -23.80 -75.98
N ILE E 1068 10.11 -23.44 -77.01
CA ILE E 1068 9.73 -23.68 -78.40
C ILE E 1068 10.91 -24.33 -79.11
N CYS E 1069 10.66 -25.44 -79.79
CA CYS E 1069 11.67 -26.11 -80.60
C CYS E 1069 11.60 -25.61 -82.04
N HIS E 1070 12.74 -25.16 -82.55
CA HIS E 1070 12.85 -24.78 -83.95
C HIS E 1070 14.28 -25.01 -84.37
N ASP E 1071 14.46 -25.72 -85.49
CA ASP E 1071 15.78 -26.05 -86.02
C ASP E 1071 16.60 -26.86 -85.01
N GLY E 1072 15.91 -27.59 -84.14
CA GLY E 1072 16.60 -28.39 -83.13
C GLY E 1072 17.18 -27.59 -81.99
N LYS E 1073 16.70 -26.38 -81.74
CA LYS E 1073 17.21 -25.52 -80.69
C LYS E 1073 16.06 -25.03 -79.83
N ALA E 1074 16.26 -25.00 -78.52
CA ALA E 1074 15.20 -24.63 -77.60
C ALA E 1074 15.20 -23.12 -77.37
N HIS E 1075 14.06 -22.49 -77.59
CA HIS E 1075 13.89 -21.05 -77.44
C HIS E 1075 13.04 -20.75 -76.22
N PHE E 1076 13.52 -19.86 -75.38
CA PHE E 1076 12.80 -19.42 -74.19
C PHE E 1076 12.38 -17.97 -74.33
N PRO E 1077 11.27 -17.56 -73.73
CA PRO E 1077 10.87 -16.16 -73.85
C PRO E 1077 11.78 -15.26 -73.03
N ARG E 1078 11.99 -14.05 -73.53
CA ARG E 1078 12.83 -13.12 -72.79
C ARG E 1078 12.09 -12.52 -71.61
N GLU E 1079 10.94 -11.90 -71.85
CA GLU E 1079 10.05 -11.47 -70.78
C GLU E 1079 8.63 -11.83 -71.21
N GLY E 1080 8.05 -12.82 -70.57
CA GLY E 1080 6.69 -13.19 -70.90
C GLY E 1080 6.56 -14.67 -71.03
N VAL E 1081 5.46 -15.10 -71.65
CA VAL E 1081 5.14 -16.51 -71.78
C VAL E 1081 4.74 -16.81 -73.22
N PHE E 1082 4.84 -18.07 -73.58
CA PHE E 1082 4.31 -18.58 -74.82
C PHE E 1082 2.84 -18.95 -74.62
N VAL E 1083 1.98 -18.40 -75.46
CA VAL E 1083 0.54 -18.58 -75.35
C VAL E 1083 0.01 -18.95 -76.72
N SER E 1084 -0.85 -19.96 -76.77
CA SER E 1084 -1.53 -20.35 -77.99
C SER E 1084 -3.02 -20.38 -77.75
N ASN E 1085 -3.78 -19.87 -78.71
CA ASN E 1085 -5.23 -19.84 -78.61
C ASN E 1085 -5.88 -20.97 -79.40
N GLY E 1086 -5.10 -21.96 -79.84
CA GLY E 1086 -5.60 -23.10 -80.57
C GLY E 1086 -4.86 -23.37 -81.86
N THR E 1087 -4.45 -22.34 -82.57
CA THR E 1087 -3.77 -22.51 -83.85
C THR E 1087 -2.39 -21.89 -83.90
N HIS E 1088 -2.21 -20.69 -83.35
CA HIS E 1088 -0.95 -19.99 -83.44
C HIS E 1088 -0.40 -19.75 -82.03
N TRP E 1089 0.90 -19.59 -81.95
CA TRP E 1089 1.59 -19.31 -80.70
C TRP E 1089 2.10 -17.89 -80.69
N PHE E 1090 1.94 -17.22 -79.55
CA PHE E 1090 2.33 -15.83 -79.41
C PHE E 1090 3.07 -15.65 -78.09
N VAL E 1091 3.86 -14.59 -78.02
CA VAL E 1091 4.59 -14.22 -76.82
C VAL E 1091 3.92 -13.01 -76.21
N THR E 1092 3.37 -13.16 -75.02
CA THR E 1092 2.68 -12.09 -74.33
C THR E 1092 3.39 -11.81 -73.01
N GLN E 1093 3.36 -10.56 -72.57
CA GLN E 1093 3.84 -10.26 -71.24
C GLN E 1093 2.88 -10.85 -70.20
N ARG E 1094 3.40 -11.10 -69.01
CA ARG E 1094 2.67 -11.92 -68.05
C ARG E 1094 1.40 -11.23 -67.55
N ASN E 1095 1.47 -9.93 -67.27
CA ASN E 1095 0.40 -9.25 -66.55
C ASN E 1095 -0.70 -8.69 -67.44
N PHE E 1096 -0.54 -8.71 -68.75
CA PHE E 1096 -1.52 -8.11 -69.65
C PHE E 1096 -1.46 -8.84 -70.97
N TYR E 1097 -2.62 -9.16 -71.53
CA TYR E 1097 -2.66 -9.95 -72.75
C TYR E 1097 -2.41 -9.04 -73.94
N GLU E 1098 -1.16 -9.01 -74.42
CA GLU E 1098 -0.78 -8.26 -75.61
C GLU E 1098 0.04 -9.18 -76.50
N PRO E 1099 -0.62 -10.00 -77.32
CA PRO E 1099 0.10 -11.05 -78.05
C PRO E 1099 0.98 -10.48 -79.14
N GLN E 1100 2.07 -11.19 -79.42
CA GLN E 1100 3.01 -10.80 -80.44
C GLN E 1100 3.61 -12.04 -81.08
N ILE E 1101 4.10 -11.86 -82.30
CA ILE E 1101 4.66 -12.96 -83.07
C ILE E 1101 5.96 -13.42 -82.41
N ILE E 1102 6.15 -14.73 -82.34
CA ILE E 1102 7.40 -15.28 -81.82
C ILE E 1102 8.50 -15.01 -82.83
N THR E 1103 9.53 -14.27 -82.42
CA THR E 1103 10.68 -14.06 -83.28
C THR E 1103 11.98 -14.34 -82.54
N THR E 1104 13.10 -14.09 -83.19
CA THR E 1104 14.40 -14.21 -82.53
C THR E 1104 14.77 -12.96 -81.76
N ASP E 1105 13.89 -11.96 -81.74
CA ASP E 1105 14.16 -10.73 -81.02
C ASP E 1105 13.70 -10.77 -79.59
N ASN E 1106 12.68 -11.56 -79.27
CA ASN E 1106 12.13 -11.65 -77.92
C ASN E 1106 12.27 -13.05 -77.33
N THR E 1107 13.07 -13.92 -77.94
CA THR E 1107 13.41 -15.22 -77.37
C THR E 1107 14.91 -15.41 -77.44
N PHE E 1108 15.45 -16.17 -76.51
CA PHE E 1108 16.88 -16.48 -76.52
C PHE E 1108 17.09 -17.99 -76.58
N VAL E 1109 18.07 -18.40 -77.37
CA VAL E 1109 18.34 -19.81 -77.60
C VAL E 1109 19.30 -20.31 -76.52
N SER E 1110 19.03 -21.50 -76.00
CA SER E 1110 19.92 -22.10 -75.02
C SER E 1110 19.71 -23.61 -75.01
N GLY E 1111 20.57 -24.34 -75.69
CA GLY E 1111 20.55 -25.78 -75.61
C GLY E 1111 19.85 -26.49 -76.76
N ASN E 1112 19.28 -27.66 -76.48
CA ASN E 1112 18.66 -28.50 -77.47
C ASN E 1112 17.24 -28.84 -77.03
N CYS E 1113 16.50 -29.47 -77.93
CA CYS E 1113 15.10 -29.82 -77.67
C CYS E 1113 14.96 -31.22 -77.11
N ASP E 1114 15.76 -31.56 -76.10
CA ASP E 1114 15.75 -32.93 -75.59
C ASP E 1114 15.71 -33.04 -74.09
N VAL E 1115 16.03 -31.98 -73.34
CA VAL E 1115 16.08 -32.05 -71.89
C VAL E 1115 14.85 -31.40 -71.25
N VAL E 1116 14.29 -30.38 -71.89
CA VAL E 1116 13.08 -29.74 -71.39
C VAL E 1116 11.90 -30.66 -71.65
N ILE E 1117 11.00 -30.76 -70.67
CA ILE E 1117 9.77 -31.52 -70.84
C ILE E 1117 8.63 -30.52 -71.04
N GLY E 1118 7.84 -30.74 -72.07
CA GLY E 1118 6.77 -29.84 -72.42
C GLY E 1118 7.02 -28.96 -73.61
N ILE E 1119 8.14 -29.12 -74.31
CA ILE E 1119 8.38 -28.34 -75.52
C ILE E 1119 7.32 -28.66 -76.56
N VAL E 1120 6.86 -27.63 -77.26
CA VAL E 1120 6.04 -27.81 -78.44
C VAL E 1120 6.82 -27.30 -79.64
N ASN E 1121 6.50 -27.86 -80.81
CA ASN E 1121 7.18 -27.49 -82.04
C ASN E 1121 6.50 -26.27 -82.65
N ASN E 1122 7.31 -25.28 -83.04
CA ASN E 1122 6.78 -24.12 -83.74
C ASN E 1122 7.92 -23.38 -84.41
N THR E 1123 7.57 -22.62 -85.44
CA THR E 1123 8.54 -21.81 -86.16
C THR E 1123 8.80 -20.50 -85.42
N VAL E 1124 10.04 -20.04 -85.51
CA VAL E 1124 10.48 -18.79 -84.89
C VAL E 1124 10.97 -17.89 -86.02
N TYR E 1125 10.19 -16.87 -86.34
CA TYR E 1125 10.48 -16.06 -87.52
C TYR E 1125 11.68 -15.16 -87.29
N ASP E 1126 12.61 -15.19 -88.24
CA ASP E 1126 13.79 -14.33 -88.21
C ASP E 1126 13.47 -13.01 -88.90
N PRO E 1127 13.69 -11.87 -88.24
CA PRO E 1127 13.37 -10.58 -88.88
C PRO E 1127 14.38 -10.15 -89.93
N LEU E 1128 15.38 -10.96 -90.22
CA LEU E 1128 16.43 -10.59 -91.17
C LEU E 1128 16.33 -11.32 -92.50
N GLN E 1129 15.77 -12.53 -92.51
CA GLN E 1129 15.64 -13.27 -93.76
C GLN E 1129 14.79 -12.55 -94.80
N PRO E 1130 13.59 -12.03 -94.50
CA PRO E 1130 12.81 -11.36 -95.55
C PRO E 1130 13.36 -9.99 -95.88
N GLU E 1131 14.01 -9.34 -94.92
CA GLU E 1131 14.61 -8.04 -95.17
C GLU E 1131 15.72 -8.14 -96.21
N LEU E 1132 16.53 -9.19 -96.13
CA LEU E 1132 17.54 -9.44 -97.14
C LEU E 1132 16.96 -10.07 -98.40
N ASP E 1133 15.74 -10.60 -98.34
CA ASP E 1133 15.13 -11.25 -99.49
C ASP E 1133 13.84 -10.55 -99.90
N VAL F 2 0.79 -34.09 46.37
CA VAL F 2 0.13 -34.87 47.41
C VAL F 2 0.92 -36.15 47.68
N GLN F 3 1.67 -36.15 48.78
CA GLN F 3 2.55 -37.27 49.09
C GLN F 3 1.74 -38.53 49.42
N LEU F 4 0.78 -38.43 50.32
CA LEU F 4 0.02 -39.58 50.80
C LEU F 4 -1.45 -39.38 50.50
N VAL F 5 -2.10 -40.42 49.97
CA VAL F 5 -3.52 -40.41 49.68
C VAL F 5 -4.17 -41.61 50.36
N GLU F 6 -5.31 -41.39 51.01
CA GLU F 6 -6.04 -42.44 51.69
C GLU F 6 -7.11 -42.99 50.76
N SER F 7 -7.16 -44.31 50.62
CA SER F 7 -8.07 -44.98 49.71
C SER F 7 -9.10 -45.80 50.49
N GLY F 8 -10.30 -45.87 49.94
CA GLY F 8 -11.35 -46.68 50.52
C GLY F 8 -11.99 -46.05 51.73
N GLY F 9 -12.84 -46.84 52.38
CA GLY F 9 -13.59 -46.38 53.54
C GLY F 9 -14.96 -45.86 53.19
N GLY F 10 -15.68 -45.47 54.23
CA GLY F 10 -17.02 -44.95 54.08
C GLY F 10 -17.81 -45.17 55.36
N LEU F 11 -19.08 -44.79 55.30
CA LEU F 11 -19.97 -45.00 56.44
C LEU F 11 -20.13 -46.48 56.72
N VAL F 12 -20.15 -46.83 58.01
CA VAL F 12 -20.22 -48.22 58.45
C VAL F 12 -21.49 -48.41 59.26
N GLN F 13 -22.25 -49.45 58.92
CA GLN F 13 -23.40 -49.87 59.71
C GLN F 13 -22.91 -50.59 60.96
N PRO F 14 -23.51 -50.32 62.13
CA PRO F 14 -23.14 -51.08 63.32
C PRO F 14 -23.35 -52.57 63.12
N GLY F 15 -22.39 -53.36 63.55
CA GLY F 15 -22.37 -54.78 63.25
C GLY F 15 -21.79 -55.12 61.90
N GLY F 16 -21.25 -54.15 61.16
CA GLY F 16 -20.62 -54.39 59.89
C GLY F 16 -19.10 -54.34 59.97
N SER F 17 -18.47 -54.53 58.82
CA SER F 17 -17.02 -54.54 58.72
C SER F 17 -16.60 -53.73 57.50
N LEU F 18 -15.35 -53.24 57.54
CA LEU F 18 -14.83 -52.44 56.44
C LEU F 18 -13.32 -52.60 56.37
N ARG F 19 -12.77 -52.24 55.22
CA ARG F 19 -11.34 -52.30 54.94
C ARG F 19 -10.86 -50.90 54.55
N LEU F 20 -9.66 -50.56 55.01
CA LEU F 20 -9.05 -49.27 54.73
C LEU F 20 -7.89 -49.43 53.76
N SER F 21 -7.36 -48.30 53.30
CA SER F 21 -6.21 -48.30 52.41
C SER F 21 -5.52 -46.94 52.48
N CYS F 22 -4.23 -46.92 52.15
CA CYS F 22 -3.46 -45.68 52.15
C CYS F 22 -2.29 -45.84 51.19
N ALA F 23 -2.44 -45.31 49.97
CA ALA F 23 -1.37 -45.39 48.99
C ALA F 23 -0.18 -44.56 49.46
N ALA F 24 1.02 -45.11 49.28
CA ALA F 24 2.25 -44.51 49.77
C ALA F 24 3.07 -43.98 48.61
N SER F 25 3.66 -42.79 48.81
CA SER F 25 4.49 -42.20 47.76
C SER F 25 5.77 -43.00 47.55
N ASP F 26 6.40 -43.45 48.62
CA ASP F 26 7.65 -44.21 48.48
C ASP F 26 7.87 -45.04 49.74
N SER F 27 8.78 -46.02 49.60
CA SER F 27 9.26 -46.78 50.75
C SER F 27 10.24 -45.98 51.61
N SER F 28 10.78 -44.87 51.09
CA SER F 28 11.75 -44.08 51.84
C SER F 28 11.08 -43.24 52.92
N PHE F 29 9.84 -42.80 52.70
CA PHE F 29 9.14 -41.99 53.69
C PHE F 29 8.65 -42.79 54.90
N TYR F 30 8.79 -44.12 54.87
CA TYR F 30 8.35 -44.94 56.00
C TYR F 30 9.22 -44.77 57.23
N ASP F 31 10.36 -44.10 57.13
CA ASP F 31 11.35 -44.01 58.20
C ASP F 31 10.90 -43.00 59.25
N TYR F 32 10.58 -43.48 60.45
CA TYR F 32 10.62 -44.90 60.76
C TYR F 32 9.32 -45.38 61.41
N GLU F 33 8.25 -44.60 61.28
CA GLU F 33 6.98 -44.95 61.91
C GLU F 33 5.84 -44.23 61.18
N MET F 34 5.02 -44.98 60.47
CA MET F 34 3.81 -44.45 59.86
C MET F 34 2.68 -44.46 60.89
N SER F 35 1.45 -44.16 60.44
CA SER F 35 0.35 -44.01 61.38
C SER F 35 -0.98 -44.26 60.70
N TRP F 36 -1.78 -45.16 61.28
CA TRP F 36 -3.21 -45.28 60.95
C TRP F 36 -4.00 -44.62 62.07
N VAL F 37 -3.95 -43.28 62.09
CA VAL F 37 -4.48 -42.53 63.22
C VAL F 37 -5.96 -42.25 63.03
N ARG F 38 -6.68 -42.26 64.14
CA ARG F 38 -8.09 -41.90 64.21
C ARG F 38 -8.27 -40.90 65.34
N GLN F 39 -9.53 -40.49 65.59
CA GLN F 39 -9.86 -39.58 66.68
C GLN F 39 -11.05 -40.17 67.45
N ALA F 40 -10.77 -41.10 68.35
CA ALA F 40 -11.82 -41.74 69.12
C ALA F 40 -12.43 -40.76 70.12
N PRO F 41 -13.73 -40.89 70.41
CA PRO F 41 -14.38 -39.93 71.30
C PRO F 41 -13.93 -40.07 72.75
N GLY F 42 -13.13 -39.12 73.23
CA GLY F 42 -12.65 -39.14 74.59
C GLY F 42 -11.39 -39.98 74.77
N LYS F 43 -11.28 -41.05 73.99
CA LYS F 43 -10.09 -41.91 74.06
C LYS F 43 -8.88 -41.18 73.52
N ALA F 44 -7.73 -41.39 74.17
CA ALA F 44 -6.50 -40.70 73.79
C ALA F 44 -6.00 -41.22 72.44
N GLN F 45 -5.06 -40.47 71.87
CA GLN F 45 -4.49 -40.82 70.57
C GLN F 45 -3.55 -42.01 70.74
N GLU F 46 -4.04 -43.20 70.40
CA GLU F 46 -3.26 -44.43 70.49
C GLU F 46 -3.01 -44.94 69.08
N TRP F 47 -1.73 -45.17 68.77
CA TRP F 47 -1.37 -45.63 67.44
C TRP F 47 -1.87 -47.05 67.20
N ILE F 48 -2.32 -47.31 65.98
CA ILE F 48 -2.93 -48.58 65.62
C ILE F 48 -2.10 -49.25 64.53
N GLY F 49 -1.93 -48.56 63.41
CA GLY F 49 -1.13 -49.08 62.32
C GLY F 49 0.19 -48.34 62.15
N SER F 50 1.29 -49.07 62.26
CA SER F 50 2.61 -48.49 62.07
C SER F 50 3.50 -49.58 61.47
N MET F 51 4.55 -49.13 60.79
CA MET F 51 5.41 -50.05 60.05
C MET F 51 6.73 -49.34 59.74
N TYR F 52 7.65 -50.08 59.16
CA TYR F 52 9.03 -49.64 58.97
C TYR F 52 9.43 -49.74 57.50
N PRO F 53 10.36 -48.89 57.05
CA PRO F 53 10.79 -48.96 55.65
C PRO F 53 11.42 -50.28 55.25
N SER F 54 12.14 -50.93 56.16
CA SER F 54 12.75 -52.21 55.84
C SER F 54 11.75 -53.36 55.89
N GLY F 55 10.55 -53.12 56.40
CA GLY F 55 9.51 -54.13 56.38
C GLY F 55 9.21 -54.78 57.72
N ARG F 56 9.28 -54.01 58.80
CA ARG F 56 8.98 -54.50 60.13
C ARG F 56 7.56 -54.10 60.52
N THR F 57 7.08 -54.67 61.62
CA THR F 57 5.72 -54.38 62.09
C THR F 57 5.61 -54.69 63.58
N TYR F 58 5.19 -53.69 64.34
CA TYR F 58 4.86 -53.85 65.75
C TYR F 58 3.53 -53.19 66.03
N ILE F 59 2.69 -53.86 66.82
CA ILE F 59 1.33 -53.41 67.11
C ILE F 59 1.14 -53.41 68.62
N ASN F 60 0.28 -52.53 69.11
CA ASN F 60 0.00 -52.45 70.54
C ASN F 60 -0.65 -53.75 71.01
N PRO F 61 -0.12 -54.39 72.06
CA PRO F 61 -0.67 -55.70 72.46
C PRO F 61 -2.13 -55.66 72.88
N SER F 62 -2.60 -54.58 73.50
CA SER F 62 -3.94 -54.54 74.06
C SER F 62 -5.00 -54.11 73.06
N LEU F 63 -4.62 -53.64 71.87
CA LEU F 63 -5.59 -53.18 70.88
C LEU F 63 -5.42 -53.88 69.53
N LYS F 64 -4.80 -55.05 69.50
CA LYS F 64 -4.54 -55.76 68.26
C LYS F 64 -5.49 -56.92 68.01
N SER F 65 -6.61 -56.97 68.71
CA SER F 65 -7.62 -58.00 68.48
C SER F 65 -8.61 -57.61 67.40
N LEU F 66 -8.39 -56.50 66.71
CA LEU F 66 -9.33 -55.98 65.72
C LEU F 66 -8.69 -55.59 64.40
N VAL F 67 -7.37 -55.39 64.35
CA VAL F 67 -6.70 -54.72 63.24
C VAL F 67 -5.67 -55.66 62.62
N THR F 68 -5.66 -55.71 61.29
CA THR F 68 -4.68 -56.49 60.53
C THR F 68 -4.07 -55.60 59.45
N ILE F 69 -2.81 -55.90 59.08
CA ILE F 69 -2.04 -55.04 58.18
C ILE F 69 -1.39 -55.90 57.10
N SER F 70 -1.36 -55.38 55.87
CA SER F 70 -0.66 -56.02 54.77
C SER F 70 -0.24 -54.95 53.77
N ARG F 71 0.69 -55.32 52.88
CA ARG F 71 1.18 -54.40 51.85
C ARG F 71 1.40 -55.11 50.53
N ASP F 72 1.41 -54.32 49.45
CA ASP F 72 1.94 -54.73 48.15
C ASP F 72 2.90 -53.66 47.67
N ASN F 73 3.99 -54.10 47.04
CA ASN F 73 5.06 -53.20 46.61
C ASN F 73 4.92 -52.72 45.18
N SER F 74 3.96 -53.25 44.42
CA SER F 74 3.79 -52.84 43.03
C SER F 74 3.17 -51.45 42.94
N LYS F 75 1.97 -51.29 43.47
CA LYS F 75 1.28 -50.01 43.51
C LYS F 75 1.63 -49.19 44.75
N ASN F 76 2.41 -49.75 45.67
CA ASN F 76 2.64 -49.16 46.99
C ASN F 76 1.32 -48.84 47.68
N THR F 77 0.35 -49.74 47.54
CA THR F 77 -0.92 -49.62 48.22
C THR F 77 -0.84 -50.28 49.59
N LEU F 78 -1.66 -49.80 50.51
CA LEU F 78 -1.68 -50.29 51.88
C LEU F 78 -3.00 -50.98 52.19
N TYR F 79 -2.94 -52.04 52.97
CA TYR F 79 -4.13 -52.78 53.37
C TYR F 79 -4.29 -52.70 54.89
N LEU F 80 -5.46 -52.25 55.35
CA LEU F 80 -5.82 -52.28 56.76
C LEU F 80 -7.14 -53.02 56.83
N GLN F 81 -7.08 -54.34 56.90
CA GLN F 81 -8.27 -55.18 56.91
C GLN F 81 -8.82 -55.24 58.33
N LEU F 82 -9.98 -54.64 58.54
CA LEU F 82 -10.59 -54.52 59.86
C LEU F 82 -11.81 -55.43 59.97
N ASN F 83 -12.09 -55.88 61.20
CA ASN F 83 -13.24 -56.73 61.48
C ASN F 83 -13.96 -56.23 62.72
N SER F 84 -15.30 -56.32 62.69
CA SER F 84 -16.15 -56.00 63.84
C SER F 84 -15.96 -54.55 64.29
N LEU F 85 -16.31 -53.62 63.40
CA LEU F 85 -16.23 -52.21 63.73
C LEU F 85 -17.30 -51.82 64.74
N ARG F 86 -16.95 -50.93 65.66
CA ARG F 86 -17.84 -50.54 66.75
C ARG F 86 -17.82 -49.01 66.86
N ALA F 87 -18.36 -48.50 67.98
CA ALA F 87 -18.57 -47.07 68.13
C ALA F 87 -17.30 -46.32 68.55
N GLU F 88 -16.20 -47.03 68.80
CA GLU F 88 -14.96 -46.39 69.24
C GLU F 88 -14.15 -45.79 68.10
N ASP F 89 -14.77 -45.53 66.96
CA ASP F 89 -14.08 -44.94 65.81
C ASP F 89 -14.76 -43.68 65.30
N THR F 90 -15.58 -43.01 66.12
CA THR F 90 -16.49 -41.97 65.64
C THR F 90 -15.70 -40.74 65.23
N ALA F 91 -15.05 -40.84 64.07
CA ALA F 91 -14.29 -39.76 63.48
C ALA F 91 -13.86 -40.16 62.08
N MET F 92 -13.16 -39.24 61.41
CA MET F 92 -12.57 -39.47 60.10
C MET F 92 -11.06 -39.66 60.26
N TYR F 93 -10.53 -40.70 59.63
CA TYR F 93 -9.18 -41.15 59.89
C TYR F 93 -8.16 -40.29 59.14
N TYR F 94 -6.89 -40.61 59.35
CA TYR F 94 -5.78 -40.00 58.65
C TYR F 94 -4.68 -41.04 58.52
N CYS F 95 -3.98 -41.03 57.39
CA CYS F 95 -2.79 -41.85 57.19
C CYS F 95 -1.66 -40.88 56.83
N VAL F 96 -0.96 -40.42 57.85
CA VAL F 96 0.03 -39.36 57.71
C VAL F 96 1.39 -39.88 58.17
N SER F 97 2.43 -39.60 57.40
CA SER F 97 3.79 -39.97 57.77
C SER F 97 4.33 -39.04 58.84
N ASN F 98 5.22 -39.58 59.68
CA ASN F 98 5.85 -38.82 60.76
C ASN F 98 4.82 -38.17 61.68
N TRP F 99 3.75 -38.92 61.99
CA TRP F 99 2.72 -38.41 62.89
C TRP F 99 3.25 -38.25 64.31
N ALA F 100 4.10 -39.16 64.75
CA ALA F 100 4.57 -39.15 66.14
C ALA F 100 5.45 -37.94 66.46
N SER F 101 5.96 -37.23 65.46
CA SER F 101 6.79 -36.06 65.67
C SER F 101 5.99 -34.76 65.76
N GLY F 102 4.74 -34.84 66.22
CA GLY F 102 3.89 -33.67 66.35
C GLY F 102 2.87 -33.56 65.25
N SER F 103 2.38 -32.34 64.99
CA SER F 103 1.42 -32.09 63.92
C SER F 103 1.87 -30.98 62.99
N THR F 104 3.18 -30.75 62.89
CA THR F 104 3.73 -29.72 62.00
C THR F 104 4.81 -30.23 61.05
N GLY F 105 5.42 -31.37 61.33
CA GLY F 105 6.42 -31.94 60.44
C GLY F 105 5.89 -33.05 59.58
N ASP F 106 4.71 -32.86 59.01
CA ASP F 106 4.03 -33.91 58.26
C ASP F 106 3.18 -33.30 57.16
N TYR F 107 2.82 -34.12 56.18
CA TYR F 107 1.90 -33.72 55.13
C TYR F 107 0.57 -34.44 55.31
N TRP F 108 -0.52 -33.68 55.28
CA TRP F 108 -1.86 -34.21 55.46
C TRP F 108 -2.50 -34.47 54.09
N GLY F 109 -3.03 -35.68 53.92
CA GLY F 109 -3.66 -36.07 52.67
C GLY F 109 -5.15 -35.81 52.65
N GLN F 110 -5.94 -36.88 52.57
CA GLN F 110 -7.40 -36.77 52.53
C GLN F 110 -8.06 -37.40 53.74
N GLY F 111 -7.82 -38.69 53.99
CA GLY F 111 -8.43 -39.37 55.11
C GLY F 111 -9.82 -39.89 54.80
N THR F 112 -10.28 -40.80 55.66
CA THR F 112 -11.56 -41.47 55.43
C THR F 112 -12.34 -41.54 56.73
N LEU F 113 -13.67 -41.63 56.60
CA LEU F 113 -14.58 -41.63 57.73
C LEU F 113 -15.07 -43.04 58.02
N VAL F 114 -14.95 -43.45 59.27
CA VAL F 114 -15.47 -44.75 59.72
C VAL F 114 -16.22 -44.56 61.03
N THR F 115 -17.54 -44.44 60.95
CA THR F 115 -18.37 -44.20 62.13
C THR F 115 -19.57 -45.12 62.12
N VAL F 116 -20.03 -45.47 63.32
CA VAL F 116 -21.30 -46.18 63.51
C VAL F 116 -22.07 -45.48 64.62
N SER F 117 -23.34 -45.85 64.75
CA SER F 117 -24.19 -45.27 65.80
C SER F 117 -23.78 -45.76 67.18
C1 NAG G . -2.32 -47.27 -3.99
C2 NAG G . -3.07 -47.33 -5.32
C3 NAG G . -2.17 -47.38 -6.49
C4 NAG G . -1.09 -48.39 -6.34
C5 NAG G . -0.30 -48.19 -5.04
C6 NAG G . 1.14 -47.84 -5.39
C7 NAG G . -4.40 -49.70 -4.80
C8 NAG G . -3.49 -50.37 -3.77
N2 NAG G . -4.17 -48.39 -5.45
O3 NAG G . -1.57 -46.07 -6.70
O4 NAG G . -1.68 -49.69 -6.37
O5 NAG G . -0.84 -47.12 -4.19
O6 NAG G . 1.30 -47.79 -6.81
O7 NAG G . -5.36 -50.31 -5.12
C1 NAG G . -2.03 -50.04 -7.73
C2 NAG G . -1.88 -51.55 -7.89
C3 NAG G . -2.50 -52.12 -9.13
C4 NAG G . -3.75 -51.45 -9.61
C5 NAG G . -3.70 -49.93 -9.48
C6 NAG G . -5.05 -49.34 -9.83
C7 NAG G . 0.44 -51.76 -6.75
C8 NAG G . 1.92 -52.10 -6.83
N2 NAG G . -0.40 -51.87 -7.94
O3 NAG G . -2.80 -53.51 -8.88
O4 NAG G . -3.93 -51.77 -10.99
O5 NAG G . -3.40 -49.58 -8.10
O6 NAG G . -5.41 -48.40 -8.82
O7 NAG G . -0.03 -51.40 -5.71
C1 NAG H . 45.25 -3.77 -76.80
C2 NAG H . 46.65 -3.49 -76.28
C3 NAG H . 47.06 -2.11 -76.58
C4 NAG H . 47.05 -1.85 -78.05
C5 NAG H . 45.74 -2.27 -78.73
C6 NAG H . 45.99 -2.37 -80.23
C7 NAG H . 47.11 -5.02 -74.28
C8 NAG H . 47.16 -5.27 -72.78
N2 NAG H . 46.68 -3.70 -74.79
O3 NAG H . 48.38 -1.94 -76.04
O4 NAG H . 47.22 -0.45 -78.28
O5 NAG H . 45.21 -3.58 -78.29
O6 NAG H . 46.84 -3.48 -80.50
O7 NAG H . 47.40 -5.87 -75.04
C1 NAG H . 48.59 -0.23 -78.61
C2 NAG H . 48.70 0.88 -79.65
C3 NAG H . 50.12 1.20 -79.96
C4 NAG H . 50.95 1.44 -78.74
C5 NAG H . 50.80 0.34 -77.71
C6 NAG H . 51.55 0.72 -76.44
C7 NAG H . 46.75 0.99 -81.34
C8 NAG H . 46.09 0.52 -82.62
N2 NAG H . 48.04 0.41 -80.92
O3 NAG H . 50.14 2.41 -80.76
O4 NAG H . 52.32 1.52 -79.13
O5 NAG H . 49.39 0.11 -77.38
O6 NAG H . 51.07 1.98 -75.98
O7 NAG H . 46.25 1.84 -80.69
C1 NAG I . 25.10 -30.48 -58.42
C2 NAG I . 25.71 -31.46 -59.41
C3 NAG I . 24.95 -32.73 -59.45
C4 NAG I . 24.77 -33.36 -58.11
C5 NAG I . 24.17 -32.34 -57.13
C6 NAG I . 24.11 -32.95 -55.74
C7 NAG I . 26.91 -30.30 -61.37
C8 NAG I . 26.87 -29.69 -62.76
N2 NAG I . 25.68 -30.87 -60.79
O3 NAG I . 25.67 -33.65 -60.30
O4 NAG I . 23.83 -34.42 -58.21
O5 NAG I . 24.97 -31.12 -57.07
O6 NAG I . 23.50 -32.02 -54.85
O7 NAG I . 27.92 -30.29 -60.75
C1 NAG I . 24.49 -35.69 -58.19
C2 NAG I . 23.55 -36.77 -57.68
C3 NAG I . 24.15 -38.13 -57.73
C4 NAG I . 24.69 -38.46 -59.09
C5 NAG I . 25.62 -37.37 -59.63
C6 NAG I . 25.92 -37.67 -61.09
C7 NAG I . 24.05 -36.47 -55.12
C8 NAG I . 23.52 -36.15 -53.73
N2 NAG I . 23.11 -36.47 -56.27
O3 NAG I . 23.13 -39.10 -57.39
O4 NAG I . 25.43 -39.67 -58.98
O5 NAG I . 25.03 -36.02 -59.56
O6 NAG I . 26.08 -36.45 -61.80
O7 NAG I . 25.20 -36.69 -55.25
C1 NAG J . 5.10 -38.16 -51.85
C2 NAG J . 5.52 -39.45 -52.54
C3 NAG J . 4.84 -40.65 -51.98
C4 NAG J . 4.93 -40.72 -50.50
C5 NAG J . 4.37 -39.45 -49.87
C6 NAG J . 4.54 -39.49 -48.36
C7 NAG J . 6.21 -39.08 -54.98
C8 NAG J . 7.65 -38.85 -54.52
N2 NAG J . 5.17 -39.37 -53.99
O3 NAG J . 5.48 -41.80 -52.56
O4 NAG J . 4.17 -41.83 -50.02
O5 NAG J . 5.08 -38.27 -50.36
O6 NAG J . 3.77 -38.45 -47.75
O7 NAG J . 5.94 -39.01 -56.14
C1 NAG J . 5.07 -42.88 -49.63
C2 NAG J . 4.57 -43.51 -48.32
C3 NAG J . 5.21 -44.81 -48.00
C4 NAG J . 5.25 -45.74 -49.17
C5 NAG J . 5.93 -45.08 -50.35
C6 NAG J . 5.95 -46.05 -51.53
C7 NAG J . 6.14 -42.09 -46.76
C8 NAG J . 6.27 -41.14 -45.58
N2 NAG J . 4.80 -42.56 -47.17
O3 NAG J . 4.46 -45.44 -46.93
O4 NAG J . 5.97 -46.91 -48.79
O5 NAG J . 5.23 -43.87 -50.75
O6 NAG J . 7.01 -46.98 -51.38
O7 NAG J . 7.12 -42.44 -47.32
C1 NAG K . 38.60 -22.93 -70.92
C2 NAG K . 37.43 -23.44 -71.75
C3 NAG K . 37.82 -24.45 -72.76
C4 NAG K . 39.20 -24.26 -73.29
C5 NAG K . 40.26 -24.30 -72.18
C6 NAG K . 41.39 -23.35 -72.56
C7 NAG K . 34.98 -23.84 -70.97
C8 NAG K . 34.00 -24.45 -69.96
N2 NAG K . 36.43 -24.02 -70.78
O3 NAG K . 36.88 -24.35 -73.85
O4 NAG K . 39.51 -25.32 -74.21
O5 NAG K . 39.73 -23.92 -70.87
O6 NAG K . 42.01 -23.81 -73.76
O7 NAG K . 34.55 -23.23 -71.89
C1 NAG K . 39.58 -24.78 -75.55
C2 NAG K . 39.53 -25.92 -76.56
C3 NAG K . 39.23 -25.48 -77.94
C4 NAG K . 38.08 -24.52 -78.04
C5 NAG K . 38.26 -23.34 -77.09
C6 NAG K . 36.98 -22.52 -77.06
C7 NAG K . 41.39 -27.45 -75.56
C8 NAG K . 42.77 -28.08 -75.71
N2 NAG K . 40.87 -26.59 -76.63
O3 NAG K . 38.90 -26.65 -78.72
O4 NAG K . 38.01 -24.02 -79.37
O5 NAG K . 38.49 -23.76 -75.72
O6 NAG K . 36.41 -22.58 -75.74
O7 NAG K . 40.75 -27.66 -74.59
C1 NAG L . 43.84 9.94 22.81
C2 NAG L . 44.88 10.86 22.17
C3 NAG L . 45.98 10.10 21.53
C4 NAG L . 46.61 9.14 22.48
C5 NAG L . 45.57 8.18 23.05
C6 NAG L . 46.23 7.29 24.09
C7 NAG L . 43.37 12.82 21.45
C8 NAG L . 42.70 13.64 20.35
N2 NAG L . 44.22 11.67 21.10
O3 NAG L . 46.95 11.06 21.05
O4 NAG L . 47.60 8.38 21.78
O5 NAG L . 44.46 8.89 23.69
O6 NAG L . 45.22 6.73 24.93
O7 NAG L . 43.21 13.11 22.59
C1 NAG L . 48.90 8.82 22.19
C2 NAG L . 49.90 7.69 21.97
C3 NAG L . 51.29 8.10 22.27
C4 NAG L . 51.67 9.37 21.57
C5 NAG L . 50.66 10.48 21.83
C6 NAG L . 51.05 11.71 21.03
C7 NAG L . 48.66 5.47 22.40
C8 NAG L . 48.30 4.32 23.34
N2 NAG L . 49.54 6.56 22.89
O3 NAG L . 52.19 7.05 21.85
O4 NAG L . 52.95 9.80 22.03
O5 NAG L . 49.31 10.07 21.45
O6 NAG L . 50.80 11.48 19.65
O7 NAG L . 48.25 5.48 21.30
C1 NAG M . 18.77 32.34 43.31
C2 NAG M . 17.73 33.44 43.25
C3 NAG M . 16.90 33.53 44.49
C4 NAG M . 16.18 32.26 44.82
C5 NAG M . 17.15 31.07 44.80
C6 NAG M . 16.67 30.02 43.82
C7 NAG M . 17.73 35.90 42.44
C8 NAG M . 18.43 37.23 42.26
N2 NAG M . 18.42 34.76 43.07
O3 NAG M . 15.95 34.61 44.29
O4 NAG M . 15.60 32.28 46.15
O5 NAG M . 18.55 31.45 44.50
O6 NAG M . 15.24 30.02 43.79
O7 NAG M . 16.60 35.78 42.07
C1 NAG M . 14.37 33.03 46.24
C2 NAG M . 13.15 32.12 46.34
C3 NAG M . 11.87 32.82 46.68
C4 NAG M . 12.00 33.81 47.81
C5 NAG M . 13.19 34.73 47.58
C6 NAG M . 13.32 35.70 48.75
C7 NAG M . 12.17 30.23 44.85
C8 NAG M . 11.98 29.61 43.47
N2 NAG M . 12.94 31.48 44.99
O3 NAG M . 10.88 31.83 47.01
O4 NAG M . 10.83 34.62 47.90
O5 NAG M . 14.44 33.99 47.41
O6 NAG M . 12.25 36.65 48.68
O7 NAG M . 11.70 29.71 45.80
C1 NAG M . 9.87 34.11 48.85
C2 NAG M . 9.78 35.06 50.04
C3 NAG M . 8.52 35.03 50.83
C4 NAG M . 7.28 34.78 50.04
C5 NAG M . 7.46 33.59 49.10
C6 NAG M . 6.16 33.33 48.36
C7 NAG M . 11.33 35.59 52.07
C8 NAG M . 12.42 35.15 53.03
N2 NAG M . 10.87 34.66 51.01
O3 NAG M . 8.36 36.28 51.52
O4 NAG M . 6.20 34.49 50.93
O5 NAG M . 8.54 33.87 48.16
O6 NAG M . 5.24 32.68 49.22
O7 NAG M . 10.84 36.67 52.17
C1 NAG N . 42.85 20.11 -1.79
C2 NAG N . 43.60 18.78 -1.88
C3 NAG N . 44.67 18.72 -2.91
C4 NAG N . 44.99 20.00 -3.63
C5 NAG N . 43.80 20.95 -3.90
C6 NAG N . 43.46 20.92 -5.38
C7 NAG N . 45.00 18.93 0.44
C8 NAG N . 45.69 20.27 0.19
N2 NAG N . 44.06 18.30 -0.51
O3 NAG N . 44.26 17.74 -3.91
O4 NAG N . 45.97 20.70 -2.88
O5 NAG N . 42.57 20.62 -3.17
O6 NAG N . 42.13 20.47 -5.55
O7 NAG N . 45.23 18.37 1.45
C1 NAG N . 47.24 20.65 -3.57
C2 NAG N . 48.28 21.25 -2.64
C3 NAG N . 49.65 20.82 -2.99
C4 NAG N . 49.84 19.34 -2.88
C5 NAG N . 48.63 18.50 -3.33
C6 NAG N . 48.04 17.76 -2.14
C7 NAG N . 47.06 23.48 -2.12
C8 NAG N . 46.99 25.00 -2.24
N2 NAG N . 48.18 22.75 -2.75
O3 NAG N . 50.58 21.47 -2.09
O4 NAG N . 50.96 18.97 -3.68
O5 NAG N . 47.57 19.25 -4.04
O6 NAG N . 48.33 16.37 -2.24
O7 NAG N . 46.23 22.90 -1.52
C1 NAG O . 15.61 24.06 -64.88
C2 NAG O . 16.41 25.34 -64.68
C3 NAG O . 15.74 26.28 -63.76
C4 NAG O . 14.38 26.66 -64.26
C5 NAG O . 13.53 25.46 -64.68
C6 NAG O . 13.15 25.57 -66.14
C7 NAG O . 18.91 24.87 -65.02
C8 NAG O . 20.28 24.51 -64.47
N2 NAG O . 17.76 24.98 -64.11
O3 NAG O . 16.54 27.47 -63.68
O4 NAG O . 13.71 27.31 -63.19
O5 NAG O . 14.18 24.17 -64.42
O6 NAG O . 14.17 26.23 -66.88
O7 NAG O . 18.77 25.07 -66.19
C1 NAG O . 13.16 28.54 -63.69
C2 NAG O . 11.65 28.39 -63.80
C3 NAG O . 10.87 29.55 -63.30
C4 NAG O . 11.26 30.02 -61.94
C5 NAG O . 12.77 29.98 -61.66
C6 NAG O . 13.09 28.94 -60.59
C7 NAG O . 11.50 28.83 -66.46
C8 NAG O . 12.22 30.17 -66.51
N2 NAG O . 11.26 28.04 -65.22
O3 NAG O . 9.48 29.16 -63.25
O4 NAG O . 10.84 31.37 -61.79
O5 NAG O . 13.59 29.73 -62.86
O6 NAG O . 14.42 28.46 -60.75
O7 NAG O . 11.12 28.37 -67.48
C1 NAG P . 3.83 14.99 -86.79
C2 NAG P . 3.52 16.17 -87.70
C3 NAG P . 3.64 15.80 -89.14
C4 NAG P . 3.37 14.35 -89.40
C5 NAG P . 2.37 13.77 -88.40
C6 NAG P . 2.06 12.33 -88.79
C7 NAG P . 1.77 17.35 -86.18
C8 NAG P . 0.34 17.87 -85.99
N2 NAG P . 2.14 16.70 -87.44
O3 NAG P . 5.00 16.10 -89.56
O4 NAG P . 2.94 14.09 -90.74
O5 NAG P . 2.92 13.81 -87.04
O6 NAG P . 1.69 12.27 -90.16
O7 NAG P . 2.56 17.48 -85.31
C1 NAG P . 2.13 15.14 -91.29
C2 NAG P . 2.31 15.09 -92.80
C3 NAG P . 1.43 16.03 -93.52
C4 NAG P . -0.01 15.89 -93.12
C5 NAG P . -0.21 15.94 -91.60
C6 NAG P . -1.64 15.52 -91.31
C7 NAG P . 4.70 14.26 -93.18
C8 NAG P . 6.17 14.52 -93.51
N2 NAG P . 3.74 15.39 -93.12
O3 NAG P . 1.52 15.74 -94.93
O4 NAG P . -0.76 16.95 -93.69
O5 NAG P . 0.69 15.04 -90.87
O6 NAG P . -1.68 14.64 -90.20
O7 NAG P . 4.32 13.16 -92.97
C1 NAG Q . 0.20 20.78 -72.56
C2 NAG Q . -1.24 20.45 -72.94
C3 NAG Q . -1.83 21.39 -73.91
C4 NAG Q . -1.75 22.78 -73.35
C5 NAG Q . -0.30 23.19 -73.09
C6 NAG Q . -0.32 24.55 -72.40
C7 NAG Q . -0.74 18.36 -74.54
C8 NAG Q . 0.19 19.08 -75.54
N2 NAG Q . -1.36 19.01 -73.38
O3 NAG Q . -3.20 21.01 -74.10
O4 NAG Q . -2.39 23.76 -74.17
O5 NAG Q . 0.41 22.23 -72.21
O6 NAG Q . 0.63 25.41 -73.02
O7 NAG Q . -0.96 17.21 -74.72
C1 NAG Q . -2.13 23.55 -75.57
C2 NAG Q . -3.34 24.01 -76.37
C3 NAG Q . -3.16 23.64 -77.79
C4 NAG Q . -1.92 24.22 -78.36
C5 NAG Q . -0.67 24.00 -77.50
C6 NAG Q . 0.43 24.91 -77.99
C7 NAG Q . -5.77 24.15 -75.50
C8 NAG Q . -7.03 23.47 -74.98
N2 NAG Q . -4.60 23.35 -75.85
O3 NAG Q . -4.30 24.12 -78.54
O4 NAG Q . -1.69 23.62 -79.63
O5 NAG Q . -0.91 24.26 -76.06
O6 NAG Q . 1.06 24.30 -79.13
O7 NAG Q . -5.75 25.33 -75.62
C1 NAG R . 30.55 16.68 -61.47
C2 NAG R . 31.20 17.31 -62.67
C3 NAG R . 32.65 17.05 -62.62
C4 NAG R . 33.31 17.56 -61.37
C5 NAG R . 32.55 17.10 -60.12
C6 NAG R . 32.99 17.86 -58.89
C7 NAG R . 30.17 17.49 -65.02
C8 NAG R . 29.64 16.81 -66.28
N2 NAG R . 30.68 16.67 -63.91
O3 NAG R . 33.26 17.65 -63.78
O4 NAG R . 34.62 17.00 -61.41
O5 NAG R . 31.11 17.28 -60.22
O6 NAG R . 32.10 17.58 -57.81
O7 NAG R . 30.19 18.67 -64.95
C1 NAG R . 35.70 17.89 -61.05
C2 NAG R . 35.35 19.34 -61.34
C3 NAG R . 36.22 20.34 -60.67
C4 NAG R . 36.47 20.03 -59.24
C5 NAG R . 37.02 18.61 -59.08
C6 NAG R . 37.21 18.33 -57.60
C7 NAG R . 34.40 20.28 -63.55
C8 NAG R . 34.53 20.50 -65.06
N2 NAG R . 35.46 19.57 -62.82
O3 NAG R . 35.59 21.63 -60.76
O4 NAG R . 37.43 20.95 -58.73
O5 NAG R . 36.09 17.64 -59.62
O6 NAG R . 36.39 19.20 -56.83
O7 NAG R . 33.44 20.66 -62.98
C1 NAG S . 21.77 19.81 -79.70
C2 NAG S . 22.80 20.91 -79.93
C3 NAG S . 23.40 20.84 -81.28
C4 NAG S . 23.99 19.50 -81.55
C5 NAG S . 22.97 18.38 -81.31
C6 NAG S . 23.63 17.03 -81.47
C7 NAG S . 21.12 22.82 -80.57
C8 NAG S . 20.55 24.19 -80.23
N2 NAG S . 22.16 22.26 -79.69
O3 NAG S . 24.43 21.84 -81.37
O4 NAG S . 24.42 19.45 -82.92
O5 NAG S . 22.37 18.46 -79.97
O6 NAG S . 23.74 16.73 -82.86
O7 NAG S . 20.71 22.24 -81.52
C1 NAG S . 25.85 19.29 -82.92
C2 NAG S . 26.34 19.04 -84.35
C3 NAG S . 27.82 19.00 -84.44
C4 NAG S . 28.51 20.10 -83.70
C5 NAG S . 27.99 20.23 -82.27
C6 NAG S . 28.68 21.38 -81.57
C7 NAG S . 24.80 17.63 -85.85
C8 NAG S . 24.29 16.27 -86.31
N2 NAG S . 25.82 17.72 -84.80
O3 NAG S . 28.19 19.08 -85.83
O4 NAG S . 29.91 19.81 -83.64
O5 NAG S . 26.54 20.45 -82.29
O6 NAG S . 28.76 21.11 -80.17
O7 NAG S . 24.37 18.63 -86.35
C1 NAG T . -34.93 37.32 2.04
C2 NAG T . -35.56 38.66 1.68
C3 NAG T . -36.72 38.44 0.79
C4 NAG T . -36.40 37.65 -0.44
C5 NAG T . -35.38 36.52 -0.24
C6 NAG T . -34.72 36.30 -1.60
C7 NAG T . -35.36 40.63 3.31
C8 NAG T . -35.78 41.35 4.58
N2 NAG T . -35.99 39.35 2.95
O3 NAG T . -37.22 39.74 0.36
O4 NAG T . -37.55 36.96 -0.94
O5 NAG T . -34.34 36.78 0.77
O6 NAG T . -34.19 34.98 -1.67
O7 NAG T . -34.53 41.10 2.60
C1 NAG T . -38.31 37.71 -1.92
C2 NAG T . -37.68 37.62 -3.32
C3 NAG T . -38.60 38.04 -4.41
C4 NAG T . -39.94 37.39 -4.32
C5 NAG T . -40.57 37.68 -2.98
C6 NAG T . -41.93 36.97 -2.92
C7 NAG T . -35.43 38.34 -4.44
C8 NAG T . -34.22 39.27 -4.48
N2 NAG T . -36.46 38.51 -3.40
O3 NAG T . -38.02 37.73 -5.69
O4 NAG T . -40.77 37.90 -5.35
O5 NAG T . -39.74 37.21 -1.88
O6 NAG T . -42.28 36.49 -4.21
O7 NAG T . -35.54 37.50 -5.27
C1 NAG U . -48.72 10.82 28.39
C2 NAG U . -50.04 10.19 28.83
C3 NAG U . -49.88 9.65 30.20
C4 NAG U . -49.01 8.43 30.19
C5 NAG U . -47.75 8.60 29.30
C6 NAG U . -47.76 7.53 28.22
C7 NAG U . -52.48 10.79 28.32
C8 NAG U . -53.64 11.79 28.34
N2 NAG U . -51.16 11.18 28.84
O3 NAG U . -51.17 9.32 30.74
O4 NAG U . -48.59 8.16 31.53
O5 NAG U . -47.54 9.93 28.70
O6 NAG U . -48.43 7.98 27.05
O7 NAG U . -52.66 9.69 27.89
C1 NAG U . -48.90 6.81 31.91
C2 NAG U . -47.58 6.10 32.20
C3 NAG U . -47.69 4.84 32.96
C4 NAG U . -48.49 5.01 34.22
C5 NAG U . -49.89 5.56 33.90
C6 NAG U . -50.58 5.91 35.20
C7 NAG U . -45.49 6.22 30.70
C8 NAG U . -44.77 5.91 29.40
N2 NAG U . -46.88 5.77 30.90
O3 NAG U . -46.35 4.41 33.29
O4 NAG U . -48.63 3.75 34.88
O5 NAG U . -49.89 6.76 33.05
O6 NAG U . -51.06 4.75 35.85
O7 NAG U . -44.94 6.83 31.55
C1 NAG U . -47.69 3.63 35.97
C2 NAG U . -48.16 2.61 36.99
C3 NAG U . -47.15 2.34 38.04
C4 NAG U . -45.82 1.98 37.46
C5 NAG U . -45.33 3.06 36.50
C6 NAG U . -44.01 2.61 35.88
C7 NAG U . -50.34 2.20 38.35
C8 NAG U . -51.60 2.77 39.01
N2 NAG U . -49.42 3.12 37.65
O3 NAG U . -47.59 1.25 38.88
O4 NAG U . -44.87 1.84 38.52
O5 NAG U . -46.31 3.30 35.44
O6 NAG U . -43.34 1.73 36.78
O7 NAG U . -50.11 1.05 38.41
C1 NAG V . -41.19 0.63 15.20
C2 NAG V . -40.46 -0.02 16.37
C3 NAG V . -41.06 -1.31 16.77
C4 NAG V . -42.51 -1.13 17.08
C5 NAG V . -43.28 -0.60 15.87
C6 NAG V . -44.17 0.54 16.35
C7 NAG V . -38.19 1.08 15.84
C8 NAG V . -36.71 0.95 15.45
N2 NAG V . -39.01 -0.14 15.99
O3 NAG V . -40.38 -1.79 17.95
O4 NAG V . -43.09 -2.32 17.67
O5 NAG V . -42.42 -0.13 14.78
O6 NAG V . -45.48 0.05 16.59
O7 NAG V . -38.65 2.15 16.03
C1 NAG V . -43.95 -3.11 16.82
C2 NAG V . -43.97 -4.53 17.37
C3 NAG V . -44.84 -5.44 16.56
C4 NAG V . -46.22 -4.89 16.38
C5 NAG V . -46.20 -3.46 15.86
C6 NAG V . -47.62 -2.91 15.84
C7 NAG V . -42.25 -6.21 18.30
C8 NAG V . -40.82 -6.76 18.35
N2 NAG V . -42.57 -5.09 17.40
O3 NAG V . -44.96 -6.71 17.24
O4 NAG V . -46.94 -5.72 15.46
O5 NAG V . -45.35 -2.59 16.69
O6 NAG V . -48.53 -3.88 16.35
O7 NAG V . -43.08 -6.69 18.98
C1 NAG W . -36.53 24.23 -21.11
C2 NAG W . -35.57 24.56 -22.26
C3 NAG W . -36.08 24.56 -23.67
C4 NAG W . -37.54 24.35 -23.88
C5 NAG W . -38.21 23.47 -22.81
C6 NAG W . -37.75 22.01 -22.89
C7 NAG W . -35.24 27.20 -21.86
C8 NAG W . -36.71 27.60 -21.92
N2 NAG W . -34.75 25.81 -22.01
O3 NAG W . -35.38 23.52 -24.40
O4 NAG W . -38.19 25.63 -23.81
O5 NAG W . -37.97 24.03 -21.48
O6 NAG W . -37.33 21.69 -24.21
O7 NAG W . -34.43 28.05 -21.66
C1 NAG W . -38.22 26.28 -25.09
C2 NAG W . -39.46 27.16 -25.14
C3 NAG W . -39.51 28.05 -26.32
C4 NAG W . -38.24 28.83 -26.48
C5 NAG W . -37.04 27.90 -26.56
C6 NAG W . -35.78 28.72 -26.70
C7 NAG W . -41.89 26.70 -24.46
C8 NAG W . -43.13 25.80 -24.48
N2 NAG W . -40.67 26.28 -25.16
O3 NAG W . -40.61 28.97 -26.17
O4 NAG W . -38.33 29.60 -27.67
O5 NAG W . -36.95 27.06 -25.36
O6 NAG W . -35.69 29.66 -25.64
O7 NAG W . -41.92 27.73 -23.88
C1 NAG X . -10.66 -20.10 -68.15
C2 NAG X . -12.00 -20.25 -68.84
C3 NAG X . -13.10 -20.42 -67.86
C4 NAG X . -12.75 -21.38 -66.77
C5 NAG X . -11.56 -20.87 -65.96
C6 NAG X . -10.65 -22.03 -65.65
C7 NAG X . -13.02 -18.70 -70.68
C8 NAG X . -13.14 -17.29 -71.25
N2 NAG X . -12.19 -18.91 -69.49
O3 NAG X . -14.28 -20.88 -68.57
O4 NAG X . -13.85 -21.52 -65.86
O5 NAG X . -10.81 -19.83 -66.68
O6 NAG X . -10.78 -23.01 -66.69
O7 NAG X . -13.61 -19.60 -71.18
C1 NAG X . -14.47 -22.81 -66.07
C2 NAG X . -13.69 -23.90 -65.33
C3 NAG X . -14.57 -24.96 -64.79
C4 NAG X . -15.54 -24.41 -63.79
C5 NAG X . -16.22 -23.12 -64.27
C6 NAG X . -15.85 -21.96 -63.35
C7 NAG X . -12.65 -25.15 -67.50
C8 NAG X . -13.95 -25.37 -68.28
N2 NAG X . -12.57 -24.49 -66.18
O3 NAG X . -13.75 -25.97 -64.14
O4 NAG X . -16.54 -25.39 -63.53
O5 NAG X . -15.93 -22.77 -65.67
O6 NAG X . -17.01 -21.48 -62.68
O7 NAG X . -11.64 -25.54 -67.98
C1 NAG Y . 9.05 -31.86 -83.41
C2 NAG Y . 8.27 -33.09 -83.00
C3 NAG Y . 9.18 -34.23 -82.76
C4 NAG Y . 9.97 -34.58 -83.97
C5 NAG Y . 10.66 -33.35 -84.58
C6 NAG Y . 11.14 -33.70 -85.98
C7 NAG Y . 6.04 -32.92 -81.73
C8 NAG Y . 5.25 -32.63 -80.45
N2 NAG Y . 7.51 -32.80 -81.73
O3 NAG Y . 8.36 -35.33 -82.35
O4 NAG Y . 10.97 -35.51 -83.61
O5 NAG Y . 9.81 -32.16 -84.68
O6 NAG Y . 11.30 -32.49 -86.74
O7 NAG Y . 5.47 -33.23 -82.72
C1 NAG Y . 10.54 -36.86 -83.89
C2 NAG Y . 11.75 -37.78 -83.98
C3 NAG Y . 11.40 -39.22 -84.08
C4 NAG Y . 10.37 -39.66 -83.10
C5 NAG Y . 9.16 -38.74 -83.09
C6 NAG Y . 8.23 -39.14 -81.96
C7 NAG Y . 13.76 -36.62 -85.05
C8 NAG Y . 14.57 -36.22 -86.28
N2 NAG Y . 12.54 -37.40 -85.21
O3 NAG Y . 12.61 -39.99 -83.85
O4 NAG Y . 9.95 -40.97 -83.46
O5 NAG Y . 9.56 -37.35 -82.87
O6 NAG Y . 8.79 -38.75 -80.71
O7 NAG Y . 14.12 -36.29 -83.96
C1 NAG Z . 0.03 -33.23 -68.13
C2 NAG Z . 0.98 -33.66 -69.25
C3 NAG Z . 0.42 -34.79 -70.03
C4 NAG Z . -0.02 -35.94 -69.18
C5 NAG Z . -0.89 -35.52 -68.00
C6 NAG Z . -1.01 -36.69 -67.04
C7 NAG Z . 2.49 -32.23 -70.75
C8 NAG Z . 3.68 -33.12 -70.40
N2 NAG Z . 1.16 -32.51 -70.18
O3 NAG Z . 1.46 -35.27 -70.92
O4 NAG Z . -0.79 -36.83 -69.99
O5 NAG Z . -0.33 -34.39 -67.26
O6 NAG Z . 0.30 -37.12 -66.67
O7 NAG Z . 2.63 -31.32 -71.49
C1 NAG Z . -0.04 -38.02 -70.28
C2 NAG Z . -0.92 -38.96 -71.08
C3 NAG Z . -0.22 -40.18 -71.52
C4 NAG Z . 1.07 -39.88 -72.23
C5 NAG Z . 1.97 -38.91 -71.45
C6 NAG Z . 3.11 -38.48 -72.34
C7 NAG Z . -3.43 -38.87 -70.56
C8 NAG Z . -4.63 -39.26 -69.69
N2 NAG Z . -2.09 -39.35 -70.21
O3 NAG Z . -1.09 -40.91 -72.41
O4 NAG Z . 1.78 -41.10 -72.43
O5 NAG Z . 1.25 -37.72 -71.01
O6 NAG Z . 2.84 -37.18 -72.84
O7 NAG Z . -3.59 -38.19 -71.51
C1 NAG AA . -11.81 -2.81 -69.66
C2 NAG AA . -12.63 -2.83 -70.93
C3 NAG AA . -13.22 -1.50 -71.20
C4 NAG AA . -14.05 -1.04 -70.05
C5 NAG AA . -13.22 -0.99 -68.77
C6 NAG AA . -14.11 -0.70 -67.60
C7 NAG AA . -11.80 -4.51 -72.66
C8 NAG AA . -10.88 -4.89 -73.81
N2 NAG AA . -11.72 -3.18 -72.07
O3 NAG AA . -14.03 -1.57 -72.38
O4 NAG AA . -14.54 0.26 -70.37
O5 NAG AA . -12.59 -2.27 -68.50
O6 NAG AA . -15.19 -1.61 -67.63
O7 NAG AA . -12.57 -5.29 -72.23
C1 NAG AA . -15.99 0.23 -70.30
C2 NAG AA . -16.52 1.62 -69.99
C3 NAG AA . -18.00 1.61 -69.90
C4 NAG AA . -18.66 0.94 -71.06
C5 NAG AA . -18.04 -0.42 -71.39
C6 NAG AA . -18.63 -0.97 -72.68
C7 NAG AA . -15.16 3.24 -68.51
C8 NAG AA . -14.63 3.65 -67.14
N2 NAG AA . -15.99 2.04 -68.65
O3 NAG AA . -18.45 2.97 -69.81
O4 NAG AA . -20.04 0.75 -70.77
O5 NAG AA . -16.59 -0.30 -71.57
O6 NAG AA . -17.61 -1.18 -73.64
O7 NAG AA . -14.89 3.89 -69.47
C1 NAG BA . -6.71 -17.21 -82.53
C2 NAG BA . -5.66 -16.27 -83.08
C3 NAG BA . -5.95 -15.90 -84.49
C4 NAG BA . -6.54 -16.97 -85.36
C5 NAG BA . -7.40 -18.01 -84.65
C6 NAG BA . -7.54 -19.23 -85.54
C7 NAG BA . -4.83 -13.86 -82.46
C8 NAG BA . -4.96 -12.65 -81.56
N2 NAG BA . -5.70 -15.02 -82.25
O3 NAG BA . -4.72 -15.45 -85.09
O4 NAG BA . -7.39 -16.28 -86.27
O5 NAG BA . -6.81 -18.44 -83.38
O6 NAG BA . -6.30 -19.45 -86.20
O7 NAG BA . -4.02 -13.85 -83.33
C1 NAG BA . -6.79 -16.29 -87.59
C2 NAG BA . -7.84 -15.85 -88.59
C3 NAG BA . -7.30 -16.02 -89.96
C4 NAG BA . -5.99 -15.33 -90.17
C5 NAG BA . -4.99 -15.51 -89.02
C6 NAG BA . -3.92 -14.45 -89.14
C7 NAG BA . -10.30 -16.12 -87.88
C8 NAG BA . -11.54 -17.00 -87.72
N2 NAG BA . -9.07 -16.70 -88.42
O3 NAG BA . -8.26 -15.46 -90.89
O4 NAG BA . -5.40 -15.86 -91.36
O5 NAG BA . -5.60 -15.40 -87.69
O6 NAG BA . -4.54 -13.17 -89.20
O7 NAG BA . -10.34 -14.98 -87.56
C1 NAG CA . 39.77 9.42 48.65
C2 NAG CA . 40.15 8.86 47.28
C3 NAG CA . 40.57 7.45 47.39
C4 NAG CA . 41.71 7.29 48.33
C5 NAG CA . 41.40 7.87 49.71
C6 NAG CA . 42.64 7.85 50.57
C7 NAG CA . 39.11 9.58 45.04
C8 NAG CA . 37.90 9.68 44.11
N2 NAG CA . 38.97 8.96 46.36
O3 NAG CA . 40.95 6.96 46.09
O4 NAG CA . 42.00 5.90 48.47
O5 NAG CA . 40.91 9.26 49.62
O6 NAG CA . 42.60 6.72 51.44
O7 NAG CA . 40.16 10.01 44.70
C1 NAG DA . 24.34 -48.30 41.66
C2 NAG DA . 25.01 -47.37 42.66
C3 NAG DA . 24.64 -47.73 44.05
C4 NAG DA . 23.16 -47.84 44.25
C5 NAG DA . 22.45 -48.64 43.15
C6 NAG DA . 20.95 -48.44 43.30
C7 NAG DA . 27.28 -46.34 41.99
C8 NAG DA . 26.57 -45.04 41.62
N2 NAG DA . 26.51 -47.48 42.50
O3 NAG DA . 25.15 -46.71 44.94
O4 NAG DA . 22.92 -48.49 45.50
O5 NAG DA . 22.85 -48.23 41.81
O6 NAG DA . 20.38 -49.57 43.96
O7 NAG DA . 28.46 -46.43 41.86
C1 NAG EA . 31.39 -38.75 10.84
C2 NAG EA . 32.31 -37.53 10.69
C3 NAG EA . 33.25 -37.28 11.82
C4 NAG EA . 33.45 -38.45 12.72
C5 NAG EA . 33.37 -39.77 11.96
C6 NAG EA . 33.72 -40.92 12.90
C7 NAG EA . 32.56 -36.97 8.20
C8 NAG EA . 33.31 -37.08 6.87
N2 NAG EA . 33.07 -37.67 9.40
O3 NAG EA . 32.72 -36.20 12.61
O4 NAG EA . 34.74 -38.34 13.33
O5 NAG EA . 32.04 -39.99 11.40
O6 NAG EA . 34.15 -40.41 14.16
O7 NAG EA . 31.58 -36.32 8.25
C1 NAG FA . -3.29 -67.54 38.37
C2 NAG FA . -3.54 -68.30 39.68
C3 NAG FA . -3.39 -67.47 40.90
C4 NAG FA . -2.27 -66.49 40.81
C5 NAG FA . -2.42 -65.54 39.62
C6 NAG FA . -1.03 -65.24 39.07
C7 NAG FA . -5.35 -69.92 40.57
C8 NAG FA . -6.78 -70.45 40.54
N2 NAG FA . -4.96 -68.83 39.66
O3 NAG FA . -3.11 -68.36 42.01
O4 NAG FA . -2.25 -65.71 42.00
O5 NAG FA . -3.27 -66.04 38.54
O6 NAG FA . -0.05 -65.43 40.08
O7 NAG FA . -4.56 -70.39 41.32
C1 NAG GA . 47.04 -22.02 -21.06
C2 NAG GA . 47.85 -23.31 -21.18
C3 NAG GA . 49.32 -23.12 -21.16
C4 NAG GA . 49.73 -21.82 -21.76
C5 NAG GA . 49.13 -20.64 -20.98
C6 NAG GA . 48.97 -19.46 -21.93
C7 NAG GA . 46.66 -25.38 -20.18
C8 NAG GA . 46.27 -26.22 -18.97
N2 NAG GA . 47.45 -24.15 -20.00
O3 NAG GA . 49.93 -24.19 -21.92
O4 NAG GA . 51.15 -21.74 -21.73
O5 NAG GA . 47.86 -20.97 -20.35
O6 NAG GA . 49.58 -19.75 -23.19
O7 NAG GA . 46.33 -25.72 -21.27
C1 NAG HA . 40.40 -20.53 -56.08
C2 NAG HA . 41.00 -20.06 -54.76
C3 NAG HA . 40.74 -21.00 -53.65
C4 NAG HA . 39.36 -21.53 -53.72
C5 NAG HA . 39.30 -22.50 -54.90
C6 NAG HA . 37.85 -22.85 -55.21
C7 NAG HA . 43.14 -18.68 -55.16
C8 NAG HA . 44.66 -18.64 -55.32
N2 NAG HA . 42.48 -19.97 -54.91
O3 NAG HA . 40.95 -20.32 -52.39
O4 NAG HA . 39.08 -22.24 -52.52
O5 NAG HA . 39.94 -21.97 -56.12
O6 NAG HA . 37.79 -24.20 -55.66
O7 NAG HA . 42.51 -17.69 -55.23
C1 NAG IA . 45.64 -5.07 -59.91
C2 NAG IA . 45.69 -3.81 -60.76
C3 NAG IA . 46.91 -3.76 -61.58
C4 NAG IA . 48.13 -3.83 -60.73
C5 NAG IA . 48.11 -5.04 -59.80
C6 NAG IA . 49.22 -4.88 -58.78
C7 NAG IA . 43.93 -4.55 -62.66
C8 NAG IA . 44.64 -5.82 -63.14
N2 NAG IA . 44.42 -3.66 -61.58
O3 NAG IA . 46.92 -2.51 -62.31
O4 NAG IA . 49.27 -3.93 -61.58
O5 NAG IA . 46.86 -5.18 -59.04
O6 NAG IA . 48.65 -4.59 -57.51
O7 NAG IA . 42.91 -4.26 -63.18
C1 NAG JA . 40.77 -9.49 -5.69
C2 NAG JA . 41.99 -9.85 -4.87
C3 NAG JA . 43.26 -9.47 -5.54
C4 NAG JA . 43.35 -9.88 -6.97
C5 NAG JA . 42.08 -9.59 -7.78
C6 NAG JA . 42.15 -10.34 -9.09
C7 NAG JA . 42.37 -9.76 -2.34
C8 NAG JA . 42.30 -9.00 -1.02
N2 NAG JA . 41.92 -9.11 -3.59
O3 NAG JA . 44.34 -10.12 -4.82
O4 NAG JA . 44.41 -9.14 -7.56
O5 NAG JA . 40.85 -10.01 -7.10
O6 NAG JA . 40.82 -10.66 -9.51
O7 NAG JA . 42.77 -10.87 -2.36
C1 NAG KA . -38.80 42.38 27.86
C2 NAG KA . -38.96 42.87 26.43
C3 NAG KA . -38.08 44.03 26.13
C4 NAG KA . -38.35 45.15 27.07
C5 NAG KA . -38.18 44.70 28.53
C6 NAG KA . -38.60 45.84 29.45
C7 NAG KA . -39.60 41.36 24.44
C8 NAG KA . -39.27 40.23 23.48
N2 NAG KA . -38.64 41.75 25.48
O3 NAG KA . -38.32 44.47 24.78
O4 NAG KA . -37.45 46.22 26.78
O5 NAG KA . -38.97 43.51 28.84
O6 NAG KA . -38.31 47.09 28.85
O7 NAG KA . -40.65 41.93 24.37
C1 NAG LA . 17.45 47.31 -0.33
C2 NAG LA . 16.24 46.85 -1.15
C3 NAG LA . 15.10 47.79 -1.06
C4 NAG LA . 14.95 48.36 0.31
C5 NAG LA . 16.16 49.20 0.70
C6 NAG LA . 16.37 49.13 2.21
C7 NAG LA . 17.35 45.49 -3.03
C8 NAG LA . 17.72 45.32 -4.50
N2 NAG LA . 16.61 46.68 -2.59
O3 NAG LA . 13.89 47.09 -1.41
O4 NAG LA . 13.78 49.17 0.34
O5 NAG LA . 17.40 48.78 0.01
O6 NAG LA . 15.11 49.27 2.87
O7 NAG LA . 17.67 44.66 -2.24
C1 NAG MA . 51.09 43.98 38.61
C2 NAG MA . 50.19 42.88 39.17
C3 NAG MA . 48.77 43.01 38.74
C4 NAG MA . 48.22 44.38 38.99
C5 NAG MA . 49.14 45.49 38.49
C6 NAG MA . 48.60 46.81 39.00
C7 NAG MA . 51.21 40.58 39.70
C8 NAG MA . 51.75 39.23 39.25
N2 NAG MA . 50.72 41.55 38.72
O3 NAG MA . 47.98 42.05 39.45
O4 NAG MA . 46.96 44.51 38.32
O5 NAG MA . 50.52 45.34 38.95
O6 NAG MA . 47.18 46.79 38.89
O7 NAG MA . 51.20 40.86 40.86
C1 NAG NA . 4.38 43.15 -35.56
C2 NAG NA . 5.24 44.41 -35.39
C3 NAG NA . 4.66 45.58 -36.09
C4 NAG NA . 4.10 45.20 -37.41
C5 NAG NA . 2.89 44.27 -37.23
C6 NAG NA . 2.77 43.36 -38.43
C7 NAG NA . 6.73 44.87 -33.34
C8 NAG NA . 6.89 45.21 -31.86
N2 NAG NA . 5.39 44.73 -33.93
O3 NAG NA . 5.68 46.59 -36.24
O4 NAG NA . 3.69 46.37 -38.11
O5 NAG NA . 2.98 43.46 -36.00
O6 NAG NA . 1.82 42.32 -38.15
O7 NAG NA . 7.70 44.72 -34.01
C1 NAG OA . -8.53 35.31 -20.81
C2 NAG OA . -9.28 36.51 -20.23
C3 NAG OA . -9.90 37.40 -21.24
C4 NAG OA . -8.99 37.69 -22.38
C5 NAG OA . -8.47 36.40 -23.01
C6 NAG OA . -7.55 36.76 -24.16
C7 NAG OA . -11.07 36.77 -18.35
C8 NAG OA . -12.15 36.13 -17.49
N2 NAG OA . -10.36 35.95 -19.34
O3 NAG OA . -10.27 38.65 -20.61
O4 NAG OA . -9.69 38.46 -23.35
O5 NAG OA . -7.72 35.62 -22.04
O6 NAG OA . -6.78 37.89 -23.78
O7 NAG OA . -10.79 37.92 -18.22
C1 NAG PA . 43.92 6.18 -46.41
C2 NAG PA . 45.19 6.04 -47.24
C3 NAG PA . 46.39 6.10 -46.40
C4 NAG PA . 46.44 7.37 -45.63
C5 NAG PA . 45.18 7.55 -44.76
C6 NAG PA . 45.19 8.95 -44.20
C7 NAG PA . 44.53 4.56 -49.23
C8 NAG PA . 44.52 3.20 -49.93
N2 NAG PA . 45.17 4.70 -47.92
O3 NAG PA . 47.54 6.02 -47.27
O4 NAG PA . 47.57 7.35 -44.78
O5 NAG PA . 43.95 7.39 -45.52
O6 NAG PA . 46.14 9.74 -44.90
O7 NAG PA . 44.03 5.50 -49.74
C1 NAG QA . -27.21 -38.65 36.37
C2 NAG QA . -27.17 -38.69 34.84
C3 NAG QA . -28.49 -38.46 34.22
C4 NAG QA . -29.54 -39.33 34.81
C5 NAG QA . -29.68 -39.16 36.32
C6 NAG QA . -29.78 -40.52 36.99
C7 NAG QA . -24.76 -37.91 34.34
C8 NAG QA . -23.81 -36.85 33.80
N2 NAG QA . -26.21 -37.65 34.33
O3 NAG QA . -28.37 -38.76 32.81
O4 NAG QA . -30.80 -39.04 34.20
O5 NAG QA . -28.57 -38.39 36.94
O6 NAG QA . -29.35 -40.43 38.34
O7 NAG QA . -24.33 -38.94 34.75
C1 NAG RA . -49.88 -9.47 -10.07
C2 NAG RA . -49.24 -9.36 -8.69
C3 NAG RA . -49.60 -10.52 -7.86
C4 NAG RA . -51.08 -10.70 -7.76
C5 NAG RA . -51.77 -10.69 -9.13
C6 NAG RA . -53.27 -10.67 -8.92
C7 NAG RA . -47.12 -7.96 -8.31
C8 NAG RA . -45.62 -7.78 -8.43
N2 NAG RA . -47.75 -9.20 -8.82
O3 NAG RA . -49.09 -10.32 -6.52
O4 NAG RA . -51.36 -11.94 -7.13
O5 NAG RA . -51.38 -9.53 -9.95
O6 NAG RA . -53.58 -11.42 -7.74
O7 NAG RA . -47.77 -7.12 -7.81
C1 NAG SA . -68.93 28.68 13.09
C2 NAG SA . -70.04 28.98 14.11
C3 NAG SA . -69.87 28.24 15.37
C4 NAG SA . -69.50 26.82 15.14
C5 NAG SA . -68.13 26.71 14.47
C6 NAG SA . -68.07 25.44 13.64
C7 NAG SA . -70.98 31.34 13.74
C8 NAG SA . -70.96 32.84 14.03
N2 NAG SA . -70.01 30.45 14.39
O3 NAG SA . -71.13 28.27 16.09
O4 NAG SA . -69.46 26.14 16.39
O5 NAG SA . -67.78 27.87 13.64
O6 NAG SA . -67.68 24.35 14.46
O7 NAG SA . -71.78 30.89 13.00
C1 NAG TA . -30.46 -29.66 -38.70
C2 NAG TA . -31.98 -29.58 -38.74
C3 NAG TA . -32.60 -30.88 -39.10
C4 NAG TA . -31.95 -31.49 -40.30
C5 NAG TA . -30.47 -31.78 -40.05
C6 NAG TA . -29.68 -31.41 -41.29
C7 NAG TA . -32.51 -27.69 -37.11
C8 NAG TA . -33.01 -27.19 -35.75
N2 NAG TA . -32.47 -29.13 -37.41
O3 NAG TA . -34.00 -30.65 -39.40
O4 NAG TA . -32.63 -32.70 -40.62
O5 NAG TA . -29.94 -31.06 -38.88
O6 NAG TA . -28.31 -31.20 -40.95
O7 NAG TA . -32.16 -26.90 -37.93
C1 NAG UA . -12.46 17.58 -60.70
C2 NAG UA . -12.82 18.37 -61.95
C3 NAG UA . -13.54 19.60 -61.60
C4 NAG UA . -14.79 19.28 -60.87
C5 NAG UA . -14.47 18.50 -59.59
C6 NAG UA . -15.76 18.06 -58.93
C7 NAG UA . -10.98 17.87 -63.68
C8 NAG UA . -9.71 18.27 -64.43
N2 NAG UA . -11.57 18.77 -62.68
O3 NAG UA . -13.87 20.29 -62.83
O4 NAG UA . -15.44 20.50 -60.51
O5 NAG UA . -13.67 17.30 -59.87
O6 NAG UA . -15.66 16.67 -58.58
O7 NAG UA . -11.49 16.82 -63.89
C1 NAG VA . -20.99 -43.83 14.41
C2 NAG VA . -22.37 -43.55 13.80
C3 NAG VA . -23.00 -44.79 13.27
C4 NAG VA . -22.03 -45.87 12.85
C5 NAG VA . -21.16 -46.31 14.05
C6 NAG VA . -19.83 -46.83 13.51
C7 NAG VA . -23.04 -41.86 15.68
C8 NAG VA . -23.97 -41.47 16.83
N2 NAG VA . -23.23 -43.13 14.95
O3 NAG VA . -23.82 -44.42 12.14
O4 NAG VA . -22.77 -46.96 12.33
O5 NAG VA . -20.95 -45.19 15.02
O6 NAG VA . -19.59 -48.18 13.89
O7 NAG VA . -22.19 -41.10 15.37
C1 NAG WA . -24.21 -31.41 -18.57
C2 NAG WA . -23.12 -32.35 -19.06
C3 NAG WA . -23.72 -33.59 -19.60
C4 NAG WA . -24.46 -34.32 -18.54
C5 NAG WA . -25.52 -33.45 -17.87
C6 NAG WA . -25.98 -34.13 -16.59
C7 NAG WA . -22.72 -31.21 -21.38
C8 NAG WA . -21.75 -30.55 -22.33
N2 NAG WA . -22.24 -31.69 -20.07
O3 NAG WA . -22.69 -34.43 -20.15
O4 NAG WA . -25.09 -35.47 -19.10
O5 NAG WA . -25.06 -32.10 -17.53
O6 NAG WA . -27.40 -34.06 -16.50
O7 NAG WA . -23.86 -31.34 -21.69
#